data_2KUE
#
_entry.id   2KUE
#
_entity_poly.entity_id   1
_entity_poly.type   'polypeptide(L)'
_entity_poly.pdbx_seq_one_letter_code
;GHMGPEQREIPDVSTLTYAEAVKKLTAAGFGRFKQANSPSTPELVGKVIGTNPPANQTSAITNVVIIIVGSGPATKDIPD
VAGQTVDVAQKNLNVYGFTKFSQASVDSPRPAGEVTGTNPPAGTTVPVDSVIELQVSK
;
_entity_poly.pdbx_strand_id   A
#
# COMPACT_ATOMS: atom_id res chain seq x y z
N GLY A 4 34.26 16.01 19.33
CA GLY A 4 33.09 15.39 18.69
C GLY A 4 32.54 16.27 17.60
N PRO A 5 32.23 15.72 16.43
CA PRO A 5 31.69 16.48 15.30
C PRO A 5 30.24 16.92 15.54
N GLU A 6 29.74 17.81 14.71
CA GLU A 6 28.35 18.27 14.78
C GLU A 6 27.47 17.26 14.05
N GLN A 7 28.14 16.36 13.42
CA GLN A 7 27.55 15.32 12.66
C GLN A 7 27.43 14.10 13.53
N ARG A 8 26.35 13.41 13.40
CA ARG A 8 26.14 12.21 14.14
C ARG A 8 25.94 11.10 13.15
N GLU A 9 26.27 9.93 13.56
CA GLU A 9 26.16 8.74 12.75
C GLU A 9 24.74 8.19 12.82
N ILE A 10 24.24 7.70 11.71
CA ILE A 10 22.89 7.18 11.68
C ILE A 10 22.92 5.69 12.00
N PRO A 11 22.19 5.25 13.04
CA PRO A 11 22.13 3.84 13.42
C PRO A 11 21.65 2.93 12.27
N ASP A 12 22.26 1.77 12.18
CA ASP A 12 21.99 0.83 11.11
C ASP A 12 20.93 -0.18 11.52
N VAL A 13 20.11 0.20 12.46
CA VAL A 13 19.04 -0.65 12.93
C VAL A 13 17.75 -0.26 12.21
N SER A 14 17.85 0.82 11.47
CA SER A 14 16.75 1.38 10.72
C SER A 14 16.28 0.40 9.65
N THR A 15 17.24 -0.29 9.11
CA THR A 15 17.05 -1.27 8.10
C THR A 15 16.18 -2.42 8.61
N LEU A 16 16.20 -2.63 9.92
CA LEU A 16 15.52 -3.74 10.52
C LEU A 16 14.06 -3.38 10.76
N THR A 17 13.78 -2.18 11.28
CA THR A 17 12.41 -1.74 11.53
C THR A 17 12.38 -0.21 11.66
N TYR A 18 11.29 0.42 11.20
CA TYR A 18 11.05 1.87 11.36
C TYR A 18 11.11 2.26 12.85
N ALA A 19 10.52 1.43 13.70
CA ALA A 19 10.53 1.65 15.14
C ALA A 19 11.95 1.72 15.67
N GLU A 20 12.80 0.81 15.19
CA GLU A 20 14.21 0.78 15.53
C GLU A 20 14.92 2.04 15.07
N ALA A 21 14.59 2.45 13.87
CA ALA A 21 15.20 3.62 13.26
C ALA A 21 14.93 4.84 14.08
N VAL A 22 13.67 5.06 14.41
CA VAL A 22 13.27 6.26 15.10
C VAL A 22 13.84 6.32 16.50
N LYS A 23 13.72 5.25 17.25
CA LYS A 23 14.18 5.26 18.63
C LYS A 23 15.68 5.44 18.72
N LYS A 24 16.42 4.70 17.93
CA LYS A 24 17.86 4.81 17.95
C LYS A 24 18.33 6.15 17.41
N LEU A 25 17.70 6.63 16.35
CA LEU A 25 18.09 7.89 15.75
C LEU A 25 17.74 9.06 16.68
N THR A 26 16.65 8.89 17.42
CA THR A 26 16.23 9.84 18.43
C THR A 26 17.28 9.89 19.55
N ALA A 27 17.78 8.71 19.93
CA ALA A 27 18.82 8.60 20.94
C ALA A 27 20.16 9.11 20.41
N ALA A 28 20.26 9.26 19.09
CA ALA A 28 21.45 9.79 18.46
C ALA A 28 21.41 11.32 18.46
N GLY A 29 20.24 11.87 18.75
CA GLY A 29 20.12 13.30 18.89
C GLY A 29 19.30 13.95 17.80
N PHE A 30 18.85 13.17 16.85
CA PHE A 30 18.10 13.73 15.73
C PHE A 30 16.63 13.90 16.08
N GLY A 31 16.09 15.04 15.68
CA GLY A 31 14.69 15.31 15.90
C GLY A 31 14.03 15.90 14.68
N ARG A 32 14.75 15.99 13.59
CA ARG A 32 14.20 16.54 12.39
C ARG A 32 14.06 15.42 11.36
N PHE A 33 12.84 15.13 11.00
CA PHE A 33 12.54 14.00 10.13
C PHE A 33 11.63 14.42 9.00
N LYS A 34 11.69 13.64 7.94
CA LYS A 34 10.76 13.71 6.86
C LYS A 34 10.50 12.26 6.50
N GLN A 35 9.26 11.86 6.56
CA GLN A 35 8.91 10.47 6.35
C GLN A 35 8.17 10.27 5.05
N ALA A 36 8.55 9.26 4.34
CA ALA A 36 7.89 8.87 3.13
C ALA A 36 7.85 7.36 3.10
N ASN A 37 6.92 6.81 2.37
CA ASN A 37 6.84 5.37 2.23
C ASN A 37 6.59 5.07 0.79
N SER A 38 7.17 4.02 0.32
CA SER A 38 7.02 3.67 -1.06
C SER A 38 6.65 2.20 -1.17
N PRO A 39 5.72 1.84 -2.07
CA PRO A 39 5.33 0.45 -2.29
C PRO A 39 6.51 -0.34 -2.83
N SER A 40 6.84 -1.37 -2.14
CA SER A 40 7.94 -2.22 -2.45
C SER A 40 7.64 -3.59 -1.92
N THR A 41 8.58 -4.51 -2.12
CA THR A 41 8.54 -5.90 -1.66
C THR A 41 7.82 -6.05 -0.27
N PRO A 42 6.59 -6.65 -0.29
CA PRO A 42 5.70 -6.74 0.87
C PRO A 42 6.31 -7.43 2.10
N GLU A 43 7.22 -8.34 1.89
CA GLU A 43 7.85 -9.04 3.01
C GLU A 43 8.81 -8.16 3.80
N LEU A 44 9.06 -6.95 3.31
CA LEU A 44 9.94 -6.03 4.01
C LEU A 44 9.16 -4.84 4.56
N VAL A 45 7.83 -4.98 4.58
CA VAL A 45 6.94 -3.92 5.06
C VAL A 45 7.29 -3.48 6.51
N GLY A 46 7.34 -2.19 6.72
CA GLY A 46 7.53 -1.66 8.06
C GLY A 46 8.99 -1.41 8.40
N LYS A 47 9.88 -1.82 7.54
CA LYS A 47 11.27 -1.56 7.80
C LYS A 47 11.69 -0.38 6.94
N VAL A 48 12.78 0.23 7.27
CA VAL A 48 13.26 1.31 6.48
C VAL A 48 14.02 0.72 5.30
N ILE A 49 13.76 1.22 4.13
CA ILE A 49 14.43 0.73 2.95
C ILE A 49 15.53 1.68 2.52
N GLY A 50 15.58 2.82 3.17
CA GLY A 50 16.62 3.75 2.90
C GLY A 50 16.40 5.08 3.56
N THR A 51 17.49 5.68 3.99
CA THR A 51 17.48 6.98 4.57
C THR A 51 18.36 7.87 3.70
N ASN A 52 18.02 9.13 3.61
CA ASN A 52 18.87 10.07 2.86
C ASN A 52 20.22 10.29 3.54
N PRO A 53 20.27 10.60 4.87
CA PRO A 53 21.53 10.58 5.59
C PRO A 53 21.95 9.12 5.77
N PRO A 54 23.19 8.75 5.38
CA PRO A 54 23.63 7.36 5.44
C PRO A 54 23.95 6.89 6.85
N ALA A 55 23.91 5.59 7.03
CA ALA A 55 24.18 4.98 8.32
C ALA A 55 25.68 4.88 8.54
N ASN A 56 26.41 5.01 7.48
CA ASN A 56 27.84 4.87 7.53
C ASN A 56 28.54 6.22 7.65
N GLN A 57 27.90 7.27 7.17
CA GLN A 57 28.47 8.61 7.28
C GLN A 57 27.79 9.38 8.38
N THR A 58 28.46 10.35 8.91
CA THR A 58 27.88 11.19 9.90
C THR A 58 27.20 12.38 9.23
N SER A 59 26.07 12.78 9.74
CA SER A 59 25.34 13.89 9.17
C SER A 59 25.05 14.90 10.25
N ALA A 60 25.11 16.18 9.92
CA ALA A 60 24.88 17.23 10.90
C ALA A 60 23.48 17.09 11.44
N ILE A 61 23.33 17.30 12.70
CA ILE A 61 22.06 17.09 13.38
C ILE A 61 21.02 18.16 12.99
N THR A 62 21.48 19.18 12.31
CA THR A 62 20.62 20.20 11.80
C THR A 62 19.98 19.71 10.48
N ASN A 63 20.38 18.53 10.03
CA ASN A 63 19.86 17.98 8.78
C ASN A 63 18.53 17.32 9.01
N VAL A 64 17.70 17.39 8.02
CA VAL A 64 16.44 16.71 8.05
C VAL A 64 16.67 15.30 7.57
N VAL A 65 16.29 14.34 8.37
CA VAL A 65 16.48 12.99 7.96
C VAL A 65 15.28 12.55 7.16
N ILE A 66 15.51 12.21 5.93
CA ILE A 66 14.45 11.70 5.11
C ILE A 66 14.51 10.21 5.20
N ILE A 67 13.49 9.65 5.76
CA ILE A 67 13.40 8.25 5.98
C ILE A 67 12.29 7.66 5.09
N ILE A 68 12.65 6.66 4.29
CA ILE A 68 11.70 6.01 3.42
C ILE A 68 11.38 4.61 3.96
N VAL A 69 10.12 4.37 4.21
CA VAL A 69 9.68 3.10 4.75
C VAL A 69 9.23 2.19 3.61
N GLY A 70 9.55 0.91 3.73
CA GLY A 70 9.11 -0.05 2.77
C GLY A 70 7.66 -0.38 3.00
N SER A 71 6.83 0.00 2.08
CA SER A 71 5.43 -0.17 2.22
C SER A 71 4.99 -1.37 1.39
N GLY A 72 4.24 -2.24 2.03
CA GLY A 72 3.71 -3.39 1.38
C GLY A 72 2.21 -3.28 1.35
N PRO A 73 1.62 -2.86 0.22
CA PRO A 73 0.19 -2.68 0.11
C PRO A 73 -0.55 -4.01 -0.06
N ALA A 74 -1.80 -4.00 0.29
CA ALA A 74 -2.64 -5.14 0.12
C ALA A 74 -3.29 -5.00 -1.23
N THR A 75 -2.90 -5.82 -2.10
CA THR A 75 -3.38 -5.82 -3.45
C THR A 75 -4.06 -7.15 -3.75
N LYS A 76 -5.01 -7.13 -4.64
CA LYS A 76 -5.72 -8.33 -5.04
C LYS A 76 -6.12 -8.27 -6.47
N ASP A 77 -6.18 -9.42 -7.05
CA ASP A 77 -6.68 -9.59 -8.38
C ASP A 77 -8.17 -9.68 -8.29
N ILE A 78 -8.86 -8.98 -9.16
CA ILE A 78 -10.29 -9.04 -9.16
C ILE A 78 -10.74 -10.36 -9.78
N PRO A 79 -11.51 -11.14 -9.02
CA PRO A 79 -11.94 -12.45 -9.47
C PRO A 79 -13.20 -12.40 -10.32
N ASP A 80 -13.54 -13.51 -10.91
CA ASP A 80 -14.74 -13.59 -11.69
C ASP A 80 -15.88 -14.06 -10.82
N VAL A 81 -16.84 -13.22 -10.69
CA VAL A 81 -18.01 -13.51 -9.90
C VAL A 81 -19.26 -13.14 -10.73
N ALA A 82 -19.02 -13.01 -12.04
CA ALA A 82 -20.05 -12.66 -12.98
C ALA A 82 -21.00 -13.81 -13.14
N GLY A 83 -22.25 -13.51 -13.38
CA GLY A 83 -23.25 -14.54 -13.51
C GLY A 83 -24.08 -14.64 -12.25
N GLN A 84 -23.69 -13.93 -11.23
CA GLN A 84 -24.45 -13.90 -9.99
C GLN A 84 -25.00 -12.51 -9.79
N THR A 85 -25.77 -12.31 -8.74
CA THR A 85 -26.49 -11.07 -8.58
C THR A 85 -25.54 -10.00 -8.08
N VAL A 86 -25.86 -8.74 -8.32
CA VAL A 86 -25.01 -7.63 -7.89
C VAL A 86 -24.73 -7.67 -6.39
N ASP A 87 -25.76 -7.93 -5.61
CA ASP A 87 -25.62 -7.99 -4.16
C ASP A 87 -24.78 -9.17 -3.70
N VAL A 88 -25.02 -10.34 -4.31
CA VAL A 88 -24.31 -11.52 -3.86
C VAL A 88 -22.86 -11.51 -4.35
N ALA A 89 -22.65 -10.97 -5.52
CA ALA A 89 -21.33 -10.86 -6.09
C ALA A 89 -20.44 -9.96 -5.26
N GLN A 90 -20.96 -8.79 -4.88
CA GLN A 90 -20.21 -7.84 -4.07
C GLN A 90 -19.84 -8.45 -2.75
N LYS A 91 -20.75 -9.22 -2.20
CA LYS A 91 -20.57 -9.85 -0.90
C LYS A 91 -19.40 -10.83 -0.95
N ASN A 92 -19.42 -11.73 -1.92
CA ASN A 92 -18.37 -12.74 -2.06
C ASN A 92 -17.05 -12.10 -2.38
N LEU A 93 -17.09 -11.12 -3.26
CA LEU A 93 -15.90 -10.43 -3.71
C LEU A 93 -15.29 -9.67 -2.55
N ASN A 94 -16.12 -9.05 -1.73
CA ASN A 94 -15.69 -8.28 -0.57
C ASN A 94 -14.88 -9.10 0.41
N VAL A 95 -15.34 -10.32 0.64
CA VAL A 95 -14.67 -11.23 1.57
C VAL A 95 -13.21 -11.49 1.16
N TYR A 96 -12.96 -11.55 -0.14
CA TYR A 96 -11.62 -11.86 -0.61
C TYR A 96 -10.98 -10.66 -1.28
N GLY A 97 -11.64 -9.53 -1.28
CA GLY A 97 -11.17 -8.48 -2.13
C GLY A 97 -11.31 -7.07 -1.62
N PHE A 98 -12.34 -6.39 -2.10
CA PHE A 98 -12.44 -4.95 -2.00
C PHE A 98 -13.68 -4.55 -1.23
N THR A 99 -13.69 -3.33 -0.75
CA THR A 99 -14.80 -2.84 0.03
C THR A 99 -15.46 -1.62 -0.66
N LYS A 100 -14.77 -1.06 -1.63
CA LYS A 100 -15.24 0.11 -2.33
C LYS A 100 -15.67 -0.29 -3.71
N PHE A 101 -16.94 -0.15 -3.97
CA PHE A 101 -17.51 -0.57 -5.23
C PHE A 101 -18.16 0.59 -5.95
N SER A 102 -18.27 0.45 -7.22
CA SER A 102 -19.00 1.32 -8.08
C SER A 102 -19.71 0.45 -9.07
N GLN A 103 -20.78 0.92 -9.64
CA GLN A 103 -21.55 0.11 -10.53
C GLN A 103 -21.64 0.77 -11.88
N ALA A 104 -21.52 -0.02 -12.89
CA ALA A 104 -21.65 0.44 -14.23
C ALA A 104 -22.80 -0.29 -14.88
N SER A 105 -23.65 0.45 -15.52
CA SER A 105 -24.82 -0.09 -16.14
C SER A 105 -24.48 -0.51 -17.58
N VAL A 106 -24.70 -1.75 -17.88
CA VAL A 106 -24.49 -2.27 -19.21
C VAL A 106 -25.80 -2.84 -19.70
N ASP A 107 -25.92 -3.04 -20.99
CA ASP A 107 -27.20 -3.44 -21.57
C ASP A 107 -27.46 -4.90 -21.34
N SER A 108 -28.66 -5.19 -20.90
CA SER A 108 -29.07 -6.52 -20.52
C SER A 108 -29.79 -7.23 -21.66
N PRO A 109 -29.14 -8.19 -22.34
CA PRO A 109 -29.79 -8.97 -23.34
C PRO A 109 -30.60 -10.10 -22.68
N ARG A 110 -29.93 -11.14 -22.23
CA ARG A 110 -30.60 -12.16 -21.47
C ARG A 110 -30.42 -11.88 -19.95
N PRO A 111 -29.15 -11.80 -19.42
CA PRO A 111 -28.93 -11.50 -17.99
C PRO A 111 -29.39 -10.09 -17.61
N ALA A 112 -29.91 -9.93 -16.40
CA ALA A 112 -30.34 -8.64 -15.88
C ALA A 112 -30.21 -8.67 -14.36
N GLY A 113 -29.61 -7.63 -13.79
CA GLY A 113 -29.43 -7.56 -12.33
C GLY A 113 -28.18 -8.30 -11.87
N GLU A 114 -27.80 -9.24 -12.67
CA GLU A 114 -26.65 -10.04 -12.46
C GLU A 114 -25.42 -9.39 -13.05
N VAL A 115 -24.31 -9.69 -12.45
CA VAL A 115 -23.05 -9.10 -12.79
C VAL A 115 -22.56 -9.67 -14.10
N THR A 116 -22.23 -8.78 -14.97
CA THR A 116 -21.78 -9.08 -16.30
C THR A 116 -20.25 -9.17 -16.32
N GLY A 117 -19.61 -8.55 -15.35
CA GLY A 117 -18.17 -8.59 -15.24
C GLY A 117 -17.64 -7.46 -14.39
N THR A 118 -16.38 -7.19 -14.50
CA THR A 118 -15.75 -6.11 -13.77
C THR A 118 -15.20 -5.11 -14.76
N ASN A 119 -14.94 -3.89 -14.32
CA ASN A 119 -14.36 -2.87 -15.19
C ASN A 119 -12.95 -3.27 -15.65
N PRO A 120 -11.97 -3.51 -14.71
CA PRO A 120 -10.66 -4.01 -15.10
C PRO A 120 -10.78 -5.50 -15.48
N PRO A 121 -9.97 -5.98 -16.42
CA PRO A 121 -10.01 -7.40 -16.82
C PRO A 121 -9.69 -8.30 -15.63
N ALA A 122 -10.40 -9.42 -15.53
CA ALA A 122 -10.27 -10.34 -14.41
C ALA A 122 -8.84 -10.85 -14.30
N GLY A 123 -8.29 -10.81 -13.12
CA GLY A 123 -6.94 -11.23 -12.93
C GLY A 123 -6.01 -10.07 -12.71
N THR A 124 -6.46 -8.87 -13.04
CA THR A 124 -5.66 -7.68 -12.80
C THR A 124 -5.54 -7.45 -11.30
N THR A 125 -4.33 -7.32 -10.83
CA THR A 125 -4.10 -7.12 -9.43
C THR A 125 -4.00 -5.61 -9.17
N VAL A 126 -4.84 -5.13 -8.29
CA VAL A 126 -4.86 -3.72 -7.92
C VAL A 126 -4.94 -3.59 -6.40
N PRO A 127 -4.59 -2.42 -5.82
CA PRO A 127 -4.68 -2.20 -4.37
C PRO A 127 -6.10 -2.39 -3.87
N VAL A 128 -6.25 -3.09 -2.77
CA VAL A 128 -7.56 -3.37 -2.20
C VAL A 128 -8.23 -2.10 -1.70
N ASP A 129 -7.42 -1.08 -1.48
CA ASP A 129 -7.92 0.23 -1.09
C ASP A 129 -8.50 1.00 -2.27
N SER A 130 -8.29 0.49 -3.47
CA SER A 130 -8.76 1.14 -4.67
C SER A 130 -10.22 0.73 -4.93
N VAL A 131 -10.92 1.50 -5.73
CA VAL A 131 -12.33 1.24 -6.00
C VAL A 131 -12.52 0.30 -7.18
N ILE A 132 -13.33 -0.71 -7.00
CA ILE A 132 -13.62 -1.64 -8.05
C ILE A 132 -15.00 -1.33 -8.66
N GLU A 133 -15.07 -1.30 -9.97
CA GLU A 133 -16.27 -1.03 -10.63
C GLU A 133 -16.81 -2.33 -11.19
N LEU A 134 -18.04 -2.59 -10.87
CA LEU A 134 -18.71 -3.80 -11.23
C LEU A 134 -19.66 -3.50 -12.38
N GLN A 135 -19.64 -4.34 -13.38
CA GLN A 135 -20.46 -4.17 -14.55
C GLN A 135 -21.72 -4.98 -14.35
N VAL A 136 -22.80 -4.31 -14.16
CA VAL A 136 -24.06 -4.96 -13.91
C VAL A 136 -25.05 -4.73 -15.02
N SER A 137 -25.77 -5.77 -15.37
CA SER A 137 -26.81 -5.68 -16.36
C SER A 137 -27.96 -4.84 -15.79
N LYS A 138 -28.19 -3.69 -16.40
CA LYS A 138 -29.20 -2.75 -15.95
C LYS A 138 -30.62 -3.33 -16.16
N GLY A 4 32.42 17.32 22.18
CA GLY A 4 32.77 16.59 20.98
C GLY A 4 31.95 17.08 19.81
N PRO A 5 32.12 16.49 18.63
CA PRO A 5 31.35 16.85 17.44
C PRO A 5 29.91 16.39 17.57
N GLU A 6 29.00 17.09 16.91
CA GLU A 6 27.60 16.75 16.98
C GLU A 6 27.22 15.72 15.91
N GLN A 7 28.21 15.09 15.30
CA GLN A 7 27.93 14.12 14.28
C GLN A 7 27.81 12.74 14.90
N ARG A 8 26.66 12.15 14.74
CA ARG A 8 26.39 10.84 15.31
C ARG A 8 26.05 9.92 14.17
N GLU A 9 26.16 8.64 14.40
CA GLU A 9 25.91 7.65 13.37
C GLU A 9 24.43 7.30 13.29
N ILE A 10 23.96 7.11 12.08
CA ILE A 10 22.58 6.77 11.85
C ILE A 10 22.39 5.27 12.13
N PRO A 11 21.37 4.90 12.93
CA PRO A 11 21.11 3.51 13.31
C PRO A 11 20.96 2.55 12.14
N ASP A 12 21.47 1.35 12.33
CA ASP A 12 21.38 0.28 11.33
C ASP A 12 20.14 -0.57 11.54
N VAL A 13 19.46 -0.31 12.65
CA VAL A 13 18.27 -1.09 13.02
C VAL A 13 17.04 -0.58 12.26
N SER A 14 17.28 0.40 11.42
CA SER A 14 16.25 0.98 10.58
C SER A 14 15.74 -0.07 9.60
N THR A 15 16.60 -0.99 9.29
CA THR A 15 16.31 -2.09 8.42
C THR A 15 15.19 -2.96 8.98
N LEU A 16 15.08 -2.99 10.30
CA LEU A 16 14.17 -3.88 10.95
C LEU A 16 12.78 -3.29 10.98
N THR A 17 12.66 -2.02 11.34
CA THR A 17 11.37 -1.35 11.37
C THR A 17 11.61 0.18 11.47
N TYR A 18 10.71 0.97 10.89
CA TYR A 18 10.73 2.43 11.01
C TYR A 18 10.74 2.87 12.48
N ALA A 19 9.88 2.24 13.27
CA ALA A 19 9.81 2.49 14.71
C ALA A 19 11.18 2.29 15.37
N GLU A 20 11.84 1.21 15.01
CA GLU A 20 13.16 0.87 15.56
C GLU A 20 14.19 1.93 15.18
N ALA A 21 14.07 2.42 13.95
CA ALA A 21 14.95 3.46 13.44
C ALA A 21 14.81 4.72 14.26
N VAL A 22 13.57 5.14 14.43
CA VAL A 22 13.26 6.40 15.10
C VAL A 22 13.74 6.41 16.53
N LYS A 23 13.48 5.35 17.27
CA LYS A 23 13.87 5.29 18.68
C LYS A 23 15.40 5.37 18.84
N LYS A 24 16.13 4.62 18.02
CA LYS A 24 17.58 4.69 18.05
C LYS A 24 18.10 6.06 17.56
N LEU A 25 17.46 6.61 16.54
CA LEU A 25 17.83 7.90 15.99
C LEU A 25 17.54 9.02 17.00
N THR A 26 16.48 8.83 17.74
CA THR A 26 16.09 9.72 18.81
C THR A 26 17.16 9.67 19.93
N ALA A 27 17.64 8.46 20.21
CA ALA A 27 18.72 8.26 21.18
C ALA A 27 20.05 8.78 20.61
N ALA A 28 20.09 8.99 19.30
CA ALA A 28 21.26 9.54 18.66
C ALA A 28 21.24 11.06 18.75
N GLY A 29 20.09 11.60 19.09
CA GLY A 29 19.98 13.00 19.33
C GLY A 29 19.46 13.78 18.16
N PHE A 30 18.96 13.09 17.17
CA PHE A 30 18.42 13.75 15.99
C PHE A 30 16.95 14.00 16.16
N GLY A 31 16.56 15.24 16.08
CA GLY A 31 15.17 15.58 16.18
C GLY A 31 14.67 16.18 14.90
N ARG A 32 15.51 16.18 13.89
CA ARG A 32 15.15 16.73 12.61
C ARG A 32 14.85 15.60 11.66
N PHE A 33 13.62 15.52 11.21
CA PHE A 33 13.21 14.42 10.36
C PHE A 33 12.50 14.92 9.13
N LYS A 34 12.71 14.23 8.07
CA LYS A 34 11.95 14.37 6.87
C LYS A 34 11.57 12.97 6.49
N GLN A 35 10.30 12.73 6.38
CA GLN A 35 9.82 11.41 6.10
C GLN A 35 9.37 11.32 4.68
N ALA A 36 9.75 10.27 4.03
CA ALA A 36 9.34 10.02 2.68
C ALA A 36 9.04 8.54 2.53
N ASN A 37 8.15 8.20 1.65
CA ASN A 37 7.86 6.81 1.40
C ASN A 37 8.01 6.58 -0.07
N SER A 38 8.41 5.41 -0.44
CA SER A 38 8.57 5.08 -1.83
C SER A 38 8.15 3.63 -2.04
N PRO A 39 7.54 3.31 -3.20
CA PRO A 39 7.07 1.97 -3.51
C PRO A 39 8.23 0.96 -3.63
N SER A 40 8.13 -0.04 -2.84
CA SER A 40 9.06 -1.12 -2.78
C SER A 40 8.22 -2.38 -2.67
N THR A 41 8.84 -3.50 -2.59
CA THR A 41 8.15 -4.74 -2.43
C THR A 41 7.36 -4.74 -1.10
N PRO A 42 6.15 -5.33 -1.11
CA PRO A 42 5.27 -5.45 0.06
C PRO A 42 6.00 -6.04 1.28
N GLU A 43 6.97 -6.90 1.00
CA GLU A 43 7.75 -7.57 2.03
C GLU A 43 8.56 -6.59 2.90
N LEU A 44 8.80 -5.40 2.41
CA LEU A 44 9.60 -4.42 3.16
C LEU A 44 8.74 -3.31 3.75
N VAL A 45 7.42 -3.49 3.72
CA VAL A 45 6.51 -2.47 4.22
C VAL A 45 6.74 -2.22 5.74
N GLY A 46 6.90 -0.96 6.10
CA GLY A 46 7.07 -0.61 7.51
C GLY A 46 8.52 -0.59 7.93
N LYS A 47 9.38 -1.07 7.06
CA LYS A 47 10.78 -1.09 7.31
C LYS A 47 11.40 0.07 6.57
N VAL A 48 12.54 0.52 7.02
CA VAL A 48 13.24 1.58 6.35
C VAL A 48 14.02 0.95 5.21
N ILE A 49 13.88 1.49 4.03
CA ILE A 49 14.57 0.95 2.88
C ILE A 49 15.83 1.73 2.60
N GLY A 50 15.92 2.92 3.17
CA GLY A 50 17.08 3.74 3.02
C GLY A 50 16.92 5.07 3.69
N THR A 51 18.00 5.61 4.15
CA THR A 51 18.01 6.91 4.74
C THR A 51 18.90 7.78 3.88
N ASN A 52 18.65 9.08 3.88
CA ASN A 52 19.48 9.98 3.12
C ASN A 52 20.90 10.06 3.73
N PRO A 53 21.06 10.33 5.07
CA PRO A 53 22.37 10.24 5.69
C PRO A 53 22.66 8.77 5.96
N PRO A 54 23.84 8.26 5.58
CA PRO A 54 24.16 6.85 5.73
C PRO A 54 24.35 6.45 7.18
N ALA A 55 24.17 5.17 7.44
CA ALA A 55 24.39 4.59 8.75
C ALA A 55 25.88 4.38 8.98
N ASN A 56 26.60 4.62 7.94
CA ASN A 56 28.03 4.43 7.89
C ASN A 56 28.76 5.68 8.36
N GLN A 57 28.27 6.85 7.98
CA GLN A 57 28.91 8.10 8.35
C GLN A 57 28.19 8.72 9.52
N THR A 58 28.82 9.70 10.12
CA THR A 58 28.24 10.43 11.16
C THR A 58 27.72 11.76 10.61
N SER A 59 26.52 12.11 10.95
CA SER A 59 25.94 13.35 10.49
C SER A 59 25.62 14.24 11.68
N ALA A 60 25.70 15.55 11.48
CA ALA A 60 25.47 16.50 12.54
C ALA A 60 24.02 16.54 12.96
N ILE A 61 23.80 16.77 14.25
CA ILE A 61 22.46 16.84 14.87
C ILE A 61 21.61 17.94 14.21
N THR A 62 22.28 18.94 13.71
CA THR A 62 21.61 20.06 13.10
C THR A 62 21.09 19.69 11.70
N ASN A 63 21.45 18.53 11.20
CA ASN A 63 21.03 18.12 9.87
C ASN A 63 19.69 17.46 9.91
N VAL A 64 18.87 17.71 8.93
CA VAL A 64 17.60 17.05 8.83
C VAL A 64 17.81 15.64 8.26
N VAL A 65 17.34 14.65 8.95
CA VAL A 65 17.48 13.30 8.49
C VAL A 65 16.32 12.95 7.61
N ILE A 66 16.59 12.63 6.37
CA ILE A 66 15.55 12.21 5.48
C ILE A 66 15.49 10.70 5.55
N ILE A 67 14.36 10.19 5.93
CA ILE A 67 14.18 8.78 6.10
C ILE A 67 13.12 8.28 5.12
N ILE A 68 13.48 7.28 4.34
CA ILE A 68 12.58 6.73 3.35
C ILE A 68 12.03 5.39 3.86
N VAL A 69 10.72 5.32 4.01
CA VAL A 69 10.06 4.13 4.52
C VAL A 69 9.56 3.31 3.34
N GLY A 70 9.62 2.00 3.49
CA GLY A 70 9.16 1.11 2.47
C GLY A 70 7.64 1.01 2.46
N SER A 71 7.07 1.34 1.34
CA SER A 71 5.67 1.23 1.13
C SER A 71 5.49 0.24 -0.01
N GLY A 72 4.63 -0.71 0.16
CA GLY A 72 4.45 -1.70 -0.86
C GLY A 72 3.08 -1.62 -1.46
N PRO A 73 2.95 -1.70 -2.79
CA PRO A 73 1.65 -1.66 -3.44
C PRO A 73 0.73 -2.76 -2.94
N ALA A 74 -0.40 -2.39 -2.43
CA ALA A 74 -1.36 -3.33 -1.96
C ALA A 74 -2.33 -3.56 -3.10
N THR A 75 -2.18 -4.65 -3.75
CA THR A 75 -2.95 -4.92 -4.93
C THR A 75 -3.67 -6.25 -4.78
N LYS A 76 -4.78 -6.38 -5.44
CA LYS A 76 -5.58 -7.57 -5.37
C LYS A 76 -6.00 -8.00 -6.77
N ASP A 77 -5.89 -9.29 -7.03
CA ASP A 77 -6.35 -9.88 -8.27
C ASP A 77 -7.83 -10.14 -8.15
N ILE A 78 -8.56 -9.71 -9.13
CA ILE A 78 -9.99 -9.86 -9.09
C ILE A 78 -10.39 -11.27 -9.53
N PRO A 79 -11.25 -11.92 -8.77
CA PRO A 79 -11.73 -13.25 -9.09
C PRO A 79 -12.91 -13.21 -10.07
N ASP A 80 -13.07 -14.27 -10.84
CA ASP A 80 -14.20 -14.38 -11.76
C ASP A 80 -15.47 -14.63 -10.98
N VAL A 81 -16.23 -13.60 -10.80
CA VAL A 81 -17.45 -13.65 -10.03
C VAL A 81 -18.66 -13.46 -10.97
N ALA A 82 -18.35 -13.33 -12.25
CA ALA A 82 -19.36 -13.09 -13.26
C ALA A 82 -20.24 -14.31 -13.43
N GLY A 83 -21.53 -14.11 -13.26
CA GLY A 83 -22.48 -15.20 -13.38
C GLY A 83 -23.40 -15.28 -12.18
N GLN A 84 -22.89 -14.87 -11.05
CA GLN A 84 -23.64 -14.91 -9.81
C GLN A 84 -24.41 -13.59 -9.66
N THR A 85 -25.09 -13.38 -8.55
CA THR A 85 -25.93 -12.20 -8.44
C THR A 85 -25.10 -11.00 -8.09
N VAL A 86 -25.63 -9.83 -8.40
CA VAL A 86 -24.98 -8.57 -8.06
C VAL A 86 -24.77 -8.50 -6.55
N ASP A 87 -25.78 -8.93 -5.82
CA ASP A 87 -25.74 -8.90 -4.38
C ASP A 87 -24.69 -9.86 -3.80
N VAL A 88 -24.58 -11.06 -4.34
CA VAL A 88 -23.62 -12.02 -3.80
C VAL A 88 -22.21 -11.66 -4.23
N ALA A 89 -22.09 -11.13 -5.44
CA ALA A 89 -20.82 -10.72 -6.00
C ALA A 89 -20.15 -9.69 -5.12
N GLN A 90 -20.91 -8.67 -4.74
CA GLN A 90 -20.41 -7.60 -3.89
C GLN A 90 -19.98 -8.16 -2.55
N LYS A 91 -20.77 -9.07 -2.03
CA LYS A 91 -20.46 -9.69 -0.76
C LYS A 91 -19.20 -10.53 -0.80
N ASN A 92 -19.11 -11.45 -1.75
CA ASN A 92 -17.94 -12.32 -1.83
C ASN A 92 -16.69 -11.52 -2.12
N LEU A 93 -16.83 -10.54 -2.98
CA LEU A 93 -15.72 -9.69 -3.36
C LEU A 93 -15.27 -8.85 -2.18
N ASN A 94 -16.20 -8.35 -1.39
CA ASN A 94 -15.88 -7.51 -0.24
C ASN A 94 -15.06 -8.30 0.79
N VAL A 95 -15.39 -9.56 0.95
CA VAL A 95 -14.71 -10.45 1.90
C VAL A 95 -13.26 -10.76 1.45
N TYR A 96 -13.03 -10.78 0.16
CA TYR A 96 -11.72 -11.21 -0.34
C TYR A 96 -11.11 -10.18 -1.25
N GLY A 97 -11.58 -8.98 -1.18
CA GLY A 97 -11.17 -8.02 -2.14
C GLY A 97 -11.13 -6.60 -1.66
N PHE A 98 -12.04 -5.82 -2.18
CA PHE A 98 -12.00 -4.39 -2.01
C PHE A 98 -13.18 -3.93 -1.20
N THR A 99 -13.09 -2.72 -0.72
CA THR A 99 -14.14 -2.10 0.03
C THR A 99 -14.85 -1.05 -0.85
N LYS A 100 -14.27 -0.79 -2.00
CA LYS A 100 -14.75 0.25 -2.88
C LYS A 100 -15.20 -0.31 -4.23
N PHE A 101 -16.46 -0.09 -4.52
CA PHE A 101 -17.10 -0.65 -5.70
C PHE A 101 -17.76 0.46 -6.48
N SER A 102 -17.94 0.23 -7.73
CA SER A 102 -18.70 1.05 -8.59
C SER A 102 -19.56 0.13 -9.42
N GLN A 103 -20.72 0.59 -9.78
CA GLN A 103 -21.67 -0.23 -10.48
C GLN A 103 -22.01 0.43 -11.78
N ALA A 104 -21.90 -0.28 -12.84
CA ALA A 104 -22.28 0.23 -14.12
C ALA A 104 -23.38 -0.64 -14.67
N SER A 105 -24.42 -0.03 -15.14
CA SER A 105 -25.57 -0.76 -15.60
C SER A 105 -25.45 -1.10 -17.08
N VAL A 106 -25.62 -2.36 -17.36
CA VAL A 106 -25.55 -2.85 -18.70
C VAL A 106 -26.89 -3.51 -18.99
N ASP A 107 -27.18 -3.71 -20.24
CA ASP A 107 -28.48 -4.17 -20.63
C ASP A 107 -28.65 -5.65 -20.45
N SER A 108 -29.71 -5.99 -19.79
CA SER A 108 -30.08 -7.34 -19.51
C SER A 108 -31.00 -7.84 -20.61
N PRO A 109 -30.64 -8.93 -21.31
CA PRO A 109 -31.44 -9.48 -22.39
C PRO A 109 -32.82 -9.93 -21.92
N ARG A 110 -32.83 -10.95 -21.12
CA ARG A 110 -34.03 -11.50 -20.50
C ARG A 110 -33.76 -11.80 -19.04
N PRO A 111 -32.68 -12.57 -18.70
CA PRO A 111 -32.24 -12.68 -17.30
C PRO A 111 -31.76 -11.30 -16.78
N ALA A 112 -31.91 -11.08 -15.50
CA ALA A 112 -31.52 -9.83 -14.89
C ALA A 112 -31.24 -10.06 -13.41
N GLY A 113 -30.20 -9.42 -12.90
CA GLY A 113 -29.87 -9.56 -11.49
C GLY A 113 -28.51 -10.16 -11.30
N GLU A 114 -28.01 -10.80 -12.33
CA GLU A 114 -26.70 -11.38 -12.31
C GLU A 114 -25.66 -10.37 -12.72
N VAL A 115 -24.50 -10.48 -12.16
CA VAL A 115 -23.44 -9.62 -12.50
C VAL A 115 -22.85 -10.10 -13.84
N THR A 116 -22.84 -9.22 -14.79
CA THR A 116 -22.42 -9.50 -16.13
C THR A 116 -20.88 -9.62 -16.17
N GLY A 117 -20.25 -8.97 -15.23
CA GLY A 117 -18.82 -9.02 -15.13
C GLY A 117 -18.31 -7.81 -14.45
N THR A 118 -17.09 -7.49 -14.70
CA THR A 118 -16.48 -6.33 -14.16
C THR A 118 -15.82 -5.57 -15.29
N ASN A 119 -15.54 -4.29 -15.07
CA ASN A 119 -14.86 -3.47 -16.07
C ASN A 119 -13.48 -4.07 -16.43
N PRO A 120 -12.57 -4.29 -15.44
CA PRO A 120 -11.33 -5.04 -15.72
C PRO A 120 -11.65 -6.55 -15.82
N PRO A 121 -10.93 -7.31 -16.66
CA PRO A 121 -11.13 -8.76 -16.80
C PRO A 121 -10.60 -9.55 -15.59
N ALA A 122 -11.15 -10.74 -15.37
CA ALA A 122 -10.78 -11.58 -14.25
C ALA A 122 -9.31 -11.96 -14.31
N GLY A 123 -8.65 -11.92 -13.18
CA GLY A 123 -7.24 -12.25 -13.12
C GLY A 123 -6.38 -11.00 -13.07
N THR A 124 -6.95 -9.88 -13.45
CA THR A 124 -6.22 -8.64 -13.42
C THR A 124 -6.02 -8.20 -11.97
N THR A 125 -4.82 -7.82 -11.65
CA THR A 125 -4.50 -7.37 -10.34
C THR A 125 -4.49 -5.86 -10.36
N VAL A 126 -5.29 -5.27 -9.52
CA VAL A 126 -5.39 -3.83 -9.44
C VAL A 126 -5.15 -3.42 -8.00
N PRO A 127 -4.69 -2.18 -7.75
CA PRO A 127 -4.49 -1.68 -6.40
C PRO A 127 -5.78 -1.70 -5.59
N VAL A 128 -5.66 -2.04 -4.34
CA VAL A 128 -6.81 -2.12 -3.44
C VAL A 128 -7.42 -0.75 -3.18
N ASP A 129 -6.64 0.28 -3.46
CA ASP A 129 -7.05 1.65 -3.26
C ASP A 129 -7.78 2.16 -4.50
N SER A 130 -7.93 1.27 -5.44
CA SER A 130 -8.58 1.55 -6.68
C SER A 130 -9.99 0.96 -6.64
N VAL A 131 -10.90 1.58 -7.31
CA VAL A 131 -12.28 1.19 -7.25
C VAL A 131 -12.61 0.22 -8.37
N ILE A 132 -13.24 -0.87 -8.02
CA ILE A 132 -13.60 -1.87 -9.00
C ILE A 132 -15.05 -1.66 -9.46
N GLU A 133 -15.25 -1.64 -10.75
CA GLU A 133 -16.53 -1.42 -11.33
C GLU A 133 -17.12 -2.74 -11.82
N LEU A 134 -18.28 -3.04 -11.28
CA LEU A 134 -19.04 -4.21 -11.63
C LEU A 134 -20.08 -3.87 -12.68
N GLN A 135 -20.16 -4.69 -13.69
CA GLN A 135 -21.11 -4.52 -14.76
C GLN A 135 -22.35 -5.28 -14.35
N VAL A 136 -23.38 -4.57 -14.05
CA VAL A 136 -24.58 -5.18 -13.55
C VAL A 136 -25.71 -5.16 -14.59
N SER A 137 -26.36 -6.29 -14.75
CA SER A 137 -27.49 -6.41 -15.62
C SER A 137 -28.65 -5.65 -14.98
N LYS A 138 -29.11 -4.56 -15.58
CA LYS A 138 -30.14 -3.80 -14.92
C LYS A 138 -31.54 -4.17 -15.45
N GLY A 4 34.25 15.92 20.94
CA GLY A 4 34.79 15.68 19.61
C GLY A 4 33.83 16.17 18.57
N PRO A 5 33.63 15.45 17.47
CA PRO A 5 32.71 15.85 16.45
C PRO A 5 31.25 15.58 16.84
N GLU A 6 30.35 16.40 16.37
CA GLU A 6 28.93 16.22 16.62
C GLU A 6 28.32 15.30 15.58
N GLN A 7 29.17 14.67 14.80
CA GLN A 7 28.73 13.73 13.84
C GLN A 7 28.54 12.41 14.54
N ARG A 8 27.39 11.85 14.39
CA ARG A 8 27.06 10.65 15.09
C ARG A 8 26.51 9.66 14.06
N GLU A 9 26.48 8.40 14.40
CA GLU A 9 26.11 7.36 13.46
C GLU A 9 24.61 7.14 13.38
N ILE A 10 24.11 6.90 12.19
CA ILE A 10 22.68 6.63 12.04
C ILE A 10 22.46 5.15 12.38
N PRO A 11 21.49 4.84 13.27
CA PRO A 11 21.20 3.46 13.64
C PRO A 11 20.81 2.59 12.44
N ASP A 12 21.28 1.36 12.44
CA ASP A 12 21.01 0.43 11.35
C ASP A 12 19.80 -0.42 11.69
N VAL A 13 19.19 -0.10 12.83
CA VAL A 13 18.00 -0.81 13.33
C VAL A 13 16.77 -0.37 12.55
N SER A 14 17.00 0.54 11.64
CA SER A 14 16.01 1.08 10.75
C SER A 14 15.43 -0.04 9.88
N THR A 15 16.26 -0.99 9.57
CA THR A 15 15.89 -2.14 8.80
C THR A 15 14.88 -3.00 9.58
N LEU A 16 14.89 -2.90 10.91
CA LEU A 16 14.08 -3.76 11.72
C LEU A 16 12.67 -3.22 11.80
N THR A 17 12.52 -1.93 12.04
CA THR A 17 11.22 -1.30 12.08
C THR A 17 11.40 0.22 11.95
N TYR A 18 10.49 0.88 11.24
CA TYR A 18 10.46 2.35 11.13
C TYR A 18 10.42 3.00 12.51
N ALA A 19 9.57 2.48 13.38
CA ALA A 19 9.47 2.95 14.76
C ALA A 19 10.83 2.89 15.47
N GLU A 20 11.56 1.79 15.26
CA GLU A 20 12.87 1.59 15.84
C GLU A 20 13.87 2.64 15.35
N ALA A 21 13.80 2.91 14.06
CA ALA A 21 14.70 3.86 13.44
C ALA A 21 14.52 5.23 14.03
N VAL A 22 13.27 5.67 14.06
CA VAL A 22 12.97 7.02 14.49
C VAL A 22 13.29 7.25 15.94
N LYS A 23 12.87 6.34 16.80
CA LYS A 23 13.08 6.50 18.23
C LYS A 23 14.56 6.47 18.57
N LYS A 24 15.26 5.52 18.01
CA LYS A 24 16.66 5.38 18.25
C LYS A 24 17.48 6.53 17.67
N LEU A 25 17.09 7.01 16.49
CA LEU A 25 17.75 8.17 15.88
C LEU A 25 17.44 9.42 16.72
N THR A 26 16.22 9.50 17.24
CA THR A 26 15.81 10.56 18.14
C THR A 26 16.69 10.52 19.40
N ALA A 27 16.95 9.33 19.89
CA ALA A 27 17.79 9.10 21.05
C ALA A 27 19.27 9.37 20.73
N ALA A 28 19.59 9.36 19.44
CA ALA A 28 20.96 9.60 18.99
C ALA A 28 21.24 11.09 18.98
N GLY A 29 20.19 11.88 19.09
CA GLY A 29 20.35 13.30 19.23
C GLY A 29 19.89 14.06 18.02
N PHE A 30 19.46 13.37 17.01
CA PHE A 30 19.02 14.00 15.78
C PHE A 30 17.58 14.47 15.91
N GLY A 31 17.34 15.71 15.54
CA GLY A 31 16.01 16.28 15.60
C GLY A 31 15.61 16.86 14.28
N ARG A 32 16.12 16.28 13.22
CA ARG A 32 15.80 16.70 11.88
C ARG A 32 15.47 15.49 11.07
N PHE A 33 14.26 15.44 10.64
CA PHE A 33 13.75 14.28 9.92
C PHE A 33 13.00 14.73 8.69
N LYS A 34 13.05 13.92 7.68
CA LYS A 34 12.25 14.08 6.50
C LYS A 34 11.78 12.69 6.12
N GLN A 35 10.50 12.49 6.04
CA GLN A 35 9.97 11.18 5.74
C GLN A 35 9.52 11.09 4.30
N ALA A 36 9.87 10.01 3.67
CA ALA A 36 9.41 9.68 2.36
C ALA A 36 9.20 8.17 2.34
N ASN A 37 8.31 7.71 1.52
CA ASN A 37 8.07 6.28 1.46
C ASN A 37 8.19 5.83 0.03
N SER A 38 8.57 4.61 -0.16
CA SER A 38 8.76 4.07 -1.48
C SER A 38 8.25 2.62 -1.50
N PRO A 39 7.76 2.12 -2.66
CA PRO A 39 7.24 0.75 -2.77
C PRO A 39 8.35 -0.27 -2.55
N SER A 40 8.08 -1.25 -1.73
CA SER A 40 9.03 -2.29 -1.43
C SER A 40 8.30 -3.60 -1.17
N THR A 41 9.06 -4.66 -0.93
CA THR A 41 8.56 -5.96 -0.61
C THR A 41 7.77 -5.92 0.70
N PRO A 42 6.69 -6.71 0.79
CA PRO A 42 5.83 -6.78 1.97
C PRO A 42 6.60 -7.01 3.28
N GLU A 43 7.72 -7.73 3.19
CA GLU A 43 8.49 -8.02 4.41
C GLU A 43 9.27 -6.79 4.89
N LEU A 44 9.35 -5.75 4.06
CA LEU A 44 10.04 -4.53 4.42
C LEU A 44 9.04 -3.39 4.63
N VAL A 45 7.78 -3.66 4.36
CA VAL A 45 6.73 -2.66 4.60
C VAL A 45 6.69 -2.30 6.09
N GLY A 46 6.76 -1.03 6.38
CA GLY A 46 6.74 -0.58 7.75
C GLY A 46 8.13 -0.55 8.36
N LYS A 47 9.11 -0.77 7.52
CA LYS A 47 10.50 -0.76 7.93
C LYS A 47 11.23 0.21 7.06
N VAL A 48 12.35 0.66 7.52
CA VAL A 48 13.14 1.59 6.78
C VAL A 48 13.98 0.84 5.77
N ILE A 49 14.00 1.30 4.55
CA ILE A 49 14.75 0.63 3.52
C ILE A 49 16.10 1.30 3.33
N GLY A 50 16.27 2.42 3.99
CA GLY A 50 17.52 3.12 3.97
C GLY A 50 17.34 4.55 4.42
N THR A 51 18.42 5.20 4.72
CA THR A 51 18.41 6.58 5.09
C THR A 51 19.27 7.36 4.10
N ASN A 52 18.88 8.58 3.81
CA ASN A 52 19.65 9.46 2.92
C ASN A 52 21.08 9.66 3.41
N PRO A 53 21.32 10.05 4.71
CA PRO A 53 22.67 10.08 5.23
C PRO A 53 23.09 8.64 5.55
N PRO A 54 24.28 8.23 5.11
CA PRO A 54 24.77 6.88 5.32
C PRO A 54 24.92 6.54 6.79
N ALA A 55 24.52 5.33 7.16
CA ALA A 55 24.55 4.88 8.54
C ALA A 55 25.90 4.31 8.90
N ASN A 56 26.78 4.35 7.94
CA ASN A 56 28.12 3.84 8.10
C ASN A 56 29.05 4.97 8.50
N GLN A 57 28.70 6.16 8.10
CA GLN A 57 29.48 7.34 8.42
C GLN A 57 28.73 8.18 9.41
N THR A 58 29.41 9.10 10.02
CA THR A 58 28.82 9.94 11.01
C THR A 58 28.26 11.23 10.38
N SER A 59 27.07 11.61 10.80
CA SER A 59 26.45 12.82 10.30
C SER A 59 26.19 13.75 11.48
N ALA A 60 26.38 15.05 11.27
CA ALA A 60 26.21 16.04 12.35
C ALA A 60 24.76 16.10 12.83
N ILE A 61 24.60 16.51 14.08
CA ILE A 61 23.28 16.61 14.75
C ILE A 61 22.35 17.60 14.01
N THR A 62 22.95 18.50 13.29
CA THR A 62 22.23 19.52 12.54
C THR A 62 21.70 18.94 11.20
N ASN A 63 22.12 17.73 10.86
CA ASN A 63 21.76 17.12 9.58
C ASN A 63 20.34 16.63 9.56
N VAL A 64 19.69 16.82 8.44
CA VAL A 64 18.35 16.31 8.26
C VAL A 64 18.47 14.89 7.79
N VAL A 65 17.88 13.99 8.49
CA VAL A 65 17.90 12.65 8.05
C VAL A 65 16.64 12.40 7.24
N ILE A 66 16.84 12.06 5.99
CA ILE A 66 15.74 11.72 5.14
C ILE A 66 15.59 10.24 5.24
N ILE A 67 14.48 9.83 5.72
CA ILE A 67 14.24 8.46 5.99
C ILE A 67 13.18 7.94 5.02
N ILE A 68 13.55 6.94 4.25
CA ILE A 68 12.65 6.32 3.32
C ILE A 68 12.12 5.00 3.84
N VAL A 69 10.83 4.93 3.94
CA VAL A 69 10.16 3.78 4.49
C VAL A 69 9.70 2.88 3.37
N GLY A 70 9.79 1.59 3.59
CA GLY A 70 9.28 0.66 2.65
C GLY A 70 7.79 0.55 2.81
N SER A 71 7.08 0.88 1.79
CA SER A 71 5.66 0.85 1.83
C SER A 71 5.17 -0.07 0.72
N GLY A 72 3.99 -0.61 0.88
CA GLY A 72 3.43 -1.46 -0.11
C GLY A 72 2.21 -0.81 -0.71
N PRO A 73 2.17 -0.61 -2.03
CA PRO A 73 0.99 -0.02 -2.68
C PRO A 73 -0.20 -0.95 -2.54
N ALA A 74 -1.17 -0.51 -1.78
CA ALA A 74 -2.33 -1.30 -1.48
C ALA A 74 -3.21 -1.44 -2.71
N THR A 75 -3.01 -2.52 -3.39
CA THR A 75 -3.69 -2.80 -4.62
C THR A 75 -4.07 -4.28 -4.67
N LYS A 76 -5.09 -4.63 -5.40
CA LYS A 76 -5.54 -6.01 -5.48
C LYS A 76 -5.98 -6.33 -6.87
N ASP A 77 -5.77 -7.55 -7.27
CA ASP A 77 -6.24 -8.03 -8.55
C ASP A 77 -7.50 -8.81 -8.33
N ILE A 78 -8.47 -8.57 -9.16
CA ILE A 78 -9.76 -9.18 -9.01
C ILE A 78 -9.84 -10.50 -9.75
N PRO A 79 -10.45 -11.55 -9.15
CA PRO A 79 -10.69 -12.81 -9.84
C PRO A 79 -11.98 -12.71 -10.66
N ASP A 80 -12.40 -13.83 -11.21
CA ASP A 80 -13.64 -13.86 -11.97
C ASP A 80 -14.83 -13.80 -11.04
N VAL A 81 -15.71 -12.89 -11.32
CA VAL A 81 -16.88 -12.69 -10.52
C VAL A 81 -18.14 -12.67 -11.42
N ALA A 82 -17.92 -12.93 -12.70
CA ALA A 82 -18.97 -12.85 -13.69
C ALA A 82 -19.68 -14.19 -13.80
N GLY A 83 -20.97 -14.17 -14.02
CA GLY A 83 -21.72 -15.40 -14.14
C GLY A 83 -22.34 -15.79 -12.84
N GLN A 84 -22.32 -14.87 -11.92
CA GLN A 84 -22.89 -15.08 -10.62
C GLN A 84 -24.01 -14.09 -10.42
N THR A 85 -24.71 -14.16 -9.33
CA THR A 85 -25.78 -13.24 -9.09
C THR A 85 -25.19 -12.00 -8.43
N VAL A 86 -25.85 -10.87 -8.58
CA VAL A 86 -25.38 -9.61 -8.04
C VAL A 86 -25.09 -9.70 -6.53
N ASP A 87 -25.97 -10.36 -5.80
CA ASP A 87 -25.81 -10.52 -4.35
C ASP A 87 -24.59 -11.40 -4.00
N VAL A 88 -24.40 -12.50 -4.72
CA VAL A 88 -23.31 -13.41 -4.39
C VAL A 88 -21.98 -12.84 -4.88
N ALA A 89 -22.04 -12.16 -6.00
CA ALA A 89 -20.89 -11.52 -6.59
C ALA A 89 -20.30 -10.49 -5.66
N GLN A 90 -21.15 -9.64 -5.10
CA GLN A 90 -20.71 -8.59 -4.19
C GLN A 90 -20.09 -9.21 -2.96
N LYS A 91 -20.68 -10.31 -2.50
CA LYS A 91 -20.15 -11.04 -1.37
C LYS A 91 -18.76 -11.60 -1.65
N ASN A 92 -18.63 -12.33 -2.75
CA ASN A 92 -17.35 -12.95 -3.12
C ASN A 92 -16.30 -11.91 -3.38
N LEU A 93 -16.70 -10.85 -4.07
CA LEU A 93 -15.82 -9.78 -4.41
C LEU A 93 -15.34 -9.08 -3.15
N ASN A 94 -16.25 -8.84 -2.22
CA ASN A 94 -15.95 -8.15 -0.96
C ASN A 94 -14.90 -8.90 -0.15
N VAL A 95 -14.97 -10.23 -0.17
CA VAL A 95 -14.03 -11.07 0.56
C VAL A 95 -12.60 -10.87 0.06
N TYR A 96 -12.41 -10.75 -1.24
CA TYR A 96 -11.06 -10.67 -1.77
C TYR A 96 -10.69 -9.25 -2.10
N GLY A 97 -11.66 -8.54 -2.56
CA GLY A 97 -11.48 -7.25 -3.12
C GLY A 97 -11.56 -6.10 -2.17
N PHE A 98 -12.57 -5.27 -2.37
CA PHE A 98 -12.64 -3.99 -1.71
C PHE A 98 -13.95 -3.85 -0.96
N THR A 99 -14.19 -2.70 -0.40
CA THR A 99 -15.40 -2.43 0.33
C THR A 99 -16.28 -1.39 -0.37
N LYS A 100 -15.75 -0.77 -1.41
CA LYS A 100 -16.51 0.22 -2.13
C LYS A 100 -16.91 -0.31 -3.48
N PHE A 101 -18.20 -0.35 -3.70
CA PHE A 101 -18.76 -0.90 -4.91
C PHE A 101 -19.65 0.12 -5.55
N SER A 102 -19.83 -0.02 -6.81
CA SER A 102 -20.79 0.74 -7.55
C SER A 102 -21.39 -0.20 -8.58
N GLN A 103 -22.58 0.06 -9.02
CA GLN A 103 -23.23 -0.84 -9.93
C GLN A 103 -23.57 -0.14 -11.21
N ALA A 104 -23.16 -0.73 -12.29
CA ALA A 104 -23.44 -0.24 -13.58
C ALA A 104 -24.32 -1.24 -14.28
N SER A 105 -25.37 -0.75 -14.85
CA SER A 105 -26.32 -1.57 -15.52
C SER A 105 -25.94 -1.77 -16.98
N VAL A 106 -25.97 -3.00 -17.42
CA VAL A 106 -25.71 -3.34 -18.80
C VAL A 106 -26.91 -4.08 -19.32
N ASP A 107 -27.05 -4.16 -20.61
CA ASP A 107 -28.23 -4.75 -21.21
C ASP A 107 -28.16 -6.25 -21.19
N SER A 108 -29.15 -6.85 -20.61
CA SER A 108 -29.26 -8.27 -20.52
C SER A 108 -29.92 -8.80 -21.79
N PRO A 109 -29.60 -10.02 -22.24
CA PRO A 109 -30.30 -10.62 -23.35
C PRO A 109 -31.68 -11.09 -22.91
N ARG A 110 -31.72 -12.16 -22.14
CA ARG A 110 -32.92 -12.62 -21.51
C ARG A 110 -32.75 -12.71 -19.96
N PRO A 111 -31.77 -13.51 -19.41
CA PRO A 111 -31.56 -13.56 -17.96
C PRO A 111 -30.93 -12.26 -17.44
N ALA A 112 -31.27 -11.90 -16.22
CA ALA A 112 -30.80 -10.67 -15.61
C ALA A 112 -30.47 -10.95 -14.17
N GLY A 113 -29.94 -9.94 -13.48
CA GLY A 113 -29.58 -10.09 -12.07
C GLY A 113 -28.18 -10.67 -11.90
N GLU A 114 -27.69 -11.21 -12.96
CA GLU A 114 -26.37 -11.78 -13.00
C GLU A 114 -25.33 -10.76 -13.32
N VAL A 115 -24.18 -10.96 -12.78
CA VAL A 115 -23.06 -10.11 -13.02
C VAL A 115 -22.40 -10.48 -14.32
N THR A 116 -22.31 -9.52 -15.18
CA THR A 116 -21.77 -9.67 -16.48
C THR A 116 -20.24 -9.51 -16.42
N GLY A 117 -19.78 -8.76 -15.43
CA GLY A 117 -18.38 -8.56 -15.23
C GLY A 117 -18.12 -7.39 -14.33
N THR A 118 -17.00 -6.78 -14.48
CA THR A 118 -16.62 -5.62 -13.73
C THR A 118 -16.03 -4.59 -14.67
N ASN A 119 -15.99 -3.36 -14.24
CA ASN A 119 -15.40 -2.27 -15.03
C ASN A 119 -13.94 -2.62 -15.47
N PRO A 120 -13.01 -2.98 -14.52
CA PRO A 120 -11.70 -3.50 -14.90
C PRO A 120 -11.80 -5.01 -15.20
N PRO A 121 -10.97 -5.54 -16.12
CA PRO A 121 -10.99 -6.97 -16.46
C PRO A 121 -10.50 -7.87 -15.30
N ALA A 122 -10.96 -9.11 -15.29
CA ALA A 122 -10.56 -10.08 -14.31
C ALA A 122 -9.07 -10.35 -14.45
N GLY A 123 -8.37 -10.27 -13.36
CA GLY A 123 -6.93 -10.44 -13.36
C GLY A 123 -6.20 -9.12 -13.21
N THR A 124 -6.91 -8.03 -13.47
CA THR A 124 -6.34 -6.71 -13.40
C THR A 124 -6.22 -6.23 -11.94
N THR A 125 -5.09 -5.62 -11.63
CA THR A 125 -4.80 -5.11 -10.31
C THR A 125 -5.20 -3.64 -10.22
N VAL A 126 -6.04 -3.30 -9.28
CA VAL A 126 -6.46 -1.93 -9.07
C VAL A 126 -6.26 -1.53 -7.60
N PRO A 127 -6.11 -0.22 -7.31
CA PRO A 127 -5.89 0.30 -5.95
C PRO A 127 -7.08 0.04 -5.05
N VAL A 128 -6.80 -0.33 -3.80
CA VAL A 128 -7.84 -0.61 -2.83
C VAL A 128 -8.61 0.67 -2.46
N ASP A 129 -7.96 1.80 -2.70
CA ASP A 129 -8.50 3.12 -2.44
C ASP A 129 -9.50 3.51 -3.55
N SER A 130 -9.52 2.74 -4.61
CA SER A 130 -10.37 3.02 -5.73
C SER A 130 -11.69 2.25 -5.56
N VAL A 131 -12.74 2.74 -6.17
CA VAL A 131 -14.04 2.13 -6.07
C VAL A 131 -14.26 1.23 -7.28
N ILE A 132 -14.69 0.02 -7.06
CA ILE A 132 -14.87 -0.91 -8.14
C ILE A 132 -16.32 -0.89 -8.65
N GLU A 133 -16.47 -0.86 -9.95
CA GLU A 133 -17.73 -0.82 -10.57
C GLU A 133 -18.08 -2.21 -11.11
N LEU A 134 -19.22 -2.69 -10.69
CA LEU A 134 -19.72 -4.00 -11.04
C LEU A 134 -20.70 -3.87 -12.21
N GLN A 135 -20.53 -4.72 -13.21
CA GLN A 135 -21.39 -4.69 -14.39
C GLN A 135 -22.47 -5.72 -14.18
N VAL A 136 -23.65 -5.26 -13.92
CA VAL A 136 -24.75 -6.17 -13.67
C VAL A 136 -25.76 -6.13 -14.81
N SER A 137 -26.23 -7.31 -15.21
CA SER A 137 -27.27 -7.42 -16.19
C SER A 137 -28.55 -6.83 -15.59
N LYS A 138 -29.01 -5.75 -16.20
CA LYS A 138 -30.16 -5.04 -15.70
C LYS A 138 -31.44 -5.83 -16.01
N GLY A 4 25.27 27.95 13.80
CA GLY A 4 26.14 26.80 13.54
C GLY A 4 25.32 25.62 13.06
N PRO A 5 25.91 24.63 12.39
CA PRO A 5 25.19 23.45 11.90
C PRO A 5 24.63 22.60 13.05
N GLU A 6 23.54 21.94 12.78
CA GLU A 6 22.87 21.10 13.78
C GLU A 6 22.72 19.68 13.24
N GLN A 7 23.56 19.35 12.30
CA GLN A 7 23.44 18.11 11.58
C GLN A 7 24.05 16.94 12.32
N ARG A 8 23.37 15.83 12.29
CA ARG A 8 23.82 14.60 12.88
C ARG A 8 23.66 13.54 11.80
N GLU A 9 24.40 12.50 11.86
CA GLU A 9 24.32 11.46 10.86
C GLU A 9 23.36 10.37 11.31
N ILE A 10 22.59 9.85 10.37
CA ILE A 10 21.62 8.83 10.67
C ILE A 10 22.35 7.48 10.79
N PRO A 11 22.13 6.72 11.88
CA PRO A 11 22.74 5.39 12.03
C PRO A 11 22.19 4.40 11.01
N ASP A 12 23.04 3.57 10.48
CA ASP A 12 22.68 2.66 9.43
C ASP A 12 22.48 1.27 10.01
N VAL A 13 21.46 1.16 10.80
CA VAL A 13 21.05 -0.12 11.38
C VAL A 13 19.65 -0.41 10.85
N SER A 14 19.17 0.55 10.09
CA SER A 14 17.85 0.54 9.51
C SER A 14 17.66 -0.65 8.57
N THR A 15 18.68 -0.92 7.79
CA THR A 15 18.70 -2.04 6.88
C THR A 15 18.48 -3.39 7.62
N LEU A 16 18.83 -3.44 8.90
CA LEU A 16 18.76 -4.69 9.62
C LEU A 16 17.34 -4.95 10.09
N THR A 17 16.66 -3.94 10.64
CA THR A 17 15.25 -4.07 11.02
C THR A 17 14.67 -2.65 11.25
N TYR A 18 13.40 -2.45 10.90
CA TYR A 18 12.67 -1.21 11.16
C TYR A 18 12.68 -0.87 12.66
N ALA A 19 12.46 -1.89 13.49
CA ALA A 19 12.51 -1.75 14.94
C ALA A 19 13.88 -1.21 15.38
N GLU A 20 14.92 -1.70 14.75
CA GLU A 20 16.27 -1.28 15.04
C GLU A 20 16.50 0.15 14.57
N ALA A 21 15.93 0.47 13.42
CA ALA A 21 16.02 1.79 12.82
C ALA A 21 15.42 2.84 13.73
N VAL A 22 14.20 2.58 14.20
CA VAL A 22 13.47 3.52 15.04
C VAL A 22 14.23 3.81 16.33
N LYS A 23 14.74 2.79 16.98
CA LYS A 23 15.48 2.99 18.24
C LYS A 23 16.75 3.76 18.00
N LYS A 24 17.47 3.40 16.97
CA LYS A 24 18.73 4.07 16.63
C LYS A 24 18.51 5.52 16.26
N LEU A 25 17.49 5.77 15.45
CA LEU A 25 17.18 7.11 15.00
C LEU A 25 16.70 7.95 16.18
N THR A 26 15.90 7.35 17.03
CA THR A 26 15.39 7.98 18.23
C THR A 26 16.56 8.40 19.15
N ALA A 27 17.52 7.49 19.31
CA ALA A 27 18.68 7.74 20.12
C ALA A 27 19.62 8.75 19.46
N ALA A 28 19.46 8.97 18.15
CA ALA A 28 20.31 9.90 17.43
C ALA A 28 19.82 11.34 17.62
N GLY A 29 18.61 11.48 18.12
CA GLY A 29 18.08 12.79 18.41
C GLY A 29 17.02 13.22 17.43
N PHE A 30 16.82 12.42 16.42
CA PHE A 30 15.82 12.72 15.44
C PHE A 30 14.47 12.27 15.96
N GLY A 31 13.51 13.15 15.86
CA GLY A 31 12.20 12.84 16.39
C GLY A 31 11.10 13.08 15.39
N ARG A 32 11.45 13.48 14.20
CA ARG A 32 10.46 13.71 13.20
C ARG A 32 10.49 12.56 12.22
N PHE A 33 9.42 11.81 12.18
CA PHE A 33 9.34 10.62 11.38
C PHE A 33 8.19 10.69 10.41
N LYS A 34 8.41 10.14 9.27
CA LYS A 34 7.37 9.86 8.35
C LYS A 34 7.61 8.46 7.83
N GLN A 35 6.65 7.59 7.98
CA GLN A 35 6.79 6.22 7.54
C GLN A 35 6.24 6.07 6.14
N ALA A 36 7.07 5.64 5.25
CA ALA A 36 6.69 5.39 3.91
C ALA A 36 7.07 3.96 3.58
N ASN A 37 6.35 3.36 2.68
CA ASN A 37 6.66 2.01 2.28
C ASN A 37 6.67 1.93 0.78
N SER A 38 7.67 1.29 0.26
CA SER A 38 7.77 1.10 -1.15
C SER A 38 7.77 -0.39 -1.42
N PRO A 39 7.04 -0.86 -2.45
CA PRO A 39 7.00 -2.27 -2.77
C PRO A 39 8.37 -2.73 -3.22
N SER A 40 8.88 -3.68 -2.53
CA SER A 40 10.19 -4.21 -2.75
C SER A 40 10.09 -5.72 -2.61
N THR A 41 11.20 -6.42 -2.80
CA THR A 41 11.22 -7.85 -2.66
C THR A 41 10.72 -8.26 -1.24
N PRO A 42 9.71 -9.16 -1.21
CA PRO A 42 8.94 -9.54 -0.01
C PRO A 42 9.78 -9.95 1.21
N GLU A 43 10.94 -10.49 0.99
CA GLU A 43 11.78 -10.93 2.12
C GLU A 43 12.36 -9.75 2.91
N LEU A 44 12.34 -8.58 2.32
CA LEU A 44 12.87 -7.40 2.98
C LEU A 44 11.82 -6.71 3.86
N VAL A 45 10.64 -7.32 3.97
CA VAL A 45 9.59 -6.75 4.79
C VAL A 45 10.04 -6.64 6.25
N GLY A 46 9.86 -5.49 6.84
CA GLY A 46 10.29 -5.28 8.19
C GLY A 46 11.66 -4.65 8.26
N LYS A 47 12.30 -4.53 7.12
CA LYS A 47 13.58 -3.91 7.04
C LYS A 47 13.49 -2.62 6.29
N VAL A 48 14.27 -1.66 6.70
CA VAL A 48 14.30 -0.38 6.07
C VAL A 48 15.19 -0.47 4.86
N ILE A 49 14.76 0.07 3.77
CA ILE A 49 15.57 0.02 2.58
C ILE A 49 16.35 1.30 2.40
N GLY A 50 15.81 2.40 2.91
CA GLY A 50 16.47 3.65 2.80
C GLY A 50 15.76 4.71 3.54
N THR A 51 16.45 5.77 3.83
CA THR A 51 15.89 6.89 4.49
C THR A 51 16.00 8.11 3.59
N ASN A 52 15.11 9.04 3.75
CA ASN A 52 15.17 10.30 3.04
C ASN A 52 16.45 11.09 3.38
N PRO A 53 16.74 11.38 4.69
CA PRO A 53 18.03 11.95 5.05
C PRO A 53 19.08 10.85 5.01
N PRO A 54 20.24 11.10 4.41
CA PRO A 54 21.29 10.10 4.23
C PRO A 54 21.91 9.65 5.57
N ALA A 55 22.24 8.38 5.63
CA ALA A 55 22.88 7.80 6.80
C ALA A 55 24.39 7.92 6.67
N ASN A 56 24.80 8.37 5.52
CA ASN A 56 26.19 8.56 5.20
C ASN A 56 26.62 9.97 5.59
N GLN A 57 25.70 10.89 5.48
CA GLN A 57 25.99 12.28 5.73
C GLN A 57 25.22 12.77 6.92
N THR A 58 25.47 13.99 7.31
CA THR A 58 24.81 14.58 8.40
C THR A 58 23.56 15.33 7.90
N SER A 59 22.51 15.23 8.65
CA SER A 59 21.29 15.95 8.37
C SER A 59 20.83 16.65 9.64
N ALA A 60 20.22 17.79 9.49
CA ALA A 60 19.77 18.60 10.60
C ALA A 60 18.68 17.92 11.39
N ILE A 61 18.63 18.22 12.66
CA ILE A 61 17.66 17.62 13.57
C ILE A 61 16.25 18.09 13.22
N THR A 62 16.17 19.23 12.58
CA THR A 62 14.90 19.82 12.19
C THR A 62 14.39 19.18 10.88
N ASN A 63 15.12 18.21 10.35
CA ASN A 63 14.72 17.51 9.13
C ASN A 63 13.72 16.43 9.46
N VAL A 64 12.80 16.19 8.57
CA VAL A 64 11.85 15.12 8.72
C VAL A 64 12.47 13.87 8.15
N VAL A 65 12.58 12.86 8.97
CA VAL A 65 13.15 11.68 8.48
C VAL A 65 12.03 10.86 7.90
N ILE A 66 12.13 10.64 6.64
CA ILE A 66 11.20 9.82 5.97
C ILE A 66 11.85 8.48 5.87
N ILE A 67 11.30 7.55 6.57
CA ILE A 67 11.85 6.26 6.66
C ILE A 67 11.06 5.34 5.75
N ILE A 68 11.73 4.74 4.79
CA ILE A 68 11.08 3.91 3.84
C ILE A 68 11.31 2.45 4.18
N VAL A 69 10.23 1.75 4.40
CA VAL A 69 10.27 0.35 4.75
C VAL A 69 10.09 -0.44 3.48
N GLY A 70 10.84 -1.50 3.34
CA GLY A 70 10.68 -2.36 2.22
C GLY A 70 9.51 -3.26 2.47
N SER A 71 8.42 -3.00 1.83
CA SER A 71 7.25 -3.77 2.04
C SER A 71 7.06 -4.64 0.83
N GLY A 72 6.66 -5.87 1.06
CA GLY A 72 6.40 -6.74 -0.04
C GLY A 72 5.13 -6.31 -0.72
N PRO A 73 5.06 -6.33 -2.05
CA PRO A 73 3.88 -5.87 -2.76
C PRO A 73 2.71 -6.78 -2.51
N ALA A 74 1.81 -6.29 -1.72
CA ALA A 74 0.63 -6.98 -1.34
C ALA A 74 -0.37 -6.89 -2.45
N THR A 75 -0.50 -7.95 -3.14
CA THR A 75 -1.42 -8.05 -4.22
C THR A 75 -2.38 -9.19 -3.93
N LYS A 76 -3.52 -9.17 -4.58
CA LYS A 76 -4.51 -10.20 -4.39
C LYS A 76 -5.32 -10.39 -5.66
N ASP A 77 -5.77 -11.61 -5.90
CA ASP A 77 -6.54 -11.94 -7.08
C ASP A 77 -7.97 -11.54 -6.90
N ILE A 78 -8.49 -10.87 -7.89
CA ILE A 78 -9.82 -10.34 -7.84
C ILE A 78 -10.87 -11.43 -8.01
N PRO A 79 -11.86 -11.46 -7.13
CA PRO A 79 -12.99 -12.33 -7.27
C PRO A 79 -14.16 -11.66 -8.03
N ASP A 80 -14.54 -12.23 -9.13
CA ASP A 80 -15.66 -11.72 -9.91
C ASP A 80 -16.92 -12.31 -9.32
N VAL A 81 -17.82 -11.48 -8.90
CA VAL A 81 -19.02 -11.95 -8.24
C VAL A 81 -20.28 -11.47 -9.01
N ALA A 82 -20.19 -11.59 -10.32
CA ALA A 82 -21.28 -11.24 -11.24
C ALA A 82 -22.54 -12.06 -10.97
N GLY A 83 -23.68 -11.43 -11.18
CA GLY A 83 -24.96 -12.13 -11.05
C GLY A 83 -25.74 -11.69 -9.85
N GLN A 84 -25.12 -10.96 -8.97
CA GLN A 84 -25.77 -10.52 -7.76
C GLN A 84 -26.07 -9.01 -7.79
N THR A 85 -26.50 -8.43 -6.68
CA THR A 85 -26.84 -7.02 -6.64
C THR A 85 -25.54 -6.24 -6.37
N VAL A 86 -25.47 -4.97 -6.74
CA VAL A 86 -24.26 -4.18 -6.57
C VAL A 86 -23.90 -4.06 -5.08
N ASP A 87 -24.90 -3.84 -4.25
CA ASP A 87 -24.68 -3.73 -2.81
C ASP A 87 -24.13 -5.02 -2.22
N VAL A 88 -24.68 -6.15 -2.66
CA VAL A 88 -24.23 -7.41 -2.12
C VAL A 88 -22.90 -7.81 -2.71
N ALA A 89 -22.72 -7.47 -3.98
CA ALA A 89 -21.47 -7.75 -4.67
C ALA A 89 -20.32 -7.04 -3.98
N GLN A 90 -20.56 -5.81 -3.52
CA GLN A 90 -19.56 -5.07 -2.78
C GLN A 90 -19.22 -5.80 -1.51
N LYS A 91 -20.24 -6.32 -0.84
CA LYS A 91 -20.05 -7.06 0.39
C LYS A 91 -19.20 -8.31 0.11
N ASN A 92 -19.59 -9.04 -0.95
CA ASN A 92 -18.91 -10.28 -1.32
C ASN A 92 -17.49 -10.02 -1.75
N LEU A 93 -17.32 -8.93 -2.46
CA LEU A 93 -16.04 -8.51 -2.93
C LEU A 93 -15.16 -8.06 -1.77
N ASN A 94 -15.73 -7.30 -0.87
CA ASN A 94 -14.99 -6.76 0.29
C ASN A 94 -14.50 -7.87 1.20
N VAL A 95 -15.37 -8.82 1.49
CA VAL A 95 -15.07 -9.91 2.41
C VAL A 95 -14.06 -10.89 1.79
N TYR A 96 -13.90 -10.85 0.49
CA TYR A 96 -13.10 -11.82 -0.20
C TYR A 96 -12.12 -11.11 -1.11
N GLY A 97 -11.92 -9.83 -0.85
CA GLY A 97 -11.15 -9.03 -1.74
C GLY A 97 -10.64 -7.73 -1.15
N PHE A 98 -11.17 -6.61 -1.61
CA PHE A 98 -10.56 -5.32 -1.34
C PHE A 98 -11.53 -4.37 -0.65
N THR A 99 -11.00 -3.27 -0.15
CA THR A 99 -11.78 -2.26 0.55
C THR A 99 -12.02 -1.00 -0.31
N LYS A 100 -11.62 -1.05 -1.57
CA LYS A 100 -11.76 0.10 -2.45
C LYS A 100 -12.40 -0.30 -3.76
N PHE A 101 -13.50 0.34 -4.09
CA PHE A 101 -14.30 -0.04 -5.26
C PHE A 101 -14.54 1.16 -6.14
N SER A 102 -14.71 0.89 -7.40
CA SER A 102 -15.10 1.85 -8.38
C SER A 102 -16.31 1.25 -9.09
N GLN A 103 -17.23 2.07 -9.53
CA GLN A 103 -18.43 1.58 -10.16
C GLN A 103 -18.55 2.13 -11.55
N ALA A 104 -18.74 1.27 -12.49
CA ALA A 104 -18.89 1.66 -13.85
C ALA A 104 -20.14 1.02 -14.42
N SER A 105 -20.89 1.80 -15.12
CA SER A 105 -22.09 1.36 -15.76
C SER A 105 -21.76 0.83 -17.14
N VAL A 106 -22.25 -0.33 -17.44
CA VAL A 106 -21.98 -0.95 -18.72
C VAL A 106 -23.29 -1.23 -19.43
N ASP A 107 -23.21 -1.39 -20.72
CA ASP A 107 -24.40 -1.52 -21.56
C ASP A 107 -24.97 -2.90 -21.43
N SER A 108 -26.14 -2.93 -20.91
CA SER A 108 -26.80 -4.13 -20.52
C SER A 108 -27.74 -4.61 -21.63
N PRO A 109 -28.08 -5.90 -21.66
CA PRO A 109 -29.07 -6.45 -22.58
C PRO A 109 -30.48 -6.15 -22.02
N ARG A 110 -31.42 -7.08 -22.19
CA ARG A 110 -32.76 -6.91 -21.62
C ARG A 110 -32.76 -6.71 -20.09
N PRO A 111 -32.07 -7.57 -19.29
CA PRO A 111 -31.94 -7.33 -17.85
C PRO A 111 -30.97 -6.18 -17.56
N ALA A 112 -31.21 -5.47 -16.48
CA ALA A 112 -30.38 -4.37 -16.04
C ALA A 112 -30.48 -4.28 -14.53
N GLY A 113 -29.42 -3.89 -13.88
CA GLY A 113 -29.43 -3.81 -12.44
C GLY A 113 -28.35 -4.67 -11.81
N GLU A 114 -28.31 -5.93 -12.18
CA GLU A 114 -27.38 -6.91 -11.62
C GLU A 114 -25.95 -6.62 -12.04
N VAL A 115 -25.02 -6.97 -11.19
CA VAL A 115 -23.65 -6.71 -11.46
C VAL A 115 -23.14 -7.69 -12.54
N THR A 116 -22.55 -7.12 -13.56
CA THR A 116 -22.09 -7.83 -14.72
C THR A 116 -20.76 -8.52 -14.40
N GLY A 117 -20.04 -7.98 -13.43
CA GLY A 117 -18.81 -8.56 -12.98
C GLY A 117 -17.82 -7.53 -12.58
N THR A 118 -16.58 -7.78 -12.80
CA THR A 118 -15.52 -6.84 -12.51
C THR A 118 -14.84 -6.45 -13.82
N ASN A 119 -14.13 -5.31 -13.84
CA ASN A 119 -13.48 -4.82 -15.08
C ASN A 119 -12.58 -5.91 -15.72
N PRO A 120 -11.60 -6.49 -14.97
CA PRO A 120 -10.80 -7.61 -15.46
C PRO A 120 -11.46 -8.96 -15.04
N PRO A 121 -11.02 -10.11 -15.61
CA PRO A 121 -11.54 -11.42 -15.23
C PRO A 121 -11.07 -11.84 -13.84
N ALA A 122 -11.83 -12.72 -13.20
CA ALA A 122 -11.47 -13.22 -11.88
C ALA A 122 -10.16 -13.95 -11.94
N GLY A 123 -9.33 -13.73 -10.98
CA GLY A 123 -8.02 -14.34 -10.98
C GLY A 123 -6.95 -13.34 -11.27
N THR A 124 -7.32 -12.21 -11.85
CA THR A 124 -6.37 -11.15 -12.09
C THR A 124 -5.86 -10.61 -10.76
N THR A 125 -4.59 -10.64 -10.57
CA THR A 125 -4.00 -10.23 -9.33
C THR A 125 -3.58 -8.77 -9.42
N VAL A 126 -4.10 -7.96 -8.54
CA VAL A 126 -3.80 -6.55 -8.53
C VAL A 126 -3.37 -6.15 -7.13
N PRO A 127 -2.65 -5.02 -6.97
CA PRO A 127 -2.27 -4.54 -5.66
C PRO A 127 -3.48 -4.23 -4.80
N VAL A 128 -3.39 -4.58 -3.56
CA VAL A 128 -4.47 -4.42 -2.59
C VAL A 128 -4.79 -2.95 -2.32
N ASP A 129 -3.86 -2.10 -2.66
CA ASP A 129 -3.99 -0.68 -2.44
C ASP A 129 -4.66 -0.03 -3.66
N SER A 130 -4.81 -0.81 -4.68
CA SER A 130 -5.36 -0.35 -5.93
C SER A 130 -6.88 -0.57 -5.97
N VAL A 131 -7.57 0.27 -6.72
CA VAL A 131 -9.02 0.26 -6.74
C VAL A 131 -9.54 -0.72 -7.80
N ILE A 132 -10.51 -1.53 -7.43
CA ILE A 132 -11.10 -2.47 -8.35
C ILE A 132 -12.41 -1.89 -8.90
N GLU A 133 -12.66 -2.07 -10.17
CA GLU A 133 -13.79 -1.54 -10.82
C GLU A 133 -14.84 -2.62 -11.02
N LEU A 134 -16.02 -2.37 -10.55
CA LEU A 134 -17.13 -3.27 -10.64
C LEU A 134 -18.00 -2.85 -11.82
N GLN A 135 -18.39 -3.81 -12.63
CA GLN A 135 -19.18 -3.54 -13.82
C GLN A 135 -20.61 -3.81 -13.49
N VAL A 136 -21.40 -2.80 -13.45
CA VAL A 136 -22.80 -2.98 -13.16
C VAL A 136 -23.66 -2.70 -14.39
N SER A 137 -24.65 -3.55 -14.59
CA SER A 137 -25.59 -3.37 -15.65
C SER A 137 -26.42 -2.13 -15.31
N LYS A 138 -26.33 -1.12 -16.14
CA LYS A 138 -26.96 0.15 -15.89
C LYS A 138 -28.46 0.15 -16.21
N GLY A 4 33.97 19.84 19.88
CA GLY A 4 34.69 18.79 19.17
C GLY A 4 33.79 18.12 18.18
N PRO A 5 34.08 16.85 17.79
CA PRO A 5 33.26 16.11 16.83
C PRO A 5 31.84 15.89 17.34
N GLU A 6 30.87 16.16 16.51
CA GLU A 6 29.48 16.03 16.87
C GLU A 6 28.78 15.06 15.92
N GLN A 7 29.51 14.09 15.42
CA GLN A 7 28.91 13.13 14.52
C GLN A 7 28.24 12.05 15.32
N ARG A 8 27.19 11.55 14.79
CA ARG A 8 26.51 10.51 15.42
C ARG A 8 25.99 9.56 14.36
N GLU A 9 25.69 8.40 14.76
CA GLU A 9 25.33 7.33 13.89
C GLU A 9 23.87 7.40 13.46
N ILE A 10 23.62 7.10 12.21
CA ILE A 10 22.28 6.94 11.75
C ILE A 10 22.03 5.44 11.80
N PRO A 11 20.95 5.00 12.47
CA PRO A 11 20.69 3.59 12.66
C PRO A 11 20.49 2.81 11.38
N ASP A 12 21.00 1.62 11.36
CA ASP A 12 20.82 0.69 10.27
C ASP A 12 19.75 -0.32 10.67
N VAL A 13 19.30 -0.20 11.93
CA VAL A 13 18.25 -1.06 12.49
C VAL A 13 16.89 -0.58 11.94
N SER A 14 16.97 0.50 11.20
CA SER A 14 15.86 1.11 10.52
C SER A 14 15.26 0.10 9.55
N THR A 15 16.13 -0.76 9.03
CA THR A 15 15.78 -1.83 8.14
C THR A 15 14.74 -2.76 8.79
N LEU A 16 14.72 -2.83 10.12
CA LEU A 16 13.82 -3.75 10.78
C LEU A 16 12.49 -3.09 11.08
N THR A 17 12.50 -1.87 11.59
CA THR A 17 11.25 -1.22 11.91
C THR A 17 11.44 0.30 11.96
N TYR A 18 10.43 1.06 11.50
CA TYR A 18 10.42 2.52 11.61
C TYR A 18 10.58 2.95 13.07
N ALA A 19 9.83 2.29 13.95
CA ALA A 19 9.91 2.53 15.40
C ALA A 19 11.35 2.33 15.93
N GLU A 20 12.08 1.39 15.35
CA GLU A 20 13.45 1.11 15.73
C GLU A 20 14.38 2.22 15.28
N ALA A 21 14.16 2.68 14.05
CA ALA A 21 14.94 3.76 13.48
C ALA A 21 14.78 5.02 14.29
N VAL A 22 13.54 5.38 14.56
CA VAL A 22 13.21 6.59 15.27
C VAL A 22 13.84 6.63 16.65
N LYS A 23 13.72 5.56 17.41
CA LYS A 23 14.25 5.54 18.78
C LYS A 23 15.76 5.67 18.79
N LYS A 24 16.41 4.94 17.91
CA LYS A 24 17.86 4.95 17.82
C LYS A 24 18.35 6.33 17.38
N LEU A 25 17.71 6.87 16.37
CA LEU A 25 18.08 8.16 15.82
C LEU A 25 17.77 9.29 16.81
N THR A 26 16.68 9.15 17.52
CA THR A 26 16.30 10.09 18.53
C THR A 26 17.33 10.09 19.67
N ALA A 27 17.76 8.89 20.04
CA ALA A 27 18.78 8.71 21.06
C ALA A 27 20.15 9.15 20.54
N ALA A 28 20.26 9.31 19.21
CA ALA A 28 21.49 9.75 18.62
C ALA A 28 21.60 11.28 18.71
N GLY A 29 20.51 11.93 19.03
CA GLY A 29 20.55 13.35 19.28
C GLY A 29 20.15 14.18 18.10
N PHE A 30 19.80 13.54 17.01
CA PHE A 30 19.36 14.26 15.83
C PHE A 30 17.98 14.81 16.09
N GLY A 31 17.68 15.96 15.54
CA GLY A 31 16.39 16.56 15.75
C GLY A 31 15.76 17.07 14.48
N ARG A 32 16.51 17.04 13.41
CA ARG A 32 16.03 17.53 12.16
C ARG A 32 15.65 16.32 11.32
N PHE A 33 14.39 16.19 11.01
CA PHE A 33 13.90 15.00 10.35
C PHE A 33 12.97 15.37 9.22
N LYS A 34 12.97 14.54 8.22
CA LYS A 34 12.01 14.60 7.17
C LYS A 34 11.61 13.19 6.84
N GLN A 35 10.34 12.92 6.93
CA GLN A 35 9.83 11.60 6.67
C GLN A 35 9.19 11.52 5.30
N ALA A 36 9.50 10.46 4.60
CA ALA A 36 8.97 10.20 3.32
C ALA A 36 8.61 8.73 3.24
N ASN A 37 7.74 8.37 2.34
CA ASN A 37 7.37 6.99 2.17
C ASN A 37 7.36 6.68 0.71
N SER A 38 7.70 5.49 0.35
CA SER A 38 7.67 5.09 -1.02
C SER A 38 6.99 3.73 -1.11
N PRO A 39 6.02 3.56 -2.03
CA PRO A 39 5.37 2.27 -2.22
C PRO A 39 6.37 1.27 -2.76
N SER A 40 6.53 0.23 -2.03
CA SER A 40 7.48 -0.80 -2.32
C SER A 40 6.80 -2.12 -1.96
N THR A 41 7.49 -3.22 -2.15
CA THR A 41 6.96 -4.52 -1.84
C THR A 41 6.43 -4.58 -0.36
N PRO A 42 5.21 -5.15 -0.19
CA PRO A 42 4.53 -5.32 1.12
C PRO A 42 5.41 -5.95 2.18
N GLU A 43 6.38 -6.73 1.75
CA GLU A 43 7.31 -7.42 2.62
C GLU A 43 8.05 -6.42 3.51
N LEU A 44 8.30 -5.23 2.99
CA LEU A 44 9.07 -4.23 3.69
C LEU A 44 8.19 -3.12 4.27
N VAL A 45 6.86 -3.30 4.26
CA VAL A 45 5.98 -2.27 4.84
C VAL A 45 6.28 -2.05 6.32
N GLY A 46 6.50 -0.82 6.70
CA GLY A 46 6.77 -0.50 8.11
C GLY A 46 8.26 -0.50 8.41
N LYS A 47 9.04 -0.92 7.45
CA LYS A 47 10.48 -0.94 7.58
C LYS A 47 11.03 0.25 6.87
N VAL A 48 12.13 0.76 7.35
CA VAL A 48 12.79 1.85 6.69
C VAL A 48 13.63 1.26 5.58
N ILE A 49 13.44 1.74 4.39
CA ILE A 49 14.10 1.17 3.23
C ILE A 49 15.32 1.97 2.86
N GLY A 50 15.47 3.12 3.46
CA GLY A 50 16.62 3.92 3.21
C GLY A 50 16.59 5.20 3.97
N THR A 51 17.75 5.67 4.32
CA THR A 51 17.90 6.93 4.96
C THR A 51 18.74 7.81 4.07
N ASN A 52 18.41 9.06 3.97
CA ASN A 52 19.18 9.97 3.14
C ASN A 52 20.63 10.11 3.65
N PRO A 53 20.88 10.45 4.95
CA PRO A 53 22.22 10.40 5.48
C PRO A 53 22.61 8.94 5.70
N PRO A 54 23.89 8.61 5.50
CA PRO A 54 24.37 7.24 5.60
C PRO A 54 24.19 6.67 7.00
N ALA A 55 23.70 5.44 7.05
CA ALA A 55 23.47 4.73 8.30
C ALA A 55 24.68 3.89 8.63
N ASN A 56 25.69 4.07 7.84
CA ASN A 56 26.93 3.35 7.97
C ASN A 56 27.98 4.27 8.61
N GLN A 57 27.77 5.56 8.49
CA GLN A 57 28.72 6.55 8.99
C GLN A 57 28.08 7.49 9.96
N THR A 58 28.90 8.06 10.80
CA THR A 58 28.46 9.02 11.73
C THR A 58 28.44 10.40 11.06
N SER A 59 27.31 11.03 11.09
CA SER A 59 27.13 12.31 10.47
C SER A 59 26.83 13.34 11.55
N ALA A 60 27.20 14.60 11.33
CA ALA A 60 27.01 15.65 12.33
C ALA A 60 25.53 15.92 12.59
N ILE A 61 25.22 16.36 13.79
CA ILE A 61 23.83 16.63 14.23
C ILE A 61 23.14 17.71 13.38
N THR A 62 23.92 18.48 12.66
CA THR A 62 23.40 19.53 11.78
C THR A 62 22.73 18.91 10.53
N ASN A 63 22.84 17.59 10.39
CA ASN A 63 22.29 16.88 9.25
C ASN A 63 20.82 16.64 9.39
N VAL A 64 20.08 16.96 8.36
CA VAL A 64 18.68 16.68 8.31
C VAL A 64 18.51 15.24 7.84
N VAL A 65 17.84 14.45 8.61
CA VAL A 65 17.70 13.09 8.24
C VAL A 65 16.40 12.92 7.48
N ILE A 66 16.52 12.50 6.25
CA ILE A 66 15.37 12.17 5.46
C ILE A 66 15.22 10.68 5.57
N ILE A 67 14.18 10.27 6.20
CA ILE A 67 13.95 8.88 6.44
C ILE A 67 12.82 8.38 5.52
N ILE A 68 13.13 7.38 4.71
CA ILE A 68 12.17 6.85 3.77
C ILE A 68 11.61 5.52 4.29
N VAL A 69 10.32 5.49 4.48
CA VAL A 69 9.63 4.32 4.98
C VAL A 69 9.08 3.51 3.82
N GLY A 70 9.17 2.20 3.92
CA GLY A 70 8.63 1.34 2.92
C GLY A 70 7.13 1.22 3.10
N SER A 71 6.41 1.71 2.15
CA SER A 71 4.99 1.67 2.18
C SER A 71 4.53 0.51 1.31
N GLY A 72 3.63 -0.27 1.81
CA GLY A 72 3.16 -1.42 1.07
C GLY A 72 1.78 -1.17 0.52
N PRO A 73 1.60 -1.18 -0.81
CA PRO A 73 0.31 -0.99 -1.42
C PRO A 73 -0.55 -2.23 -1.26
N ALA A 74 -1.81 -2.03 -1.04
CA ALA A 74 -2.71 -3.11 -0.91
C ALA A 74 -3.40 -3.33 -2.23
N THR A 75 -2.94 -4.30 -2.97
CA THR A 75 -3.47 -4.56 -4.28
C THR A 75 -3.79 -6.04 -4.45
N LYS A 76 -4.85 -6.32 -5.17
CA LYS A 76 -5.25 -7.68 -5.44
C LYS A 76 -5.61 -7.81 -6.88
N ASP A 77 -5.69 -9.02 -7.35
CA ASP A 77 -6.06 -9.29 -8.72
C ASP A 77 -7.55 -9.52 -8.73
N ILE A 78 -8.23 -8.92 -9.66
CA ILE A 78 -9.66 -9.06 -9.74
C ILE A 78 -10.03 -10.42 -10.32
N PRO A 79 -10.95 -11.13 -9.68
CA PRO A 79 -11.36 -12.45 -10.11
C PRO A 79 -12.54 -12.44 -11.08
N ASP A 80 -12.91 -13.62 -11.51
CA ASP A 80 -14.10 -13.81 -12.31
C ASP A 80 -15.24 -14.20 -11.40
N VAL A 81 -16.38 -13.61 -11.59
CA VAL A 81 -17.52 -13.90 -10.76
C VAL A 81 -18.83 -13.71 -11.57
N ALA A 82 -18.66 -13.66 -12.89
CA ALA A 82 -19.75 -13.41 -13.81
C ALA A 82 -20.74 -14.54 -13.83
N GLY A 83 -22.00 -14.21 -13.74
CA GLY A 83 -23.04 -15.20 -13.81
C GLY A 83 -23.84 -15.27 -12.55
N GLN A 84 -23.25 -14.86 -11.46
CA GLN A 84 -23.95 -14.84 -10.20
C GLN A 84 -24.58 -13.50 -10.02
N THR A 85 -25.35 -13.36 -8.99
CA THR A 85 -26.10 -12.15 -8.80
C THR A 85 -25.25 -11.07 -8.23
N VAL A 86 -25.67 -9.83 -8.44
CA VAL A 86 -24.92 -8.69 -8.00
C VAL A 86 -24.65 -8.72 -6.49
N ASP A 87 -25.64 -9.11 -5.70
CA ASP A 87 -25.46 -9.17 -4.25
C ASP A 87 -24.50 -10.30 -3.86
N VAL A 88 -24.59 -11.44 -4.54
CA VAL A 88 -23.73 -12.59 -4.23
C VAL A 88 -22.29 -12.31 -4.68
N ALA A 89 -22.17 -11.77 -5.86
CA ALA A 89 -20.89 -11.48 -6.46
C ALA A 89 -20.11 -10.46 -5.65
N GLN A 90 -20.77 -9.37 -5.27
CA GLN A 90 -20.10 -8.31 -4.53
C GLN A 90 -19.66 -8.82 -3.16
N LYS A 91 -20.47 -9.69 -2.56
CA LYS A 91 -20.16 -10.25 -1.26
C LYS A 91 -18.91 -11.10 -1.37
N ASN A 92 -18.91 -12.03 -2.33
CA ASN A 92 -17.78 -12.92 -2.53
C ASN A 92 -16.54 -12.17 -2.91
N LEU A 93 -16.72 -11.14 -3.71
CA LEU A 93 -15.62 -10.32 -4.16
C LEU A 93 -15.06 -9.53 -2.98
N ASN A 94 -15.94 -8.94 -2.17
CA ASN A 94 -15.54 -8.11 -1.02
C ASN A 94 -14.69 -8.87 0.00
N VAL A 95 -15.07 -10.10 0.27
CA VAL A 95 -14.38 -10.93 1.25
C VAL A 95 -12.93 -11.23 0.83
N TYR A 96 -12.68 -11.31 -0.47
CA TYR A 96 -11.36 -11.67 -0.96
C TYR A 96 -10.80 -10.58 -1.84
N GLY A 97 -11.36 -9.39 -1.78
CA GLY A 97 -10.97 -8.43 -2.78
C GLY A 97 -10.96 -6.98 -2.38
N PHE A 98 -12.02 -6.30 -2.72
CA PHE A 98 -12.02 -4.86 -2.70
C PHE A 98 -13.07 -4.30 -1.80
N THR A 99 -12.82 -3.14 -1.30
CA THR A 99 -13.68 -2.52 -0.35
C THR A 99 -14.66 -1.54 -1.01
N LYS A 100 -14.29 -0.97 -2.15
CA LYS A 100 -15.13 0.02 -2.81
C LYS A 100 -15.73 -0.57 -4.07
N PHE A 101 -17.00 -0.35 -4.26
CA PHE A 101 -17.74 -0.91 -5.38
C PHE A 101 -18.53 0.15 -6.10
N SER A 102 -18.63 0.01 -7.36
CA SER A 102 -19.48 0.80 -8.19
C SER A 102 -20.08 -0.13 -9.21
N GLN A 103 -21.30 0.12 -9.58
CA GLN A 103 -22.03 -0.77 -10.42
C GLN A 103 -22.45 -0.02 -11.65
N ALA A 104 -22.14 -0.56 -12.78
CA ALA A 104 -22.51 0.05 -14.02
C ALA A 104 -23.50 -0.85 -14.70
N SER A 105 -24.56 -0.29 -15.18
CA SER A 105 -25.60 -1.08 -15.76
C SER A 105 -25.34 -1.30 -17.24
N VAL A 106 -25.43 -2.52 -17.64
CA VAL A 106 -25.36 -2.91 -19.02
C VAL A 106 -26.65 -3.63 -19.28
N ASP A 107 -27.04 -3.80 -20.50
CA ASP A 107 -28.31 -4.43 -20.78
C ASP A 107 -28.23 -5.94 -20.66
N SER A 108 -29.18 -6.48 -19.95
CA SER A 108 -29.31 -7.91 -19.78
C SER A 108 -29.90 -8.51 -21.05
N PRO A 109 -29.58 -9.77 -21.38
CA PRO A 109 -30.17 -10.44 -22.53
C PRO A 109 -31.69 -10.62 -22.34
N ARG A 110 -32.05 -11.09 -21.16
CA ARG A 110 -33.41 -11.25 -20.67
C ARG A 110 -33.38 -11.43 -19.15
N PRO A 111 -32.68 -12.45 -18.61
CA PRO A 111 -32.49 -12.54 -17.17
C PRO A 111 -31.62 -11.38 -16.70
N ALA A 112 -31.99 -10.75 -15.62
CA ALA A 112 -31.27 -9.63 -15.10
C ALA A 112 -30.94 -9.85 -13.64
N GLY A 113 -29.93 -9.16 -13.16
CA GLY A 113 -29.55 -9.26 -11.77
C GLY A 113 -28.17 -9.86 -11.60
N GLU A 114 -27.70 -10.53 -12.63
CA GLU A 114 -26.41 -11.16 -12.62
C GLU A 114 -25.33 -10.19 -13.07
N VAL A 115 -24.18 -10.37 -12.53
CA VAL A 115 -23.06 -9.56 -12.92
C VAL A 115 -22.48 -10.12 -14.23
N THR A 116 -22.31 -9.26 -15.18
CA THR A 116 -21.79 -9.63 -16.48
C THR A 116 -20.27 -9.78 -16.38
N GLY A 117 -19.68 -8.99 -15.49
CA GLY A 117 -18.27 -9.02 -15.25
C GLY A 117 -17.84 -7.75 -14.58
N THR A 118 -16.59 -7.43 -14.71
CA THR A 118 -16.06 -6.21 -14.16
C THR A 118 -15.56 -5.35 -15.29
N ASN A 119 -15.38 -4.05 -15.06
CA ASN A 119 -14.89 -3.18 -16.14
C ASN A 119 -13.51 -3.66 -16.65
N PRO A 120 -12.49 -3.89 -15.77
CA PRO A 120 -11.23 -4.47 -16.20
C PRO A 120 -11.37 -6.00 -16.31
N PRO A 121 -10.54 -6.65 -17.14
CA PRO A 121 -10.56 -8.10 -17.29
C PRO A 121 -10.01 -8.82 -16.05
N ALA A 122 -10.51 -10.01 -15.79
CA ALA A 122 -10.09 -10.83 -14.67
C ALA A 122 -8.60 -11.09 -14.74
N GLY A 123 -7.93 -10.85 -13.66
CA GLY A 123 -6.49 -10.99 -13.65
C GLY A 123 -5.81 -9.64 -13.59
N THR A 124 -6.58 -8.58 -13.70
CA THR A 124 -6.04 -7.24 -13.55
C THR A 124 -5.84 -6.94 -12.06
N THR A 125 -4.70 -6.39 -11.71
CA THR A 125 -4.44 -6.07 -10.35
C THR A 125 -4.65 -4.56 -10.11
N VAL A 126 -5.45 -4.24 -9.12
CA VAL A 126 -5.75 -2.87 -8.74
C VAL A 126 -5.76 -2.75 -7.21
N PRO A 127 -5.64 -1.52 -6.65
CA PRO A 127 -5.65 -1.31 -5.20
C PRO A 127 -6.98 -1.70 -4.56
N VAL A 128 -6.90 -2.41 -3.45
CA VAL A 128 -8.06 -2.99 -2.76
C VAL A 128 -8.96 -1.90 -2.16
N ASP A 129 -8.38 -0.76 -1.97
CA ASP A 129 -9.03 0.38 -1.36
C ASP A 129 -9.71 1.19 -2.43
N SER A 130 -9.48 0.81 -3.65
CA SER A 130 -10.02 1.49 -4.76
C SER A 130 -11.33 0.85 -5.19
N VAL A 131 -11.95 1.42 -6.20
CA VAL A 131 -13.23 0.98 -6.66
C VAL A 131 -13.15 -0.13 -7.69
N ILE A 132 -13.80 -1.22 -7.40
CA ILE A 132 -13.99 -2.26 -8.36
C ILE A 132 -15.34 -1.99 -9.03
N GLU A 133 -15.34 -1.87 -10.33
CA GLU A 133 -16.50 -1.56 -11.04
C GLU A 133 -17.06 -2.79 -11.71
N LEU A 134 -18.25 -3.17 -11.30
CA LEU A 134 -18.91 -4.33 -11.82
C LEU A 134 -19.92 -3.93 -12.87
N GLN A 135 -19.91 -4.66 -13.96
CA GLN A 135 -20.84 -4.46 -15.03
C GLN A 135 -22.00 -5.38 -14.75
N VAL A 136 -23.11 -4.84 -14.39
CA VAL A 136 -24.25 -5.64 -14.01
C VAL A 136 -25.33 -5.66 -15.08
N SER A 137 -25.90 -6.83 -15.30
CA SER A 137 -26.94 -7.03 -16.26
C SER A 137 -28.24 -6.42 -15.75
N LYS A 138 -28.69 -5.41 -16.43
CA LYS A 138 -29.88 -4.72 -16.14
C LYS A 138 -30.81 -4.93 -17.32
N GLY A 4 34.83 18.19 20.95
CA GLY A 4 35.24 17.74 19.62
C GLY A 4 34.06 17.75 18.68
N PRO A 5 34.04 16.90 17.65
CA PRO A 5 32.93 16.83 16.70
C PRO A 5 31.64 16.33 17.36
N GLU A 6 30.53 16.67 16.77
CA GLU A 6 29.21 16.25 17.27
C GLU A 6 28.65 15.20 16.32
N GLN A 7 29.53 14.59 15.59
CA GLN A 7 29.15 13.65 14.57
C GLN A 7 29.00 12.26 15.14
N ARG A 8 27.82 11.70 15.02
CA ARG A 8 27.58 10.33 15.45
C ARG A 8 27.12 9.51 14.31
N GLU A 9 27.15 8.26 14.56
CA GLU A 9 26.81 7.28 13.54
C GLU A 9 25.33 7.09 13.51
N ILE A 10 24.77 6.94 12.32
CA ILE A 10 23.35 6.69 12.21
C ILE A 10 23.14 5.20 12.48
N PRO A 11 22.26 4.87 13.42
CA PRO A 11 21.99 3.47 13.78
C PRO A 11 21.37 2.69 12.62
N ASP A 12 21.78 1.46 12.50
CA ASP A 12 21.27 0.60 11.46
C ASP A 12 20.44 -0.51 12.07
N VAL A 13 19.32 -0.10 12.56
CA VAL A 13 18.30 -1.00 13.09
C VAL A 13 17.01 -0.67 12.34
N SER A 14 17.21 0.20 11.38
CA SER A 14 16.21 0.70 10.48
C SER A 14 15.64 -0.44 9.66
N THR A 15 16.51 -1.41 9.44
CA THR A 15 16.24 -2.61 8.74
C THR A 15 15.10 -3.38 9.42
N LEU A 16 14.95 -3.21 10.73
CA LEU A 16 13.96 -3.96 11.45
C LEU A 16 12.63 -3.25 11.51
N THR A 17 12.64 -1.95 11.80
CA THR A 17 11.40 -1.18 11.86
C THR A 17 11.75 0.32 11.81
N TYR A 18 10.83 1.14 11.27
CA TYR A 18 10.97 2.60 11.27
C TYR A 18 11.23 3.12 12.67
N ALA A 19 10.34 2.77 13.59
CA ALA A 19 10.40 3.20 14.99
C ALA A 19 11.73 2.85 15.63
N GLU A 20 12.28 1.69 15.27
CA GLU A 20 13.53 1.22 15.81
C GLU A 20 14.68 2.15 15.50
N ALA A 21 14.75 2.57 14.25
CA ALA A 21 15.78 3.51 13.81
C ALA A 21 15.59 4.82 14.49
N VAL A 22 14.35 5.27 14.54
CA VAL A 22 14.00 6.54 15.12
C VAL A 22 14.40 6.62 16.57
N LYS A 23 14.10 5.60 17.36
CA LYS A 23 14.45 5.58 18.78
C LYS A 23 15.95 5.69 18.97
N LYS A 24 16.70 4.90 18.23
CA LYS A 24 18.14 4.95 18.33
C LYS A 24 18.70 6.28 17.83
N LEU A 25 18.11 6.81 16.77
CA LEU A 25 18.53 8.08 16.20
C LEU A 25 18.21 9.22 17.18
N THR A 26 17.06 9.13 17.78
CA THR A 26 16.60 10.07 18.77
C THR A 26 17.57 10.05 19.97
N ALA A 27 17.94 8.85 20.39
CA ALA A 27 18.89 8.68 21.47
C ALA A 27 20.31 9.07 21.06
N ALA A 28 20.55 9.19 19.77
CA ALA A 28 21.87 9.58 19.26
C ALA A 28 22.05 11.09 19.33
N GLY A 29 20.96 11.79 19.53
CA GLY A 29 21.03 13.23 19.71
C GLY A 29 20.36 13.97 18.60
N PHE A 30 20.13 13.28 17.50
CA PHE A 30 19.50 13.90 16.35
C PHE A 30 18.06 14.20 16.66
N GLY A 31 17.72 15.45 16.62
CA GLY A 31 16.37 15.87 16.90
C GLY A 31 15.66 16.29 15.65
N ARG A 32 16.41 16.51 14.60
CA ARG A 32 15.82 16.92 13.37
C ARG A 32 15.90 15.80 12.34
N PHE A 33 14.75 15.30 11.99
CA PHE A 33 14.61 14.24 11.02
C PHE A 33 13.32 14.38 10.24
N LYS A 34 13.31 13.84 9.07
CA LYS A 34 12.19 13.96 8.17
C LYS A 34 11.83 12.58 7.63
N GLN A 35 10.58 12.20 7.79
CA GLN A 35 10.14 10.91 7.30
C GLN A 35 9.65 11.04 5.87
N ALA A 36 10.25 10.29 5.00
CA ALA A 36 9.84 10.22 3.62
C ALA A 36 9.43 8.78 3.35
N ASN A 37 8.56 8.57 2.41
CA ASN A 37 8.13 7.24 2.07
C ASN A 37 8.32 7.03 0.60
N SER A 38 8.62 5.83 0.21
CA SER A 38 8.83 5.52 -1.16
C SER A 38 8.14 4.19 -1.48
N PRO A 39 7.46 4.08 -2.64
CA PRO A 39 6.78 2.86 -3.04
C PRO A 39 7.80 1.75 -3.27
N SER A 40 7.64 0.70 -2.55
CA SER A 40 8.53 -0.43 -2.55
C SER A 40 7.69 -1.70 -2.57
N THR A 41 8.33 -2.84 -2.57
CA THR A 41 7.64 -4.09 -2.47
C THR A 41 6.98 -4.18 -1.08
N PRO A 42 5.77 -4.80 -1.01
CA PRO A 42 4.99 -4.98 0.23
C PRO A 42 5.82 -5.60 1.36
N GLU A 43 6.81 -6.38 0.97
CA GLU A 43 7.72 -7.03 1.91
C GLU A 43 8.46 -5.99 2.79
N LEU A 44 8.77 -4.83 2.23
CA LEU A 44 9.56 -3.82 2.94
C LEU A 44 8.73 -2.83 3.75
N VAL A 45 7.42 -3.04 3.80
CA VAL A 45 6.53 -2.16 4.56
C VAL A 45 6.87 -2.10 6.05
N GLY A 46 6.98 -0.88 6.56
CA GLY A 46 7.21 -0.66 7.97
C GLY A 46 8.67 -0.68 8.33
N LYS A 47 9.51 -0.85 7.35
CA LYS A 47 10.91 -0.91 7.56
C LYS A 47 11.59 0.19 6.80
N VAL A 48 12.70 0.62 7.30
CA VAL A 48 13.44 1.67 6.67
C VAL A 48 14.27 1.07 5.56
N ILE A 49 14.26 1.70 4.43
CA ILE A 49 15.00 1.19 3.31
C ILE A 49 16.34 1.89 3.16
N GLY A 50 16.42 3.11 3.68
CA GLY A 50 17.66 3.84 3.62
C GLY A 50 17.54 5.19 4.27
N THR A 51 18.66 5.83 4.48
CA THR A 51 18.71 7.14 5.07
C THR A 51 19.40 8.10 4.11
N ASN A 52 19.06 9.37 4.21
CA ASN A 52 19.74 10.39 3.43
C ASN A 52 21.21 10.58 3.89
N PRO A 53 21.49 10.80 5.20
CA PRO A 53 22.86 10.79 5.68
C PRO A 53 23.34 9.34 5.83
N PRO A 54 24.51 9.01 5.27
CA PRO A 54 25.05 7.67 5.33
C PRO A 54 25.39 7.25 6.75
N ALA A 55 24.92 6.08 7.12
CA ALA A 55 25.04 5.56 8.49
C ALA A 55 26.40 4.96 8.74
N ASN A 56 27.22 5.03 7.73
CA ASN A 56 28.53 4.44 7.79
C ASN A 56 29.55 5.52 8.10
N GLN A 57 29.06 6.76 8.20
CA GLN A 57 29.87 7.91 8.54
C GLN A 57 29.18 8.65 9.65
N THR A 58 29.91 9.42 10.40
CA THR A 58 29.36 10.15 11.47
C THR A 58 28.83 11.49 10.96
N SER A 59 27.58 11.76 11.20
CA SER A 59 27.00 13.01 10.79
C SER A 59 26.72 13.86 12.02
N ALA A 60 26.87 15.16 11.87
CA ALA A 60 26.68 16.09 12.96
C ALA A 60 25.22 16.19 13.32
N ILE A 61 24.95 16.54 14.57
CA ILE A 61 23.60 16.62 15.12
C ILE A 61 22.81 17.76 14.45
N THR A 62 23.52 18.71 13.89
CA THR A 62 22.93 19.84 13.22
C THR A 62 22.37 19.47 11.81
N ASN A 63 22.35 18.19 11.51
CA ASN A 63 21.88 17.71 10.23
C ASN A 63 20.45 17.22 10.33
N VAL A 64 19.69 17.40 9.29
CA VAL A 64 18.37 16.84 9.23
C VAL A 64 18.49 15.44 8.63
N VAL A 65 18.08 14.46 9.36
CA VAL A 65 18.16 13.13 8.85
C VAL A 65 16.89 12.84 8.09
N ILE A 66 17.02 12.59 6.83
CA ILE A 66 15.87 12.22 6.05
C ILE A 66 15.83 10.73 6.02
N ILE A 67 14.83 10.18 6.62
CA ILE A 67 14.68 8.77 6.71
C ILE A 67 13.59 8.30 5.75
N ILE A 68 13.93 7.32 4.93
CA ILE A 68 13.03 6.84 3.90
C ILE A 68 12.44 5.48 4.29
N VAL A 69 11.13 5.43 4.40
CA VAL A 69 10.41 4.23 4.78
C VAL A 69 9.87 3.54 3.51
N GLY A 70 9.83 2.23 3.53
CA GLY A 70 9.26 1.50 2.44
C GLY A 70 7.77 1.32 2.61
N SER A 71 7.02 1.76 1.64
CA SER A 71 5.58 1.61 1.65
C SER A 71 5.16 0.86 0.37
N GLY A 72 4.25 -0.08 0.48
CA GLY A 72 3.88 -0.89 -0.66
C GLY A 72 2.58 -0.43 -1.30
N PRO A 73 2.47 -0.53 -2.65
CA PRO A 73 1.25 -0.15 -3.37
C PRO A 73 0.12 -1.12 -3.11
N ALA A 74 -0.92 -0.62 -2.50
CA ALA A 74 -2.05 -1.40 -2.10
C ALA A 74 -2.88 -1.83 -3.30
N THR A 75 -2.63 -3.02 -3.76
CA THR A 75 -3.26 -3.58 -4.94
C THR A 75 -3.70 -5.03 -4.69
N LYS A 76 -4.72 -5.49 -5.42
CA LYS A 76 -5.18 -6.85 -5.28
C LYS A 76 -5.77 -7.33 -6.61
N ASP A 77 -5.67 -8.61 -6.87
CA ASP A 77 -6.27 -9.24 -8.04
C ASP A 77 -7.67 -9.71 -7.70
N ILE A 78 -8.58 -9.51 -8.62
CA ILE A 78 -9.98 -9.86 -8.43
C ILE A 78 -10.32 -11.24 -9.02
N PRO A 79 -11.12 -12.05 -8.30
CA PRO A 79 -11.61 -13.32 -8.84
C PRO A 79 -12.87 -13.11 -9.71
N ASP A 80 -13.30 -14.15 -10.38
CA ASP A 80 -14.51 -14.07 -11.18
C ASP A 80 -15.72 -14.34 -10.32
N VAL A 81 -16.70 -13.51 -10.46
CA VAL A 81 -17.89 -13.60 -9.68
C VAL A 81 -19.11 -13.35 -10.59
N ALA A 82 -18.87 -13.34 -11.88
CA ALA A 82 -19.92 -13.07 -12.82
C ALA A 82 -20.70 -14.34 -13.13
N GLY A 83 -21.93 -14.20 -13.54
CA GLY A 83 -22.77 -15.33 -13.81
C GLY A 83 -23.64 -15.62 -12.63
N GLN A 84 -23.29 -14.99 -11.54
CA GLN A 84 -24.01 -15.12 -10.32
C GLN A 84 -25.01 -13.98 -10.25
N THR A 85 -25.79 -13.90 -9.22
CA THR A 85 -26.78 -12.89 -9.15
C THR A 85 -26.12 -11.63 -8.61
N VAL A 86 -26.66 -10.46 -8.91
CA VAL A 86 -26.07 -9.19 -8.52
C VAL A 86 -25.84 -9.11 -7.01
N ASP A 87 -26.82 -9.54 -6.24
CA ASP A 87 -26.71 -9.50 -4.80
C ASP A 87 -25.67 -10.50 -4.27
N VAL A 88 -25.65 -11.71 -4.83
CA VAL A 88 -24.75 -12.73 -4.30
C VAL A 88 -23.32 -12.47 -4.74
N ALA A 89 -23.18 -11.96 -5.93
CA ALA A 89 -21.89 -11.64 -6.47
C ALA A 89 -21.23 -10.55 -5.67
N GLN A 90 -21.95 -9.47 -5.39
CA GLN A 90 -21.39 -8.33 -4.68
C GLN A 90 -20.98 -8.73 -3.27
N LYS A 91 -21.75 -9.62 -2.66
CA LYS A 91 -21.45 -10.09 -1.33
C LYS A 91 -20.13 -10.85 -1.32
N ASN A 92 -19.99 -11.80 -2.26
CA ASN A 92 -18.77 -12.58 -2.37
C ASN A 92 -17.60 -11.69 -2.74
N LEU A 93 -17.82 -10.84 -3.72
CA LEU A 93 -16.83 -9.94 -4.24
C LEU A 93 -16.36 -8.98 -3.16
N ASN A 94 -17.25 -8.53 -2.29
CA ASN A 94 -16.90 -7.63 -1.19
C ASN A 94 -15.84 -8.27 -0.29
N VAL A 95 -16.00 -9.55 -0.07
CA VAL A 95 -15.09 -10.30 0.77
C VAL A 95 -13.75 -10.56 0.05
N TYR A 96 -13.78 -10.76 -1.27
CA TYR A 96 -12.56 -11.14 -2.01
C TYR A 96 -12.08 -10.04 -2.92
N GLY A 97 -12.64 -8.90 -2.75
CA GLY A 97 -12.35 -7.79 -3.58
C GLY A 97 -12.09 -6.55 -2.79
N PHE A 98 -12.98 -5.59 -2.90
CA PHE A 98 -12.77 -4.29 -2.31
C PHE A 98 -14.00 -3.86 -1.55
N THR A 99 -13.96 -2.67 -1.02
CA THR A 99 -15.06 -2.13 -0.27
C THR A 99 -15.77 -1.04 -1.10
N LYS A 100 -15.18 -0.69 -2.22
CA LYS A 100 -15.70 0.37 -3.07
C LYS A 100 -16.29 -0.23 -4.34
N PHE A 101 -17.59 -0.06 -4.51
CA PHE A 101 -18.32 -0.64 -5.63
C PHE A 101 -19.09 0.39 -6.41
N SER A 102 -19.26 0.11 -7.65
CA SER A 102 -20.12 0.86 -8.52
C SER A 102 -20.88 -0.14 -9.35
N GLN A 103 -22.05 0.23 -9.79
CA GLN A 103 -22.91 -0.70 -10.47
C GLN A 103 -23.24 -0.17 -11.83
N ALA A 104 -23.10 -0.99 -12.83
CA ALA A 104 -23.38 -0.60 -14.18
C ALA A 104 -24.49 -1.48 -14.72
N SER A 105 -25.46 -0.87 -15.30
CA SER A 105 -26.56 -1.56 -15.88
C SER A 105 -26.28 -1.79 -17.38
N VAL A 106 -26.26 -3.03 -17.78
CA VAL A 106 -26.00 -3.39 -19.18
C VAL A 106 -27.18 -4.18 -19.68
N ASP A 107 -27.35 -4.31 -20.97
CA ASP A 107 -28.53 -4.99 -21.47
C ASP A 107 -28.45 -6.48 -21.50
N SER A 108 -29.55 -7.05 -21.17
CA SER A 108 -29.72 -8.44 -21.06
C SER A 108 -30.32 -8.99 -22.36
N PRO A 109 -29.93 -10.19 -22.80
CA PRO A 109 -30.61 -10.84 -23.89
C PRO A 109 -31.93 -11.42 -23.35
N ARG A 110 -31.83 -12.44 -22.53
CA ARG A 110 -32.97 -12.95 -21.78
C ARG A 110 -32.78 -12.83 -20.25
N PRO A 111 -31.73 -13.46 -19.62
CA PRO A 111 -31.53 -13.36 -18.17
C PRO A 111 -31.11 -11.95 -17.75
N ALA A 112 -31.71 -11.48 -16.68
CA ALA A 112 -31.48 -10.15 -16.18
C ALA A 112 -31.41 -10.19 -14.68
N GLY A 113 -30.33 -9.74 -14.13
CA GLY A 113 -30.12 -9.79 -12.70
C GLY A 113 -28.83 -10.48 -12.41
N GLU A 114 -28.37 -11.21 -13.40
CA GLU A 114 -27.10 -11.87 -13.35
C GLU A 114 -25.99 -10.88 -13.63
N VAL A 115 -24.89 -11.09 -13.03
CA VAL A 115 -23.74 -10.28 -13.27
C VAL A 115 -23.16 -10.70 -14.61
N THR A 116 -23.19 -9.79 -15.54
CA THR A 116 -22.73 -10.03 -16.87
C THR A 116 -21.19 -9.97 -16.91
N GLY A 117 -20.63 -9.24 -15.96
CA GLY A 117 -19.21 -9.16 -15.84
C GLY A 117 -18.83 -8.07 -14.88
N THR A 118 -17.58 -7.85 -14.76
CA THR A 118 -17.07 -6.80 -13.96
C THR A 118 -16.29 -5.88 -14.87
N ASN A 119 -16.10 -4.64 -14.47
CA ASN A 119 -15.38 -3.69 -15.33
C ASN A 119 -13.95 -4.19 -15.64
N PRO A 120 -13.11 -4.54 -14.63
CA PRO A 120 -11.83 -5.15 -14.90
C PRO A 120 -12.02 -6.68 -15.01
N PRO A 121 -11.23 -7.36 -15.84
CA PRO A 121 -11.32 -8.81 -15.97
C PRO A 121 -10.80 -9.54 -14.74
N ALA A 122 -11.32 -10.74 -14.52
CA ALA A 122 -10.89 -11.56 -13.42
C ALA A 122 -9.43 -11.93 -13.61
N GLY A 123 -8.64 -11.73 -12.59
CA GLY A 123 -7.23 -11.99 -12.68
C GLY A 123 -6.42 -10.72 -12.75
N THR A 124 -7.08 -9.63 -13.11
CA THR A 124 -6.45 -8.35 -13.19
C THR A 124 -6.21 -7.78 -11.78
N THR A 125 -5.01 -7.31 -11.55
CA THR A 125 -4.66 -6.68 -10.31
C THR A 125 -4.92 -5.18 -10.42
N VAL A 126 -5.71 -4.65 -9.54
CA VAL A 126 -6.01 -3.24 -9.52
C VAL A 126 -5.83 -2.70 -8.10
N PRO A 127 -5.68 -1.37 -7.92
CA PRO A 127 -5.52 -0.77 -6.59
C PRO A 127 -6.74 -1.01 -5.70
N VAL A 128 -6.47 -1.39 -4.46
CA VAL A 128 -7.53 -1.68 -3.48
C VAL A 128 -8.26 -0.40 -3.11
N ASP A 129 -7.60 0.69 -3.37
CA ASP A 129 -8.02 2.02 -3.02
C ASP A 129 -9.03 2.51 -4.05
N SER A 130 -9.09 1.79 -5.14
CA SER A 130 -9.92 2.14 -6.25
C SER A 130 -11.29 1.47 -6.18
N VAL A 131 -12.18 1.90 -7.04
CA VAL A 131 -13.55 1.44 -7.03
C VAL A 131 -13.75 0.40 -8.14
N ILE A 132 -14.39 -0.70 -7.81
CA ILE A 132 -14.65 -1.72 -8.78
C ILE A 132 -16.11 -1.66 -9.23
N GLU A 133 -16.32 -1.81 -10.52
CA GLU A 133 -17.61 -1.74 -11.08
C GLU A 133 -18.12 -3.14 -11.43
N LEU A 134 -19.31 -3.43 -10.99
CA LEU A 134 -19.98 -4.65 -11.29
C LEU A 134 -21.02 -4.35 -12.36
N GLN A 135 -20.97 -5.10 -13.42
CA GLN A 135 -21.82 -4.88 -14.56
C GLN A 135 -22.94 -5.90 -14.58
N VAL A 136 -24.10 -5.44 -14.24
CA VAL A 136 -25.27 -6.28 -14.09
C VAL A 136 -26.27 -6.08 -15.22
N SER A 137 -26.81 -7.17 -15.70
CA SER A 137 -27.83 -7.17 -16.71
C SER A 137 -29.11 -6.50 -16.17
N LYS A 138 -29.56 -5.47 -16.85
CA LYS A 138 -30.69 -4.70 -16.42
C LYS A 138 -32.00 -5.24 -16.97
N GLY A 4 32.03 16.56 21.96
CA GLY A 4 32.58 15.50 21.15
C GLY A 4 32.06 15.60 19.75
N PRO A 5 31.79 14.49 19.07
CA PRO A 5 31.28 14.51 17.71
C PRO A 5 29.87 15.11 17.65
N GLU A 6 29.65 16.02 16.73
CA GLU A 6 28.35 16.63 16.55
C GLU A 6 27.57 15.89 15.51
N GLN A 7 28.21 14.94 14.92
CA GLN A 7 27.63 14.11 13.94
C GLN A 7 27.56 12.70 14.47
N ARG A 8 26.44 12.10 14.31
CA ARG A 8 26.23 10.78 14.77
C ARG A 8 25.87 9.90 13.59
N GLU A 9 26.01 8.63 13.76
CA GLU A 9 25.76 7.66 12.71
C GLU A 9 24.27 7.35 12.64
N ILE A 10 23.76 7.17 11.43
CA ILE A 10 22.37 6.80 11.26
C ILE A 10 22.29 5.29 11.53
N PRO A 11 21.34 4.84 12.38
CA PRO A 11 21.17 3.42 12.72
C PRO A 11 21.03 2.51 11.51
N ASP A 12 21.65 1.35 11.61
CA ASP A 12 21.63 0.35 10.56
C ASP A 12 20.44 -0.61 10.76
N VAL A 13 19.71 -0.39 11.84
CA VAL A 13 18.54 -1.21 12.19
C VAL A 13 17.31 -0.76 11.38
N SER A 14 17.55 0.12 10.44
CA SER A 14 16.59 0.68 9.55
C SER A 14 15.94 -0.40 8.69
N THR A 15 16.76 -1.29 8.24
CA THR A 15 16.36 -2.43 7.46
C THR A 15 15.51 -3.39 8.26
N LEU A 16 15.67 -3.39 9.58
CA LEU A 16 15.01 -4.37 10.40
C LEU A 16 13.56 -3.98 10.62
N THR A 17 13.32 -2.70 10.95
CA THR A 17 11.96 -2.14 11.05
C THR A 17 12.09 -0.63 11.20
N TYR A 18 11.13 0.12 10.65
CA TYR A 18 10.99 1.56 10.85
C TYR A 18 11.04 1.90 12.35
N ALA A 19 10.25 1.19 13.12
CA ALA A 19 10.17 1.36 14.56
C ALA A 19 11.53 1.18 15.24
N GLU A 20 12.34 0.25 14.72
CA GLU A 20 13.67 0.02 15.28
C GLU A 20 14.59 1.17 14.99
N ALA A 21 14.49 1.69 13.77
CA ALA A 21 15.26 2.81 13.32
C ALA A 21 14.99 4.02 14.18
N VAL A 22 13.70 4.26 14.42
CA VAL A 22 13.24 5.40 15.20
C VAL A 22 13.83 5.39 16.60
N LYS A 23 13.77 4.26 17.28
CA LYS A 23 14.26 4.17 18.66
C LYS A 23 15.74 4.46 18.72
N LYS A 24 16.49 3.79 17.85
CA LYS A 24 17.92 3.92 17.86
C LYS A 24 18.36 5.31 17.43
N LEU A 25 17.66 5.88 16.45
CA LEU A 25 17.95 7.22 15.94
C LEU A 25 17.61 8.26 17.00
N THR A 26 16.50 8.03 17.68
CA THR A 26 16.06 8.88 18.77
C THR A 26 17.12 8.87 19.89
N ALA A 27 17.60 7.69 20.22
CA ALA A 27 18.65 7.51 21.21
C ALA A 27 20.00 8.01 20.69
N ALA A 28 20.10 8.20 19.38
CA ALA A 28 21.33 8.66 18.76
C ALA A 28 21.46 10.17 18.92
N GLY A 29 20.37 10.82 19.29
CA GLY A 29 20.44 12.22 19.63
C GLY A 29 19.92 13.14 18.56
N PHE A 30 19.58 12.59 17.42
CA PHE A 30 19.06 13.39 16.32
C PHE A 30 17.77 14.08 16.68
N GLY A 31 17.64 15.31 16.27
CA GLY A 31 16.44 16.05 16.56
C GLY A 31 15.73 16.56 15.34
N ARG A 32 16.29 16.34 14.17
CA ARG A 32 15.70 16.83 12.96
C ARG A 32 15.37 15.65 12.06
N PHE A 33 14.10 15.44 11.80
CA PHE A 33 13.64 14.29 11.03
C PHE A 33 12.65 14.73 9.97
N LYS A 34 12.61 14.00 8.91
CA LYS A 34 11.60 14.16 7.92
C LYS A 34 11.22 12.77 7.50
N GLN A 35 9.98 12.43 7.62
CA GLN A 35 9.54 11.11 7.28
C GLN A 35 8.88 11.11 5.92
N ALA A 36 9.23 10.15 5.12
CA ALA A 36 8.65 9.98 3.82
C ALA A 36 8.29 8.53 3.62
N ASN A 37 7.36 8.27 2.77
CA ASN A 37 6.94 6.91 2.48
C ASN A 37 6.85 6.77 1.00
N SER A 38 7.31 5.67 0.50
CA SER A 38 7.33 5.44 -0.91
C SER A 38 6.83 4.04 -1.20
N PRO A 39 6.07 3.83 -2.30
CA PRO A 39 5.61 2.51 -2.68
C PRO A 39 6.80 1.64 -3.03
N SER A 40 6.91 0.55 -2.35
CA SER A 40 8.04 -0.31 -2.44
C SER A 40 7.57 -1.74 -2.56
N THR A 41 8.51 -2.64 -2.67
CA THR A 41 8.27 -4.04 -2.74
C THR A 41 7.54 -4.49 -1.45
N PRO A 42 6.48 -5.31 -1.61
CA PRO A 42 5.62 -5.76 -0.51
C PRO A 42 6.35 -6.34 0.70
N GLU A 43 7.51 -6.95 0.51
CA GLU A 43 8.24 -7.51 1.65
C GLU A 43 8.93 -6.44 2.49
N LEU A 44 9.18 -5.29 1.89
CA LEU A 44 9.89 -4.21 2.57
C LEU A 44 8.94 -3.25 3.25
N VAL A 45 7.64 -3.57 3.25
CA VAL A 45 6.69 -2.74 3.96
C VAL A 45 7.02 -2.72 5.46
N GLY A 46 7.13 -1.54 6.01
CA GLY A 46 7.40 -1.38 7.41
C GLY A 46 8.87 -1.26 7.72
N LYS A 47 9.71 -1.43 6.73
CA LYS A 47 11.13 -1.32 6.93
C LYS A 47 11.61 -0.07 6.24
N VAL A 48 12.72 0.43 6.67
CA VAL A 48 13.29 1.59 6.06
C VAL A 48 14.06 1.14 4.84
N ILE A 49 13.81 1.76 3.71
CA ILE A 49 14.50 1.37 2.50
C ILE A 49 15.67 2.28 2.26
N GLY A 50 15.63 3.44 2.88
CA GLY A 50 16.70 4.34 2.75
C GLY A 50 16.47 5.61 3.50
N THR A 51 17.53 6.23 3.85
CA THR A 51 17.52 7.51 4.47
C THR A 51 18.27 8.43 3.54
N ASN A 52 17.99 9.70 3.59
CA ASN A 52 18.74 10.65 2.77
C ASN A 52 20.22 10.68 3.22
N PRO A 53 20.55 10.95 4.52
CA PRO A 53 21.92 10.85 4.97
C PRO A 53 22.29 9.38 5.16
N PRO A 54 23.39 8.93 4.55
CA PRO A 54 23.80 7.53 4.62
C PRO A 54 24.19 7.11 6.05
N ALA A 55 23.85 5.88 6.38
CA ALA A 55 24.07 5.32 7.72
C ALA A 55 25.49 4.83 7.87
N ASN A 56 26.25 5.08 6.86
CA ASN A 56 27.63 4.71 6.82
C ASN A 56 28.49 5.93 7.11
N GLN A 57 27.85 7.08 7.15
CA GLN A 57 28.51 8.32 7.47
C GLN A 57 27.82 8.94 8.67
N THR A 58 28.43 9.94 9.27
CA THR A 58 27.85 10.60 10.38
C THR A 58 27.15 11.87 9.92
N SER A 59 26.05 12.20 10.53
CA SER A 59 25.33 13.41 10.22
C SER A 59 25.05 14.17 11.51
N ALA A 60 25.03 15.49 11.44
CA ALA A 60 24.85 16.37 12.61
C ALA A 60 23.60 16.04 13.43
N ILE A 61 23.65 16.37 14.71
CA ILE A 61 22.57 16.14 15.67
C ILE A 61 21.29 16.85 15.19
N THR A 62 21.47 17.95 14.53
CA THR A 62 20.35 18.67 13.99
C THR A 62 20.45 18.72 12.44
N ASN A 63 20.93 17.64 11.87
CA ASN A 63 20.95 17.47 10.41
C ASN A 63 19.63 16.85 10.08
N VAL A 64 19.05 17.17 8.95
CA VAL A 64 17.76 16.63 8.67
C VAL A 64 17.85 15.25 8.06
N VAL A 65 17.42 14.27 8.81
CA VAL A 65 17.42 12.94 8.31
C VAL A 65 16.08 12.70 7.66
N ILE A 66 16.11 12.43 6.39
CA ILE A 66 14.91 12.07 5.69
C ILE A 66 14.86 10.58 5.67
N ILE A 67 13.91 10.04 6.36
CA ILE A 67 13.76 8.63 6.47
C ILE A 67 12.61 8.16 5.58
N ILE A 68 12.94 7.32 4.62
CA ILE A 68 11.95 6.83 3.69
C ILE A 68 11.52 5.42 4.11
N VAL A 69 10.25 5.26 4.37
CA VAL A 69 9.70 4.00 4.79
C VAL A 69 9.16 3.24 3.57
N GLY A 70 9.49 1.98 3.49
CA GLY A 70 8.99 1.16 2.43
C GLY A 70 7.54 0.85 2.68
N SER A 71 6.69 1.32 1.81
CA SER A 71 5.29 1.11 1.94
C SER A 71 4.81 0.21 0.81
N GLY A 72 4.07 -0.82 1.15
CA GLY A 72 3.60 -1.77 0.16
C GLY A 72 2.26 -1.35 -0.41
N PRO A 73 2.10 -1.34 -1.74
CA PRO A 73 0.84 -0.94 -2.40
C PRO A 73 -0.30 -1.92 -2.08
N ALA A 74 -1.37 -1.38 -1.53
CA ALA A 74 -2.54 -2.15 -1.19
C ALA A 74 -3.31 -2.45 -2.47
N THR A 75 -3.06 -3.60 -2.99
CA THR A 75 -3.59 -4.01 -4.25
C THR A 75 -4.18 -5.40 -4.15
N LYS A 76 -5.08 -5.73 -5.02
CA LYS A 76 -5.74 -7.01 -4.99
C LYS A 76 -6.09 -7.41 -6.40
N ASP A 77 -5.91 -8.67 -6.68
CA ASP A 77 -6.34 -9.21 -7.94
C ASP A 77 -7.76 -9.67 -7.76
N ILE A 78 -8.59 -9.37 -8.72
CA ILE A 78 -9.99 -9.67 -8.61
C ILE A 78 -10.30 -11.13 -8.99
N PRO A 79 -11.14 -11.79 -8.19
CA PRO A 79 -11.56 -13.17 -8.45
C PRO A 79 -12.81 -13.23 -9.33
N ASP A 80 -13.31 -14.43 -9.55
CA ASP A 80 -14.51 -14.63 -10.33
C ASP A 80 -15.73 -14.60 -9.43
N VAL A 81 -16.35 -13.45 -9.34
CA VAL A 81 -17.57 -13.31 -8.57
C VAL A 81 -18.74 -13.14 -9.51
N ALA A 82 -18.40 -13.08 -10.78
CA ALA A 82 -19.34 -12.92 -11.86
C ALA A 82 -20.20 -14.15 -11.98
N GLY A 83 -21.47 -13.96 -12.18
CA GLY A 83 -22.37 -15.08 -12.28
C GLY A 83 -23.22 -15.20 -11.06
N GLN A 84 -22.81 -14.54 -9.99
CA GLN A 84 -23.59 -14.53 -8.79
C GLN A 84 -24.40 -13.26 -8.75
N THR A 85 -25.11 -13.05 -7.67
CA THR A 85 -26.03 -11.93 -7.63
C THR A 85 -25.24 -10.66 -7.37
N VAL A 86 -25.79 -9.53 -7.79
CA VAL A 86 -25.16 -8.24 -7.61
C VAL A 86 -24.79 -7.98 -6.15
N ASP A 87 -25.70 -8.26 -5.25
CA ASP A 87 -25.47 -8.06 -3.82
C ASP A 87 -24.44 -9.04 -3.25
N VAL A 88 -24.52 -10.31 -3.65
CA VAL A 88 -23.63 -11.31 -3.06
C VAL A 88 -22.21 -11.19 -3.61
N ALA A 89 -22.09 -10.88 -4.88
CA ALA A 89 -20.80 -10.73 -5.52
C ALA A 89 -20.04 -9.55 -4.94
N GLN A 90 -20.72 -8.42 -4.75
CA GLN A 90 -20.08 -7.23 -4.20
C GLN A 90 -19.62 -7.48 -2.78
N LYS A 91 -20.41 -8.26 -2.01
CA LYS A 91 -20.04 -8.62 -0.67
C LYS A 91 -18.73 -9.37 -0.61
N ASN A 92 -18.61 -10.41 -1.43
CA ASN A 92 -17.38 -11.22 -1.45
C ASN A 92 -16.21 -10.39 -1.87
N LEU A 93 -16.43 -9.52 -2.82
CA LEU A 93 -15.39 -8.66 -3.31
C LEU A 93 -14.99 -7.65 -2.23
N ASN A 94 -15.97 -7.05 -1.59
CA ASN A 94 -15.78 -6.05 -0.53
C ASN A 94 -14.99 -6.61 0.64
N VAL A 95 -15.39 -7.78 1.10
CA VAL A 95 -14.77 -8.43 2.25
C VAL A 95 -13.28 -8.72 2.03
N TYR A 96 -12.88 -8.92 0.78
CA TYR A 96 -11.49 -9.28 0.53
C TYR A 96 -10.84 -8.30 -0.41
N GLY A 97 -11.47 -7.18 -0.64
CA GLY A 97 -10.96 -6.35 -1.68
C GLY A 97 -11.25 -4.88 -1.57
N PHE A 98 -12.36 -4.48 -2.13
CA PHE A 98 -12.61 -3.08 -2.41
C PHE A 98 -13.80 -2.59 -1.64
N THR A 99 -13.80 -1.33 -1.34
CA THR A 99 -14.87 -0.76 -0.59
C THR A 99 -15.76 0.13 -1.48
N LYS A 100 -15.17 0.64 -2.55
CA LYS A 100 -15.85 1.56 -3.44
C LYS A 100 -16.16 0.86 -4.75
N PHE A 101 -17.42 0.88 -5.13
CA PHE A 101 -17.89 0.18 -6.32
C PHE A 101 -18.66 1.12 -7.23
N SER A 102 -18.51 0.93 -8.50
CA SER A 102 -19.27 1.61 -9.51
C SER A 102 -19.96 0.54 -10.33
N GLN A 103 -21.09 0.86 -10.93
CA GLN A 103 -21.81 -0.14 -11.67
C GLN A 103 -22.10 0.33 -13.08
N ALA A 104 -21.78 -0.49 -14.02
CA ALA A 104 -22.01 -0.23 -15.41
C ALA A 104 -22.95 -1.29 -15.91
N SER A 105 -23.83 -0.94 -16.78
CA SER A 105 -24.82 -1.86 -17.24
C SER A 105 -24.46 -2.42 -18.61
N VAL A 106 -24.62 -3.71 -18.77
CA VAL A 106 -24.41 -4.38 -20.05
C VAL A 106 -25.70 -5.07 -20.43
N ASP A 107 -25.98 -5.20 -21.70
CA ASP A 107 -27.26 -5.72 -22.14
C ASP A 107 -27.28 -7.22 -22.01
N SER A 108 -28.17 -7.70 -21.18
CA SER A 108 -28.19 -9.09 -20.79
C SER A 108 -29.05 -9.97 -21.71
N PRO A 109 -28.84 -11.32 -21.64
CA PRO A 109 -29.71 -12.31 -22.30
C PRO A 109 -31.06 -12.39 -21.55
N ARG A 110 -31.59 -13.57 -21.35
CA ARG A 110 -32.85 -13.70 -20.62
C ARG A 110 -32.72 -13.34 -19.10
N PRO A 111 -31.77 -13.95 -18.32
CA PRO A 111 -31.64 -13.62 -16.90
C PRO A 111 -30.93 -12.27 -16.70
N ALA A 112 -31.26 -11.60 -15.61
CA ALA A 112 -30.64 -10.34 -15.24
C ALA A 112 -30.63 -10.23 -13.73
N GLY A 113 -29.61 -9.61 -13.19
CA GLY A 113 -29.49 -9.45 -11.76
C GLY A 113 -28.16 -9.96 -11.25
N GLU A 114 -27.54 -10.80 -12.03
CA GLU A 114 -26.24 -11.34 -11.71
C GLU A 114 -25.16 -10.41 -12.21
N VAL A 115 -24.05 -10.36 -11.53
CA VAL A 115 -22.95 -9.54 -11.98
C VAL A 115 -22.34 -10.26 -13.14
N THR A 116 -22.41 -9.64 -14.28
CA THR A 116 -21.94 -10.22 -15.50
C THR A 116 -20.41 -10.25 -15.50
N GLY A 117 -19.82 -9.26 -14.89
CA GLY A 117 -18.39 -9.20 -14.79
C GLY A 117 -17.96 -7.91 -14.19
N THR A 118 -16.72 -7.61 -14.31
CA THR A 118 -16.17 -6.38 -13.85
C THR A 118 -15.48 -5.71 -15.02
N ASN A 119 -15.23 -4.41 -14.94
CA ASN A 119 -14.57 -3.73 -16.05
C ASN A 119 -13.17 -4.34 -16.33
N PRO A 120 -12.28 -4.50 -15.31
CA PRO A 120 -11.04 -5.22 -15.50
C PRO A 120 -11.35 -6.73 -15.49
N PRO A 121 -10.65 -7.55 -16.29
CA PRO A 121 -10.86 -9.00 -16.31
C PRO A 121 -10.38 -9.68 -15.02
N ALA A 122 -10.99 -10.80 -14.66
CA ALA A 122 -10.61 -11.58 -13.49
C ALA A 122 -9.13 -11.95 -13.55
N GLY A 123 -8.46 -11.84 -12.43
CA GLY A 123 -7.05 -12.12 -12.38
C GLY A 123 -6.22 -10.86 -12.39
N THR A 124 -6.80 -9.78 -12.85
CA THR A 124 -6.10 -8.50 -12.92
C THR A 124 -5.94 -7.89 -11.50
N THR A 125 -4.75 -7.39 -11.21
CA THR A 125 -4.47 -6.76 -9.94
C THR A 125 -4.61 -5.25 -10.08
N VAL A 126 -5.46 -4.68 -9.27
CA VAL A 126 -5.70 -3.25 -9.28
C VAL A 126 -5.61 -2.72 -7.84
N PRO A 127 -5.48 -1.39 -7.62
CA PRO A 127 -5.38 -0.83 -6.29
C PRO A 127 -6.71 -0.89 -5.58
N VAL A 128 -6.69 -1.34 -4.33
CA VAL A 128 -7.90 -1.44 -3.52
C VAL A 128 -8.43 -0.06 -3.16
N ASP A 129 -7.54 0.90 -3.25
CA ASP A 129 -7.83 2.30 -2.96
C ASP A 129 -8.64 2.94 -4.08
N SER A 130 -8.65 2.27 -5.22
CA SER A 130 -9.33 2.79 -6.38
C SER A 130 -10.71 2.13 -6.47
N VAL A 131 -11.59 2.74 -7.22
CA VAL A 131 -12.96 2.28 -7.33
C VAL A 131 -13.06 1.26 -8.46
N ILE A 132 -13.73 0.16 -8.21
CA ILE A 132 -13.88 -0.85 -9.22
C ILE A 132 -15.30 -0.83 -9.82
N GLU A 133 -15.38 -1.03 -11.11
CA GLU A 133 -16.60 -0.98 -11.82
C GLU A 133 -17.10 -2.38 -12.14
N LEU A 134 -18.28 -2.68 -11.68
CA LEU A 134 -18.95 -3.95 -11.88
C LEU A 134 -19.95 -3.83 -13.01
N GLN A 135 -19.93 -4.79 -13.88
CA GLN A 135 -20.82 -4.84 -15.02
C GLN A 135 -22.04 -5.65 -14.61
N VAL A 136 -23.13 -4.97 -14.45
CA VAL A 136 -24.38 -5.56 -14.03
C VAL A 136 -25.31 -5.75 -15.23
N SER A 137 -25.98 -6.88 -15.26
CA SER A 137 -26.87 -7.23 -16.32
C SER A 137 -28.12 -6.32 -16.41
N LYS A 138 -28.22 -5.68 -17.54
CA LYS A 138 -29.30 -4.81 -17.90
C LYS A 138 -30.38 -5.64 -18.58
N GLY A 4 34.18 17.68 20.10
CA GLY A 4 34.17 16.42 19.40
C GLY A 4 33.47 16.56 18.07
N PRO A 5 33.13 15.46 17.40
CA PRO A 5 32.44 15.51 16.12
C PRO A 5 31.01 16.02 16.26
N GLU A 6 30.48 16.55 15.20
CA GLU A 6 29.12 17.07 15.17
C GLU A 6 28.24 16.05 14.46
N GLN A 7 28.85 14.94 14.15
CA GLN A 7 28.24 13.87 13.45
C GLN A 7 27.98 12.71 14.38
N ARG A 8 26.84 12.11 14.26
CA ARG A 8 26.48 10.97 15.05
C ARG A 8 26.07 9.85 14.11
N GLU A 9 26.17 8.64 14.57
CA GLU A 9 25.89 7.44 13.78
C GLU A 9 24.39 7.13 13.76
N ILE A 10 23.89 6.68 12.62
CA ILE A 10 22.47 6.35 12.51
C ILE A 10 22.27 4.91 13.01
N PRO A 11 21.44 4.70 14.03
CA PRO A 11 21.18 3.38 14.57
C PRO A 11 20.32 2.53 13.61
N ASP A 12 20.62 1.26 13.56
CA ASP A 12 19.90 0.31 12.69
C ASP A 12 18.65 -0.22 13.35
N VAL A 13 18.05 0.60 14.17
CA VAL A 13 16.77 0.26 14.75
C VAL A 13 15.67 0.64 13.75
N SER A 14 16.11 1.39 12.75
CA SER A 14 15.29 1.82 11.64
C SER A 14 14.77 0.58 10.90
N THR A 15 15.63 -0.41 10.84
CA THR A 15 15.36 -1.68 10.25
C THR A 15 14.13 -2.35 10.91
N LEU A 16 13.87 -2.00 12.19
CA LEU A 16 12.79 -2.63 12.92
C LEU A 16 11.47 -1.93 12.61
N THR A 17 11.44 -0.60 12.66
CA THR A 17 10.22 0.16 12.37
C THR A 17 10.57 1.63 12.16
N TYR A 18 9.79 2.33 11.32
CA TYR A 18 9.90 3.78 11.10
C TYR A 18 9.88 4.53 12.43
N ALA A 19 8.93 4.14 13.28
CA ALA A 19 8.76 4.73 14.60
C ALA A 19 10.04 4.61 15.42
N GLU A 20 10.69 3.47 15.31
CA GLU A 20 11.89 3.23 16.05
C GLU A 20 13.03 4.05 15.54
N ALA A 21 13.07 4.22 14.23
CA ALA A 21 14.09 5.02 13.56
C ALA A 21 14.01 6.45 14.03
N VAL A 22 12.81 7.00 13.94
CA VAL A 22 12.60 8.40 14.25
C VAL A 22 12.84 8.70 15.72
N LYS A 23 12.22 7.93 16.59
CA LYS A 23 12.31 8.18 18.02
C LYS A 23 13.72 8.06 18.55
N LYS A 24 14.43 7.01 18.15
CA LYS A 24 15.80 6.84 18.63
C LYS A 24 16.72 7.91 18.06
N LEU A 25 16.53 8.22 16.79
CA LEU A 25 17.37 9.21 16.12
C LEU A 25 17.08 10.60 16.69
N THR A 26 15.83 10.83 17.06
CA THR A 26 15.40 12.04 17.73
C THR A 26 16.19 12.19 19.05
N ALA A 27 16.27 11.08 19.79
CA ALA A 27 16.98 11.05 21.07
C ALA A 27 18.49 11.16 20.86
N ALA A 28 18.95 10.92 19.63
CA ALA A 28 20.35 11.02 19.32
C ALA A 28 20.73 12.47 19.03
N GLY A 29 19.74 13.31 18.82
CA GLY A 29 20.00 14.72 18.64
C GLY A 29 19.50 15.24 17.33
N PHE A 30 19.25 14.34 16.40
CA PHE A 30 18.80 14.73 15.08
C PHE A 30 17.39 15.25 15.15
N GLY A 31 17.18 16.40 14.56
CA GLY A 31 15.88 16.99 14.57
C GLY A 31 15.30 17.16 13.19
N ARG A 32 16.06 16.78 12.18
CA ARG A 32 15.60 16.96 10.83
C ARG A 32 15.62 15.63 10.10
N PHE A 33 14.45 15.18 9.72
CA PHE A 33 14.29 13.90 9.07
C PHE A 33 13.55 14.13 7.79
N LYS A 34 13.73 13.26 6.87
CA LYS A 34 13.01 13.30 5.65
C LYS A 34 12.52 11.90 5.36
N GLN A 35 11.25 11.77 5.21
CA GLN A 35 10.69 10.51 4.92
C GLN A 35 10.58 10.31 3.43
N ALA A 36 11.22 9.28 2.97
CA ALA A 36 11.15 8.87 1.61
C ALA A 36 10.53 7.50 1.62
N ASN A 37 9.94 7.10 0.56
CA ASN A 37 9.33 5.81 0.50
C ASN A 37 9.62 5.18 -0.82
N SER A 38 9.80 3.90 -0.82
CA SER A 38 10.08 3.19 -2.03
C SER A 38 9.21 1.95 -2.04
N PRO A 39 8.64 1.58 -3.20
CA PRO A 39 7.85 0.37 -3.32
C PRO A 39 8.71 -0.87 -3.07
N SER A 40 8.31 -1.63 -2.12
CA SER A 40 8.97 -2.83 -1.74
C SER A 40 7.88 -3.80 -1.34
N THR A 41 8.28 -4.97 -0.95
CA THR A 41 7.37 -5.99 -0.56
C THR A 41 6.60 -5.55 0.71
N PRO A 42 5.32 -5.95 0.81
CA PRO A 42 4.44 -5.67 1.96
C PRO A 42 5.09 -6.03 3.30
N GLU A 43 5.97 -6.99 3.25
CA GLU A 43 6.70 -7.49 4.41
C GLU A 43 7.57 -6.38 5.06
N LEU A 44 7.93 -5.38 4.29
CA LEU A 44 8.77 -4.30 4.82
C LEU A 44 7.99 -3.02 5.08
N VAL A 45 6.68 -3.07 4.93
CA VAL A 45 5.84 -1.90 5.18
C VAL A 45 5.95 -1.45 6.64
N GLY A 46 6.23 -0.16 6.82
CA GLY A 46 6.32 0.42 8.14
C GLY A 46 7.72 0.33 8.70
N LYS A 47 8.57 -0.34 7.97
CA LYS A 47 9.93 -0.54 8.37
C LYS A 47 10.83 0.26 7.46
N VAL A 48 11.92 0.76 7.97
CA VAL A 48 12.83 1.50 7.17
C VAL A 48 13.70 0.53 6.41
N ILE A 49 13.81 0.71 5.12
CA ILE A 49 14.57 -0.20 4.31
C ILE A 49 15.96 0.35 4.03
N GLY A 50 16.17 1.60 4.37
CA GLY A 50 17.48 2.15 4.20
C GLY A 50 17.47 3.61 4.44
N THR A 51 18.60 4.17 4.66
CA THR A 51 18.72 5.57 4.84
C THR A 51 19.57 6.14 3.72
N ASN A 52 19.26 7.35 3.31
CA ASN A 52 20.00 8.03 2.23
C ASN A 52 21.48 8.15 2.61
N PRO A 53 21.85 8.65 3.83
CA PRO A 53 23.21 8.54 4.28
C PRO A 53 23.39 7.17 4.93
N PRO A 54 24.49 6.48 4.69
CA PRO A 54 24.71 5.17 5.29
C PRO A 54 24.75 5.28 6.81
N ALA A 55 24.17 4.30 7.47
CA ALA A 55 24.06 4.25 8.93
C ALA A 55 25.35 3.75 9.53
N ASN A 56 26.33 3.67 8.68
CA ASN A 56 27.63 3.22 9.02
C ASN A 56 28.49 4.43 9.32
N GLN A 57 28.17 5.55 8.69
CA GLN A 57 28.90 6.76 8.88
C GLN A 57 28.18 7.65 9.86
N THR A 58 28.84 8.69 10.26
CA THR A 58 28.26 9.63 11.14
C THR A 58 27.72 10.84 10.34
N SER A 59 26.52 11.27 10.65
CA SER A 59 25.91 12.42 9.99
C SER A 59 25.72 13.54 11.00
N ALA A 60 25.87 14.78 10.54
CA ALA A 60 25.74 15.96 11.41
C ALA A 60 24.36 16.04 12.06
N ILE A 61 24.33 16.58 13.25
CA ILE A 61 23.09 16.74 14.03
C ILE A 61 22.05 17.59 13.27
N THR A 62 22.52 18.50 12.46
CA THR A 62 21.63 19.35 11.69
C THR A 62 21.54 18.85 10.23
N ASN A 63 21.94 17.64 9.99
CA ASN A 63 21.86 17.07 8.68
C ASN A 63 20.51 16.44 8.52
N VAL A 64 19.91 16.60 7.38
CA VAL A 64 18.61 16.02 7.15
C VAL A 64 18.78 14.54 6.81
N VAL A 65 18.35 13.69 7.70
CA VAL A 65 18.46 12.29 7.47
C VAL A 65 17.23 11.83 6.72
N ILE A 66 17.46 11.33 5.55
CA ILE A 66 16.41 10.88 4.69
C ILE A 66 16.31 9.38 4.84
N ILE A 67 15.25 8.90 5.42
CA ILE A 67 15.08 7.50 5.59
C ILE A 67 14.07 6.97 4.56
N ILE A 68 14.44 5.93 3.89
CA ILE A 68 13.58 5.33 2.91
C ILE A 68 12.78 4.22 3.59
N VAL A 69 11.49 4.40 3.64
CA VAL A 69 10.60 3.46 4.29
C VAL A 69 10.03 2.52 3.25
N GLY A 70 9.92 1.26 3.62
CA GLY A 70 9.36 0.28 2.74
C GLY A 70 7.87 0.47 2.62
N SER A 71 7.44 0.75 1.43
CA SER A 71 6.06 0.92 1.18
C SER A 71 5.61 -0.10 0.17
N GLY A 72 4.54 -0.74 0.44
CA GLY A 72 4.07 -1.78 -0.43
C GLY A 72 2.60 -1.64 -0.61
N PRO A 73 2.16 -1.13 -1.78
CA PRO A 73 0.75 -0.96 -2.05
C PRO A 73 0.03 -2.29 -2.10
N ALA A 74 -0.90 -2.45 -1.22
CA ALA A 74 -1.69 -3.64 -1.17
C ALA A 74 -2.66 -3.61 -2.31
N THR A 75 -2.33 -4.31 -3.33
CA THR A 75 -3.11 -4.35 -4.52
C THR A 75 -3.44 -5.79 -4.84
N LYS A 76 -4.48 -6.01 -5.58
CA LYS A 76 -4.89 -7.35 -5.93
C LYS A 76 -5.57 -7.29 -7.29
N ASP A 77 -5.48 -8.35 -8.05
CA ASP A 77 -6.12 -8.38 -9.35
C ASP A 77 -7.41 -9.12 -9.28
N ILE A 78 -8.39 -8.59 -9.93
CA ILE A 78 -9.72 -9.19 -9.91
C ILE A 78 -9.90 -10.24 -11.00
N PRO A 79 -10.45 -11.40 -10.64
CA PRO A 79 -10.77 -12.45 -11.60
C PRO A 79 -12.16 -12.24 -12.21
N ASP A 80 -12.54 -13.09 -13.14
CA ASP A 80 -13.85 -12.97 -13.74
C ASP A 80 -14.86 -13.79 -12.96
N VAL A 81 -15.81 -13.12 -12.38
CA VAL A 81 -16.85 -13.79 -11.60
C VAL A 81 -18.22 -13.39 -12.19
N ALA A 82 -18.18 -12.84 -13.39
CA ALA A 82 -19.37 -12.39 -14.07
C ALA A 82 -20.18 -13.58 -14.58
N GLY A 83 -21.49 -13.46 -14.52
CA GLY A 83 -22.35 -14.53 -14.95
C GLY A 83 -23.16 -15.08 -13.80
N GLN A 84 -22.65 -14.93 -12.60
CA GLN A 84 -23.34 -15.39 -11.43
C GLN A 84 -24.20 -14.28 -10.88
N THR A 85 -24.95 -14.54 -9.83
CA THR A 85 -25.95 -13.59 -9.36
C THR A 85 -25.27 -12.46 -8.64
N VAL A 86 -25.93 -11.29 -8.60
CA VAL A 86 -25.40 -10.09 -7.98
C VAL A 86 -24.83 -10.35 -6.59
N ASP A 87 -25.60 -11.03 -5.75
CA ASP A 87 -25.15 -11.30 -4.39
C ASP A 87 -24.00 -12.32 -4.34
N VAL A 88 -24.10 -13.37 -5.16
CA VAL A 88 -23.11 -14.43 -5.07
C VAL A 88 -21.79 -14.04 -5.73
N ALA A 89 -21.89 -13.36 -6.84
CA ALA A 89 -20.74 -12.92 -7.58
C ALA A 89 -19.91 -11.93 -6.78
N GLN A 90 -20.56 -10.94 -6.17
CA GLN A 90 -19.82 -9.94 -5.41
C GLN A 90 -19.17 -10.58 -4.19
N LYS A 91 -19.85 -11.55 -3.60
CA LYS A 91 -19.34 -12.28 -2.45
C LYS A 91 -18.07 -13.02 -2.82
N ASN A 92 -18.14 -13.74 -3.90
CA ASN A 92 -17.01 -14.53 -4.37
C ASN A 92 -15.88 -13.65 -4.85
N LEU A 93 -16.22 -12.56 -5.51
CA LEU A 93 -15.24 -11.61 -6.00
C LEU A 93 -14.57 -10.95 -4.81
N ASN A 94 -15.34 -10.70 -3.75
CA ASN A 94 -14.85 -10.07 -2.52
C ASN A 94 -13.70 -10.88 -1.94
N VAL A 95 -13.81 -12.19 -2.02
CA VAL A 95 -12.78 -13.10 -1.56
C VAL A 95 -11.48 -12.91 -2.37
N TYR A 96 -11.62 -12.82 -3.67
CA TYR A 96 -10.46 -12.77 -4.56
C TYR A 96 -10.21 -11.36 -5.05
N GLY A 97 -10.81 -10.42 -4.39
CA GLY A 97 -10.72 -9.07 -4.82
C GLY A 97 -10.63 -8.11 -3.66
N PHE A 98 -11.62 -7.25 -3.55
CA PHE A 98 -11.56 -6.17 -2.60
C PHE A 98 -12.73 -6.24 -1.67
N THR A 99 -12.71 -5.40 -0.68
CA THR A 99 -13.73 -5.35 0.31
C THR A 99 -14.79 -4.28 0.00
N LYS A 100 -14.46 -3.40 -0.94
CA LYS A 100 -15.31 -2.26 -1.23
C LYS A 100 -15.96 -2.40 -2.59
N PHE A 101 -17.26 -2.49 -2.61
CA PHE A 101 -18.02 -2.59 -3.85
C PHE A 101 -19.02 -1.47 -3.96
N SER A 102 -19.31 -1.13 -5.18
CA SER A 102 -20.36 -0.21 -5.52
C SER A 102 -21.07 -0.85 -6.69
N GLN A 103 -22.33 -0.56 -6.87
CA GLN A 103 -23.10 -1.30 -7.84
C GLN A 103 -23.62 -0.35 -8.88
N ALA A 104 -23.31 -0.61 -10.11
CA ALA A 104 -23.73 0.23 -11.20
C ALA A 104 -24.66 -0.54 -12.09
N SER A 105 -25.85 -0.02 -12.25
CA SER A 105 -26.84 -0.66 -13.05
C SER A 105 -26.70 -0.21 -14.50
N VAL A 106 -26.39 -1.14 -15.36
CA VAL A 106 -26.13 -0.86 -16.76
C VAL A 106 -27.09 -1.65 -17.63
N ASP A 107 -27.23 -1.24 -18.88
CA ASP A 107 -28.19 -1.87 -19.76
C ASP A 107 -27.62 -3.17 -20.28
N SER A 108 -28.35 -4.21 -20.00
CA SER A 108 -27.99 -5.54 -20.32
C SER A 108 -29.23 -6.36 -20.71
N PRO A 109 -29.46 -6.57 -22.01
CA PRO A 109 -30.62 -7.28 -22.54
C PRO A 109 -30.87 -8.67 -21.91
N ARG A 110 -29.89 -9.54 -22.01
CA ARG A 110 -30.04 -10.91 -21.50
C ARG A 110 -29.85 -11.02 -19.96
N PRO A 111 -28.76 -10.44 -19.36
CA PRO A 111 -28.58 -10.47 -17.89
C PRO A 111 -29.71 -9.73 -17.17
N ALA A 112 -30.21 -10.34 -16.12
CA ALA A 112 -31.27 -9.77 -15.30
C ALA A 112 -31.16 -10.36 -13.90
N GLY A 113 -30.17 -9.92 -13.18
CA GLY A 113 -29.92 -10.43 -11.85
C GLY A 113 -28.48 -10.87 -11.71
N GLU A 114 -27.92 -11.34 -12.81
CA GLU A 114 -26.54 -11.74 -12.86
C GLU A 114 -25.64 -10.56 -13.15
N VAL A 115 -24.45 -10.62 -12.62
CA VAL A 115 -23.48 -9.58 -12.80
C VAL A 115 -22.96 -9.63 -14.20
N THR A 116 -23.07 -8.51 -14.87
CA THR A 116 -22.71 -8.35 -16.23
C THR A 116 -21.17 -8.25 -16.39
N GLY A 117 -20.54 -7.74 -15.35
CA GLY A 117 -19.10 -7.62 -15.34
C GLY A 117 -18.69 -6.61 -14.29
N THR A 118 -17.53 -6.09 -14.42
CA THR A 118 -17.04 -5.07 -13.52
C THR A 118 -16.58 -3.90 -14.33
N ASN A 119 -16.54 -2.71 -13.75
CA ASN A 119 -16.04 -1.54 -14.47
C ASN A 119 -14.55 -1.69 -14.78
N PRO A 120 -13.66 -1.94 -13.76
CA PRO A 120 -12.26 -2.23 -14.05
C PRO A 120 -12.18 -3.63 -14.65
N PRO A 121 -11.47 -3.79 -15.75
CA PRO A 121 -11.37 -5.08 -16.44
C PRO A 121 -10.67 -6.16 -15.60
N ALA A 122 -11.09 -7.39 -15.78
CA ALA A 122 -10.54 -8.52 -15.06
C ALA A 122 -9.08 -8.70 -15.40
N GLY A 123 -8.30 -9.07 -14.42
CA GLY A 123 -6.88 -9.22 -14.61
C GLY A 123 -6.13 -7.98 -14.18
N THR A 124 -6.85 -6.88 -14.02
CA THR A 124 -6.24 -5.65 -13.62
C THR A 124 -6.01 -5.66 -12.12
N THR A 125 -4.81 -5.27 -11.75
CA THR A 125 -4.44 -5.18 -10.37
C THR A 125 -4.58 -3.73 -9.94
N VAL A 126 -5.38 -3.49 -8.94
CA VAL A 126 -5.57 -2.16 -8.39
C VAL A 126 -5.54 -2.26 -6.86
N PRO A 127 -5.39 -1.13 -6.12
CA PRO A 127 -5.32 -1.15 -4.66
C PRO A 127 -6.55 -1.73 -3.99
N VAL A 128 -6.31 -2.54 -2.98
CA VAL A 128 -7.36 -3.23 -2.23
C VAL A 128 -8.23 -2.27 -1.44
N ASP A 129 -7.68 -1.09 -1.21
CA ASP A 129 -8.33 -0.04 -0.44
C ASP A 129 -9.22 0.77 -1.35
N SER A 130 -9.20 0.44 -2.60
CA SER A 130 -9.95 1.12 -3.58
C SER A 130 -11.27 0.40 -3.84
N VAL A 131 -12.27 1.16 -4.24
CA VAL A 131 -13.59 0.65 -4.45
C VAL A 131 -13.75 0.13 -5.88
N ILE A 132 -14.33 -1.03 -6.02
CA ILE A 132 -14.59 -1.59 -7.31
C ILE A 132 -16.07 -1.41 -7.66
N GLU A 133 -16.34 -1.12 -8.91
CA GLU A 133 -17.64 -0.92 -9.38
C GLU A 133 -18.10 -2.16 -10.12
N LEU A 134 -19.19 -2.71 -9.67
CA LEU A 134 -19.75 -3.93 -10.18
C LEU A 134 -20.87 -3.59 -11.16
N GLN A 135 -20.81 -4.15 -12.35
CA GLN A 135 -21.82 -3.86 -13.37
C GLN A 135 -22.98 -4.82 -13.20
N VAL A 136 -24.05 -4.31 -12.68
CA VAL A 136 -25.22 -5.09 -12.44
C VAL A 136 -26.30 -4.78 -13.47
N SER A 137 -26.97 -5.81 -13.93
CA SER A 137 -28.02 -5.70 -14.89
C SER A 137 -29.15 -4.76 -14.41
N LYS A 138 -29.38 -3.72 -15.18
CA LYS A 138 -30.42 -2.76 -14.89
C LYS A 138 -31.71 -3.19 -15.56
N GLY A 4 31.81 17.90 22.05
CA GLY A 4 31.67 16.63 21.37
C GLY A 4 31.27 16.85 19.92
N PRO A 5 31.53 15.88 19.03
CA PRO A 5 31.13 15.98 17.62
C PRO A 5 29.61 16.12 17.50
N GLU A 6 29.18 16.93 16.57
CA GLU A 6 27.77 17.16 16.36
C GLU A 6 27.25 16.22 15.31
N GLN A 7 28.15 15.42 14.81
CA GLN A 7 27.88 14.47 13.79
C GLN A 7 27.95 13.09 14.37
N ARG A 8 26.91 12.34 14.20
CA ARG A 8 26.80 11.03 14.75
C ARG A 8 26.54 10.05 13.59
N GLU A 9 26.79 8.79 13.83
CA GLU A 9 26.63 7.78 12.81
C GLU A 9 25.21 7.22 12.86
N ILE A 10 24.62 6.94 11.71
CA ILE A 10 23.27 6.39 11.71
C ILE A 10 23.35 4.88 12.01
N PRO A 11 22.72 4.42 13.11
CA PRO A 11 22.73 3.01 13.49
C PRO A 11 21.88 2.15 12.55
N ASP A 12 22.33 0.94 12.30
CA ASP A 12 21.65 0.03 11.40
C ASP A 12 20.59 -0.73 12.17
N VAL A 13 19.69 0.01 12.71
CA VAL A 13 18.56 -0.51 13.41
C VAL A 13 17.34 -0.27 12.53
N SER A 14 17.63 0.42 11.46
CA SER A 14 16.71 0.78 10.42
C SER A 14 16.19 -0.48 9.74
N THR A 15 17.07 -1.47 9.69
CA THR A 15 16.77 -2.75 9.15
C THR A 15 15.66 -3.46 9.97
N LEU A 16 15.54 -3.12 11.25
CA LEU A 16 14.61 -3.85 12.08
C LEU A 16 13.21 -3.31 11.97
N THR A 17 13.05 -1.98 12.05
CA THR A 17 11.73 -1.35 11.93
C THR A 17 11.94 0.17 11.86
N TYR A 18 11.05 0.88 11.17
CA TYR A 18 11.01 2.35 11.15
C TYR A 18 11.00 2.90 12.59
N ALA A 19 10.10 2.35 13.41
CA ALA A 19 9.97 2.73 14.81
C ALA A 19 11.29 2.60 15.57
N GLU A 20 12.07 1.60 15.22
CA GLU A 20 13.35 1.37 15.86
C GLU A 20 14.36 2.43 15.47
N ALA A 21 14.36 2.75 14.19
CA ALA A 21 15.27 3.74 13.62
C ALA A 21 15.05 5.09 14.26
N VAL A 22 13.78 5.47 14.35
CA VAL A 22 13.43 6.75 14.91
C VAL A 22 13.85 6.87 16.36
N LYS A 23 13.53 5.87 17.17
CA LYS A 23 13.87 5.92 18.60
C LYS A 23 15.37 5.98 18.83
N LYS A 24 16.11 5.15 18.11
CA LYS A 24 17.55 5.14 18.26
C LYS A 24 18.18 6.44 17.78
N LEU A 25 17.71 6.94 16.65
CA LEU A 25 18.25 8.18 16.12
C LEU A 25 17.84 9.37 17.01
N THR A 26 16.67 9.27 17.61
CA THR A 26 16.20 10.24 18.57
C THR A 26 17.11 10.21 19.81
N ALA A 27 17.49 9.00 20.24
CA ALA A 27 18.40 8.83 21.36
C ALA A 27 19.83 9.27 20.99
N ALA A 28 20.07 9.41 19.69
CA ALA A 28 21.34 9.88 19.19
C ALA A 28 21.36 11.41 19.14
N GLY A 29 20.18 12.01 19.28
CA GLY A 29 20.08 13.45 19.38
C GLY A 29 19.39 14.09 18.20
N PHE A 30 19.12 13.33 17.17
CA PHE A 30 18.52 13.86 15.95
C PHE A 30 17.05 14.20 16.17
N GLY A 31 16.61 15.26 15.54
CA GLY A 31 15.24 15.67 15.64
C GLY A 31 14.73 16.35 14.39
N ARG A 32 15.44 16.19 13.30
CA ARG A 32 15.05 16.83 12.06
C ARG A 32 14.84 15.72 11.04
N PHE A 33 13.62 15.56 10.57
CA PHE A 33 13.29 14.41 9.72
C PHE A 33 12.33 14.75 8.58
N LYS A 34 12.34 13.87 7.60
CA LYS A 34 11.36 13.77 6.54
C LYS A 34 11.16 12.31 6.27
N GLN A 35 9.93 11.87 6.15
CA GLN A 35 9.64 10.47 5.92
C GLN A 35 9.27 10.27 4.46
N ALA A 36 9.86 9.30 3.84
CA ALA A 36 9.55 8.96 2.48
C ALA A 36 9.21 7.48 2.41
N ASN A 37 8.22 7.14 1.65
CA ASN A 37 7.84 5.76 1.48
C ASN A 37 8.10 5.36 0.05
N SER A 38 8.77 4.26 -0.14
CA SER A 38 9.09 3.80 -1.46
C SER A 38 8.50 2.42 -1.69
N PRO A 39 7.92 2.18 -2.89
CA PRO A 39 7.37 0.87 -3.24
C PRO A 39 8.48 -0.16 -3.42
N SER A 40 8.40 -1.19 -2.66
CA SER A 40 9.34 -2.28 -2.70
C SER A 40 8.56 -3.56 -2.45
N THR A 41 9.21 -4.70 -2.45
CA THR A 41 8.50 -5.93 -2.24
C THR A 41 8.05 -6.01 -0.76
N PRO A 42 6.85 -6.60 -0.52
CA PRO A 42 6.17 -6.61 0.77
C PRO A 42 7.02 -7.02 1.96
N GLU A 43 8.04 -7.82 1.75
CA GLU A 43 8.83 -8.25 2.92
C GLU A 43 9.69 -7.11 3.51
N LEU A 44 9.81 -6.01 2.76
CA LEU A 44 10.57 -4.86 3.26
C LEU A 44 9.64 -3.80 3.85
N VAL A 45 8.34 -4.06 3.83
CA VAL A 45 7.38 -3.12 4.41
C VAL A 45 7.64 -2.96 5.91
N GLY A 46 7.77 -1.73 6.35
CA GLY A 46 8.01 -1.46 7.75
C GLY A 46 9.48 -1.33 8.06
N LYS A 47 10.30 -1.79 7.14
CA LYS A 47 11.73 -1.73 7.29
C LYS A 47 12.24 -0.48 6.63
N VAL A 48 13.21 0.14 7.22
CA VAL A 48 13.87 1.24 6.60
C VAL A 48 14.89 0.66 5.65
N ILE A 49 14.85 1.03 4.39
CA ILE A 49 15.81 0.46 3.46
C ILE A 49 16.87 1.46 3.10
N GLY A 50 16.72 2.67 3.55
CA GLY A 50 17.71 3.66 3.28
C GLY A 50 17.42 4.96 3.96
N THR A 51 18.43 5.74 4.10
CA THR A 51 18.34 7.06 4.64
C THR A 51 19.16 7.96 3.73
N ASN A 52 18.72 9.18 3.56
CA ASN A 52 19.48 10.13 2.77
C ASN A 52 20.84 10.45 3.39
N PRO A 53 20.91 10.83 4.70
CA PRO A 53 22.20 10.92 5.37
C PRO A 53 22.81 9.51 5.46
N PRO A 54 24.02 9.32 4.94
CA PRO A 54 24.66 8.02 4.93
C PRO A 54 25.09 7.58 6.33
N ALA A 55 24.90 6.32 6.62
CA ALA A 55 25.22 5.74 7.92
C ALA A 55 26.70 5.37 7.99
N ASN A 56 27.39 5.67 6.93
CA ASN A 56 28.80 5.36 6.79
C ASN A 56 29.63 6.44 7.44
N GLN A 57 29.14 7.64 7.39
CA GLN A 57 29.82 8.77 7.95
C GLN A 57 28.96 9.34 9.04
N THR A 58 29.43 10.35 9.69
CA THR A 58 28.69 10.95 10.73
C THR A 58 27.93 12.18 10.21
N SER A 59 26.66 12.19 10.44
CA SER A 59 25.82 13.27 10.02
C SER A 59 25.43 14.10 11.25
N ALA A 60 25.27 15.38 11.08
CA ALA A 60 25.01 16.26 12.18
C ALA A 60 23.59 16.12 12.68
N ILE A 61 23.42 16.31 13.98
CA ILE A 61 22.13 16.30 14.66
C ILE A 61 21.16 17.35 14.07
N THR A 62 21.74 18.33 13.42
CA THR A 62 20.99 19.41 12.85
C THR A 62 20.71 19.12 11.35
N ASN A 63 21.15 17.95 10.87
CA ASN A 63 20.88 17.59 9.48
C ASN A 63 19.47 17.09 9.37
N VAL A 64 18.83 17.36 8.28
CA VAL A 64 17.50 16.87 8.05
C VAL A 64 17.63 15.45 7.55
N VAL A 65 17.21 14.52 8.33
CA VAL A 65 17.31 13.15 7.94
C VAL A 65 16.07 12.77 7.15
N ILE A 66 16.27 12.37 5.92
CA ILE A 66 15.18 11.87 5.15
C ILE A 66 15.27 10.38 5.25
N ILE A 67 14.26 9.79 5.77
CA ILE A 67 14.25 8.40 6.02
C ILE A 67 13.30 7.69 5.05
N ILE A 68 13.81 6.68 4.40
CA ILE A 68 13.10 5.96 3.36
C ILE A 68 12.58 4.62 3.90
N VAL A 69 11.28 4.51 3.99
CA VAL A 69 10.61 3.32 4.50
C VAL A 69 10.14 2.46 3.33
N GLY A 70 10.27 1.16 3.48
CA GLY A 70 9.78 0.25 2.47
C GLY A 70 8.30 0.08 2.61
N SER A 71 7.60 0.24 1.52
CA SER A 71 6.17 0.11 1.52
C SER A 71 5.74 -0.71 0.32
N GLY A 72 4.62 -1.39 0.43
CA GLY A 72 4.13 -2.16 -0.66
C GLY A 72 2.90 -1.49 -1.24
N PRO A 73 2.56 -1.75 -2.50
CA PRO A 73 1.39 -1.16 -3.12
C PRO A 73 0.12 -1.78 -2.56
N ALA A 74 -0.71 -0.96 -1.97
CA ALA A 74 -1.94 -1.42 -1.39
C ALA A 74 -2.93 -1.75 -2.50
N THR A 75 -2.89 -2.99 -2.93
CA THR A 75 -3.64 -3.44 -4.07
C THR A 75 -4.25 -4.82 -3.80
N LYS A 76 -5.22 -5.19 -4.60
CA LYS A 76 -5.85 -6.48 -4.49
C LYS A 76 -6.27 -6.97 -5.88
N ASP A 77 -6.08 -8.27 -6.10
CA ASP A 77 -6.48 -8.95 -7.31
C ASP A 77 -7.95 -9.27 -7.24
N ILE A 78 -8.65 -9.08 -8.32
CA ILE A 78 -10.05 -9.35 -8.32
C ILE A 78 -10.34 -10.73 -8.89
N PRO A 79 -11.19 -11.51 -8.23
CA PRO A 79 -11.63 -12.79 -8.73
C PRO A 79 -12.82 -12.62 -9.68
N ASP A 80 -13.30 -13.69 -10.23
CA ASP A 80 -14.46 -13.61 -11.08
C ASP A 80 -15.68 -13.93 -10.30
N VAL A 81 -16.60 -13.01 -10.29
CA VAL A 81 -17.85 -13.18 -9.60
C VAL A 81 -19.01 -13.03 -10.57
N ALA A 82 -18.68 -12.91 -11.84
CA ALA A 82 -19.66 -12.67 -12.86
C ALA A 82 -20.46 -13.93 -13.15
N GLY A 83 -21.71 -13.76 -13.49
CA GLY A 83 -22.53 -14.90 -13.79
C GLY A 83 -23.45 -15.21 -12.66
N GLN A 84 -23.16 -14.64 -11.51
CA GLN A 84 -23.96 -14.86 -10.32
C GLN A 84 -24.91 -13.70 -10.13
N THR A 85 -25.57 -13.65 -8.99
CA THR A 85 -26.53 -12.59 -8.75
C THR A 85 -25.76 -11.36 -8.29
N VAL A 86 -26.32 -10.17 -8.47
CA VAL A 86 -25.66 -8.93 -8.07
C VAL A 86 -25.30 -8.94 -6.57
N ASP A 87 -26.22 -9.43 -5.75
CA ASP A 87 -25.99 -9.50 -4.31
C ASP A 87 -24.92 -10.52 -3.95
N VAL A 88 -24.96 -11.68 -4.57
CA VAL A 88 -24.03 -12.73 -4.20
C VAL A 88 -22.65 -12.46 -4.76
N ALA A 89 -22.61 -11.86 -5.92
CA ALA A 89 -21.36 -11.48 -6.57
C ALA A 89 -20.58 -10.52 -5.68
N GLN A 90 -21.25 -9.48 -5.20
CA GLN A 90 -20.57 -8.50 -4.36
C GLN A 90 -20.15 -9.14 -3.04
N LYS A 91 -20.95 -10.07 -2.53
CA LYS A 91 -20.60 -10.81 -1.33
C LYS A 91 -19.27 -11.54 -1.48
N ASN A 92 -19.15 -12.33 -2.55
CA ASN A 92 -17.92 -13.06 -2.83
C ASN A 92 -16.78 -12.10 -3.08
N LEU A 93 -17.08 -11.04 -3.78
CA LEU A 93 -16.11 -10.02 -4.12
C LEU A 93 -15.61 -9.30 -2.87
N ASN A 94 -16.49 -9.06 -1.92
CA ASN A 94 -16.14 -8.38 -0.66
C ASN A 94 -15.11 -9.17 0.14
N VAL A 95 -15.25 -10.48 0.10
CA VAL A 95 -14.35 -11.37 0.82
C VAL A 95 -12.99 -11.46 0.11
N TYR A 96 -12.99 -11.29 -1.19
CA TYR A 96 -11.77 -11.45 -1.98
C TYR A 96 -11.45 -10.18 -2.73
N GLY A 97 -11.80 -9.07 -2.17
CA GLY A 97 -11.62 -7.85 -2.88
C GLY A 97 -11.61 -6.64 -2.01
N PHE A 98 -12.67 -5.87 -2.10
CA PHE A 98 -12.74 -4.57 -1.45
C PHE A 98 -14.10 -4.42 -0.84
N THR A 99 -14.29 -3.33 -0.18
CA THR A 99 -15.55 -3.00 0.39
C THR A 99 -16.13 -1.77 -0.35
N LYS A 100 -15.46 -1.38 -1.41
CA LYS A 100 -15.88 -0.24 -2.20
C LYS A 100 -16.41 -0.74 -3.53
N PHE A 101 -17.67 -0.52 -3.76
CA PHE A 101 -18.32 -1.02 -4.96
C PHE A 101 -19.04 0.11 -5.66
N SER A 102 -19.16 0.00 -6.95
CA SER A 102 -19.95 0.87 -7.76
C SER A 102 -20.80 0.01 -8.66
N GLN A 103 -21.93 0.52 -9.11
CA GLN A 103 -22.83 -0.26 -9.93
C GLN A 103 -23.04 0.42 -11.26
N ALA A 104 -22.73 -0.27 -12.30
CA ALA A 104 -22.92 0.24 -13.63
C ALA A 104 -23.92 -0.61 -14.33
N SER A 105 -24.88 0.01 -14.94
CA SER A 105 -25.89 -0.69 -15.66
C SER A 105 -25.43 -0.89 -17.09
N VAL A 106 -25.30 -2.11 -17.50
CA VAL A 106 -24.86 -2.42 -18.85
C VAL A 106 -25.92 -3.25 -19.52
N ASP A 107 -26.01 -3.17 -20.81
CA ASP A 107 -27.13 -3.76 -21.51
C ASP A 107 -26.97 -5.24 -21.62
N SER A 108 -27.97 -5.90 -21.11
CA SER A 108 -28.01 -7.32 -21.09
C SER A 108 -29.34 -7.78 -21.68
N PRO A 109 -29.32 -8.21 -22.95
CA PRO A 109 -30.53 -8.68 -23.66
C PRO A 109 -31.21 -9.85 -22.93
N ARG A 110 -30.47 -10.91 -22.74
CA ARG A 110 -30.98 -12.08 -22.07
C ARG A 110 -30.82 -12.03 -20.53
N PRO A 111 -29.61 -11.71 -19.96
CA PRO A 111 -29.44 -11.62 -18.52
C PRO A 111 -30.29 -10.53 -17.88
N ALA A 112 -30.73 -10.79 -16.67
CA ALA A 112 -31.57 -9.90 -15.90
C ALA A 112 -31.58 -10.38 -14.46
N GLY A 113 -30.60 -9.95 -13.72
CA GLY A 113 -30.48 -10.37 -12.34
C GLY A 113 -29.08 -10.81 -12.04
N GLU A 114 -28.47 -11.44 -13.01
CA GLU A 114 -27.11 -11.84 -12.88
C GLU A 114 -26.20 -10.70 -13.26
N VAL A 115 -25.08 -10.65 -12.62
CA VAL A 115 -24.12 -9.64 -12.91
C VAL A 115 -23.42 -9.98 -14.22
N THR A 116 -23.42 -9.04 -15.13
CA THR A 116 -22.90 -9.21 -16.43
C THR A 116 -21.37 -9.29 -16.39
N GLY A 117 -20.77 -8.51 -15.50
CA GLY A 117 -19.34 -8.55 -15.36
C GLY A 117 -18.85 -7.48 -14.46
N THR A 118 -17.58 -7.27 -14.46
CA THR A 118 -16.96 -6.22 -13.70
C THR A 118 -16.26 -5.28 -14.67
N ASN A 119 -15.97 -4.06 -14.23
CA ASN A 119 -15.29 -3.09 -15.08
C ASN A 119 -13.89 -3.60 -15.49
N PRO A 120 -13.00 -4.00 -14.55
CA PRO A 120 -11.75 -4.64 -14.91
C PRO A 120 -12.00 -6.16 -15.04
N PRO A 121 -11.32 -6.85 -15.97
CA PRO A 121 -11.48 -8.29 -16.11
C PRO A 121 -10.87 -9.05 -14.93
N ALA A 122 -11.42 -10.21 -14.63
CA ALA A 122 -10.97 -11.06 -13.53
C ALA A 122 -9.47 -11.33 -13.62
N GLY A 123 -8.80 -11.25 -12.50
CA GLY A 123 -7.38 -11.43 -12.46
C GLY A 123 -6.66 -10.12 -12.28
N THR A 124 -7.29 -9.05 -12.72
CA THR A 124 -6.71 -7.72 -12.65
C THR A 124 -6.54 -7.27 -11.19
N THR A 125 -5.39 -6.74 -10.90
CA THR A 125 -5.08 -6.24 -9.60
C THR A 125 -5.19 -4.70 -9.60
N VAL A 126 -6.02 -4.18 -8.74
CA VAL A 126 -6.22 -2.74 -8.66
C VAL A 126 -5.98 -2.26 -7.23
N PRO A 127 -5.62 -0.98 -7.03
CA PRO A 127 -5.42 -0.40 -5.71
C PRO A 127 -6.66 -0.50 -4.82
N VAL A 128 -6.43 -0.82 -3.56
CA VAL A 128 -7.51 -0.93 -2.55
C VAL A 128 -8.13 0.44 -2.28
N ASP A 129 -7.36 1.45 -2.63
CA ASP A 129 -7.73 2.84 -2.51
C ASP A 129 -8.68 3.25 -3.65
N SER A 130 -8.95 2.34 -4.55
CA SER A 130 -9.84 2.59 -5.65
C SER A 130 -11.14 1.82 -5.41
N VAL A 131 -12.13 2.06 -6.24
CA VAL A 131 -13.43 1.46 -6.11
C VAL A 131 -13.67 0.52 -7.28
N ILE A 132 -14.21 -0.66 -7.03
CA ILE A 132 -14.46 -1.58 -8.10
C ILE A 132 -15.91 -1.45 -8.61
N GLU A 133 -16.07 -1.50 -9.90
CA GLU A 133 -17.33 -1.35 -10.52
C GLU A 133 -17.89 -2.70 -10.93
N LEU A 134 -19.07 -2.97 -10.45
CA LEU A 134 -19.80 -4.16 -10.74
C LEU A 134 -20.83 -3.80 -11.80
N GLN A 135 -20.92 -4.57 -12.84
CA GLN A 135 -21.78 -4.23 -13.93
C GLN A 135 -22.99 -5.15 -13.94
N VAL A 136 -24.08 -4.58 -13.54
CA VAL A 136 -25.34 -5.27 -13.36
C VAL A 136 -26.18 -5.25 -14.66
N SER A 137 -26.82 -6.38 -14.94
CA SER A 137 -27.64 -6.58 -16.08
C SER A 137 -28.77 -5.57 -16.20
N LYS A 138 -28.70 -4.78 -17.23
CA LYS A 138 -29.71 -3.84 -17.56
C LYS A 138 -30.48 -4.45 -18.73
N GLY A 4 35.59 17.62 18.07
CA GLY A 4 34.60 16.55 17.96
C GLY A 4 33.35 17.07 17.30
N PRO A 5 32.86 16.40 16.27
CA PRO A 5 31.68 16.86 15.56
C PRO A 5 30.38 16.55 16.28
N GLU A 6 29.34 17.22 15.88
CA GLU A 6 27.99 17.06 16.37
C GLU A 6 27.23 16.21 15.37
N GLN A 7 27.95 15.31 14.77
CA GLN A 7 27.45 14.46 13.75
C GLN A 7 27.37 13.04 14.26
N ARG A 8 26.26 12.39 13.96
CA ARG A 8 26.04 11.01 14.37
C ARG A 8 25.68 10.14 13.21
N GLU A 9 25.89 8.88 13.39
CA GLU A 9 25.65 7.88 12.39
C GLU A 9 24.18 7.45 12.40
N ILE A 10 23.63 7.22 11.24
CA ILE A 10 22.24 6.80 11.13
C ILE A 10 22.13 5.30 11.45
N PRO A 11 21.20 4.89 12.36
CA PRO A 11 21.05 3.50 12.82
C PRO A 11 20.88 2.47 11.70
N ASP A 12 21.49 1.33 11.90
CA ASP A 12 21.46 0.23 10.94
C ASP A 12 20.36 -0.78 11.28
N VAL A 13 19.66 -0.56 12.38
CA VAL A 13 18.56 -1.45 12.79
C VAL A 13 17.26 -1.06 12.11
N SER A 14 17.36 -0.06 11.27
CA SER A 14 16.26 0.47 10.50
C SER A 14 15.69 -0.63 9.59
N THR A 15 16.56 -1.52 9.19
CA THR A 15 16.21 -2.61 8.34
C THR A 15 15.19 -3.53 8.99
N LEU A 16 15.20 -3.58 10.33
CA LEU A 16 14.35 -4.50 11.03
C LEU A 16 12.93 -3.97 11.08
N THR A 17 12.78 -2.68 11.39
CA THR A 17 11.48 -2.03 11.42
C THR A 17 11.69 -0.51 11.49
N TYR A 18 10.77 0.24 10.90
CA TYR A 18 10.74 1.70 10.96
C TYR A 18 10.78 2.18 12.42
N ALA A 19 10.00 1.54 13.28
CA ALA A 19 9.96 1.87 14.71
C ALA A 19 11.35 1.74 15.35
N GLU A 20 12.07 0.70 14.97
CA GLU A 20 13.42 0.44 15.48
C GLU A 20 14.37 1.56 15.07
N ALA A 21 14.21 2.00 13.82
CA ALA A 21 14.98 3.10 13.25
C ALA A 21 14.76 4.37 14.04
N VAL A 22 13.49 4.70 14.25
CA VAL A 22 13.10 5.92 14.92
C VAL A 22 13.65 5.99 16.34
N LYS A 23 13.54 4.91 17.07
CA LYS A 23 13.99 4.88 18.46
C LYS A 23 15.49 5.10 18.57
N LYS A 24 16.25 4.40 17.75
CA LYS A 24 17.68 4.53 17.77
C LYS A 24 18.11 5.90 17.29
N LEU A 25 17.43 6.41 16.28
CA LEU A 25 17.74 7.73 15.73
C LEU A 25 17.40 8.81 16.75
N THR A 26 16.30 8.59 17.46
CA THR A 26 15.86 9.45 18.53
C THR A 26 16.94 9.52 19.62
N ALA A 27 17.44 8.36 20.02
CA ALA A 27 18.49 8.27 21.02
C ALA A 27 19.84 8.76 20.50
N ALA A 28 19.97 8.88 19.17
CA ALA A 28 21.21 9.33 18.56
C ALA A 28 21.33 10.84 18.64
N GLY A 29 20.23 11.49 18.96
CA GLY A 29 20.25 12.91 19.17
C GLY A 29 19.52 13.67 18.13
N PHE A 30 19.28 13.04 16.99
CA PHE A 30 18.59 13.69 15.90
C PHE A 30 17.18 14.06 16.27
N GLY A 31 16.86 15.30 16.07
CA GLY A 31 15.54 15.77 16.36
C GLY A 31 14.79 16.09 15.11
N ARG A 32 15.46 15.95 13.98
CA ARG A 32 14.85 16.22 12.70
C ARG A 32 14.94 15.01 11.80
N PHE A 33 13.81 14.46 11.48
CA PHE A 33 13.70 13.33 10.60
C PHE A 33 12.42 13.41 9.81
N LYS A 34 12.46 12.93 8.61
CA LYS A 34 11.36 13.00 7.70
C LYS A 34 11.11 11.65 7.10
N GLN A 35 9.89 11.20 7.21
CA GLN A 35 9.50 9.92 6.68
C GLN A 35 9.15 10.01 5.20
N ALA A 36 9.84 9.24 4.41
CA ALA A 36 9.57 9.12 3.01
C ALA A 36 9.23 7.66 2.75
N ASN A 37 8.41 7.39 1.78
CA ASN A 37 8.03 6.02 1.50
C ASN A 37 8.25 5.72 0.04
N SER A 38 8.61 4.51 -0.25
CA SER A 38 8.79 4.08 -1.61
C SER A 38 7.92 2.87 -1.85
N PRO A 39 7.15 2.86 -2.94
CA PRO A 39 6.31 1.73 -3.30
C PRO A 39 7.17 0.51 -3.67
N SER A 40 6.92 -0.56 -2.98
CA SER A 40 7.63 -1.78 -3.14
C SER A 40 6.67 -2.94 -2.87
N THR A 41 7.16 -4.16 -2.97
CA THR A 41 6.38 -5.37 -2.74
C THR A 41 5.62 -5.26 -1.38
N PRO A 42 4.34 -5.68 -1.38
CA PRO A 42 3.40 -5.51 -0.25
C PRO A 42 3.93 -5.97 1.10
N GLU A 43 4.67 -7.04 1.09
CA GLU A 43 5.19 -7.60 2.35
C GLU A 43 6.37 -6.83 2.91
N LEU A 44 6.90 -5.91 2.15
CA LEU A 44 8.10 -5.18 2.56
C LEU A 44 7.74 -4.01 3.47
N VAL A 45 6.45 -3.71 3.52
CA VAL A 45 5.94 -2.58 4.29
C VAL A 45 6.36 -2.64 5.78
N GLY A 46 6.77 -1.52 6.31
CA GLY A 46 7.15 -1.44 7.70
C GLY A 46 8.64 -1.48 7.96
N LYS A 47 9.42 -1.95 6.99
CA LYS A 47 10.85 -1.98 7.19
C LYS A 47 11.54 -0.91 6.36
N VAL A 48 12.61 -0.40 6.87
CA VAL A 48 13.33 0.65 6.20
C VAL A 48 14.22 0.06 5.13
N ILE A 49 14.15 0.63 3.95
CA ILE A 49 14.93 0.14 2.84
C ILE A 49 16.17 0.98 2.60
N GLY A 50 16.24 2.12 3.27
CA GLY A 50 17.39 2.96 3.15
C GLY A 50 17.11 4.33 3.70
N THR A 51 18.13 5.13 3.79
CA THR A 51 18.01 6.47 4.27
C THR A 51 18.66 7.41 3.29
N ASN A 52 18.30 8.68 3.33
CA ASN A 52 18.93 9.69 2.49
C ASN A 52 20.44 9.81 2.76
N PRO A 53 20.90 10.07 4.02
CA PRO A 53 22.32 10.07 4.32
C PRO A 53 22.78 8.64 4.65
N PRO A 54 24.02 8.26 4.30
CA PRO A 54 24.52 6.92 4.59
C PRO A 54 24.60 6.67 6.08
N ALA A 55 24.43 5.42 6.46
CA ALA A 55 24.44 5.01 7.84
C ALA A 55 25.86 5.00 8.36
N ASN A 56 26.79 5.13 7.45
CA ASN A 56 28.17 5.14 7.79
C ASN A 56 28.71 6.54 7.92
N GLN A 57 27.93 7.53 7.48
CA GLN A 57 28.37 8.91 7.65
C GLN A 57 27.75 9.46 8.87
N THR A 58 28.38 10.42 9.42
CA THR A 58 27.87 11.08 10.55
C THR A 58 27.25 12.38 10.10
N SER A 59 26.00 12.54 10.36
CA SER A 59 25.28 13.72 9.96
C SER A 59 25.06 14.60 11.17
N ALA A 60 25.20 15.91 11.01
CA ALA A 60 24.99 16.86 12.09
C ALA A 60 23.57 16.77 12.58
N ILE A 61 23.37 16.98 13.86
CA ILE A 61 22.05 16.87 14.52
C ILE A 61 21.00 17.82 13.87
N THR A 62 21.48 18.87 13.21
CA THR A 62 20.60 19.82 12.56
C THR A 62 20.08 19.26 11.22
N ASN A 63 20.61 18.13 10.79
CA ASN A 63 20.18 17.52 9.55
C ASN A 63 18.85 16.89 9.71
N VAL A 64 18.03 17.10 8.74
CA VAL A 64 16.80 16.41 8.69
C VAL A 64 17.06 15.10 7.97
N VAL A 65 16.93 14.02 8.67
CA VAL A 65 17.22 12.75 8.10
C VAL A 65 16.00 12.23 7.40
N ILE A 66 16.12 12.01 6.12
CA ILE A 66 15.03 11.49 5.36
C ILE A 66 15.17 10.00 5.39
N ILE A 67 14.25 9.38 6.05
CA ILE A 67 14.24 7.98 6.23
C ILE A 67 13.21 7.37 5.28
N ILE A 68 13.65 6.39 4.52
CA ILE A 68 12.85 5.82 3.47
C ILE A 68 12.30 4.45 3.88
N VAL A 69 11.01 4.39 4.01
CA VAL A 69 10.33 3.19 4.42
C VAL A 69 9.83 2.44 3.19
N GLY A 70 10.14 1.16 3.13
CA GLY A 70 9.63 0.34 2.07
C GLY A 70 8.17 0.15 2.30
N SER A 71 7.36 0.67 1.44
CA SER A 71 5.97 0.60 1.65
C SER A 71 5.33 -0.13 0.51
N GLY A 72 4.53 -1.08 0.83
CA GLY A 72 3.87 -1.83 -0.17
C GLY A 72 2.47 -1.38 -0.31
N PRO A 73 2.09 -0.81 -1.48
CA PRO A 73 0.74 -0.31 -1.70
C PRO A 73 -0.30 -1.41 -1.53
N ALA A 74 -1.30 -1.15 -0.74
CA ALA A 74 -2.34 -2.10 -0.48
C ALA A 74 -3.17 -2.28 -1.72
N THR A 75 -2.84 -3.30 -2.45
CA THR A 75 -3.42 -3.58 -3.72
C THR A 75 -3.81 -5.03 -3.79
N LYS A 76 -4.80 -5.35 -4.58
CA LYS A 76 -5.23 -6.69 -4.72
C LYS A 76 -5.76 -6.91 -6.12
N ASP A 77 -5.51 -8.08 -6.65
CA ASP A 77 -5.97 -8.46 -7.96
C ASP A 77 -7.28 -9.18 -7.81
N ILE A 78 -8.20 -8.89 -8.68
CA ILE A 78 -9.52 -9.47 -8.57
C ILE A 78 -9.74 -10.75 -9.38
N PRO A 79 -10.09 -11.84 -8.69
CA PRO A 79 -10.63 -13.01 -9.34
C PRO A 79 -12.11 -12.71 -9.61
N ASP A 80 -12.60 -13.04 -10.80
CA ASP A 80 -13.96 -12.68 -11.19
C ASP A 80 -14.99 -13.26 -10.24
N VAL A 81 -15.97 -12.45 -9.96
CA VAL A 81 -17.06 -12.80 -9.11
C VAL A 81 -18.34 -12.79 -9.98
N ALA A 82 -18.11 -13.05 -11.25
CA ALA A 82 -19.13 -13.00 -12.25
C ALA A 82 -19.90 -14.31 -12.29
N GLY A 83 -21.20 -14.22 -12.41
CA GLY A 83 -22.00 -15.39 -12.50
C GLY A 83 -23.24 -15.31 -11.65
N GLN A 84 -23.06 -14.92 -10.40
CA GLN A 84 -24.16 -14.87 -9.46
C GLN A 84 -24.84 -13.49 -9.46
N THR A 85 -25.72 -13.25 -8.48
CA THR A 85 -26.56 -12.07 -8.49
C THR A 85 -25.86 -10.85 -7.97
N VAL A 86 -26.45 -9.69 -8.30
CA VAL A 86 -25.93 -8.37 -7.96
C VAL A 86 -25.55 -8.31 -6.49
N ASP A 87 -26.51 -8.69 -5.67
CA ASP A 87 -26.35 -8.63 -4.22
C ASP A 87 -25.33 -9.60 -3.69
N VAL A 88 -25.33 -10.82 -4.21
CA VAL A 88 -24.48 -11.83 -3.63
C VAL A 88 -23.03 -11.63 -4.04
N ALA A 89 -22.83 -11.19 -5.26
CA ALA A 89 -21.51 -10.93 -5.78
C ALA A 89 -20.84 -9.80 -5.02
N GLN A 90 -21.59 -8.73 -4.71
CA GLN A 90 -21.04 -7.60 -3.96
C GLN A 90 -20.60 -8.06 -2.60
N LYS A 91 -21.42 -8.88 -1.97
CA LYS A 91 -21.12 -9.41 -0.65
C LYS A 91 -19.85 -10.25 -0.66
N ASN A 92 -19.76 -11.18 -1.60
CA ASN A 92 -18.58 -12.05 -1.71
C ASN A 92 -17.35 -11.23 -2.01
N LEU A 93 -17.47 -10.34 -2.99
CA LEU A 93 -16.37 -9.49 -3.40
C LEU A 93 -15.90 -8.60 -2.25
N ASN A 94 -16.83 -8.04 -1.52
CA ASN A 94 -16.55 -7.13 -0.39
C ASN A 94 -15.71 -7.81 0.68
N VAL A 95 -15.96 -9.08 0.90
CA VAL A 95 -15.24 -9.84 1.91
C VAL A 95 -13.74 -9.96 1.57
N TYR A 96 -13.41 -10.21 0.31
CA TYR A 96 -11.99 -10.42 -0.02
C TYR A 96 -11.40 -9.26 -0.78
N GLY A 97 -12.25 -8.46 -1.32
CA GLY A 97 -11.85 -7.44 -2.22
C GLY A 97 -11.83 -6.06 -1.64
N PHE A 98 -12.86 -5.29 -1.93
CA PHE A 98 -12.85 -3.87 -1.65
C PHE A 98 -14.07 -3.47 -0.86
N THR A 99 -14.08 -2.23 -0.42
CA THR A 99 -15.16 -1.65 0.31
C THR A 99 -15.96 -0.67 -0.56
N LYS A 100 -15.30 -0.11 -1.57
CA LYS A 100 -15.85 0.94 -2.38
C LYS A 100 -16.18 0.40 -3.78
N PHE A 101 -17.43 0.51 -4.17
CA PHE A 101 -17.87 -0.03 -5.45
C PHE A 101 -18.61 0.99 -6.29
N SER A 102 -18.39 0.91 -7.57
CA SER A 102 -19.11 1.67 -8.56
C SER A 102 -19.88 0.65 -9.38
N GLN A 103 -20.99 1.03 -9.96
CA GLN A 103 -21.79 0.07 -10.67
C GLN A 103 -22.02 0.51 -12.10
N ALA A 104 -21.85 -0.41 -12.99
CA ALA A 104 -22.09 -0.17 -14.38
C ALA A 104 -23.14 -1.12 -14.86
N SER A 105 -24.19 -0.57 -15.36
CA SER A 105 -25.28 -1.32 -15.89
C SER A 105 -24.96 -1.58 -17.36
N VAL A 106 -24.83 -2.82 -17.72
CA VAL A 106 -24.50 -3.15 -19.08
C VAL A 106 -25.62 -4.00 -19.61
N ASP A 107 -25.86 -3.91 -20.89
CA ASP A 107 -27.08 -4.46 -21.44
C ASP A 107 -27.02 -5.93 -21.60
N SER A 108 -28.08 -6.52 -21.17
CA SER A 108 -28.24 -7.93 -21.12
C SER A 108 -28.96 -8.38 -22.38
N PRO A 109 -28.44 -9.39 -23.08
CA PRO A 109 -29.15 -9.97 -24.18
C PRO A 109 -30.25 -10.89 -23.62
N ARG A 110 -29.86 -12.02 -23.05
CA ARG A 110 -30.81 -12.88 -22.37
C ARG A 110 -30.57 -12.91 -20.84
N PRO A 111 -29.34 -13.25 -20.34
CA PRO A 111 -29.09 -13.28 -18.90
C PRO A 111 -29.00 -11.88 -18.31
N ALA A 112 -29.66 -11.67 -17.20
CA ALA A 112 -29.70 -10.39 -16.53
C ALA A 112 -29.74 -10.63 -15.04
N GLY A 113 -29.37 -9.64 -14.27
CA GLY A 113 -29.40 -9.77 -12.82
C GLY A 113 -28.10 -10.32 -12.28
N GLU A 114 -27.38 -10.98 -13.12
CA GLU A 114 -26.12 -11.54 -12.80
C GLU A 114 -25.02 -10.52 -13.02
N VAL A 115 -24.02 -10.61 -12.22
CA VAL A 115 -22.87 -9.78 -12.38
C VAL A 115 -22.04 -10.31 -13.54
N THR A 116 -21.78 -9.44 -14.48
CA THR A 116 -21.07 -9.75 -15.68
C THR A 116 -19.57 -9.81 -15.37
N GLY A 117 -19.13 -8.99 -14.44
CA GLY A 117 -17.75 -8.98 -14.05
C GLY A 117 -17.36 -7.67 -13.43
N THR A 118 -16.15 -7.27 -13.64
CA THR A 118 -15.64 -6.04 -13.12
C THR A 118 -15.15 -5.19 -14.27
N ASN A 119 -15.02 -3.89 -14.06
CA ASN A 119 -14.54 -3.00 -15.11
C ASN A 119 -13.09 -3.38 -15.52
N PRO A 120 -12.13 -3.49 -14.55
CA PRO A 120 -10.81 -4.02 -14.86
C PRO A 120 -10.89 -5.55 -15.06
N PRO A 121 -10.09 -6.12 -15.97
CA PRO A 121 -10.07 -7.56 -16.20
C PRO A 121 -9.61 -8.33 -14.96
N ALA A 122 -10.05 -9.57 -14.85
CA ALA A 122 -9.68 -10.42 -13.74
C ALA A 122 -8.18 -10.65 -13.74
N GLY A 123 -7.58 -10.49 -12.59
CA GLY A 123 -6.14 -10.62 -12.49
C GLY A 123 -5.45 -9.27 -12.39
N THR A 124 -6.21 -8.21 -12.64
CA THR A 124 -5.67 -6.88 -12.55
C THR A 124 -5.59 -6.46 -11.08
N THR A 125 -4.43 -5.98 -10.67
CA THR A 125 -4.24 -5.54 -9.32
C THR A 125 -4.50 -4.03 -9.21
N VAL A 126 -5.42 -3.68 -8.36
CA VAL A 126 -5.77 -2.29 -8.12
C VAL A 126 -5.72 -2.03 -6.61
N PRO A 127 -5.59 -0.77 -6.16
CA PRO A 127 -5.50 -0.46 -4.72
C PRO A 127 -6.77 -0.81 -4.00
N VAL A 128 -6.63 -1.46 -2.85
CA VAL A 128 -7.76 -1.90 -2.04
C VAL A 128 -8.51 -0.70 -1.46
N ASP A 129 -7.79 0.40 -1.38
CA ASP A 129 -8.30 1.67 -0.89
C ASP A 129 -8.97 2.46 -1.99
N SER A 130 -8.99 1.91 -3.17
CA SER A 130 -9.57 2.57 -4.29
C SER A 130 -11.00 2.04 -4.49
N VAL A 131 -11.64 2.52 -5.52
CA VAL A 131 -12.99 2.15 -5.81
C VAL A 131 -12.98 1.28 -7.06
N ILE A 132 -13.71 0.19 -7.05
CA ILE A 132 -13.74 -0.68 -8.19
C ILE A 132 -15.16 -0.69 -8.78
N GLU A 133 -15.26 -0.81 -10.07
CA GLU A 133 -16.50 -0.80 -10.72
C GLU A 133 -16.91 -2.22 -11.10
N LEU A 134 -18.14 -2.54 -10.77
CA LEU A 134 -18.73 -3.82 -11.00
C LEU A 134 -19.63 -3.72 -12.22
N GLN A 135 -19.48 -4.64 -13.14
CA GLN A 135 -20.29 -4.67 -14.33
C GLN A 135 -21.44 -5.60 -14.06
N VAL A 136 -22.60 -5.07 -14.05
CA VAL A 136 -23.78 -5.87 -13.81
C VAL A 136 -24.72 -5.85 -15.02
N SER A 137 -25.23 -7.01 -15.38
CA SER A 137 -26.16 -7.13 -16.45
C SER A 137 -27.52 -6.59 -16.00
N LYS A 138 -27.92 -5.52 -16.62
CA LYS A 138 -29.13 -4.81 -16.30
C LYS A 138 -30.35 -5.55 -16.85
N GLY A 4 32.29 19.62 20.38
CA GLY A 4 32.70 19.10 19.08
C GLY A 4 31.56 19.24 18.11
N PRO A 5 31.66 18.61 16.93
CA PRO A 5 30.60 18.64 15.95
C PRO A 5 29.45 17.79 16.42
N GLU A 6 28.26 18.29 16.34
CA GLU A 6 27.13 17.52 16.80
C GLU A 6 26.61 16.60 15.70
N GLN A 7 27.51 15.76 15.22
CA GLN A 7 27.21 14.80 14.21
C GLN A 7 27.28 13.44 14.82
N ARG A 8 26.26 12.68 14.58
CA ARG A 8 26.10 11.38 15.14
C ARG A 8 25.89 10.35 14.05
N GLU A 9 26.32 9.15 14.30
CA GLU A 9 26.12 8.07 13.35
C GLU A 9 24.75 7.45 13.49
N ILE A 10 24.15 7.13 12.36
CA ILE A 10 22.80 6.59 12.32
C ILE A 10 22.88 5.09 12.57
N PRO A 11 22.13 4.58 13.55
CA PRO A 11 22.15 3.16 13.83
C PRO A 11 21.44 2.38 12.74
N ASP A 12 21.97 1.25 12.39
CA ASP A 12 21.44 0.50 11.28
C ASP A 12 20.68 -0.70 11.79
N VAL A 13 19.57 -0.40 12.40
CA VAL A 13 18.63 -1.38 12.92
C VAL A 13 17.36 -1.24 12.07
N SER A 14 17.53 -0.42 11.09
CA SER A 14 16.55 -0.04 10.12
C SER A 14 16.03 -1.28 9.37
N THR A 15 16.90 -2.27 9.26
CA THR A 15 16.62 -3.54 8.64
C THR A 15 15.50 -4.29 9.43
N LEU A 16 15.38 -4.02 10.73
CA LEU A 16 14.42 -4.77 11.50
C LEU A 16 13.06 -4.15 11.45
N THR A 17 12.97 -2.85 11.61
CA THR A 17 11.68 -2.19 11.56
C THR A 17 11.89 -0.68 11.49
N TYR A 18 10.93 0.00 10.88
CA TYR A 18 10.83 1.44 10.90
C TYR A 18 10.87 1.95 12.33
N ALA A 19 10.05 1.32 13.18
CA ALA A 19 9.96 1.65 14.59
C ALA A 19 11.33 1.57 15.27
N GLU A 20 12.08 0.51 14.96
CA GLU A 20 13.40 0.30 15.56
C GLU A 20 14.34 1.44 15.22
N ALA A 21 14.35 1.82 13.95
CA ALA A 21 15.19 2.90 13.48
C ALA A 21 14.80 4.20 14.14
N VAL A 22 13.50 4.47 14.15
CA VAL A 22 12.98 5.70 14.72
C VAL A 22 13.29 5.80 16.21
N LYS A 23 13.07 4.73 16.95
CA LYS A 23 13.34 4.71 18.39
C LYS A 23 14.81 4.97 18.68
N LYS A 24 15.70 4.30 17.97
CA LYS A 24 17.11 4.51 18.17
C LYS A 24 17.55 5.89 17.70
N LEU A 25 16.99 6.35 16.59
CA LEU A 25 17.34 7.67 16.06
C LEU A 25 16.83 8.77 16.99
N THR A 26 15.66 8.53 17.56
CA THR A 26 15.05 9.42 18.52
C THR A 26 15.91 9.47 19.78
N ALA A 27 16.40 8.30 20.19
CA ALA A 27 17.26 8.19 21.34
C ALA A 27 18.62 8.81 21.05
N ALA A 28 18.97 8.92 19.76
CA ALA A 28 20.24 9.51 19.38
C ALA A 28 20.15 11.02 19.44
N GLY A 29 18.93 11.52 19.54
CA GLY A 29 18.72 12.93 19.74
C GLY A 29 18.65 13.70 18.46
N PHE A 30 18.47 13.02 17.35
CA PHE A 30 18.36 13.68 16.05
C PHE A 30 17.15 14.56 15.99
N GLY A 31 17.34 15.76 15.51
CA GLY A 31 16.29 16.70 15.50
C GLY A 31 15.49 16.66 14.24
N ARG A 32 16.14 16.66 13.10
CA ARG A 32 15.42 16.78 11.87
C ARG A 32 15.45 15.47 11.05
N PHE A 33 14.31 14.88 10.88
CA PHE A 33 14.15 13.70 10.06
C PHE A 33 12.79 13.72 9.37
N LYS A 34 12.75 13.19 8.19
CA LYS A 34 11.56 13.21 7.37
C LYS A 34 11.30 11.82 6.83
N GLN A 35 10.08 11.36 6.94
CA GLN A 35 9.72 10.04 6.48
C GLN A 35 9.28 10.07 5.03
N ALA A 36 9.85 9.21 4.23
CA ALA A 36 9.49 9.03 2.85
C ALA A 36 9.05 7.59 2.67
N ASN A 37 8.09 7.34 1.84
CA ASN A 37 7.61 5.98 1.67
C ASN A 37 7.72 5.56 0.23
N SER A 38 8.03 4.30 0.01
CA SER A 38 8.10 3.77 -1.32
C SER A 38 7.46 2.38 -1.37
N PRO A 39 6.56 2.14 -2.35
CA PRO A 39 5.92 0.83 -2.53
C PRO A 39 6.95 -0.23 -2.94
N SER A 40 7.02 -1.28 -2.18
CA SER A 40 7.98 -2.32 -2.38
C SER A 40 7.37 -3.68 -2.07
N THR A 41 8.16 -4.72 -2.24
CA THR A 41 7.80 -6.07 -1.92
C THR A 41 7.37 -6.17 -0.46
N PRO A 42 6.36 -7.01 -0.17
CA PRO A 42 5.82 -7.22 1.19
C PRO A 42 6.91 -7.53 2.22
N GLU A 43 8.00 -8.15 1.77
CA GLU A 43 9.13 -8.45 2.63
C GLU A 43 9.80 -7.21 3.20
N LEU A 44 9.84 -6.14 2.42
CA LEU A 44 10.51 -4.93 2.85
C LEU A 44 9.54 -3.99 3.55
N VAL A 45 8.27 -4.31 3.49
CA VAL A 45 7.27 -3.50 4.16
C VAL A 45 7.53 -3.49 5.66
N GLY A 46 7.62 -2.30 6.22
CA GLY A 46 7.85 -2.13 7.63
C GLY A 46 9.32 -1.97 7.93
N LYS A 47 10.14 -2.23 6.94
CA LYS A 47 11.57 -2.14 7.06
C LYS A 47 12.03 -0.83 6.49
N VAL A 48 13.04 -0.29 7.08
CA VAL A 48 13.64 0.89 6.52
C VAL A 48 14.58 0.41 5.44
N ILE A 49 14.44 0.95 4.25
CA ILE A 49 15.25 0.47 3.15
C ILE A 49 16.45 1.36 2.91
N GLY A 50 16.50 2.44 3.63
CA GLY A 50 17.63 3.30 3.55
C GLY A 50 17.38 4.67 4.11
N THR A 51 18.44 5.36 4.39
CA THR A 51 18.39 6.71 4.84
C THR A 51 19.08 7.56 3.80
N ASN A 52 18.56 8.73 3.55
CA ASN A 52 19.14 9.65 2.58
C ASN A 52 20.60 10.00 2.92
N PRO A 53 20.93 10.46 4.15
CA PRO A 53 22.32 10.58 4.55
C PRO A 53 22.84 9.20 4.97
N PRO A 54 24.11 8.89 4.69
CA PRO A 54 24.71 7.59 5.05
C PRO A 54 24.75 7.39 6.56
N ALA A 55 24.62 6.17 7.00
CA ALA A 55 24.52 5.87 8.42
C ALA A 55 25.89 5.72 9.05
N ASN A 56 26.86 5.43 8.23
CA ASN A 56 28.23 5.19 8.69
C ASN A 56 28.89 6.51 9.04
N GLN A 57 28.49 7.55 8.35
CA GLN A 57 29.03 8.86 8.58
C GLN A 57 28.16 9.62 9.54
N THR A 58 28.75 10.53 10.24
CA THR A 58 28.08 11.25 11.24
C THR A 58 27.34 12.45 10.64
N SER A 59 26.05 12.45 10.77
CA SER A 59 25.24 13.53 10.27
C SER A 59 24.87 14.41 11.47
N ALA A 60 24.76 15.72 11.26
CA ALA A 60 24.48 16.61 12.36
C ALA A 60 23.07 16.44 12.83
N ILE A 61 22.86 16.69 14.10
CA ILE A 61 21.56 16.60 14.76
C ILE A 61 20.53 17.52 14.06
N THR A 62 21.02 18.54 13.40
CA THR A 62 20.20 19.51 12.76
C THR A 62 20.11 19.24 11.24
N ASN A 63 20.80 18.19 10.75
CA ASN A 63 20.72 17.86 9.32
C ASN A 63 19.40 17.17 9.10
N VAL A 64 18.84 17.28 7.92
CA VAL A 64 17.60 16.61 7.67
C VAL A 64 17.86 15.18 7.19
N VAL A 65 17.51 14.23 8.02
CA VAL A 65 17.66 12.86 7.66
C VAL A 65 16.37 12.41 7.00
N ILE A 66 16.44 12.01 5.77
CA ILE A 66 15.27 11.49 5.13
C ILE A 66 15.31 9.99 5.27
N ILE A 67 14.30 9.45 5.90
CA ILE A 67 14.24 8.04 6.15
C ILE A 67 13.21 7.40 5.21
N ILE A 68 13.66 6.48 4.38
CA ILE A 68 12.81 5.87 3.39
C ILE A 68 12.33 4.51 3.90
N VAL A 69 11.04 4.38 4.01
CA VAL A 69 10.43 3.19 4.53
C VAL A 69 9.93 2.33 3.39
N GLY A 70 10.18 1.04 3.48
CA GLY A 70 9.62 0.11 2.56
C GLY A 70 8.17 -0.04 2.89
N SER A 71 7.33 0.42 2.02
CA SER A 71 5.93 0.40 2.27
C SER A 71 5.25 -0.53 1.30
N GLY A 72 4.08 -0.98 1.66
CA GLY A 72 3.37 -1.90 0.84
C GLY A 72 2.47 -1.18 -0.11
N PRO A 73 2.43 -1.60 -1.39
CA PRO A 73 1.51 -1.03 -2.34
C PRO A 73 0.12 -1.52 -2.02
N ALA A 74 -0.77 -0.62 -1.77
CA ALA A 74 -2.11 -1.01 -1.43
C ALA A 74 -2.90 -1.27 -2.70
N THR A 75 -2.71 -2.44 -3.22
CA THR A 75 -3.35 -2.88 -4.42
C THR A 75 -3.80 -4.31 -4.21
N LYS A 76 -4.79 -4.77 -4.96
CA LYS A 76 -5.25 -6.15 -4.87
C LYS A 76 -5.81 -6.64 -6.18
N ASP A 77 -5.79 -7.95 -6.30
CA ASP A 77 -6.22 -8.68 -7.49
C ASP A 77 -7.71 -8.96 -7.42
N ILE A 78 -8.41 -8.66 -8.50
CA ILE A 78 -9.84 -8.87 -8.51
C ILE A 78 -10.20 -10.30 -8.95
N PRO A 79 -11.03 -10.98 -8.18
CA PRO A 79 -11.49 -12.33 -8.50
C PRO A 79 -12.61 -12.31 -9.54
N ASP A 80 -12.84 -13.43 -10.17
CA ASP A 80 -13.89 -13.57 -11.17
C ASP A 80 -15.22 -13.72 -10.51
N VAL A 81 -16.08 -12.77 -10.69
CA VAL A 81 -17.37 -12.79 -10.06
C VAL A 81 -18.52 -12.71 -11.05
N ALA A 82 -18.17 -12.64 -12.33
CA ALA A 82 -19.15 -12.56 -13.39
C ALA A 82 -19.90 -13.86 -13.51
N GLY A 83 -21.19 -13.77 -13.81
CA GLY A 83 -21.97 -14.95 -13.97
C GLY A 83 -22.59 -15.37 -12.68
N GLN A 84 -22.52 -14.50 -11.71
CA GLN A 84 -23.11 -14.77 -10.42
C GLN A 84 -24.11 -13.69 -10.11
N THR A 85 -24.60 -13.66 -8.90
CA THR A 85 -25.61 -12.71 -8.55
C THR A 85 -24.91 -11.48 -8.02
N VAL A 86 -25.55 -10.32 -8.10
CA VAL A 86 -24.94 -9.08 -7.64
C VAL A 86 -24.54 -9.17 -6.16
N ASP A 87 -25.41 -9.75 -5.36
CA ASP A 87 -25.18 -9.87 -3.93
C ASP A 87 -23.99 -10.79 -3.63
N VAL A 88 -23.89 -11.92 -4.33
CA VAL A 88 -22.82 -12.85 -4.04
C VAL A 88 -21.50 -12.36 -4.62
N ALA A 89 -21.59 -11.75 -5.78
CA ALA A 89 -20.43 -11.21 -6.45
C ALA A 89 -19.78 -10.12 -5.66
N GLN A 90 -20.57 -9.18 -5.13
CA GLN A 90 -20.02 -8.09 -4.35
C GLN A 90 -19.39 -8.64 -3.08
N LYS A 91 -20.00 -9.67 -2.51
CA LYS A 91 -19.45 -10.32 -1.33
C LYS A 91 -18.12 -11.00 -1.64
N ASN A 92 -18.11 -11.81 -2.69
CA ASN A 92 -16.90 -12.53 -3.09
C ASN A 92 -15.78 -11.58 -3.46
N LEU A 93 -16.14 -10.52 -4.16
CA LEU A 93 -15.19 -9.53 -4.57
C LEU A 93 -14.68 -8.77 -3.34
N ASN A 94 -15.57 -8.41 -2.44
CA ASN A 94 -15.22 -7.66 -1.21
C ASN A 94 -14.20 -8.41 -0.36
N VAL A 95 -14.37 -9.72 -0.26
CA VAL A 95 -13.51 -10.57 0.55
C VAL A 95 -12.06 -10.64 -0.01
N TYR A 96 -11.90 -10.52 -1.31
CA TYR A 96 -10.55 -10.65 -1.89
C TYR A 96 -10.11 -9.38 -2.59
N GLY A 97 -11.00 -8.45 -2.65
CA GLY A 97 -10.78 -7.25 -3.40
C GLY A 97 -10.92 -6.01 -2.56
N PHE A 98 -11.97 -5.26 -2.78
CA PHE A 98 -12.07 -3.94 -2.20
C PHE A 98 -13.40 -3.74 -1.50
N THR A 99 -13.53 -2.62 -0.85
CA THR A 99 -14.73 -2.24 -0.15
C THR A 99 -15.52 -1.19 -0.94
N LYS A 100 -14.95 -0.74 -2.02
CA LYS A 100 -15.52 0.33 -2.80
C LYS A 100 -15.96 -0.15 -4.16
N PHE A 101 -17.23 0.00 -4.45
CA PHE A 101 -17.82 -0.52 -5.66
C PHE A 101 -18.55 0.56 -6.44
N SER A 102 -18.53 0.41 -7.72
CA SER A 102 -19.31 1.19 -8.64
C SER A 102 -20.07 0.19 -9.50
N GLN A 103 -21.17 0.58 -10.05
CA GLN A 103 -21.92 -0.34 -10.85
C GLN A 103 -22.09 0.21 -12.23
N ALA A 104 -22.04 -0.66 -13.18
CA ALA A 104 -22.26 -0.30 -14.54
C ALA A 104 -23.51 -0.95 -14.97
N SER A 105 -24.43 -0.17 -15.42
CA SER A 105 -25.70 -0.64 -15.80
C SER A 105 -25.66 -1.04 -17.26
N VAL A 106 -25.89 -2.28 -17.49
CA VAL A 106 -25.91 -2.81 -18.82
C VAL A 106 -27.26 -3.42 -19.02
N ASP A 107 -27.67 -3.54 -20.25
CA ASP A 107 -29.01 -4.00 -20.54
C ASP A 107 -29.10 -5.48 -20.40
N SER A 108 -30.00 -5.89 -19.58
CA SER A 108 -30.17 -7.25 -19.20
C SER A 108 -30.75 -8.11 -20.31
N PRO A 109 -30.43 -9.40 -20.33
CA PRO A 109 -31.09 -10.38 -21.17
C PRO A 109 -32.42 -10.77 -20.49
N ARG A 110 -32.84 -12.00 -20.60
CA ARG A 110 -34.02 -12.43 -19.87
C ARG A 110 -33.82 -12.38 -18.33
N PRO A 111 -32.71 -12.95 -17.75
CA PRO A 111 -32.43 -12.78 -16.33
C PRO A 111 -31.88 -11.38 -16.03
N ALA A 112 -32.12 -10.90 -14.83
CA ALA A 112 -31.65 -9.60 -14.42
C ALA A 112 -31.15 -9.66 -12.99
N GLY A 113 -30.18 -8.84 -12.65
CA GLY A 113 -29.63 -8.83 -11.31
C GLY A 113 -28.32 -9.58 -11.23
N GLU A 114 -27.99 -10.27 -12.29
CA GLU A 114 -26.77 -11.01 -12.36
C GLU A 114 -25.63 -10.16 -12.88
N VAL A 115 -24.46 -10.47 -12.42
CA VAL A 115 -23.27 -9.76 -12.81
C VAL A 115 -22.88 -10.18 -14.19
N THR A 116 -22.83 -9.23 -15.07
CA THR A 116 -22.50 -9.44 -16.44
C THR A 116 -20.98 -9.48 -16.57
N GLY A 117 -20.30 -8.74 -15.72
CA GLY A 117 -18.87 -8.73 -15.69
C GLY A 117 -18.33 -7.65 -14.80
N THR A 118 -17.07 -7.42 -14.86
CA THR A 118 -16.43 -6.35 -14.16
C THR A 118 -15.71 -5.53 -15.21
N ASN A 119 -15.57 -4.22 -15.00
CA ASN A 119 -14.91 -3.37 -15.99
C ASN A 119 -13.49 -3.86 -16.34
N PRO A 120 -12.55 -3.97 -15.35
CA PRO A 120 -11.27 -4.60 -15.60
C PRO A 120 -11.44 -6.13 -15.54
N PRO A 121 -10.72 -6.88 -16.35
CA PRO A 121 -10.82 -8.35 -16.35
C PRO A 121 -10.28 -8.97 -15.05
N ALA A 122 -10.89 -10.06 -14.64
CA ALA A 122 -10.47 -10.83 -13.49
C ALA A 122 -8.99 -11.18 -13.59
N GLY A 123 -8.27 -10.90 -12.56
CA GLY A 123 -6.85 -11.12 -12.58
C GLY A 123 -6.08 -9.82 -12.65
N THR A 124 -6.80 -8.74 -12.84
CA THR A 124 -6.18 -7.45 -12.84
C THR A 124 -6.02 -6.95 -11.41
N THR A 125 -4.82 -6.59 -11.06
CA THR A 125 -4.54 -6.01 -9.78
C THR A 125 -4.64 -4.49 -9.91
N VAL A 126 -5.48 -3.89 -9.13
CA VAL A 126 -5.65 -2.45 -9.15
C VAL A 126 -5.48 -1.92 -7.73
N PRO A 127 -5.17 -0.61 -7.58
CA PRO A 127 -5.03 0.01 -6.26
C PRO A 127 -6.31 -0.04 -5.48
N VAL A 128 -6.17 -0.18 -4.18
CA VAL A 128 -7.30 -0.18 -3.28
C VAL A 128 -7.93 1.22 -3.26
N ASP A 129 -7.13 2.18 -3.71
CA ASP A 129 -7.51 3.58 -3.84
C ASP A 129 -8.29 3.77 -5.16
N SER A 130 -8.54 2.70 -5.85
CA SER A 130 -9.30 2.70 -7.05
C SER A 130 -10.59 1.95 -6.78
N VAL A 131 -11.66 2.43 -7.34
CA VAL A 131 -12.96 1.83 -7.14
C VAL A 131 -13.20 0.79 -8.24
N ILE A 132 -13.72 -0.36 -7.86
CA ILE A 132 -13.98 -1.42 -8.81
C ILE A 132 -15.41 -1.30 -9.37
N GLU A 133 -15.56 -1.44 -10.66
CA GLU A 133 -16.81 -1.34 -11.30
C GLU A 133 -17.35 -2.72 -11.65
N LEU A 134 -18.47 -3.02 -11.05
CA LEU A 134 -19.18 -4.25 -11.23
C LEU A 134 -20.26 -3.97 -12.27
N GLN A 135 -20.21 -4.67 -13.37
CA GLN A 135 -21.13 -4.43 -14.45
C GLN A 135 -22.28 -5.39 -14.29
N VAL A 136 -23.38 -4.86 -13.88
CA VAL A 136 -24.55 -5.63 -13.55
C VAL A 136 -25.70 -5.32 -14.46
N SER A 137 -26.40 -6.35 -14.85
CA SER A 137 -27.56 -6.26 -15.66
C SER A 137 -28.63 -5.43 -14.91
N LYS A 138 -29.05 -4.33 -15.52
CA LYS A 138 -30.01 -3.43 -14.93
C LYS A 138 -31.42 -3.98 -15.09
N GLY A 4 33.27 17.53 21.63
CA GLY A 4 33.96 16.44 20.97
C GLY A 4 33.39 16.26 19.59
N PRO A 5 33.48 15.08 19.00
CA PRO A 5 32.81 14.84 17.73
C PRO A 5 31.31 14.83 17.94
N GLU A 6 30.60 15.55 17.10
CA GLU A 6 29.15 15.62 17.22
C GLU A 6 28.51 14.62 16.31
N GLN A 7 29.30 13.68 15.88
CA GLN A 7 28.82 12.65 15.02
C GLN A 7 28.18 11.55 15.85
N ARG A 8 26.94 11.28 15.54
CA ARG A 8 26.16 10.30 16.23
C ARG A 8 25.73 9.24 15.22
N GLU A 9 25.29 8.11 15.69
CA GLU A 9 24.97 6.97 14.86
C GLU A 9 23.58 7.08 14.25
N ILE A 10 23.48 6.64 13.02
CA ILE A 10 22.19 6.52 12.38
C ILE A 10 21.64 5.17 12.80
N PRO A 11 20.40 5.09 13.26
CA PRO A 11 19.80 3.82 13.70
C PRO A 11 19.78 2.77 12.58
N ASP A 12 20.03 1.54 12.96
CA ASP A 12 19.99 0.41 12.04
C ASP A 12 18.70 -0.36 12.25
N VAL A 13 18.04 -0.04 13.36
CA VAL A 13 16.80 -0.70 13.75
C VAL A 13 15.62 -0.07 13.02
N SER A 14 15.93 0.79 12.09
CA SER A 14 14.98 1.46 11.26
C SER A 14 14.28 0.42 10.40
N THR A 15 15.01 -0.63 10.10
CA THR A 15 14.55 -1.73 9.35
C THR A 15 13.34 -2.41 10.03
N LEU A 16 13.28 -2.29 11.36
CA LEU A 16 12.26 -2.97 12.10
C LEU A 16 10.96 -2.19 11.98
N THR A 17 11.01 -0.87 12.12
CA THR A 17 9.85 -0.01 11.97
C THR A 17 10.35 1.43 11.80
N TYR A 18 9.65 2.21 10.97
CA TYR A 18 9.95 3.62 10.79
C TYR A 18 9.83 4.37 12.11
N ALA A 19 8.80 4.04 12.90
CA ALA A 19 8.63 4.61 14.22
C ALA A 19 9.89 4.37 15.10
N GLU A 20 10.47 3.16 15.00
CA GLU A 20 11.67 2.82 15.72
C GLU A 20 12.82 3.71 15.30
N ALA A 21 12.93 3.91 14.00
CA ALA A 21 13.94 4.77 13.40
C ALA A 21 13.79 6.18 13.90
N VAL A 22 12.57 6.69 13.87
CA VAL A 22 12.28 8.05 14.28
C VAL A 22 12.70 8.27 15.72
N LYS A 23 12.29 7.40 16.62
CA LYS A 23 12.61 7.60 18.02
C LYS A 23 14.10 7.46 18.31
N LYS A 24 14.76 6.51 17.64
CA LYS A 24 16.20 6.32 17.78
C LYS A 24 16.95 7.52 17.23
N LEU A 25 16.53 8.00 16.08
CA LEU A 25 17.15 9.13 15.44
C LEU A 25 16.92 10.40 16.25
N THR A 26 15.73 10.51 16.81
CA THR A 26 15.37 11.60 17.68
C THR A 26 16.26 11.56 18.94
N ALA A 27 16.49 10.35 19.45
CA ALA A 27 17.38 10.14 20.59
C ALA A 27 18.83 10.34 20.19
N ALA A 28 19.11 10.29 18.90
CA ALA A 28 20.46 10.48 18.43
C ALA A 28 20.75 11.98 18.30
N GLY A 29 19.71 12.77 18.34
CA GLY A 29 19.86 14.21 18.41
C GLY A 29 20.01 14.88 17.07
N PHE A 30 19.82 14.13 16.00
CA PHE A 30 19.94 14.68 14.65
C PHE A 30 18.96 15.80 14.41
N GLY A 31 19.50 16.95 14.00
CA GLY A 31 18.72 18.13 13.82
C GLY A 31 17.68 18.03 12.74
N ARG A 32 18.08 17.68 11.55
CA ARG A 32 17.17 17.66 10.44
C ARG A 32 17.11 16.29 9.82
N PHE A 33 15.92 15.82 9.62
CA PHE A 33 15.68 14.59 8.94
C PHE A 33 14.41 14.70 8.14
N LYS A 34 14.39 14.07 7.00
CA LYS A 34 13.29 14.17 6.10
C LYS A 34 12.87 12.81 5.65
N GLN A 35 11.59 12.61 5.54
CA GLN A 35 11.04 11.35 5.10
C GLN A 35 11.04 11.28 3.57
N ALA A 36 11.43 10.14 3.08
CA ALA A 36 11.34 9.79 1.70
C ALA A 36 10.72 8.42 1.67
N ASN A 37 9.98 8.08 0.66
CA ASN A 37 9.38 6.75 0.60
C ASN A 37 9.49 6.18 -0.79
N SER A 38 9.57 4.89 -0.88
CA SER A 38 9.61 4.22 -2.15
C SER A 38 8.59 3.08 -2.13
N PRO A 39 7.96 2.78 -3.26
CA PRO A 39 6.97 1.70 -3.35
C PRO A 39 7.64 0.30 -3.25
N SER A 40 7.03 -0.53 -2.47
CA SER A 40 7.50 -1.86 -2.20
C SER A 40 6.33 -2.75 -1.86
N THR A 41 6.60 -4.01 -1.60
CA THR A 41 5.61 -4.97 -1.19
C THR A 41 4.90 -4.55 0.12
N PRO A 42 3.58 -4.81 0.22
CA PRO A 42 2.76 -4.49 1.39
C PRO A 42 3.33 -5.02 2.71
N GLU A 43 4.07 -6.11 2.64
CA GLU A 43 4.65 -6.70 3.85
C GLU A 43 5.83 -5.87 4.40
N LEU A 44 6.30 -4.90 3.63
CA LEU A 44 7.41 -4.05 4.07
C LEU A 44 6.95 -2.64 4.42
N VAL A 45 5.65 -2.38 4.33
CA VAL A 45 5.11 -1.04 4.61
C VAL A 45 5.37 -0.61 6.07
N GLY A 46 5.93 0.57 6.23
CA GLY A 46 6.16 1.11 7.55
C GLY A 46 7.53 0.75 8.10
N LYS A 47 8.30 0.09 7.29
CA LYS A 47 9.63 -0.29 7.63
C LYS A 47 10.58 0.52 6.82
N VAL A 48 11.72 0.85 7.38
CA VAL A 48 12.70 1.60 6.66
C VAL A 48 13.50 0.67 5.77
N ILE A 49 13.53 0.98 4.50
CA ILE A 49 14.19 0.13 3.54
C ILE A 49 15.56 0.68 3.15
N GLY A 50 15.89 1.82 3.70
CA GLY A 50 17.19 2.41 3.46
C GLY A 50 17.28 3.81 4.00
N THR A 51 18.47 4.25 4.27
CA THR A 51 18.72 5.58 4.72
C THR A 51 19.79 6.20 3.85
N ASN A 52 19.73 7.50 3.67
CA ASN A 52 20.77 8.18 2.90
C ASN A 52 22.13 8.11 3.63
N PRO A 53 22.25 8.57 4.92
CA PRO A 53 23.45 8.33 5.68
C PRO A 53 23.40 6.91 6.28
N PRO A 54 24.47 6.13 6.13
CA PRO A 54 24.51 4.76 6.65
C PRO A 54 24.62 4.70 8.17
N ALA A 55 24.11 3.62 8.73
CA ALA A 55 24.07 3.37 10.17
C ALA A 55 25.42 2.86 10.67
N ASN A 56 26.37 2.85 9.80
CA ASN A 56 27.65 2.28 10.12
C ASN A 56 28.64 3.35 10.54
N GLN A 57 28.47 4.56 10.05
CA GLN A 57 29.33 5.64 10.47
C GLN A 57 28.51 6.66 11.20
N THR A 58 29.14 7.51 11.95
CA THR A 58 28.45 8.49 12.68
C THR A 58 28.42 9.80 11.90
N SER A 59 27.31 10.49 11.93
CA SER A 59 27.17 11.74 11.21
C SER A 59 26.83 12.84 12.21
N ALA A 60 27.28 14.05 11.91
CA ALA A 60 27.12 15.22 12.79
C ALA A 60 25.65 15.51 13.13
N ILE A 61 25.45 16.10 14.30
CA ILE A 61 24.13 16.49 14.81
C ILE A 61 23.45 17.46 13.83
N THR A 62 24.26 18.26 13.18
CA THR A 62 23.80 19.26 12.25
C THR A 62 23.50 18.64 10.85
N ASN A 63 23.63 17.34 10.72
CA ASN A 63 23.39 16.66 9.44
C ASN A 63 21.91 16.55 9.13
N VAL A 64 21.63 16.38 7.85
CA VAL A 64 20.28 16.16 7.37
C VAL A 64 20.15 14.71 6.98
N VAL A 65 19.32 13.99 7.68
CA VAL A 65 19.12 12.60 7.38
C VAL A 65 17.93 12.41 6.47
N ILE A 66 18.16 11.85 5.32
CA ILE A 66 17.09 11.50 4.44
C ILE A 66 16.78 10.05 4.69
N ILE A 67 15.63 9.79 5.21
CA ILE A 67 15.26 8.44 5.57
C ILE A 67 14.21 7.88 4.58
N ILE A 68 14.47 6.69 4.03
CA ILE A 68 13.60 6.09 3.02
C ILE A 68 12.72 4.98 3.64
N VAL A 69 11.43 5.22 3.64
CA VAL A 69 10.46 4.30 4.19
C VAL A 69 9.88 3.43 3.08
N GLY A 70 9.63 2.18 3.39
CA GLY A 70 8.99 1.31 2.48
C GLY A 70 7.52 1.57 2.45
N SER A 71 7.05 2.04 1.32
CA SER A 71 5.67 2.32 1.12
C SER A 71 5.07 1.12 0.44
N GLY A 72 3.99 0.62 0.94
CA GLY A 72 3.41 -0.56 0.37
C GLY A 72 2.05 -0.30 -0.20
N PRO A 73 1.93 -0.10 -1.53
CA PRO A 73 0.64 0.09 -2.16
C PRO A 73 -0.12 -1.22 -2.17
N ALA A 74 -1.20 -1.25 -1.47
CA ALA A 74 -1.99 -2.43 -1.35
C ALA A 74 -2.95 -2.49 -2.50
N THR A 75 -2.67 -3.36 -3.41
CA THR A 75 -3.50 -3.54 -4.56
C THR A 75 -3.92 -5.01 -4.64
N LYS A 76 -4.91 -5.30 -5.45
CA LYS A 76 -5.38 -6.66 -5.67
C LYS A 76 -5.69 -6.83 -7.14
N ASP A 77 -5.43 -8.00 -7.65
CA ASP A 77 -5.69 -8.32 -9.04
C ASP A 77 -7.07 -8.87 -9.15
N ILE A 78 -7.86 -8.35 -10.07
CA ILE A 78 -9.23 -8.77 -10.17
C ILE A 78 -9.43 -9.86 -11.23
N PRO A 79 -9.94 -11.01 -10.84
CA PRO A 79 -10.36 -12.03 -11.77
C PRO A 79 -11.82 -11.79 -12.17
N ASP A 80 -12.30 -12.50 -13.16
CA ASP A 80 -13.66 -12.34 -13.54
C ASP A 80 -14.55 -13.17 -12.63
N VAL A 81 -15.55 -12.53 -12.09
CA VAL A 81 -16.52 -13.18 -11.24
C VAL A 81 -17.90 -13.01 -11.92
N ALA A 82 -17.83 -12.63 -13.18
CA ALA A 82 -18.98 -12.37 -13.99
C ALA A 82 -19.68 -13.67 -14.34
N GLY A 83 -20.99 -13.66 -14.29
CA GLY A 83 -21.76 -14.84 -14.62
C GLY A 83 -22.32 -15.50 -13.40
N GLN A 84 -21.96 -14.98 -12.25
CA GLN A 84 -22.45 -15.48 -10.99
C GLN A 84 -23.46 -14.48 -10.48
N THR A 85 -24.11 -14.74 -9.37
CA THR A 85 -25.15 -13.85 -8.93
C THR A 85 -24.53 -12.67 -8.24
N VAL A 86 -25.24 -11.58 -8.16
CA VAL A 86 -24.73 -10.35 -7.57
C VAL A 86 -24.32 -10.59 -6.12
N ASP A 87 -25.16 -11.32 -5.44
CA ASP A 87 -24.96 -11.63 -4.05
C ASP A 87 -23.75 -12.54 -3.84
N VAL A 88 -23.59 -13.55 -4.68
CA VAL A 88 -22.47 -14.46 -4.52
C VAL A 88 -21.17 -13.82 -5.02
N ALA A 89 -21.27 -13.07 -6.11
CA ALA A 89 -20.12 -12.42 -6.72
C ALA A 89 -19.50 -11.42 -5.79
N GLN A 90 -20.33 -10.53 -5.21
CA GLN A 90 -19.81 -9.54 -4.29
C GLN A 90 -19.25 -10.20 -3.06
N LYS A 91 -19.90 -11.26 -2.63
CA LYS A 91 -19.47 -12.01 -1.45
C LYS A 91 -18.08 -12.58 -1.64
N ASN A 92 -17.90 -13.31 -2.74
CA ASN A 92 -16.64 -13.96 -3.01
C ASN A 92 -15.56 -12.93 -3.24
N LEU A 93 -15.90 -11.89 -3.97
CA LEU A 93 -14.97 -10.85 -4.31
C LEU A 93 -14.58 -10.09 -3.04
N ASN A 94 -15.53 -9.85 -2.17
CA ASN A 94 -15.32 -9.09 -0.93
C ASN A 94 -14.26 -9.74 -0.05
N VAL A 95 -14.27 -11.05 -0.01
CA VAL A 95 -13.34 -11.81 0.79
C VAL A 95 -11.89 -11.71 0.27
N TYR A 96 -11.71 -11.74 -1.04
CA TYR A 96 -10.36 -11.81 -1.60
C TYR A 96 -9.93 -10.50 -2.24
N GLY A 97 -10.89 -9.74 -2.61
CA GLY A 97 -10.68 -8.55 -3.34
C GLY A 97 -10.80 -7.30 -2.52
N PHE A 98 -11.95 -6.65 -2.61
CA PHE A 98 -12.13 -5.35 -2.00
C PHE A 98 -13.41 -5.30 -1.21
N THR A 99 -13.52 -4.27 -0.42
CA THR A 99 -14.67 -3.98 0.39
C THR A 99 -15.51 -2.88 -0.26
N LYS A 100 -15.00 -2.33 -1.35
CA LYS A 100 -15.60 -1.18 -1.99
C LYS A 100 -16.20 -1.62 -3.33
N PHE A 101 -17.50 -1.50 -3.45
CA PHE A 101 -18.23 -1.93 -4.63
C PHE A 101 -19.13 -0.83 -5.13
N SER A 102 -19.27 -0.77 -6.42
CA SER A 102 -20.21 0.10 -7.07
C SER A 102 -20.90 -0.71 -8.13
N GLN A 103 -22.14 -0.45 -8.39
CA GLN A 103 -22.84 -1.19 -9.41
C GLN A 103 -23.46 -0.29 -10.43
N ALA A 104 -23.45 -0.74 -11.65
CA ALA A 104 -24.06 -0.06 -12.75
C ALA A 104 -25.08 -1.00 -13.36
N SER A 105 -26.29 -0.54 -13.54
CA SER A 105 -27.34 -1.37 -14.06
C SER A 105 -27.35 -1.33 -15.58
N VAL A 106 -27.32 -2.48 -16.19
CA VAL A 106 -27.31 -2.60 -17.62
C VAL A 106 -28.51 -3.40 -18.04
N ASP A 107 -28.87 -3.33 -19.30
CA ASP A 107 -30.04 -4.07 -19.75
C ASP A 107 -29.69 -5.51 -19.95
N SER A 108 -30.61 -6.33 -19.56
CA SER A 108 -30.44 -7.74 -19.57
C SER A 108 -30.88 -8.34 -20.92
N PRO A 109 -29.96 -8.92 -21.70
CA PRO A 109 -30.31 -9.62 -22.91
C PRO A 109 -30.76 -11.04 -22.55
N ARG A 110 -29.82 -11.96 -22.39
CA ARG A 110 -30.13 -13.27 -21.90
C ARG A 110 -30.01 -13.33 -20.38
N PRO A 111 -28.83 -12.95 -19.76
CA PRO A 111 -28.69 -12.92 -18.30
C PRO A 111 -29.67 -11.94 -17.66
N ALA A 112 -30.03 -12.20 -16.43
CA ALA A 112 -30.97 -11.38 -15.68
C ALA A 112 -30.90 -11.77 -14.22
N GLY A 113 -29.92 -11.23 -13.54
CA GLY A 113 -29.73 -11.52 -12.14
C GLY A 113 -28.26 -11.74 -11.85
N GLU A 114 -27.58 -12.25 -12.82
CA GLU A 114 -26.18 -12.46 -12.73
C GLU A 114 -25.44 -11.19 -13.13
N VAL A 115 -24.28 -11.01 -12.55
CA VAL A 115 -23.49 -9.86 -12.84
C VAL A 115 -22.86 -10.06 -14.23
N THR A 116 -23.11 -9.11 -15.09
CA THR A 116 -22.77 -9.17 -16.47
C THR A 116 -21.26 -9.02 -16.66
N GLY A 117 -20.66 -8.11 -15.92
CA GLY A 117 -19.26 -7.88 -16.04
C GLY A 117 -18.79 -6.92 -15.01
N THR A 118 -17.66 -6.33 -15.25
CA THR A 118 -17.08 -5.38 -14.34
C THR A 118 -16.66 -4.15 -15.13
N ASN A 119 -16.49 -3.04 -14.45
CA ASN A 119 -16.01 -1.84 -15.12
C ASN A 119 -14.55 -2.00 -15.54
N PRO A 120 -13.58 -2.34 -14.61
CA PRO A 120 -12.21 -2.59 -15.00
C PRO A 120 -12.09 -4.02 -15.55
N PRO A 121 -11.20 -4.26 -16.52
CA PRO A 121 -11.04 -5.60 -17.09
C PRO A 121 -10.31 -6.56 -16.15
N ALA A 122 -10.66 -7.82 -16.24
CA ALA A 122 -10.06 -8.87 -15.45
C ALA A 122 -8.57 -8.96 -15.76
N GLY A 123 -7.79 -9.13 -14.75
CA GLY A 123 -6.35 -9.18 -14.91
C GLY A 123 -5.73 -7.84 -14.57
N THR A 124 -6.56 -6.87 -14.32
CA THR A 124 -6.09 -5.58 -13.92
C THR A 124 -5.93 -5.53 -12.41
N THR A 125 -4.76 -5.17 -11.97
CA THR A 125 -4.52 -5.02 -10.58
C THR A 125 -4.83 -3.58 -10.20
N VAL A 126 -5.71 -3.39 -9.25
CA VAL A 126 -6.10 -2.07 -8.83
C VAL A 126 -5.94 -1.94 -7.32
N PRO A 127 -5.74 -0.71 -6.81
CA PRO A 127 -5.57 -0.47 -5.38
C PRO A 127 -6.80 -0.82 -4.55
N VAL A 128 -6.55 -1.24 -3.34
CA VAL A 128 -7.59 -1.62 -2.39
C VAL A 128 -8.43 -0.42 -1.96
N ASP A 129 -7.87 0.74 -2.15
CA ASP A 129 -8.50 1.99 -1.80
C ASP A 129 -9.40 2.43 -2.93
N SER A 130 -9.32 1.73 -4.01
CA SER A 130 -10.07 2.01 -5.15
C SER A 130 -11.31 1.10 -5.17
N VAL A 131 -12.36 1.60 -5.75
CA VAL A 131 -13.63 0.93 -5.74
C VAL A 131 -13.81 0.12 -7.02
N ILE A 132 -14.31 -1.10 -6.89
CA ILE A 132 -14.56 -1.90 -8.07
C ILE A 132 -16.05 -1.83 -8.44
N GLU A 133 -16.30 -1.53 -9.67
CA GLU A 133 -17.62 -1.37 -10.17
C GLU A 133 -18.03 -2.60 -10.97
N LEU A 134 -19.17 -3.13 -10.65
CA LEU A 134 -19.75 -4.28 -11.29
C LEU A 134 -20.90 -3.87 -12.20
N GLN A 135 -20.92 -4.43 -13.38
CA GLN A 135 -21.98 -4.19 -14.35
C GLN A 135 -23.02 -5.26 -14.10
N VAL A 136 -24.12 -4.86 -13.57
CA VAL A 136 -25.15 -5.80 -13.16
C VAL A 136 -26.37 -5.74 -14.09
N SER A 137 -26.90 -6.91 -14.44
CA SER A 137 -28.13 -7.00 -15.19
C SER A 137 -29.22 -6.33 -14.32
N LYS A 138 -29.85 -5.31 -14.87
CA LYS A 138 -30.80 -4.49 -14.11
C LYS A 138 -31.95 -5.33 -13.55
N GLY A 4 33.56 19.00 18.70
CA GLY A 4 33.28 18.13 17.56
C GLY A 4 31.98 18.55 16.93
N PRO A 5 31.78 18.25 15.63
CA PRO A 5 30.52 18.56 14.96
C PRO A 5 29.39 17.66 15.47
N GLU A 6 28.19 18.15 15.40
CA GLU A 6 27.02 17.44 15.90
C GLU A 6 26.50 16.43 14.88
N GLN A 7 27.42 15.64 14.38
CA GLN A 7 27.13 14.61 13.44
C GLN A 7 27.15 13.29 14.16
N ARG A 8 26.12 12.52 13.97
CA ARG A 8 25.99 11.26 14.63
C ARG A 8 25.71 10.20 13.58
N GLU A 9 25.98 8.98 13.92
CA GLU A 9 25.75 7.84 13.04
C GLU A 9 24.29 7.39 13.11
N ILE A 10 23.73 7.01 11.98
CA ILE A 10 22.35 6.54 11.96
C ILE A 10 22.31 5.04 12.32
N PRO A 11 21.45 4.63 13.28
CA PRO A 11 21.27 3.22 13.65
C PRO A 11 20.78 2.36 12.48
N ASP A 12 21.24 1.14 12.42
CA ASP A 12 20.89 0.22 11.34
C ASP A 12 19.73 -0.68 11.75
N VAL A 13 19.10 -0.34 12.87
CA VAL A 13 17.95 -1.08 13.40
C VAL A 13 16.70 -0.68 12.60
N SER A 14 16.89 0.33 11.80
CA SER A 14 15.90 0.88 10.90
C SER A 14 15.43 -0.19 9.93
N THR A 15 16.35 -1.05 9.57
CA THR A 15 16.12 -2.16 8.69
C THR A 15 15.05 -3.11 9.29
N LEU A 16 14.94 -3.13 10.62
CA LEU A 16 14.04 -4.05 11.25
C LEU A 16 12.61 -3.53 11.24
N THR A 17 12.43 -2.24 11.56
CA THR A 17 11.12 -1.62 11.54
C THR A 17 11.29 -0.07 11.51
N TYR A 18 10.39 0.61 10.79
CA TYR A 18 10.33 2.08 10.75
C TYR A 18 10.29 2.69 12.14
N ALA A 19 9.40 2.17 12.97
CA ALA A 19 9.25 2.65 14.34
C ALA A 19 10.57 2.52 15.11
N GLU A 20 11.26 1.40 14.89
CA GLU A 20 12.53 1.13 15.53
C GLU A 20 13.57 2.16 15.15
N ALA A 21 13.56 2.54 13.88
CA ALA A 21 14.45 3.57 13.36
C ALA A 21 14.19 4.88 14.04
N VAL A 22 12.93 5.27 14.05
CA VAL A 22 12.52 6.55 14.55
C VAL A 22 12.82 6.71 16.03
N LYS A 23 12.48 5.71 16.82
CA LYS A 23 12.70 5.79 18.27
C LYS A 23 14.17 5.95 18.57
N LYS A 24 14.98 5.13 17.92
CA LYS A 24 16.40 5.12 18.13
C LYS A 24 17.06 6.40 17.60
N LEU A 25 16.68 6.80 16.40
CA LEU A 25 17.24 7.98 15.75
C LEU A 25 16.83 9.25 16.46
N THR A 26 15.60 9.29 16.91
CA THR A 26 15.07 10.39 17.69
C THR A 26 15.83 10.49 19.02
N ALA A 27 16.12 9.34 19.61
CA ALA A 27 16.89 9.26 20.85
C ALA A 27 18.34 9.61 20.58
N ALA A 28 18.75 9.54 19.32
CA ALA A 28 20.10 9.88 18.93
C ALA A 28 20.25 11.38 18.77
N GLY A 29 19.12 12.08 18.81
CA GLY A 29 19.15 13.52 18.81
C GLY A 29 18.52 14.13 17.59
N PHE A 30 18.47 13.38 16.52
CA PHE A 30 17.92 13.85 15.25
C PHE A 30 16.46 14.20 15.40
N GLY A 31 16.08 15.34 14.88
CA GLY A 31 14.71 15.73 14.94
C GLY A 31 14.16 16.16 13.61
N ARG A 32 15.01 16.28 12.62
CA ARG A 32 14.55 16.72 11.33
C ARG A 32 14.43 15.51 10.42
N PHE A 33 13.23 15.23 10.02
CA PHE A 33 12.92 14.07 9.22
C PHE A 33 12.11 14.47 8.01
N LYS A 34 12.21 13.67 7.01
CA LYS A 34 11.37 13.73 5.86
C LYS A 34 11.06 12.29 5.54
N GLN A 35 9.82 11.95 5.51
CA GLN A 35 9.42 10.58 5.33
C GLN A 35 8.91 10.34 3.93
N ALA A 36 9.36 9.27 3.34
CA ALA A 36 8.95 8.87 2.02
C ALA A 36 8.75 7.38 2.01
N ASN A 37 7.89 6.90 1.14
CA ASN A 37 7.67 5.46 1.03
C ASN A 37 7.87 5.03 -0.41
N SER A 38 8.36 3.84 -0.58
CA SER A 38 8.62 3.32 -1.90
C SER A 38 8.22 1.83 -1.97
N PRO A 39 7.53 1.40 -3.05
CA PRO A 39 7.08 0.03 -3.20
C PRO A 39 8.25 -0.94 -3.31
N SER A 40 8.27 -1.87 -2.41
CA SER A 40 9.32 -2.84 -2.30
C SER A 40 8.68 -4.20 -1.95
N THR A 41 9.48 -5.25 -1.80
CA THR A 41 9.01 -6.55 -1.41
C THR A 41 8.11 -6.46 -0.14
N PRO A 42 7.06 -7.29 -0.07
CA PRO A 42 6.10 -7.33 1.05
C PRO A 42 6.80 -7.45 2.42
N GLU A 43 7.95 -8.08 2.43
CA GLU A 43 8.69 -8.31 3.67
C GLU A 43 9.26 -7.01 4.24
N LEU A 44 9.37 -5.98 3.43
CA LEU A 44 9.95 -4.73 3.88
C LEU A 44 8.90 -3.67 4.22
N VAL A 45 7.62 -4.06 4.18
CA VAL A 45 6.57 -3.12 4.52
C VAL A 45 6.73 -2.60 5.96
N GLY A 46 6.74 -1.29 6.12
CA GLY A 46 6.83 -0.70 7.43
C GLY A 46 8.25 -0.75 7.99
N LYS A 47 9.20 -1.04 7.14
CA LYS A 47 10.58 -1.10 7.52
C LYS A 47 11.36 -0.12 6.70
N VAL A 48 12.46 0.34 7.21
CA VAL A 48 13.26 1.28 6.50
C VAL A 48 14.13 0.56 5.49
N ILE A 49 14.06 0.96 4.26
CA ILE A 49 14.85 0.33 3.23
C ILE A 49 16.11 1.12 2.96
N GLY A 50 16.14 2.33 3.47
CA GLY A 50 17.30 3.16 3.30
C GLY A 50 17.04 4.57 3.75
N THR A 51 18.09 5.29 4.02
CA THR A 51 18.00 6.66 4.39
C THR A 51 18.78 7.47 3.38
N ASN A 52 18.32 8.68 3.12
CA ASN A 52 19.03 9.58 2.22
C ASN A 52 20.46 9.85 2.71
N PRO A 53 20.66 10.38 3.95
CA PRO A 53 22.01 10.49 4.49
C PRO A 53 22.49 9.09 4.88
N PRO A 54 23.68 8.70 4.44
CA PRO A 54 24.22 7.38 4.73
C PRO A 54 24.45 7.17 6.23
N ALA A 55 23.99 6.03 6.72
CA ALA A 55 24.09 5.68 8.14
C ALA A 55 25.50 5.28 8.50
N ASN A 56 26.30 5.21 7.50
CA ASN A 56 27.68 4.82 7.62
C ASN A 56 28.50 6.02 8.02
N GLN A 57 28.06 7.21 7.64
CA GLN A 57 28.73 8.42 8.00
C GLN A 57 27.96 9.12 9.09
N THR A 58 28.57 10.06 9.74
CA THR A 58 27.91 10.80 10.75
C THR A 58 27.21 11.99 10.11
N SER A 59 25.92 12.06 10.29
CA SER A 59 25.12 13.13 9.74
C SER A 59 24.77 14.09 10.86
N ALA A 60 24.64 15.36 10.56
CA ALA A 60 24.38 16.35 11.57
C ALA A 60 22.97 16.25 12.07
N ILE A 61 22.78 16.58 13.33
CA ILE A 61 21.46 16.58 13.98
C ILE A 61 20.51 17.58 13.27
N THR A 62 21.10 18.52 12.57
CA THR A 62 20.37 19.53 11.84
C THR A 62 20.17 19.10 10.37
N ASN A 63 20.68 17.93 10.00
CA ASN A 63 20.46 17.43 8.66
C ASN A 63 19.07 16.88 8.58
N VAL A 64 18.42 17.10 7.47
CA VAL A 64 17.12 16.55 7.27
C VAL A 64 17.26 15.11 6.79
N VAL A 65 16.87 14.20 7.63
CA VAL A 65 17.00 12.84 7.28
C VAL A 65 15.80 12.42 6.51
N ILE A 66 16.02 12.02 5.30
CA ILE A 66 14.98 11.51 4.48
C ILE A 66 14.98 10.03 4.68
N ILE A 67 13.95 9.56 5.30
CA ILE A 67 13.82 8.19 5.66
C ILE A 67 12.84 7.54 4.69
N ILE A 68 13.32 6.52 4.01
CA ILE A 68 12.51 5.84 3.04
C ILE A 68 11.99 4.54 3.62
N VAL A 69 10.69 4.45 3.69
CA VAL A 69 10.03 3.29 4.22
C VAL A 69 9.63 2.41 3.05
N GLY A 70 9.80 1.13 3.22
CA GLY A 70 9.39 0.22 2.20
C GLY A 70 7.92 -0.06 2.34
N SER A 71 7.20 0.11 1.29
CA SER A 71 5.82 -0.21 1.29
C SER A 71 5.62 -1.46 0.45
N GLY A 72 4.88 -2.40 0.98
CA GLY A 72 4.62 -3.60 0.27
C GLY A 72 3.36 -3.45 -0.54
N PRO A 73 3.12 -4.32 -1.51
CA PRO A 73 1.92 -4.27 -2.31
C PRO A 73 0.66 -4.46 -1.48
N ALA A 74 -0.21 -3.49 -1.53
CA ALA A 74 -1.47 -3.57 -0.88
C ALA A 74 -2.53 -3.62 -1.96
N THR A 75 -2.57 -4.73 -2.64
CA THR A 75 -3.41 -4.92 -3.77
C THR A 75 -4.08 -6.29 -3.69
N LYS A 76 -5.09 -6.49 -4.51
CA LYS A 76 -5.74 -7.80 -4.64
C LYS A 76 -6.08 -8.11 -6.06
N ASP A 77 -5.83 -9.36 -6.43
CA ASP A 77 -6.14 -9.89 -7.75
C ASP A 77 -7.59 -10.25 -7.76
N ILE A 78 -8.32 -9.76 -8.71
CA ILE A 78 -9.71 -10.11 -8.79
C ILE A 78 -9.92 -11.25 -9.78
N PRO A 79 -10.66 -12.29 -9.39
CA PRO A 79 -11.02 -13.37 -10.28
C PRO A 79 -12.38 -13.08 -10.95
N ASP A 80 -12.86 -14.00 -11.77
CA ASP A 80 -14.14 -13.84 -12.40
C ASP A 80 -15.25 -14.10 -11.42
N VAL A 81 -15.74 -13.05 -10.80
CA VAL A 81 -16.82 -13.15 -9.84
C VAL A 81 -18.12 -12.81 -10.59
N ALA A 82 -17.92 -12.52 -11.87
CA ALA A 82 -18.97 -12.18 -12.76
C ALA A 82 -19.81 -13.40 -13.05
N GLY A 83 -21.09 -13.21 -13.18
CA GLY A 83 -21.97 -14.32 -13.42
C GLY A 83 -22.88 -14.56 -12.25
N GLN A 84 -22.55 -13.98 -11.11
CA GLN A 84 -23.39 -14.13 -9.95
C GLN A 84 -24.31 -12.95 -9.80
N THR A 85 -24.97 -12.87 -8.69
CA THR A 85 -25.91 -11.82 -8.40
C THR A 85 -25.12 -10.62 -7.86
N VAL A 86 -25.69 -9.41 -7.96
CA VAL A 86 -24.96 -8.19 -7.54
C VAL A 86 -24.53 -8.27 -6.09
N ASP A 87 -25.45 -8.64 -5.25
CA ASP A 87 -25.20 -8.74 -3.81
C ASP A 87 -24.26 -9.89 -3.51
N VAL A 88 -24.48 -10.99 -4.18
CA VAL A 88 -23.72 -12.21 -3.99
C VAL A 88 -22.27 -12.00 -4.41
N ALA A 89 -22.08 -11.37 -5.54
CA ALA A 89 -20.76 -11.13 -6.09
C ALA A 89 -19.95 -10.25 -5.17
N GLN A 90 -20.59 -9.23 -4.59
CA GLN A 90 -19.92 -8.33 -3.67
C GLN A 90 -19.44 -9.10 -2.46
N LYS A 91 -20.27 -10.03 -2.00
CA LYS A 91 -19.96 -10.84 -0.85
C LYS A 91 -18.76 -11.75 -1.16
N ASN A 92 -18.76 -12.36 -2.33
CA ASN A 92 -17.68 -13.26 -2.72
C ASN A 92 -16.40 -12.48 -2.94
N LEU A 93 -16.52 -11.37 -3.63
CA LEU A 93 -15.39 -10.54 -3.97
C LEU A 93 -14.77 -9.96 -2.71
N ASN A 94 -15.60 -9.63 -1.74
CA ASN A 94 -15.16 -9.05 -0.45
C ASN A 94 -14.18 -9.95 0.27
N VAL A 95 -14.42 -11.24 0.18
CA VAL A 95 -13.59 -12.24 0.81
C VAL A 95 -12.20 -12.29 0.18
N TYR A 96 -12.14 -12.23 -1.13
CA TYR A 96 -10.87 -12.45 -1.83
C TYR A 96 -10.39 -11.16 -2.46
N GLY A 97 -10.98 -10.07 -2.06
CA GLY A 97 -10.70 -8.84 -2.71
C GLY A 97 -10.76 -7.64 -1.85
N PHE A 98 -11.84 -6.89 -1.97
CA PHE A 98 -11.93 -5.55 -1.43
C PHE A 98 -13.13 -5.37 -0.56
N THR A 99 -13.24 -4.19 0.01
CA THR A 99 -14.33 -3.89 0.89
C THR A 99 -15.14 -2.69 0.36
N LYS A 100 -14.59 -1.95 -0.59
CA LYS A 100 -15.27 -0.79 -1.10
C LYS A 100 -15.77 -1.07 -2.49
N PHE A 101 -17.05 -0.99 -2.67
CA PHE A 101 -17.68 -1.32 -3.92
C PHE A 101 -18.42 -0.14 -4.48
N SER A 102 -18.46 -0.08 -5.76
CA SER A 102 -19.19 0.90 -6.50
C SER A 102 -19.86 0.17 -7.66
N GLN A 103 -20.97 0.64 -8.14
CA GLN A 103 -21.68 -0.04 -9.20
C GLN A 103 -21.86 0.84 -10.41
N ALA A 104 -21.66 0.26 -11.55
CA ALA A 104 -21.86 0.92 -12.80
C ALA A 104 -22.78 0.05 -13.62
N SER A 105 -23.88 0.60 -14.04
CA SER A 105 -24.85 -0.13 -14.80
C SER A 105 -24.57 -0.03 -16.29
N VAL A 106 -24.61 -1.15 -16.94
CA VAL A 106 -24.38 -1.20 -18.37
C VAL A 106 -25.61 -1.82 -18.99
N ASP A 107 -25.94 -1.46 -20.19
CA ASP A 107 -27.20 -1.89 -20.76
C ASP A 107 -27.12 -3.31 -21.25
N SER A 108 -28.13 -4.06 -20.96
CA SER A 108 -28.23 -5.43 -21.34
C SER A 108 -29.61 -5.72 -21.94
N PRO A 109 -29.76 -6.83 -22.70
CA PRO A 109 -31.06 -7.26 -23.28
C PRO A 109 -32.03 -7.78 -22.20
N ARG A 110 -32.80 -8.80 -22.55
CA ARG A 110 -33.74 -9.40 -21.62
C ARG A 110 -33.09 -9.95 -20.34
N PRO A 111 -32.03 -10.80 -20.41
CA PRO A 111 -31.34 -11.23 -19.18
C PRO A 111 -30.65 -10.04 -18.53
N ALA A 112 -30.85 -9.90 -17.23
CA ALA A 112 -30.32 -8.79 -16.47
C ALA A 112 -30.48 -9.07 -14.98
N GLY A 113 -29.39 -9.00 -14.27
CA GLY A 113 -29.42 -9.25 -12.84
C GLY A 113 -28.11 -9.85 -12.41
N GLU A 114 -27.47 -10.46 -13.36
CA GLU A 114 -26.19 -11.07 -13.17
C GLU A 114 -25.12 -9.99 -13.25
N VAL A 115 -24.06 -10.17 -12.54
CA VAL A 115 -22.97 -9.25 -12.61
C VAL A 115 -22.25 -9.44 -13.91
N THR A 116 -22.23 -8.39 -14.71
CA THR A 116 -21.65 -8.39 -16.02
C THR A 116 -20.13 -8.53 -15.90
N GLY A 117 -19.56 -7.85 -14.94
CA GLY A 117 -18.15 -7.90 -14.75
C GLY A 117 -17.68 -6.87 -13.77
N THR A 118 -16.48 -6.45 -13.92
CA THR A 118 -15.86 -5.47 -13.08
C THR A 118 -15.15 -4.49 -13.98
N ASN A 119 -14.82 -3.32 -13.46
CA ASN A 119 -14.08 -2.32 -14.26
C ASN A 119 -12.76 -2.91 -14.78
N PRO A 120 -11.76 -3.28 -13.91
CA PRO A 120 -10.59 -3.97 -14.40
C PRO A 120 -10.93 -5.44 -14.66
N PRO A 121 -10.30 -6.07 -15.64
CA PRO A 121 -10.53 -7.49 -15.94
C PRO A 121 -9.93 -8.39 -14.86
N ALA A 122 -10.37 -9.62 -14.83
CA ALA A 122 -9.88 -10.59 -13.89
C ALA A 122 -8.41 -10.87 -14.13
N GLY A 123 -7.68 -11.02 -13.07
CA GLY A 123 -6.27 -11.23 -13.17
C GLY A 123 -5.52 -9.95 -12.90
N THR A 124 -6.24 -8.86 -12.89
CA THR A 124 -5.66 -7.59 -12.60
C THR A 124 -5.64 -7.38 -11.09
N THR A 125 -4.48 -7.11 -10.56
CA THR A 125 -4.37 -6.80 -9.18
C THR A 125 -4.50 -5.28 -9.02
N VAL A 126 -5.44 -4.87 -8.23
CA VAL A 126 -5.67 -3.45 -8.01
C VAL A 126 -5.58 -3.14 -6.52
N PRO A 127 -5.27 -1.90 -6.14
CA PRO A 127 -5.08 -1.50 -4.74
C PRO A 127 -6.30 -1.76 -3.85
N VAL A 128 -6.02 -2.31 -2.67
CA VAL A 128 -7.05 -2.62 -1.68
C VAL A 128 -7.67 -1.35 -1.11
N ASP A 129 -6.95 -0.26 -1.24
CA ASP A 129 -7.39 1.04 -0.79
C ASP A 129 -8.25 1.73 -1.84
N SER A 130 -8.43 1.08 -2.97
CA SER A 130 -9.22 1.61 -4.04
C SER A 130 -10.60 0.97 -3.99
N VAL A 131 -11.61 1.68 -4.44
CA VAL A 131 -12.93 1.19 -4.51
C VAL A 131 -13.10 0.49 -5.86
N ILE A 132 -13.71 -0.66 -5.87
CA ILE A 132 -13.84 -1.41 -7.10
C ILE A 132 -15.22 -1.16 -7.73
N GLU A 133 -15.26 -1.09 -9.03
CA GLU A 133 -16.43 -0.83 -9.77
C GLU A 133 -16.96 -2.13 -10.35
N LEU A 134 -18.15 -2.47 -9.95
CA LEU A 134 -18.85 -3.66 -10.37
C LEU A 134 -19.80 -3.30 -11.50
N GLN A 135 -19.73 -4.03 -12.59
CA GLN A 135 -20.58 -3.77 -13.73
C GLN A 135 -21.86 -4.57 -13.58
N VAL A 136 -22.94 -3.87 -13.39
CA VAL A 136 -24.23 -4.51 -13.22
C VAL A 136 -25.12 -4.36 -14.47
N SER A 137 -25.79 -5.43 -14.81
CA SER A 137 -26.65 -5.48 -15.98
C SER A 137 -27.89 -4.61 -15.80
N LYS A 138 -28.09 -3.75 -16.73
CA LYS A 138 -29.24 -2.89 -16.79
C LYS A 138 -30.11 -3.32 -17.96
N GLY A 4 36.36 17.88 16.18
CA GLY A 4 35.65 16.62 16.00
C GLY A 4 34.23 16.87 15.60
N PRO A 5 33.79 16.35 14.45
CA PRO A 5 32.43 16.59 13.97
C PRO A 5 31.41 15.76 14.69
N GLU A 6 30.25 16.33 14.90
CA GLU A 6 29.19 15.62 15.55
C GLU A 6 28.39 14.83 14.52
N GLN A 7 29.07 13.89 13.95
CA GLN A 7 28.46 12.97 13.02
C GLN A 7 28.21 11.67 13.73
N ARG A 8 26.98 11.21 13.68
CA ARG A 8 26.59 10.00 14.37
C ARG A 8 26.04 9.00 13.39
N GLU A 9 26.15 7.75 13.73
CA GLU A 9 25.71 6.67 12.90
C GLU A 9 24.25 6.35 13.17
N ILE A 10 23.54 6.05 12.13
CA ILE A 10 22.15 5.68 12.20
C ILE A 10 22.08 4.17 12.50
N PRO A 11 21.33 3.77 13.53
CA PRO A 11 21.20 2.35 13.89
C PRO A 11 20.40 1.55 12.87
N ASP A 12 20.76 0.30 12.70
CA ASP A 12 20.11 -0.61 11.74
C ASP A 12 18.85 -1.22 12.34
N VAL A 13 18.21 -0.49 13.23
CA VAL A 13 16.97 -0.95 13.86
C VAL A 13 15.77 -0.56 12.98
N SER A 14 16.10 -0.08 11.80
CA SER A 14 15.17 0.27 10.73
C SER A 14 14.35 -0.94 10.34
N THR A 15 15.01 -2.07 10.41
CA THR A 15 14.45 -3.36 10.13
C THR A 15 13.27 -3.68 11.07
N LEU A 16 13.24 -3.10 12.27
CA LEU A 16 12.22 -3.48 13.21
C LEU A 16 10.94 -2.71 12.97
N THR A 17 11.04 -1.39 12.82
CA THR A 17 9.88 -0.53 12.57
C THR A 17 10.40 0.89 12.31
N TYR A 18 9.63 1.68 11.57
CA TYR A 18 9.86 3.11 11.37
C TYR A 18 10.06 3.82 12.70
N ALA A 19 9.09 3.64 13.60
CA ALA A 19 9.13 4.27 14.91
C ALA A 19 10.39 3.92 15.67
N GLU A 20 10.80 2.66 15.59
CA GLU A 20 11.97 2.21 16.32
C GLU A 20 13.24 2.94 15.88
N ALA A 21 13.42 3.06 14.58
CA ALA A 21 14.60 3.69 14.03
C ALA A 21 14.59 5.19 14.23
N VAL A 22 13.47 5.82 13.94
CA VAL A 22 13.37 7.27 14.02
C VAL A 22 13.57 7.75 15.44
N LYS A 23 12.88 7.13 16.38
CA LYS A 23 12.96 7.51 17.79
C LYS A 23 14.37 7.28 18.33
N LYS A 24 15.01 6.22 17.84
CA LYS A 24 16.35 5.88 18.27
C LYS A 24 17.28 6.98 17.79
N LEU A 25 17.15 7.35 16.53
CA LEU A 25 18.00 8.35 15.93
C LEU A 25 17.70 9.73 16.53
N THR A 26 16.46 9.94 16.88
CA THR A 26 16.03 11.14 17.56
C THR A 26 16.77 11.28 18.91
N ALA A 27 16.86 10.16 19.63
CA ALA A 27 17.56 10.12 20.91
C ALA A 27 19.08 10.23 20.72
N ALA A 28 19.53 9.94 19.51
CA ALA A 28 20.95 10.00 19.18
C ALA A 28 21.36 11.44 18.91
N GLY A 29 20.37 12.32 18.80
CA GLY A 29 20.68 13.72 18.66
C GLY A 29 20.06 14.36 17.45
N PHE A 30 19.48 13.56 16.57
CA PHE A 30 18.89 14.09 15.36
C PHE A 30 17.47 14.53 15.61
N GLY A 31 17.14 15.70 15.14
CA GLY A 31 15.81 16.22 15.31
C GLY A 31 15.18 16.64 14.00
N ARG A 32 15.97 16.76 12.94
CA ARG A 32 15.43 17.17 11.67
C ARG A 32 15.27 15.99 10.74
N PHE A 33 14.04 15.71 10.37
CA PHE A 33 13.72 14.56 9.55
C PHE A 33 12.83 14.95 8.38
N LYS A 34 12.87 14.15 7.36
CA LYS A 34 12.00 14.24 6.21
C LYS A 34 11.53 12.82 5.95
N GLN A 35 10.27 12.63 5.70
CA GLN A 35 9.76 11.29 5.54
C GLN A 35 9.26 11.06 4.14
N ALA A 36 9.61 9.92 3.57
CA ALA A 36 9.14 9.51 2.28
C ALA A 36 8.73 8.05 2.36
N ASN A 37 7.67 7.67 1.71
CA ASN A 37 7.23 6.28 1.71
C ASN A 37 7.37 5.73 0.31
N SER A 38 7.77 4.51 0.21
CA SER A 38 7.97 3.89 -1.06
C SER A 38 7.48 2.45 -0.99
N PRO A 39 6.93 1.90 -2.08
CA PRO A 39 6.53 0.50 -2.12
C PRO A 39 7.75 -0.40 -1.98
N SER A 40 7.61 -1.45 -1.24
CA SER A 40 8.66 -2.38 -0.98
C SER A 40 8.06 -3.74 -0.76
N THR A 41 8.90 -4.73 -0.50
CA THR A 41 8.46 -6.05 -0.19
C THR A 41 7.51 -6.00 1.03
N PRO A 42 6.36 -6.71 0.93
CA PRO A 42 5.27 -6.64 1.93
C PRO A 42 5.70 -6.84 3.39
N GLU A 43 6.75 -7.57 3.62
CA GLU A 43 7.22 -7.80 4.99
C GLU A 43 7.95 -6.60 5.59
N LEU A 44 8.26 -5.60 4.77
CA LEU A 44 8.94 -4.42 5.26
C LEU A 44 7.99 -3.26 5.43
N VAL A 45 6.69 -3.54 5.35
CA VAL A 45 5.69 -2.50 5.55
C VAL A 45 5.80 -1.89 6.97
N GLY A 46 5.89 -0.57 7.03
CA GLY A 46 5.94 0.13 8.30
C GLY A 46 7.34 0.12 8.90
N LYS A 47 8.27 -0.42 8.15
CA LYS A 47 9.63 -0.51 8.59
C LYS A 47 10.46 0.39 7.72
N VAL A 48 11.61 0.76 8.19
CA VAL A 48 12.48 1.61 7.43
C VAL A 48 13.25 0.75 6.46
N ILE A 49 13.25 1.13 5.20
CA ILE A 49 13.95 0.36 4.20
C ILE A 49 15.31 0.98 3.95
N GLY A 50 15.43 2.23 4.30
CA GLY A 50 16.66 2.91 4.14
C GLY A 50 16.48 4.36 4.35
N THR A 51 17.55 5.06 4.42
CA THR A 51 17.54 6.47 4.57
C THR A 51 18.24 7.10 3.39
N ASN A 52 17.95 8.35 3.13
CA ASN A 52 18.60 9.09 2.07
C ASN A 52 20.13 9.19 2.30
N PRO A 53 20.62 9.58 3.52
CA PRO A 53 22.02 9.44 3.83
C PRO A 53 22.25 8.00 4.30
N PRO A 54 23.48 7.47 4.19
CA PRO A 54 23.76 6.10 4.63
C PRO A 54 23.61 6.01 6.14
N ALA A 55 23.17 4.88 6.61
CA ALA A 55 22.92 4.73 8.00
C ALA A 55 24.19 4.46 8.76
N ASN A 56 25.07 3.70 8.17
CA ASN A 56 26.24 3.27 8.92
C ASN A 56 27.37 4.22 8.92
N GLN A 57 27.25 5.25 8.13
CA GLN A 57 28.22 6.30 8.13
C GLN A 57 27.71 7.38 9.02
N THR A 58 28.58 8.12 9.58
CA THR A 58 28.21 9.10 10.50
C THR A 58 27.69 10.35 9.79
N SER A 59 26.49 10.71 10.08
CA SER A 59 25.87 11.87 9.52
C SER A 59 25.84 12.97 10.58
N ALA A 60 26.09 14.19 10.18
CA ALA A 60 26.17 15.31 11.10
C ALA A 60 24.82 15.65 11.67
N ILE A 61 24.82 16.07 12.92
CA ILE A 61 23.60 16.45 13.63
C ILE A 61 22.87 17.62 12.92
N THR A 62 23.59 18.37 12.10
CA THR A 62 23.00 19.48 11.37
C THR A 62 22.33 19.00 10.06
N ASN A 63 22.37 17.72 9.82
CA ASN A 63 21.78 17.17 8.60
C ASN A 63 20.32 16.86 8.82
N VAL A 64 19.58 16.86 7.75
CA VAL A 64 18.20 16.45 7.77
C VAL A 64 18.16 15.01 7.28
N VAL A 65 17.60 14.15 8.06
CA VAL A 65 17.56 12.78 7.67
C VAL A 65 16.29 12.50 6.91
N ILE A 66 16.43 12.09 5.68
CA ILE A 66 15.29 11.72 4.90
C ILE A 66 15.13 10.23 5.08
N ILE A 67 14.09 9.85 5.70
CA ILE A 67 13.84 8.48 6.02
C ILE A 67 12.79 7.92 5.09
N ILE A 68 13.12 6.79 4.49
CA ILE A 68 12.25 6.16 3.54
C ILE A 68 11.59 4.95 4.21
N VAL A 69 10.28 4.98 4.24
CA VAL A 69 9.48 3.95 4.87
C VAL A 69 9.02 2.97 3.82
N GLY A 70 9.07 1.71 4.13
CA GLY A 70 8.61 0.71 3.23
C GLY A 70 7.13 0.51 3.37
N SER A 71 6.44 0.66 2.31
CA SER A 71 5.04 0.41 2.27
C SER A 71 4.84 -0.83 1.42
N GLY A 72 4.11 -1.79 1.92
CA GLY A 72 3.86 -2.98 1.16
C GLY A 72 2.78 -2.72 0.16
N PRO A 73 2.81 -3.34 -1.02
CA PRO A 73 1.80 -3.12 -2.03
C PRO A 73 0.43 -3.56 -1.56
N ALA A 74 -0.40 -2.62 -1.35
CA ALA A 74 -1.75 -2.86 -0.94
C ALA A 74 -2.63 -2.79 -2.15
N THR A 75 -2.37 -3.67 -3.08
CA THR A 75 -3.03 -3.66 -4.34
C THR A 75 -3.47 -5.06 -4.72
N LYS A 76 -4.41 -5.13 -5.64
CA LYS A 76 -4.91 -6.38 -6.18
C LYS A 76 -5.37 -6.15 -7.59
N ASP A 77 -5.14 -7.10 -8.45
CA ASP A 77 -5.66 -7.05 -9.78
C ASP A 77 -7.01 -7.68 -9.75
N ILE A 78 -7.94 -7.04 -10.35
CA ILE A 78 -9.30 -7.46 -10.28
C ILE A 78 -9.56 -8.69 -11.18
N PRO A 79 -10.11 -9.76 -10.60
CA PRO A 79 -10.51 -10.92 -11.35
C PRO A 79 -12.01 -10.87 -11.70
N ASP A 80 -12.39 -11.45 -12.79
CA ASP A 80 -13.75 -11.49 -13.17
C ASP A 80 -14.43 -12.71 -12.54
N VAL A 81 -15.25 -12.41 -11.55
CA VAL A 81 -15.99 -13.40 -10.78
C VAL A 81 -17.46 -13.32 -11.25
N ALA A 82 -17.62 -13.21 -12.55
CA ALA A 82 -18.89 -12.97 -13.17
C ALA A 82 -19.71 -14.24 -13.32
N GLY A 83 -21.01 -14.07 -13.48
CA GLY A 83 -21.90 -15.19 -13.66
C GLY A 83 -22.70 -15.46 -12.43
N GLN A 84 -22.25 -14.90 -11.34
CA GLN A 84 -22.90 -15.10 -10.08
C GLN A 84 -23.97 -14.05 -9.82
N THR A 85 -24.53 -14.08 -8.63
CA THR A 85 -25.55 -13.18 -8.25
C THR A 85 -24.90 -11.97 -7.63
N VAL A 86 -25.58 -10.84 -7.65
CA VAL A 86 -25.02 -9.55 -7.24
C VAL A 86 -24.45 -9.64 -5.83
N ASP A 87 -25.23 -10.17 -4.93
CA ASP A 87 -24.83 -10.27 -3.53
C ASP A 87 -23.69 -11.26 -3.33
N VAL A 88 -23.76 -12.40 -4.00
CA VAL A 88 -22.75 -13.43 -3.76
C VAL A 88 -21.42 -13.05 -4.38
N ALA A 89 -21.48 -12.40 -5.51
CA ALA A 89 -20.29 -11.92 -6.18
C ALA A 89 -19.55 -10.91 -5.32
N GLN A 90 -20.31 -9.96 -4.75
CA GLN A 90 -19.73 -8.92 -3.92
C GLN A 90 -19.09 -9.53 -2.69
N LYS A 91 -19.75 -10.49 -2.08
CA LYS A 91 -19.19 -11.16 -0.91
C LYS A 91 -17.89 -11.90 -1.20
N ASN A 92 -17.83 -12.59 -2.33
CA ASN A 92 -16.59 -13.28 -2.71
C ASN A 92 -15.52 -12.27 -3.01
N LEU A 93 -15.86 -11.30 -3.81
CA LEU A 93 -14.94 -10.26 -4.22
C LEU A 93 -14.40 -9.51 -2.99
N ASN A 94 -15.28 -9.23 -2.06
CA ASN A 94 -14.95 -8.54 -0.81
C ASN A 94 -13.90 -9.30 -0.02
N VAL A 95 -14.11 -10.59 0.14
CA VAL A 95 -13.24 -11.42 0.96
C VAL A 95 -11.89 -11.72 0.26
N TYR A 96 -11.84 -11.56 -1.06
CA TYR A 96 -10.61 -11.87 -1.78
C TYR A 96 -10.07 -10.64 -2.46
N GLY A 97 -10.65 -9.52 -2.17
CA GLY A 97 -10.33 -8.36 -2.92
C GLY A 97 -10.43 -7.06 -2.20
N PHE A 98 -11.56 -6.40 -2.35
CA PHE A 98 -11.70 -5.01 -1.97
C PHE A 98 -12.80 -4.81 -0.98
N THR A 99 -12.86 -3.63 -0.44
CA THR A 99 -13.82 -3.29 0.58
C THR A 99 -15.04 -2.57 -0.01
N LYS A 100 -14.81 -1.75 -1.01
CA LYS A 100 -15.85 -0.89 -1.52
C LYS A 100 -16.17 -1.20 -2.96
N PHE A 101 -17.42 -1.10 -3.27
CA PHE A 101 -17.96 -1.48 -4.55
C PHE A 101 -18.77 -0.35 -5.13
N SER A 102 -18.89 -0.38 -6.41
CA SER A 102 -19.76 0.49 -7.13
C SER A 102 -20.56 -0.42 -8.02
N GLN A 103 -21.81 -0.14 -8.21
CA GLN A 103 -22.65 -1.01 -9.00
C GLN A 103 -23.22 -0.23 -10.14
N ALA A 104 -23.10 -0.77 -11.31
CA ALA A 104 -23.62 -0.15 -12.49
C ALA A 104 -24.46 -1.13 -13.26
N SER A 105 -25.59 -0.67 -13.72
CA SER A 105 -26.50 -1.46 -14.49
C SER A 105 -26.14 -1.36 -15.97
N VAL A 106 -26.07 -2.48 -16.64
CA VAL A 106 -25.76 -2.49 -18.07
C VAL A 106 -26.87 -3.18 -18.82
N ASP A 107 -27.09 -2.76 -20.05
CA ASP A 107 -28.16 -3.35 -20.85
C ASP A 107 -27.72 -4.66 -21.43
N SER A 108 -28.32 -5.68 -20.95
CA SER A 108 -28.04 -6.99 -21.35
C SER A 108 -29.19 -7.53 -22.20
N PRO A 109 -28.93 -7.90 -23.46
CA PRO A 109 -29.95 -8.46 -24.35
C PRO A 109 -30.45 -9.81 -23.84
N ARG A 110 -29.52 -10.71 -23.56
CA ARG A 110 -29.89 -12.01 -23.04
C ARG A 110 -29.66 -12.17 -21.52
N PRO A 111 -28.45 -11.84 -20.95
CA PRO A 111 -28.22 -11.95 -19.50
C PRO A 111 -29.22 -11.11 -18.69
N ALA A 112 -29.46 -11.51 -17.44
CA ALA A 112 -30.43 -10.87 -16.59
C ALA A 112 -30.24 -11.29 -15.13
N GLY A 113 -29.73 -10.39 -14.31
CA GLY A 113 -29.63 -10.65 -12.88
C GLY A 113 -28.26 -11.11 -12.44
N GLU A 114 -27.52 -11.68 -13.33
CA GLU A 114 -26.18 -12.12 -13.04
C GLU A 114 -25.21 -10.99 -13.24
N VAL A 115 -24.15 -10.99 -12.51
CA VAL A 115 -23.15 -10.01 -12.70
C VAL A 115 -22.37 -10.31 -13.99
N THR A 116 -22.42 -9.35 -14.90
CA THR A 116 -21.84 -9.47 -16.21
C THR A 116 -20.31 -9.42 -16.11
N GLY A 117 -19.80 -8.55 -15.26
CA GLY A 117 -18.38 -8.39 -15.09
C GLY A 117 -18.05 -7.18 -14.26
N THR A 118 -16.93 -6.58 -14.51
CA THR A 118 -16.48 -5.40 -13.81
C THR A 118 -16.35 -4.27 -14.82
N ASN A 119 -16.35 -3.03 -14.38
CA ASN A 119 -16.20 -1.93 -15.33
C ASN A 119 -14.75 -1.83 -15.81
N PRO A 120 -13.74 -1.71 -14.91
CA PRO A 120 -12.35 -1.82 -15.31
C PRO A 120 -12.07 -3.28 -15.80
N PRO A 121 -11.15 -3.46 -16.75
CA PRO A 121 -10.83 -4.79 -17.29
C PRO A 121 -10.18 -5.70 -16.26
N ALA A 122 -10.37 -6.99 -16.43
CA ALA A 122 -9.76 -7.96 -15.55
C ALA A 122 -8.24 -7.86 -15.68
N GLY A 123 -7.57 -7.82 -14.58
CA GLY A 123 -6.13 -7.69 -14.62
C GLY A 123 -5.69 -6.31 -14.20
N THR A 124 -6.61 -5.35 -14.19
CA THR A 124 -6.27 -4.02 -13.73
C THR A 124 -5.96 -4.09 -12.23
N THR A 125 -4.77 -3.69 -11.88
CA THR A 125 -4.35 -3.68 -10.52
C THR A 125 -4.69 -2.34 -9.92
N VAL A 126 -5.45 -2.37 -8.87
CA VAL A 126 -5.83 -1.18 -8.17
C VAL A 126 -5.60 -1.40 -6.71
N PRO A 127 -5.45 -0.34 -5.92
CA PRO A 127 -5.30 -0.45 -4.48
C PRO A 127 -6.47 -1.15 -3.85
N VAL A 128 -6.19 -1.91 -2.84
CA VAL A 128 -7.20 -2.67 -2.09
C VAL A 128 -8.16 -1.73 -1.37
N ASP A 129 -7.70 -0.51 -1.23
CA ASP A 129 -8.39 0.56 -0.55
C ASP A 129 -9.44 1.15 -1.48
N SER A 130 -9.29 0.87 -2.73
CA SER A 130 -10.09 1.44 -3.77
C SER A 130 -11.46 0.74 -3.93
N VAL A 131 -12.27 1.35 -4.78
CA VAL A 131 -13.61 0.92 -5.06
C VAL A 131 -13.64 0.21 -6.42
N ILE A 132 -14.13 -1.00 -6.44
CA ILE A 132 -14.24 -1.73 -7.68
C ILE A 132 -15.69 -1.67 -8.18
N GLU A 133 -15.87 -1.45 -9.46
CA GLU A 133 -17.15 -1.27 -10.01
C GLU A 133 -17.61 -2.51 -10.74
N LEU A 134 -18.74 -3.00 -10.30
CA LEU A 134 -19.33 -4.23 -10.75
C LEU A 134 -20.46 -3.92 -11.72
N GLN A 135 -20.48 -4.64 -12.82
CA GLN A 135 -21.47 -4.44 -13.86
C GLN A 135 -22.49 -5.55 -13.79
N VAL A 136 -23.68 -5.20 -13.48
CA VAL A 136 -24.77 -6.16 -13.39
C VAL A 136 -25.73 -6.05 -14.59
N SER A 137 -26.15 -7.19 -15.12
CA SER A 137 -27.15 -7.23 -16.17
C SER A 137 -28.44 -6.69 -15.58
N LYS A 138 -28.92 -5.57 -16.09
CA LYS A 138 -30.04 -4.88 -15.49
C LYS A 138 -31.36 -5.65 -15.50
N GLY A 4 35.25 17.91 18.91
CA GLY A 4 35.31 17.50 17.52
C GLY A 4 33.93 17.44 16.92
N PRO A 5 33.78 16.81 15.74
CA PRO A 5 32.47 16.66 15.10
C PRO A 5 31.56 15.77 15.94
N GLU A 6 30.35 16.20 16.16
CA GLU A 6 29.42 15.46 17.00
C GLU A 6 28.62 14.45 16.16
N GLN A 7 29.34 13.67 15.38
CA GLN A 7 28.75 12.74 14.45
C GLN A 7 28.35 11.43 15.12
N ARG A 8 27.18 10.94 14.76
CA ARG A 8 26.67 9.70 15.30
C ARG A 8 26.23 8.81 14.13
N GLU A 9 26.17 7.54 14.37
CA GLU A 9 25.86 6.55 13.34
C GLU A 9 24.37 6.36 13.21
N ILE A 10 23.90 6.18 11.99
CA ILE A 10 22.48 5.96 11.76
C ILE A 10 22.19 4.47 11.95
N PRO A 11 21.17 4.11 12.74
CA PRO A 11 20.83 2.71 13.04
C PRO A 11 20.43 1.85 11.83
N ASP A 12 20.55 0.53 12.00
CA ASP A 12 20.18 -0.46 10.99
C ASP A 12 18.99 -1.27 11.46
N VAL A 13 18.31 -0.78 12.47
CA VAL A 13 17.12 -1.44 12.99
C VAL A 13 15.89 -0.93 12.24
N SER A 14 16.15 0.00 11.37
CA SER A 14 15.18 0.69 10.57
C SER A 14 14.44 -0.31 9.66
N THR A 15 15.18 -1.26 9.14
CA THR A 15 14.64 -2.31 8.30
C THR A 15 13.55 -3.11 9.02
N LEU A 16 13.63 -3.18 10.35
CA LEU A 16 12.71 -4.01 11.08
C LEU A 16 11.35 -3.35 11.16
N THR A 17 11.34 -2.05 11.49
CA THR A 17 10.12 -1.26 11.56
C THR A 17 10.50 0.22 11.69
N TYR A 18 9.68 1.11 11.12
CA TYR A 18 9.84 2.56 11.26
C TYR A 18 9.97 2.97 12.74
N ALA A 19 9.13 2.39 13.58
CA ALA A 19 9.15 2.63 15.03
C ALA A 19 10.52 2.32 15.63
N GLU A 20 11.18 1.32 15.10
CA GLU A 20 12.49 0.92 15.57
C GLU A 20 13.53 1.95 15.19
N ALA A 21 13.43 2.43 13.97
CA ALA A 21 14.34 3.45 13.44
C ALA A 21 14.25 4.69 14.27
N VAL A 22 13.02 5.15 14.48
CA VAL A 22 12.77 6.39 15.19
C VAL A 22 13.34 6.38 16.59
N LYS A 23 13.07 5.33 17.34
CA LYS A 23 13.54 5.25 18.71
C LYS A 23 15.05 5.22 18.78
N LYS A 24 15.66 4.39 17.96
CA LYS A 24 17.09 4.21 17.98
C LYS A 24 17.80 5.49 17.52
N LEU A 25 17.24 6.12 16.49
CA LEU A 25 17.80 7.35 15.93
C LEU A 25 17.63 8.50 16.94
N THR A 26 16.45 8.56 17.55
CA THR A 26 16.16 9.55 18.56
C THR A 26 17.13 9.40 19.74
N ALA A 27 17.37 8.16 20.16
CA ALA A 27 18.28 7.85 21.24
C ALA A 27 19.72 8.08 20.84
N ALA A 28 19.98 8.14 19.53
CA ALA A 28 21.32 8.36 19.02
C ALA A 28 21.69 9.83 19.09
N GLY A 29 20.69 10.66 19.29
CA GLY A 29 20.94 12.06 19.47
C GLY A 29 20.41 12.90 18.35
N PHE A 30 19.91 12.25 17.32
CA PHE A 30 19.35 12.97 16.20
C PHE A 30 17.93 13.38 16.51
N GLY A 31 17.75 14.66 16.66
CA GLY A 31 16.44 15.18 16.94
C GLY A 31 15.81 15.78 15.71
N ARG A 32 16.58 15.92 14.65
CA ARG A 32 16.04 16.47 13.42
C ARG A 32 16.02 15.43 12.32
N PHE A 33 14.83 15.08 11.91
CA PHE A 33 14.61 14.14 10.85
C PHE A 33 13.38 14.44 10.06
N LYS A 34 13.37 13.96 8.86
CA LYS A 34 12.33 14.19 7.90
C LYS A 34 11.93 12.84 7.35
N GLN A 35 10.67 12.53 7.47
CA GLN A 35 10.14 11.27 7.04
C GLN A 35 9.60 11.40 5.64
N ALA A 36 10.07 10.56 4.77
CA ALA A 36 9.59 10.50 3.43
C ALA A 36 9.23 9.06 3.14
N ASN A 37 8.24 8.84 2.33
CA ASN A 37 7.83 7.48 2.03
C ASN A 37 7.90 7.24 0.54
N SER A 38 8.37 6.09 0.17
CA SER A 38 8.49 5.73 -1.21
C SER A 38 7.77 4.42 -1.46
N PRO A 39 7.07 4.27 -2.61
CA PRO A 39 6.40 3.02 -2.93
C PRO A 39 7.43 1.91 -3.12
N SER A 40 7.28 0.90 -2.35
CA SER A 40 8.18 -0.21 -2.30
C SER A 40 7.32 -1.46 -2.32
N THR A 41 7.93 -2.62 -2.28
CA THR A 41 7.22 -3.84 -2.25
C THR A 41 6.34 -3.88 -0.97
N PRO A 42 5.07 -4.34 -1.11
CA PRO A 42 4.05 -4.32 -0.04
C PRO A 42 4.50 -4.89 1.29
N GLU A 43 5.42 -5.81 1.27
CA GLU A 43 5.91 -6.40 2.51
C GLU A 43 6.79 -5.45 3.33
N LEU A 44 7.31 -4.42 2.69
CA LEU A 44 8.18 -3.48 3.38
C LEU A 44 7.41 -2.27 3.90
N VAL A 45 6.09 -2.30 3.80
CA VAL A 45 5.27 -1.21 4.32
C VAL A 45 5.49 -1.04 5.84
N GLY A 46 5.78 0.16 6.24
CA GLY A 46 5.96 0.45 7.66
C GLY A 46 7.37 0.15 8.12
N LYS A 47 8.20 -0.30 7.20
CA LYS A 47 9.56 -0.60 7.47
C LYS A 47 10.40 0.39 6.72
N VAL A 48 11.52 0.73 7.25
CA VAL A 48 12.40 1.64 6.61
C VAL A 48 13.22 0.88 5.58
N ILE A 49 13.45 1.47 4.44
CA ILE A 49 14.19 0.80 3.39
C ILE A 49 15.63 1.25 3.45
N GLY A 50 15.84 2.39 4.02
CA GLY A 50 17.14 2.93 4.17
C GLY A 50 17.03 4.35 4.61
N THR A 51 18.12 4.96 4.88
CA THR A 51 18.12 6.33 5.23
C THR A 51 18.90 7.09 4.19
N ASN A 52 18.59 8.37 4.05
CA ASN A 52 19.26 9.20 3.08
C ASN A 52 20.79 9.27 3.39
N PRO A 53 21.21 9.51 4.68
CA PRO A 53 22.60 9.36 5.04
C PRO A 53 22.89 7.87 5.34
N PRO A 54 24.04 7.34 4.86
CA PRO A 54 24.40 5.95 5.08
C PRO A 54 24.60 5.64 6.56
N ALA A 55 24.12 4.46 6.96
CA ALA A 55 24.12 4.02 8.34
C ALA A 55 25.50 3.63 8.80
N ASN A 56 26.38 3.60 7.85
CA ASN A 56 27.74 3.22 8.10
C ASN A 56 28.59 4.43 8.36
N GLN A 57 28.00 5.60 8.24
CA GLN A 57 28.72 6.82 8.47
C GLN A 57 28.22 7.45 9.73
N THR A 58 29.01 8.30 10.27
CA THR A 58 28.63 9.05 11.39
C THR A 58 28.27 10.43 10.91
N SER A 59 27.03 10.79 11.05
CA SER A 59 26.55 12.06 10.58
C SER A 59 26.45 13.03 11.74
N ALA A 60 26.81 14.26 11.50
CA ALA A 60 26.80 15.29 12.51
C ALA A 60 25.37 15.60 12.92
N ILE A 61 25.18 15.92 14.19
CA ILE A 61 23.85 16.23 14.76
C ILE A 61 23.29 17.56 14.16
N THR A 62 24.13 18.27 13.43
CA THR A 62 23.72 19.49 12.77
C THR A 62 22.90 19.14 11.48
N ASN A 63 22.82 17.87 11.15
CA ASN A 63 22.11 17.43 9.97
C ASN A 63 20.67 17.11 10.26
N VAL A 64 19.86 17.14 9.24
CA VAL A 64 18.52 16.64 9.34
C VAL A 64 18.53 15.29 8.63
N VAL A 65 18.08 14.28 9.30
CA VAL A 65 18.12 12.96 8.72
C VAL A 65 16.88 12.69 7.91
N ILE A 66 17.05 12.43 6.65
CA ILE A 66 15.92 12.08 5.83
C ILE A 66 15.80 10.57 5.86
N ILE A 67 14.73 10.13 6.42
CA ILE A 67 14.47 8.74 6.57
C ILE A 67 13.34 8.33 5.62
N ILE A 68 13.63 7.39 4.74
CA ILE A 68 12.65 6.93 3.77
C ILE A 68 12.03 5.61 4.17
N VAL A 69 10.74 5.63 4.32
CA VAL A 69 9.96 4.50 4.73
C VAL A 69 9.38 3.82 3.50
N GLY A 70 9.26 2.53 3.56
CA GLY A 70 8.68 1.79 2.50
C GLY A 70 7.17 1.82 2.63
N SER A 71 6.52 2.28 1.62
CA SER A 71 5.10 2.31 1.57
C SER A 71 4.66 1.30 0.54
N GLY A 72 3.58 0.63 0.79
CA GLY A 72 3.13 -0.38 -0.12
C GLY A 72 2.08 0.16 -1.07
N PRO A 73 2.14 -0.18 -2.36
CA PRO A 73 1.13 0.22 -3.31
C PRO A 73 -0.15 -0.55 -3.01
N ALA A 74 -1.15 0.16 -2.63
CA ALA A 74 -2.40 -0.45 -2.25
C ALA A 74 -3.23 -0.74 -3.49
N THR A 75 -2.98 -1.87 -4.06
CA THR A 75 -3.63 -2.29 -5.28
C THR A 75 -4.01 -3.75 -5.16
N LYS A 76 -4.93 -4.18 -5.97
CA LYS A 76 -5.36 -5.56 -5.98
C LYS A 76 -5.61 -6.01 -7.38
N ASP A 77 -5.28 -7.24 -7.64
CA ASP A 77 -5.51 -7.85 -8.92
C ASP A 77 -6.86 -8.48 -8.87
N ILE A 78 -7.74 -8.04 -9.72
CA ILE A 78 -9.11 -8.49 -9.67
C ILE A 78 -9.30 -9.84 -10.36
N PRO A 79 -9.83 -10.82 -9.64
CA PRO A 79 -10.21 -12.09 -10.21
C PRO A 79 -11.69 -12.03 -10.65
N ASP A 80 -12.20 -13.07 -11.25
CA ASP A 80 -13.57 -13.05 -11.61
C ASP A 80 -14.42 -13.48 -10.43
N VAL A 81 -15.50 -12.80 -10.24
CA VAL A 81 -16.46 -13.12 -9.20
C VAL A 81 -17.82 -13.29 -9.89
N ALA A 82 -17.72 -13.50 -11.19
CA ALA A 82 -18.83 -13.58 -12.10
C ALA A 82 -19.54 -14.93 -11.99
N GLY A 83 -20.82 -14.93 -12.32
CA GLY A 83 -21.58 -16.15 -12.33
C GLY A 83 -22.34 -16.33 -11.05
N GLN A 84 -22.30 -15.35 -10.21
CA GLN A 84 -22.98 -15.39 -8.94
C GLN A 84 -23.97 -14.23 -8.87
N THR A 85 -24.65 -14.03 -7.77
CA THR A 85 -25.64 -13.00 -7.72
C THR A 85 -24.94 -11.66 -7.48
N VAL A 86 -25.56 -10.55 -7.87
CA VAL A 86 -24.97 -9.23 -7.71
C VAL A 86 -24.63 -8.94 -6.24
N ASP A 87 -25.53 -9.32 -5.34
CA ASP A 87 -25.35 -9.10 -3.91
C ASP A 87 -24.19 -9.92 -3.37
N VAL A 88 -24.11 -11.19 -3.79
CA VAL A 88 -23.09 -12.06 -3.24
C VAL A 88 -21.72 -11.76 -3.79
N ALA A 89 -21.69 -11.38 -5.05
CA ALA A 89 -20.45 -11.06 -5.73
C ALA A 89 -19.77 -9.88 -5.10
N GLN A 90 -20.53 -8.81 -4.89
CA GLN A 90 -19.99 -7.60 -4.29
C GLN A 90 -19.57 -7.88 -2.87
N LYS A 91 -20.35 -8.68 -2.17
CA LYS A 91 -20.07 -9.01 -0.79
C LYS A 91 -18.76 -9.75 -0.66
N ASN A 92 -18.61 -10.82 -1.43
CA ASN A 92 -17.40 -11.62 -1.35
C ASN A 92 -16.21 -10.81 -1.76
N LEU A 93 -16.35 -10.07 -2.85
CA LEU A 93 -15.27 -9.26 -3.35
C LEU A 93 -14.91 -8.16 -2.35
N ASN A 94 -15.90 -7.60 -1.69
CA ASN A 94 -15.71 -6.58 -0.64
C ASN A 94 -14.83 -7.13 0.48
N VAL A 95 -15.12 -8.36 0.87
CA VAL A 95 -14.41 -9.04 1.94
C VAL A 95 -12.95 -9.34 1.54
N TYR A 96 -12.70 -9.55 0.27
CA TYR A 96 -11.36 -9.94 -0.17
C TYR A 96 -10.77 -8.90 -1.10
N GLY A 97 -11.35 -7.74 -1.13
CA GLY A 97 -10.96 -6.82 -2.15
C GLY A 97 -11.17 -5.36 -1.86
N PHE A 98 -12.25 -4.83 -2.40
CA PHE A 98 -12.46 -3.39 -2.42
C PHE A 98 -13.65 -3.02 -1.60
N THR A 99 -13.74 -1.77 -1.23
CA THR A 99 -14.82 -1.30 -0.42
C THR A 99 -15.88 -0.54 -1.25
N LYS A 100 -15.46 0.06 -2.35
CA LYS A 100 -16.36 0.88 -3.15
C LYS A 100 -16.69 0.19 -4.45
N PHE A 101 -17.97 0.09 -4.72
CA PHE A 101 -18.47 -0.56 -5.90
C PHE A 101 -19.38 0.38 -6.68
N SER A 102 -19.32 0.26 -7.97
CA SER A 102 -20.15 1.01 -8.88
C SER A 102 -21.05 0.00 -9.60
N GLN A 103 -22.14 0.44 -10.16
CA GLN A 103 -23.09 -0.44 -10.82
C GLN A 103 -23.25 -0.03 -12.26
N ALA A 104 -23.12 -0.97 -13.14
CA ALA A 104 -23.33 -0.76 -14.55
C ALA A 104 -24.26 -1.81 -15.05
N SER A 105 -25.29 -1.40 -15.73
CA SER A 105 -26.27 -2.31 -16.23
C SER A 105 -25.85 -2.79 -17.62
N VAL A 106 -25.88 -4.06 -17.84
CA VAL A 106 -25.53 -4.63 -19.14
C VAL A 106 -26.70 -5.42 -19.64
N ASP A 107 -26.79 -5.63 -20.92
CA ASP A 107 -27.92 -6.33 -21.48
C ASP A 107 -27.78 -7.83 -21.30
N SER A 108 -28.89 -8.46 -21.04
CA SER A 108 -28.93 -9.85 -20.71
C SER A 108 -29.42 -10.72 -21.91
N PRO A 109 -28.53 -11.53 -22.50
CA PRO A 109 -28.94 -12.49 -23.51
C PRO A 109 -29.60 -13.72 -22.83
N ARG A 110 -28.91 -14.28 -21.83
CA ARG A 110 -29.47 -15.39 -21.05
C ARG A 110 -29.56 -15.04 -19.53
N PRO A 111 -28.41 -14.82 -18.81
CA PRO A 111 -28.45 -14.56 -17.36
C PRO A 111 -28.92 -13.13 -17.02
N ALA A 112 -29.58 -12.98 -15.88
CA ALA A 112 -30.07 -11.69 -15.41
C ALA A 112 -29.97 -11.63 -13.89
N GLY A 113 -29.56 -10.49 -13.36
CA GLY A 113 -29.43 -10.30 -11.90
C GLY A 113 -28.08 -10.74 -11.38
N GLU A 114 -27.51 -11.67 -12.09
CA GLU A 114 -26.23 -12.20 -11.79
C GLU A 114 -25.11 -11.39 -12.40
N VAL A 115 -24.00 -11.39 -11.75
CA VAL A 115 -22.86 -10.65 -12.18
C VAL A 115 -22.20 -11.34 -13.39
N THR A 116 -22.03 -10.58 -14.46
CA THR A 116 -21.37 -11.07 -15.63
C THR A 116 -19.87 -10.80 -15.53
N GLY A 117 -19.53 -9.83 -14.70
CA GLY A 117 -18.15 -9.50 -14.47
C GLY A 117 -18.01 -8.13 -13.88
N THR A 118 -16.86 -7.58 -14.02
CA THR A 118 -16.56 -6.27 -13.57
C THR A 118 -16.18 -5.42 -14.77
N ASN A 119 -16.24 -4.10 -14.63
CA ASN A 119 -15.89 -3.19 -15.73
C ASN A 119 -14.46 -3.47 -16.28
N PRO A 120 -13.39 -3.46 -15.41
CA PRO A 120 -12.10 -3.91 -15.84
C PRO A 120 -12.07 -5.45 -15.80
N PRO A 121 -11.40 -6.10 -16.73
CA PRO A 121 -11.35 -7.58 -16.78
C PRO A 121 -10.48 -8.18 -15.69
N ALA A 122 -10.76 -9.44 -15.39
CA ALA A 122 -10.00 -10.21 -14.44
C ALA A 122 -8.55 -10.29 -14.89
N GLY A 123 -7.65 -10.02 -13.99
CA GLY A 123 -6.25 -9.98 -14.32
C GLY A 123 -5.74 -8.56 -14.34
N THR A 124 -6.65 -7.63 -14.21
CA THR A 124 -6.27 -6.25 -14.12
C THR A 124 -6.00 -5.88 -12.65
N THR A 125 -4.88 -5.28 -12.40
CA THR A 125 -4.57 -4.83 -11.08
C THR A 125 -4.93 -3.34 -10.98
N VAL A 126 -5.78 -3.00 -10.03
CA VAL A 126 -6.24 -1.64 -9.86
C VAL A 126 -6.04 -1.20 -8.40
N PRO A 127 -5.99 0.13 -8.12
CA PRO A 127 -5.85 0.66 -6.76
C PRO A 127 -7.06 0.33 -5.91
N VAL A 128 -6.82 -0.08 -4.67
CA VAL A 128 -7.91 -0.45 -3.75
C VAL A 128 -8.77 0.76 -3.36
N ASP A 129 -8.19 1.92 -3.53
CA ASP A 129 -8.83 3.19 -3.23
C ASP A 129 -9.67 3.69 -4.42
N SER A 130 -9.73 2.89 -5.46
CA SER A 130 -10.52 3.21 -6.63
C SER A 130 -11.90 2.55 -6.46
N VAL A 131 -12.84 2.92 -7.30
CA VAL A 131 -14.17 2.36 -7.24
C VAL A 131 -14.31 1.29 -8.32
N ILE A 132 -14.53 0.06 -7.91
CA ILE A 132 -14.64 -1.02 -8.86
C ILE A 132 -16.10 -1.18 -9.31
N GLU A 133 -16.31 -1.28 -10.60
CA GLU A 133 -17.60 -1.30 -11.13
C GLU A 133 -18.05 -2.70 -11.51
N LEU A 134 -19.24 -3.03 -11.06
CA LEU A 134 -19.83 -4.34 -11.20
C LEU A 134 -20.81 -4.31 -12.36
N GLN A 135 -20.74 -5.34 -13.17
CA GLN A 135 -21.58 -5.47 -14.37
C GLN A 135 -22.80 -6.29 -14.01
N VAL A 136 -23.92 -5.63 -13.91
CA VAL A 136 -25.18 -6.27 -13.56
C VAL A 136 -25.95 -6.58 -14.84
N SER A 137 -26.28 -7.85 -15.03
CA SER A 137 -27.05 -8.25 -16.18
C SER A 137 -28.51 -7.86 -15.96
N LYS A 138 -28.99 -6.97 -16.79
CA LYS A 138 -30.31 -6.47 -16.66
C LYS A 138 -31.05 -6.72 -17.95
N GLY A 4 34.19 14.56 22.55
CA GLY A 4 34.99 13.79 21.60
C GLY A 4 34.37 13.84 20.24
N PRO A 5 34.21 12.70 19.57
CA PRO A 5 33.60 12.66 18.24
C PRO A 5 32.09 12.84 18.31
N GLU A 6 31.52 13.31 17.26
CA GLU A 6 30.08 13.52 17.20
C GLU A 6 29.45 12.46 16.31
N GLN A 7 30.11 11.33 16.19
CA GLN A 7 29.61 10.27 15.36
C GLN A 7 28.72 9.35 16.19
N ARG A 8 27.47 9.25 15.80
CA ARG A 8 26.52 8.38 16.46
C ARG A 8 25.97 7.38 15.51
N GLU A 9 25.51 6.30 16.05
CA GLU A 9 24.97 5.22 15.29
C GLU A 9 23.49 5.45 15.03
N ILE A 10 23.03 5.10 13.85
CA ILE A 10 21.62 5.23 13.57
C ILE A 10 20.92 3.96 14.09
N PRO A 11 19.97 4.08 15.02
CA PRO A 11 19.24 2.95 15.55
C PRO A 11 18.30 2.34 14.51
N ASP A 12 18.20 1.02 14.52
CA ASP A 12 17.38 0.27 13.57
C ASP A 12 15.94 0.18 14.03
N VAL A 13 15.47 1.25 14.61
CA VAL A 13 14.09 1.34 15.05
C VAL A 13 13.25 1.85 13.86
N SER A 14 13.96 2.19 12.82
CA SER A 14 13.43 2.67 11.57
C SER A 14 12.50 1.64 10.96
N THR A 15 12.86 0.39 11.13
CA THR A 15 12.10 -0.71 10.65
C THR A 15 10.70 -0.74 11.29
N LEU A 16 10.57 -0.17 12.51
CA LEU A 16 9.32 -0.28 13.20
C LEU A 16 8.34 0.78 12.73
N THR A 17 8.77 2.03 12.62
CA THR A 17 7.92 3.14 12.15
C THR A 17 8.80 4.39 11.90
N TYR A 18 8.41 5.24 10.93
CA TYR A 18 9.09 6.53 10.66
C TYR A 18 9.22 7.36 11.94
N ALA A 19 8.12 7.50 12.66
CA ALA A 19 8.08 8.28 13.89
C ALA A 19 9.11 7.78 14.91
N GLU A 20 9.25 6.45 14.99
CA GLU A 20 10.21 5.82 15.89
C GLU A 20 11.62 6.19 15.54
N ALA A 21 11.90 6.18 14.24
CA ALA A 21 13.21 6.57 13.73
C ALA A 21 13.49 7.99 14.09
N VAL A 22 12.50 8.86 13.93
CA VAL A 22 12.63 10.26 14.24
C VAL A 22 12.98 10.48 15.69
N LYS A 23 12.25 9.84 16.59
CA LYS A 23 12.44 10.02 18.02
C LYS A 23 13.85 9.60 18.43
N LYS A 24 14.26 8.43 17.96
CA LYS A 24 15.56 7.90 18.26
C LYS A 24 16.69 8.70 17.62
N LEU A 25 16.50 9.10 16.38
CA LEU A 25 17.51 9.87 15.66
C LEU A 25 17.65 11.26 16.28
N THR A 26 16.51 11.82 16.68
CA THR A 26 16.45 13.09 17.38
C THR A 26 17.24 12.99 18.67
N ALA A 27 17.02 11.91 19.41
CA ALA A 27 17.70 11.65 20.67
C ALA A 27 19.18 11.35 20.47
N ALA A 28 19.56 10.96 19.25
CA ALA A 28 20.95 10.66 18.96
C ALA A 28 21.72 11.95 18.73
N GLY A 29 20.99 13.03 18.54
CA GLY A 29 21.60 14.34 18.42
C GLY A 29 21.60 14.86 17.01
N PHE A 30 21.22 14.03 16.07
CA PHE A 30 21.20 14.44 14.67
C PHE A 30 20.13 15.48 14.46
N GLY A 31 20.56 16.67 14.10
CA GLY A 31 19.62 17.73 13.88
C GLY A 31 19.43 18.02 12.42
N ARG A 32 20.08 17.24 11.59
CA ARG A 32 20.00 17.45 10.18
C ARG A 32 19.59 16.15 9.49
N PHE A 33 18.41 16.15 8.93
CA PHE A 33 17.89 15.02 8.22
C PHE A 33 16.97 15.42 7.10
N LYS A 34 16.68 14.50 6.23
CA LYS A 34 15.78 14.72 5.15
C LYS A 34 14.94 13.49 4.95
N GLN A 35 13.65 13.68 4.85
CA GLN A 35 12.73 12.60 4.62
C GLN A 35 12.47 12.44 3.12
N ALA A 36 12.50 11.21 2.67
CA ALA A 36 12.17 10.86 1.32
C ALA A 36 11.42 9.55 1.36
N ASN A 37 10.72 9.21 0.31
CA ASN A 37 10.00 7.95 0.28
C ASN A 37 10.30 7.20 -0.99
N SER A 38 10.24 5.91 -0.92
CA SER A 38 10.46 5.04 -2.04
C SER A 38 9.43 3.93 -1.99
N PRO A 39 8.95 3.43 -3.14
CA PRO A 39 8.00 2.33 -3.16
C PRO A 39 8.64 1.04 -2.65
N SER A 40 7.96 0.41 -1.74
CA SER A 40 8.39 -0.80 -1.11
C SER A 40 7.13 -1.63 -0.89
N THR A 41 7.27 -2.79 -0.31
CA THR A 41 6.17 -3.66 -0.02
C THR A 41 5.14 -2.98 0.91
N PRO A 42 3.84 -3.24 0.68
CA PRO A 42 2.73 -2.77 1.53
C PRO A 42 2.96 -3.12 3.00
N GLU A 43 3.68 -4.21 3.22
CA GLU A 43 4.03 -4.68 4.55
C GLU A 43 4.84 -3.62 5.32
N LEU A 44 5.58 -2.80 4.60
CA LEU A 44 6.43 -1.80 5.22
C LEU A 44 5.93 -0.39 5.01
N VAL A 45 4.68 -0.23 4.57
CA VAL A 45 4.14 1.10 4.35
C VAL A 45 4.13 1.89 5.68
N GLY A 46 4.70 3.09 5.64
CA GLY A 46 4.72 3.93 6.83
C GLY A 46 5.84 3.54 7.76
N LYS A 47 6.72 2.70 7.28
CA LYS A 47 7.86 2.27 8.03
C LYS A 47 9.10 2.59 7.22
N VAL A 48 10.19 2.76 7.89
CA VAL A 48 11.41 3.13 7.23
C VAL A 48 12.06 1.88 6.65
N ILE A 49 12.63 2.01 5.48
CA ILE A 49 13.27 0.88 4.86
C ILE A 49 14.77 0.92 5.12
N GLY A 50 15.31 2.10 5.28
CA GLY A 50 16.71 2.25 5.58
C GLY A 50 17.08 3.70 5.61
N THR A 51 18.33 3.97 5.84
CA THR A 51 18.83 5.31 5.86
C THR A 51 19.98 5.43 4.88
N ASN A 52 20.18 6.62 4.35
CA ASN A 52 21.29 6.89 3.44
C ASN A 52 22.67 6.65 4.10
N PRO A 53 22.95 7.20 5.32
CA PRO A 53 24.15 6.84 6.05
C PRO A 53 23.95 5.48 6.72
N PRO A 54 25.00 4.64 6.76
CA PRO A 54 24.92 3.30 7.36
C PRO A 54 24.61 3.37 8.85
N ALA A 55 23.67 2.56 9.28
CA ALA A 55 23.17 2.56 10.64
C ALA A 55 24.09 1.78 11.54
N ASN A 56 24.99 1.07 10.93
CA ASN A 56 25.94 0.25 11.64
C ASN A 56 27.24 0.98 11.76
N GLN A 57 27.20 2.24 11.44
CA GLN A 57 28.34 3.07 11.50
C GLN A 57 27.96 4.25 12.35
N THR A 58 28.91 5.03 12.70
CA THR A 58 28.68 6.18 13.46
C THR A 58 28.83 7.39 12.55
N SER A 59 27.77 8.10 12.34
CA SER A 59 27.79 9.24 11.48
C SER A 59 27.86 10.50 12.31
N ALA A 60 28.66 11.46 11.88
CA ALA A 60 28.75 12.74 12.57
C ALA A 60 27.43 13.49 12.45
N ILE A 61 27.01 14.08 13.55
CA ILE A 61 25.73 14.79 13.67
C ILE A 61 25.58 15.94 12.65
N THR A 62 26.69 16.47 12.19
CA THR A 62 26.70 17.55 11.22
C THR A 62 26.26 17.06 9.81
N ASN A 63 26.09 15.77 9.66
CA ASN A 63 25.73 15.18 8.39
C ASN A 63 24.25 15.09 8.25
N VAL A 64 23.78 15.26 7.04
CA VAL A 64 22.37 15.15 6.77
C VAL A 64 21.99 13.69 6.59
N VAL A 65 21.14 13.21 7.44
CA VAL A 65 20.69 11.85 7.33
C VAL A 65 19.49 11.81 6.41
N ILE A 66 19.61 11.11 5.33
CA ILE A 66 18.49 10.97 4.44
C ILE A 66 17.77 9.72 4.84
N ILE A 67 16.59 9.89 5.33
CA ILE A 67 15.78 8.82 5.78
C ILE A 67 14.68 8.53 4.75
N ILE A 68 14.69 7.31 4.23
CA ILE A 68 13.72 6.91 3.23
C ILE A 68 12.65 5.99 3.82
N VAL A 69 11.43 6.42 3.63
CA VAL A 69 10.27 5.71 4.14
C VAL A 69 9.71 4.84 3.03
N GLY A 70 9.21 3.68 3.40
CA GLY A 70 8.65 2.80 2.44
C GLY A 70 7.19 3.11 2.20
N SER A 71 6.87 3.41 0.99
CA SER A 71 5.52 3.63 0.62
C SER A 71 5.06 2.35 -0.07
N GLY A 72 3.95 1.82 0.34
CA GLY A 72 3.52 0.54 -0.16
C GLY A 72 2.29 0.62 -1.03
N PRO A 73 2.37 0.18 -2.30
CA PRO A 73 1.23 0.16 -3.19
C PRO A 73 0.32 -1.01 -2.89
N ALA A 74 -0.84 -0.71 -2.43
CA ALA A 74 -1.81 -1.71 -2.18
C ALA A 74 -2.87 -1.65 -3.25
N THR A 75 -2.60 -2.35 -4.32
CA THR A 75 -3.45 -2.35 -5.48
C THR A 75 -3.60 -3.77 -5.98
N LYS A 76 -4.68 -4.03 -6.66
CA LYS A 76 -4.94 -5.34 -7.22
C LYS A 76 -5.54 -5.21 -8.60
N ASP A 77 -5.15 -6.07 -9.50
CA ASP A 77 -5.79 -6.15 -10.80
C ASP A 77 -7.05 -6.94 -10.62
N ILE A 78 -8.12 -6.42 -11.15
CA ILE A 78 -9.40 -7.04 -10.98
C ILE A 78 -9.52 -8.28 -11.87
N PRO A 79 -9.91 -9.42 -11.30
CA PRO A 79 -10.15 -10.63 -12.06
C PRO A 79 -11.58 -10.66 -12.61
N ASP A 80 -11.82 -11.48 -13.61
CA ASP A 80 -13.16 -11.57 -14.15
C ASP A 80 -13.91 -12.65 -13.43
N VAL A 81 -15.12 -12.36 -13.08
CA VAL A 81 -15.94 -13.30 -12.39
C VAL A 81 -17.37 -13.19 -12.94
N ALA A 82 -17.47 -12.56 -14.12
CA ALA A 82 -18.75 -12.35 -14.76
C ALA A 82 -19.23 -13.65 -15.38
N GLY A 83 -20.51 -13.84 -15.37
CA GLY A 83 -21.09 -15.06 -15.87
C GLY A 83 -21.68 -15.84 -14.73
N GLN A 84 -21.13 -15.63 -13.55
CA GLN A 84 -21.60 -16.29 -12.38
C GLN A 84 -22.67 -15.41 -11.74
N THR A 85 -23.29 -15.85 -10.67
CA THR A 85 -24.37 -15.09 -10.09
C THR A 85 -23.83 -14.01 -9.22
N VAL A 86 -24.62 -12.97 -9.00
CA VAL A 86 -24.19 -11.83 -8.21
C VAL A 86 -23.64 -12.24 -6.84
N ASP A 87 -24.30 -13.19 -6.18
CA ASP A 87 -23.82 -13.67 -4.87
C ASP A 87 -22.51 -14.43 -4.96
N VAL A 88 -22.38 -15.30 -5.96
CA VAL A 88 -21.18 -16.11 -6.02
C VAL A 88 -20.00 -15.33 -6.55
N ALA A 89 -20.29 -14.47 -7.49
CA ALA A 89 -19.28 -13.65 -8.11
C ALA A 89 -18.64 -12.70 -7.12
N GLN A 90 -19.48 -12.00 -6.33
CA GLN A 90 -18.96 -11.06 -5.36
C GLN A 90 -18.17 -11.78 -4.29
N LYS A 91 -18.60 -13.00 -3.94
CA LYS A 91 -17.89 -13.80 -2.95
C LYS A 91 -16.47 -14.08 -3.43
N ASN A 92 -16.37 -14.59 -4.65
CA ASN A 92 -15.08 -14.93 -5.22
C ASN A 92 -14.23 -13.70 -5.37
N LEU A 93 -14.85 -12.64 -5.86
CA LEU A 93 -14.19 -11.37 -6.06
C LEU A 93 -13.67 -10.84 -4.72
N ASN A 94 -14.46 -10.94 -3.69
CA ASN A 94 -14.09 -10.51 -2.32
C ASN A 94 -12.86 -11.22 -1.81
N VAL A 95 -12.76 -12.50 -2.10
CA VAL A 95 -11.66 -13.32 -1.65
C VAL A 95 -10.35 -12.93 -2.34
N TYR A 96 -10.42 -12.54 -3.59
CA TYR A 96 -9.19 -12.25 -4.32
C TYR A 96 -8.96 -10.76 -4.39
N GLY A 97 -10.04 -10.07 -4.58
CA GLY A 97 -10.05 -8.69 -4.87
C GLY A 97 -10.23 -7.79 -3.68
N PHE A 98 -11.45 -7.30 -3.51
CA PHE A 98 -11.68 -6.21 -2.58
C PHE A 98 -12.87 -6.51 -1.74
N THR A 99 -13.09 -5.69 -0.77
CA THR A 99 -14.18 -5.86 0.11
C THR A 99 -15.24 -4.75 -0.13
N LYS A 100 -14.94 -3.86 -1.05
CA LYS A 100 -15.81 -2.74 -1.31
C LYS A 100 -16.52 -2.92 -2.65
N PHE A 101 -17.83 -3.04 -2.61
CA PHE A 101 -18.63 -3.32 -3.80
C PHE A 101 -19.76 -2.32 -3.98
N SER A 102 -20.12 -2.11 -5.20
CA SER A 102 -21.28 -1.36 -5.60
C SER A 102 -21.90 -2.08 -6.79
N GLN A 103 -23.15 -1.86 -7.04
CA GLN A 103 -23.84 -2.61 -8.07
C GLN A 103 -24.41 -1.72 -9.13
N ALA A 104 -24.52 -2.27 -10.28
CA ALA A 104 -25.12 -1.62 -11.40
C ALA A 104 -26.05 -2.61 -12.04
N SER A 105 -27.28 -2.22 -12.21
CA SER A 105 -28.28 -3.05 -12.80
C SER A 105 -28.23 -2.81 -14.30
N VAL A 106 -28.18 -3.84 -15.09
CA VAL A 106 -28.12 -3.66 -16.52
C VAL A 106 -29.30 -4.34 -17.17
N ASP A 107 -29.72 -3.81 -18.29
CA ASP A 107 -30.86 -4.36 -19.00
C ASP A 107 -30.43 -5.58 -19.76
N SER A 108 -31.20 -6.61 -19.66
CA SER A 108 -30.89 -7.86 -20.29
C SER A 108 -32.21 -8.50 -20.77
N PRO A 109 -32.22 -9.10 -21.98
CA PRO A 109 -33.45 -9.68 -22.58
C PRO A 109 -34.02 -10.86 -21.75
N ARG A 110 -33.22 -11.88 -21.56
CA ARG A 110 -33.58 -13.02 -20.74
C ARG A 110 -32.69 -13.17 -19.47
N PRO A 111 -31.32 -12.95 -19.55
CA PRO A 111 -30.46 -13.06 -18.35
C PRO A 111 -30.90 -12.16 -17.20
N ALA A 112 -30.63 -12.60 -15.99
CA ALA A 112 -31.08 -11.96 -14.78
C ALA A 112 -30.48 -12.72 -13.61
N GLY A 113 -29.58 -12.11 -12.89
CA GLY A 113 -28.96 -12.77 -11.77
C GLY A 113 -27.47 -12.91 -11.94
N GLU A 114 -27.04 -13.11 -13.18
CA GLU A 114 -25.63 -13.24 -13.47
C GLU A 114 -24.97 -11.90 -13.65
N VAL A 115 -23.72 -11.85 -13.26
CA VAL A 115 -22.94 -10.68 -13.44
C VAL A 115 -22.56 -10.58 -14.90
N THR A 116 -22.85 -9.48 -15.49
CA THR A 116 -22.65 -9.25 -16.88
C THR A 116 -21.22 -8.75 -17.11
N GLY A 117 -20.71 -7.99 -16.16
CA GLY A 117 -19.37 -7.51 -16.24
C GLY A 117 -19.03 -6.67 -15.05
N THR A 118 -17.88 -6.13 -15.04
CA THR A 118 -17.45 -5.25 -14.00
C THR A 118 -17.19 -3.89 -14.63
N ASN A 119 -17.18 -2.84 -13.84
CA ASN A 119 -16.94 -1.49 -14.37
C ASN A 119 -15.57 -1.40 -15.07
N PRO A 120 -14.44 -1.76 -14.40
CA PRO A 120 -13.16 -1.85 -15.08
C PRO A 120 -12.99 -3.28 -15.68
N PRO A 121 -12.31 -3.40 -16.83
CA PRO A 121 -12.04 -4.71 -17.43
C PRO A 121 -11.02 -5.49 -16.62
N ALA A 122 -10.99 -6.80 -16.80
CA ALA A 122 -10.08 -7.67 -16.08
C ALA A 122 -8.63 -7.32 -16.38
N GLY A 123 -7.84 -7.26 -15.35
CA GLY A 123 -6.45 -6.93 -15.52
C GLY A 123 -6.16 -5.53 -15.09
N THR A 124 -7.19 -4.71 -15.01
CA THR A 124 -7.02 -3.34 -14.60
C THR A 124 -6.69 -3.28 -13.11
N THR A 125 -5.56 -2.70 -12.80
CA THR A 125 -5.12 -2.56 -11.44
C THR A 125 -5.78 -1.34 -10.79
N VAL A 126 -6.41 -1.55 -9.68
CA VAL A 126 -7.03 -0.48 -8.93
C VAL A 126 -6.64 -0.60 -7.46
N PRO A 127 -6.69 0.51 -6.69
CA PRO A 127 -6.36 0.48 -5.26
C PRO A 127 -7.28 -0.46 -4.49
N VAL A 128 -6.72 -1.13 -3.48
CA VAL A 128 -7.48 -2.10 -2.70
C VAL A 128 -8.62 -1.46 -1.91
N ASP A 129 -8.50 -0.16 -1.68
CA ASP A 129 -9.52 0.57 -0.95
C ASP A 129 -10.58 1.12 -1.87
N SER A 130 -10.48 0.82 -3.15
CA SER A 130 -11.43 1.34 -4.08
C SER A 130 -12.66 0.46 -4.13
N VAL A 131 -13.78 1.08 -4.34
CA VAL A 131 -15.04 0.39 -4.40
C VAL A 131 -15.28 -0.04 -5.84
N ILE A 132 -15.39 -1.32 -6.07
CA ILE A 132 -15.56 -1.82 -7.41
C ILE A 132 -17.06 -2.01 -7.72
N GLU A 133 -17.43 -1.78 -8.95
CA GLU A 133 -18.76 -1.88 -9.38
C GLU A 133 -18.98 -3.18 -10.13
N LEU A 134 -19.97 -3.90 -9.70
CA LEU A 134 -20.35 -5.16 -10.25
C LEU A 134 -21.64 -4.94 -11.08
N GLN A 135 -21.53 -5.13 -12.37
CA GLN A 135 -22.65 -4.93 -13.28
C GLN A 135 -23.40 -6.23 -13.46
N VAL A 136 -24.55 -6.28 -12.88
CA VAL A 136 -25.37 -7.47 -12.85
C VAL A 136 -26.65 -7.30 -13.65
N SER A 137 -27.04 -8.35 -14.38
CA SER A 137 -28.28 -8.36 -15.13
C SER A 137 -29.43 -8.12 -14.12
N LYS A 138 -30.28 -7.17 -14.44
CA LYS A 138 -31.26 -6.67 -13.48
C LYS A 138 -32.29 -7.72 -13.05
N GLY A 4 36.07 18.56 18.65
CA GLY A 4 35.22 17.40 18.80
C GLY A 4 34.00 17.46 17.91
N PRO A 5 33.85 16.55 16.94
CA PRO A 5 32.69 16.51 16.04
C PRO A 5 31.41 16.13 16.76
N GLU A 6 30.38 16.89 16.52
CA GLU A 6 29.08 16.62 17.11
C GLU A 6 28.28 15.73 16.16
N GLN A 7 28.81 14.55 15.97
CA GLN A 7 28.23 13.58 15.07
C GLN A 7 27.66 12.41 15.82
N ARG A 8 26.69 11.76 15.22
CA ARG A 8 26.05 10.59 15.74
C ARG A 8 25.95 9.53 14.66
N GLU A 9 25.97 8.31 15.09
CA GLU A 9 25.90 7.16 14.22
C GLU A 9 24.44 6.69 14.15
N ILE A 10 23.99 6.28 12.98
CA ILE A 10 22.59 5.90 12.80
C ILE A 10 22.35 4.46 13.31
N PRO A 11 21.42 4.25 14.28
CA PRO A 11 21.02 2.92 14.77
C PRO A 11 20.16 2.17 13.74
N ASP A 12 20.34 0.87 13.61
CA ASP A 12 19.53 0.11 12.68
C ASP A 12 18.42 -0.58 13.38
N VAL A 13 17.44 0.18 13.68
CA VAL A 13 16.18 -0.30 14.20
C VAL A 13 15.15 -0.04 13.12
N SER A 14 15.69 0.42 12.02
CA SER A 14 14.97 0.76 10.82
C SER A 14 14.24 -0.46 10.26
N THR A 15 14.91 -1.57 10.38
CA THR A 15 14.43 -2.83 9.96
C THR A 15 13.19 -3.28 10.76
N LEU A 16 13.07 -2.79 11.98
CA LEU A 16 12.02 -3.23 12.86
C LEU A 16 10.72 -2.54 12.50
N THR A 17 10.80 -1.22 12.29
CA THR A 17 9.69 -0.37 11.83
C THR A 17 10.08 1.09 11.80
N TYR A 18 9.35 1.85 11.01
CA TYR A 18 9.44 3.30 10.93
C TYR A 18 9.34 3.92 12.32
N ALA A 19 8.41 3.43 13.12
CA ALA A 19 8.20 3.91 14.48
C ALA A 19 9.47 3.78 15.30
N GLU A 20 10.10 2.61 15.22
CA GLU A 20 11.32 2.32 15.93
C GLU A 20 12.42 3.27 15.48
N ALA A 21 12.51 3.45 14.19
CA ALA A 21 13.51 4.29 13.57
C ALA A 21 13.37 5.72 14.02
N VAL A 22 12.15 6.24 14.01
CA VAL A 22 11.90 7.61 14.39
C VAL A 22 12.33 7.87 15.82
N LYS A 23 11.93 7.00 16.72
CA LYS A 23 12.26 7.18 18.13
C LYS A 23 13.75 7.12 18.37
N LYS A 24 14.39 6.12 17.80
CA LYS A 24 15.84 5.97 17.97
C LYS A 24 16.63 7.08 17.31
N LEU A 25 16.18 7.51 16.14
CA LEU A 25 16.85 8.61 15.44
C LEU A 25 16.65 9.91 16.23
N THR A 26 15.46 10.08 16.76
CA THR A 26 15.13 11.20 17.60
C THR A 26 16.00 11.16 18.88
N ALA A 27 16.17 9.95 19.42
CA ALA A 27 17.00 9.70 20.58
C ALA A 27 18.47 9.85 20.24
N ALA A 28 18.80 9.86 18.95
CA ALA A 28 20.18 10.06 18.54
C ALA A 28 20.48 11.55 18.49
N GLY A 29 19.44 12.35 18.55
CA GLY A 29 19.58 13.78 18.70
C GLY A 29 19.77 14.51 17.41
N PHE A 30 19.39 13.88 16.32
CA PHE A 30 19.52 14.53 15.02
C PHE A 30 18.55 15.68 14.85
N GLY A 31 19.06 16.79 14.37
CA GLY A 31 18.24 17.95 14.19
C GLY A 31 17.61 17.99 12.84
N ARG A 32 18.24 17.39 11.86
CA ARG A 32 17.73 17.39 10.52
C ARG A 32 17.55 15.99 9.97
N PHE A 33 16.34 15.66 9.71
CA PHE A 33 16.00 14.41 9.09
C PHE A 33 14.84 14.60 8.14
N LYS A 34 14.84 13.82 7.10
CA LYS A 34 13.89 13.98 6.05
C LYS A 34 13.31 12.61 5.76
N GLN A 35 12.01 12.54 5.64
CA GLN A 35 11.32 11.29 5.42
C GLN A 35 11.06 11.07 3.94
N ALA A 36 11.56 9.98 3.45
CA ALA A 36 11.39 9.59 2.09
C ALA A 36 10.63 8.28 2.07
N ASN A 37 9.75 8.13 1.15
CA ASN A 37 8.98 6.91 1.03
C ASN A 37 9.10 6.38 -0.37
N SER A 38 9.13 5.09 -0.49
CA SER A 38 9.25 4.46 -1.76
C SER A 38 8.45 3.17 -1.77
N PRO A 39 7.92 2.77 -2.94
CA PRO A 39 7.15 1.54 -3.05
C PRO A 39 8.02 0.32 -2.79
N SER A 40 7.47 -0.63 -2.12
CA SER A 40 8.15 -1.84 -1.78
C SER A 40 7.10 -2.94 -1.64
N THR A 41 7.56 -4.13 -1.35
CA THR A 41 6.72 -5.27 -1.17
C THR A 41 5.86 -5.10 0.10
N PRO A 42 4.61 -5.62 0.05
CA PRO A 42 3.65 -5.59 1.18
C PRO A 42 4.24 -6.12 2.47
N GLU A 43 5.18 -7.03 2.35
CA GLU A 43 5.83 -7.67 3.48
C GLU A 43 6.72 -6.67 4.24
N LEU A 44 7.30 -5.72 3.54
CA LEU A 44 8.23 -4.78 4.15
C LEU A 44 7.60 -3.42 4.40
N VAL A 45 6.29 -3.33 4.22
CA VAL A 45 5.59 -2.08 4.48
C VAL A 45 5.75 -1.69 5.94
N GLY A 46 6.17 -0.48 6.18
CA GLY A 46 6.31 0.00 7.52
C GLY A 46 7.74 -0.11 8.01
N LYS A 47 8.55 -0.84 7.28
CA LYS A 47 9.94 -0.99 7.61
C LYS A 47 10.74 0.06 6.91
N VAL A 48 11.78 0.50 7.54
CA VAL A 48 12.69 1.39 6.91
C VAL A 48 13.63 0.55 6.09
N ILE A 49 13.72 0.84 4.84
CA ILE A 49 14.47 0.01 3.92
C ILE A 49 15.85 0.54 3.69
N GLY A 50 16.13 1.67 4.28
CA GLY A 50 17.44 2.21 4.18
C GLY A 50 17.47 3.64 4.57
N THR A 51 18.63 4.13 4.81
CA THR A 51 18.83 5.51 5.07
C THR A 51 19.76 6.01 4.02
N ASN A 52 19.54 7.22 3.56
CA ASN A 52 20.39 7.81 2.54
C ASN A 52 21.84 7.99 3.06
N PRO A 53 22.05 8.51 4.32
CA PRO A 53 23.39 8.49 4.92
C PRO A 53 23.67 7.10 5.53
N PRO A 54 24.89 6.58 5.38
CA PRO A 54 25.26 5.27 5.90
C PRO A 54 25.29 5.25 7.43
N ALA A 55 24.89 4.13 8.00
CA ALA A 55 24.84 3.96 9.46
C ALA A 55 26.19 3.51 10.00
N ASN A 56 27.19 3.67 9.18
CA ASN A 56 28.54 3.25 9.50
C ASN A 56 29.39 4.41 9.94
N GLN A 57 29.06 5.58 9.45
CA GLN A 57 29.82 6.75 9.79
C GLN A 57 28.93 7.70 10.52
N THR A 58 29.52 8.51 11.32
CA THR A 58 28.81 9.43 12.11
C THR A 58 28.45 10.68 11.29
N SER A 59 27.23 11.11 11.43
CA SER A 59 26.78 12.30 10.75
C SER A 59 26.52 13.38 11.79
N ALA A 60 26.92 14.60 11.50
CA ALA A 60 26.72 15.73 12.39
C ALA A 60 25.25 15.95 12.64
N ILE A 61 24.94 16.48 13.81
CA ILE A 61 23.57 16.75 14.23
C ILE A 61 22.87 17.70 13.24
N THR A 62 23.66 18.54 12.59
CA THR A 62 23.15 19.50 11.64
C THR A 62 23.04 18.89 10.22
N ASN A 63 23.40 17.63 10.06
CA ASN A 63 23.29 16.96 8.76
C ASN A 63 21.89 16.48 8.58
N VAL A 64 21.45 16.44 7.35
CA VAL A 64 20.11 16.02 7.05
C VAL A 64 20.14 14.53 6.76
N VAL A 65 19.54 13.77 7.63
CA VAL A 65 19.46 12.34 7.44
C VAL A 65 18.17 12.01 6.69
N ILE A 66 18.29 11.44 5.54
CA ILE A 66 17.13 11.04 4.79
C ILE A 66 16.79 9.60 5.10
N ILE A 67 15.68 9.39 5.73
CA ILE A 67 15.22 8.08 6.12
C ILE A 67 14.18 7.57 5.12
N ILE A 68 14.42 6.40 4.56
CA ILE A 68 13.61 5.86 3.48
C ILE A 68 12.72 4.71 3.97
N VAL A 69 11.43 4.93 3.90
CA VAL A 69 10.45 3.96 4.37
C VAL A 69 9.93 3.12 3.20
N GLY A 70 9.74 1.84 3.46
CA GLY A 70 9.16 0.97 2.48
C GLY A 70 7.66 1.02 2.59
N SER A 71 7.02 1.46 1.54
CA SER A 71 5.59 1.57 1.54
C SER A 71 5.03 0.81 0.35
N GLY A 72 3.98 0.06 0.57
CA GLY A 72 3.39 -0.69 -0.49
C GLY A 72 1.91 -0.51 -0.48
N PRO A 73 1.32 -0.08 -1.58
CA PRO A 73 -0.11 0.12 -1.66
C PRO A 73 -0.86 -1.20 -1.68
N ALA A 74 -1.78 -1.35 -0.75
CA ALA A 74 -2.60 -2.54 -0.64
C ALA A 74 -3.52 -2.58 -1.83
N THR A 75 -3.12 -3.29 -2.80
CA THR A 75 -3.81 -3.35 -4.04
C THR A 75 -4.05 -4.80 -4.43
N LYS A 76 -5.06 -5.03 -5.23
CA LYS A 76 -5.39 -6.35 -5.72
C LYS A 76 -5.87 -6.26 -7.15
N ASP A 77 -5.62 -7.31 -7.89
CA ASP A 77 -6.07 -7.41 -9.25
C ASP A 77 -7.47 -7.93 -9.22
N ILE A 78 -8.31 -7.38 -10.04
CA ILE A 78 -9.66 -7.84 -10.07
C ILE A 78 -9.78 -9.07 -10.95
N PRO A 79 -10.23 -10.18 -10.40
CA PRO A 79 -10.46 -11.38 -11.17
C PRO A 79 -11.79 -11.27 -11.87
N ASP A 80 -11.97 -12.03 -12.92
CA ASP A 80 -13.21 -12.00 -13.64
C ASP A 80 -14.31 -12.65 -12.82
N VAL A 81 -15.12 -11.82 -12.23
CA VAL A 81 -16.26 -12.26 -11.46
C VAL A 81 -17.46 -12.19 -12.35
N ALA A 82 -17.21 -11.72 -13.56
CA ALA A 82 -18.19 -11.62 -14.56
C ALA A 82 -18.54 -13.01 -15.01
N GLY A 83 -19.77 -13.37 -14.86
CA GLY A 83 -20.19 -14.70 -15.12
C GLY A 83 -20.84 -15.27 -13.91
N GLN A 84 -20.42 -14.77 -12.73
CA GLN A 84 -20.95 -15.22 -11.48
C GLN A 84 -22.23 -14.46 -11.18
N THR A 85 -22.87 -14.76 -10.10
CA THR A 85 -24.11 -14.12 -9.76
C THR A 85 -23.82 -12.90 -8.93
N VAL A 86 -24.72 -11.92 -8.92
CA VAL A 86 -24.50 -10.66 -8.23
C VAL A 86 -24.13 -10.84 -6.77
N ASP A 87 -24.88 -11.68 -6.08
CA ASP A 87 -24.63 -11.92 -4.67
C ASP A 87 -23.34 -12.69 -4.43
N VAL A 88 -23.07 -13.69 -5.26
CA VAL A 88 -21.90 -14.52 -5.01
C VAL A 88 -20.61 -13.80 -5.39
N ALA A 89 -20.70 -13.02 -6.46
CA ALA A 89 -19.57 -12.26 -6.95
C ALA A 89 -19.08 -11.25 -5.95
N GLN A 90 -20.00 -10.48 -5.39
CA GLN A 90 -19.62 -9.48 -4.42
C GLN A 90 -19.08 -10.15 -3.16
N LYS A 91 -19.65 -11.28 -2.78
CA LYS A 91 -19.20 -12.01 -1.62
C LYS A 91 -17.79 -12.58 -1.76
N ASN A 92 -17.53 -13.31 -2.84
CA ASN A 92 -16.22 -13.87 -3.04
C ASN A 92 -15.15 -12.83 -3.31
N LEU A 93 -15.50 -11.80 -4.07
CA LEU A 93 -14.57 -10.72 -4.37
C LEU A 93 -14.25 -9.94 -3.09
N ASN A 94 -15.23 -9.77 -2.23
CA ASN A 94 -15.09 -9.04 -0.95
C ASN A 94 -14.00 -9.64 -0.07
N VAL A 95 -13.93 -10.96 -0.10
CA VAL A 95 -12.96 -11.70 0.71
C VAL A 95 -11.52 -11.38 0.30
N TYR A 96 -11.28 -11.22 -0.99
CA TYR A 96 -9.91 -11.04 -1.46
C TYR A 96 -9.66 -9.60 -1.85
N GLY A 97 -10.73 -8.87 -1.99
CA GLY A 97 -10.65 -7.60 -2.62
C GLY A 97 -11.18 -6.41 -1.84
N PHE A 98 -12.40 -6.04 -2.13
CA PHE A 98 -12.91 -4.75 -1.74
C PHE A 98 -14.20 -4.91 -1.00
N THR A 99 -14.48 -3.97 -0.16
CA THR A 99 -15.69 -3.94 0.57
C THR A 99 -16.61 -2.84 -0.02
N LYS A 100 -16.08 -2.08 -0.94
CA LYS A 100 -16.79 -0.97 -1.48
C LYS A 100 -17.23 -1.27 -2.90
N PHE A 101 -18.53 -1.33 -3.08
CA PHE A 101 -19.11 -1.70 -4.35
C PHE A 101 -20.08 -0.65 -4.84
N SER A 102 -20.27 -0.65 -6.10
CA SER A 102 -21.24 0.14 -6.78
C SER A 102 -21.85 -0.76 -7.81
N GLN A 103 -23.06 -0.52 -8.18
CA GLN A 103 -23.74 -1.39 -9.09
C GLN A 103 -24.11 -0.61 -10.32
N ALA A 104 -23.81 -1.16 -11.44
CA ALA A 104 -24.13 -0.58 -12.70
C ALA A 104 -25.10 -1.46 -13.41
N SER A 105 -26.04 -0.87 -14.06
CA SER A 105 -27.07 -1.60 -14.72
C SER A 105 -26.80 -1.56 -16.22
N VAL A 106 -26.63 -2.72 -16.80
CA VAL A 106 -26.37 -2.83 -18.21
C VAL A 106 -27.43 -3.71 -18.84
N ASP A 107 -27.69 -3.52 -20.10
CA ASP A 107 -28.70 -4.30 -20.75
C ASP A 107 -28.17 -5.66 -21.10
N SER A 108 -28.96 -6.64 -20.82
CA SER A 108 -28.62 -8.01 -21.05
C SER A 108 -29.90 -8.73 -21.42
N PRO A 109 -29.87 -9.60 -22.43
CA PRO A 109 -31.07 -10.33 -22.86
C PRO A 109 -31.50 -11.37 -21.85
N ARG A 110 -32.80 -11.64 -21.84
CA ARG A 110 -33.50 -12.60 -21.00
C ARG A 110 -33.02 -12.77 -19.50
N PRO A 111 -32.03 -13.68 -19.14
CA PRO A 111 -31.57 -13.85 -17.73
C PRO A 111 -31.05 -12.55 -17.09
N ALA A 112 -31.23 -12.42 -15.80
CA ALA A 112 -30.78 -11.27 -15.08
C ALA A 112 -30.20 -11.72 -13.75
N GLY A 113 -29.39 -10.89 -13.13
CA GLY A 113 -28.82 -11.23 -11.84
C GLY A 113 -27.38 -11.61 -11.92
N GLU A 114 -26.94 -12.01 -13.09
CA GLU A 114 -25.57 -12.39 -13.29
C GLU A 114 -24.72 -11.18 -13.63
N VAL A 115 -23.47 -11.24 -13.21
CA VAL A 115 -22.54 -10.18 -13.48
C VAL A 115 -22.11 -10.26 -14.93
N THR A 116 -22.39 -9.22 -15.66
CA THR A 116 -22.10 -9.16 -17.07
C THR A 116 -20.67 -8.64 -17.29
N GLY A 117 -20.18 -7.89 -16.34
CA GLY A 117 -18.84 -7.38 -16.43
C GLY A 117 -18.52 -6.49 -15.26
N THR A 118 -17.34 -6.00 -15.23
CA THR A 118 -16.92 -5.06 -14.24
C THR A 118 -16.54 -3.78 -14.94
N ASN A 119 -16.51 -2.69 -14.21
CA ASN A 119 -16.11 -1.40 -14.80
C ASN A 119 -14.67 -1.44 -15.35
N PRO A 120 -13.63 -1.82 -14.55
CA PRO A 120 -12.30 -1.98 -15.09
C PRO A 120 -12.15 -3.41 -15.66
N PRO A 121 -11.27 -3.61 -16.64
CA PRO A 121 -11.04 -4.93 -17.21
C PRO A 121 -10.39 -5.87 -16.18
N ALA A 122 -10.66 -7.16 -16.33
CA ALA A 122 -10.14 -8.16 -15.43
C ALA A 122 -8.62 -8.21 -15.51
N GLY A 123 -8.00 -8.37 -14.37
CA GLY A 123 -6.56 -8.40 -14.31
C GLY A 123 -5.99 -7.08 -13.83
N THR A 124 -6.79 -6.03 -13.88
CA THR A 124 -6.35 -4.70 -13.46
C THR A 124 -6.18 -4.66 -11.94
N THR A 125 -5.03 -4.19 -11.49
CA THR A 125 -4.78 -4.08 -10.08
C THR A 125 -5.13 -2.67 -9.61
N VAL A 126 -6.02 -2.61 -8.65
CA VAL A 126 -6.48 -1.37 -8.11
C VAL A 126 -6.39 -1.41 -6.59
N PRO A 127 -6.41 -0.25 -5.90
CA PRO A 127 -6.36 -0.20 -4.43
C PRO A 127 -7.53 -0.93 -3.80
N VAL A 128 -7.26 -1.71 -2.78
CA VAL A 128 -8.28 -2.50 -2.10
C VAL A 128 -9.28 -1.60 -1.37
N ASP A 129 -8.86 -0.40 -1.09
CA ASP A 129 -9.68 0.56 -0.40
C ASP A 129 -10.56 1.35 -1.39
N SER A 130 -10.41 1.05 -2.67
CA SER A 130 -11.16 1.72 -3.69
C SER A 130 -12.51 1.04 -3.90
N VAL A 131 -13.37 1.70 -4.64
CA VAL A 131 -14.68 1.23 -4.92
C VAL A 131 -14.68 0.56 -6.30
N ILE A 132 -15.33 -0.57 -6.42
CA ILE A 132 -15.43 -1.24 -7.68
C ILE A 132 -16.88 -1.23 -8.15
N GLU A 133 -17.08 -1.11 -9.44
CA GLU A 133 -18.38 -1.08 -10.02
C GLU A 133 -18.65 -2.44 -10.66
N LEU A 134 -19.72 -3.04 -10.23
CA LEU A 134 -20.13 -4.32 -10.70
C LEU A 134 -21.26 -4.11 -11.72
N GLN A 135 -21.03 -4.53 -12.94
CA GLN A 135 -22.01 -4.36 -13.99
C GLN A 135 -22.90 -5.58 -14.08
N VAL A 136 -24.09 -5.40 -13.61
CA VAL A 136 -25.08 -6.45 -13.48
C VAL A 136 -26.19 -6.31 -14.50
N SER A 137 -26.64 -7.44 -15.01
CA SER A 137 -27.71 -7.50 -15.97
C SER A 137 -28.97 -6.80 -15.43
N LYS A 138 -29.42 -5.82 -16.15
CA LYS A 138 -30.57 -5.05 -15.79
C LYS A 138 -31.80 -5.72 -16.36
N GLY A 4 32.53 15.41 23.03
CA GLY A 4 31.40 14.83 22.30
C GLY A 4 31.32 15.37 20.89
N PRO A 5 31.53 14.52 19.85
CA PRO A 5 31.54 14.96 18.46
C PRO A 5 30.17 15.47 18.00
N GLU A 6 30.17 16.37 17.05
CA GLU A 6 28.93 16.95 16.55
C GLU A 6 28.35 16.13 15.42
N GLN A 7 29.04 15.07 15.11
CA GLN A 7 28.60 14.13 14.10
C GLN A 7 28.35 12.81 14.78
N ARG A 8 27.53 11.99 14.19
CA ARG A 8 27.25 10.69 14.72
C ARG A 8 26.91 9.80 13.56
N GLU A 9 27.09 8.53 13.72
CA GLU A 9 26.80 7.59 12.67
C GLU A 9 25.33 7.16 12.76
N ILE A 10 24.70 7.01 11.62
CA ILE A 10 23.30 6.66 11.58
C ILE A 10 23.18 5.15 11.84
N PRO A 11 22.31 4.74 12.79
CA PRO A 11 22.12 3.32 13.10
C PRO A 11 21.58 2.51 11.92
N ASP A 12 22.03 1.27 11.81
CA ASP A 12 21.62 0.37 10.73
C ASP A 12 20.51 -0.54 11.16
N VAL A 13 19.82 -0.15 12.20
CA VAL A 13 18.69 -0.93 12.70
C VAL A 13 17.44 -0.54 11.87
N SER A 14 17.66 0.39 10.97
CA SER A 14 16.69 0.89 10.04
C SER A 14 16.17 -0.25 9.16
N THR A 15 17.06 -1.15 8.88
CA THR A 15 16.79 -2.33 8.13
C THR A 15 15.70 -3.20 8.82
N LEU A 16 15.59 -3.11 10.16
CA LEU A 16 14.64 -3.98 10.85
C LEU A 16 13.27 -3.34 10.99
N THR A 17 13.20 -2.07 11.41
CA THR A 17 11.91 -1.42 11.55
C THR A 17 12.12 0.10 11.56
N TYR A 18 11.14 0.84 11.03
CA TYR A 18 11.11 2.29 11.12
C TYR A 18 11.17 2.75 12.57
N ALA A 19 10.35 2.13 13.42
CA ALA A 19 10.30 2.44 14.84
C ALA A 19 11.66 2.28 15.49
N GLU A 20 12.33 1.18 15.15
CA GLU A 20 13.64 0.88 15.69
C GLU A 20 14.66 1.92 15.26
N ALA A 21 14.57 2.32 14.01
CA ALA A 21 15.43 3.33 13.42
C ALA A 21 15.29 4.64 14.16
N VAL A 22 14.04 5.02 14.41
CA VAL A 22 13.72 6.25 15.09
C VAL A 22 14.30 6.28 16.50
N LYS A 23 14.13 5.18 17.23
CA LYS A 23 14.61 5.09 18.61
C LYS A 23 16.12 5.25 18.65
N LYS A 24 16.79 4.52 17.79
CA LYS A 24 18.22 4.56 17.72
C LYS A 24 18.75 5.89 17.21
N LEU A 25 18.07 6.47 16.23
CA LEU A 25 18.48 7.75 15.69
C LEU A 25 18.26 8.85 16.74
N THR A 26 17.17 8.72 17.47
CA THR A 26 16.86 9.59 18.58
C THR A 26 17.95 9.46 19.65
N ALA A 27 18.35 8.22 19.92
CA ALA A 27 19.41 7.92 20.86
C ALA A 27 20.79 8.32 20.31
N ALA A 28 20.87 8.56 19.01
CA ALA A 28 22.14 8.98 18.41
C ALA A 28 22.31 10.47 18.57
N GLY A 29 21.24 11.14 18.92
CA GLY A 29 21.31 12.53 19.24
C GLY A 29 20.84 13.43 18.13
N PHE A 30 20.51 12.86 16.99
CA PHE A 30 20.08 13.65 15.83
C PHE A 30 18.84 14.48 16.13
N GLY A 31 18.91 15.74 15.78
CA GLY A 31 17.86 16.68 16.11
C GLY A 31 16.68 16.62 15.17
N ARG A 32 16.92 16.54 13.88
CA ARG A 32 15.83 16.59 12.94
C ARG A 32 15.87 15.45 11.94
N PHE A 33 14.74 14.83 11.76
CA PHE A 33 14.55 13.79 10.80
C PHE A 33 13.19 13.93 10.15
N LYS A 34 13.10 13.50 8.93
CA LYS A 34 11.90 13.64 8.15
C LYS A 34 11.56 12.30 7.55
N GLN A 35 10.32 11.89 7.70
CA GLN A 35 9.86 10.63 7.20
C GLN A 35 9.26 10.76 5.81
N ALA A 36 9.67 9.89 4.94
CA ALA A 36 9.13 9.77 3.62
C ALA A 36 8.73 8.33 3.42
N ASN A 37 7.72 8.07 2.65
CA ASN A 37 7.31 6.69 2.43
C ASN A 37 7.29 6.40 0.96
N SER A 38 7.58 5.18 0.62
CA SER A 38 7.53 4.73 -0.74
C SER A 38 7.00 3.29 -0.78
N PRO A 39 6.19 2.93 -1.79
CA PRO A 39 5.64 1.58 -1.91
C PRO A 39 6.74 0.55 -2.21
N SER A 40 6.78 -0.49 -1.44
CA SER A 40 7.75 -1.54 -1.61
C SER A 40 7.08 -2.89 -1.37
N THR A 41 7.87 -3.96 -1.52
CA THR A 41 7.42 -5.30 -1.31
C THR A 41 6.80 -5.49 0.10
N PRO A 42 5.70 -6.26 0.18
CA PRO A 42 4.96 -6.52 1.42
C PRO A 42 5.84 -7.00 2.57
N GLU A 43 6.89 -7.72 2.25
CA GLU A 43 7.81 -8.28 3.25
C GLU A 43 8.73 -7.21 3.85
N LEU A 44 8.75 -6.05 3.24
CA LEU A 44 9.65 -4.99 3.66
C LEU A 44 8.85 -3.81 4.21
N VAL A 45 7.52 -3.96 4.25
CA VAL A 45 6.65 -2.92 4.79
C VAL A 45 6.97 -2.66 6.27
N GLY A 46 7.20 -1.41 6.60
CA GLY A 46 7.48 -1.03 7.96
C GLY A 46 8.97 -0.93 8.23
N LYS A 47 9.76 -1.32 7.26
CA LYS A 47 11.20 -1.24 7.37
C LYS A 47 11.66 -0.01 6.63
N VAL A 48 12.81 0.46 6.99
CA VAL A 48 13.41 1.57 6.31
C VAL A 48 14.10 1.05 5.06
N ILE A 49 13.86 1.68 3.94
CA ILE A 49 14.42 1.20 2.69
C ILE A 49 15.67 1.97 2.32
N GLY A 50 15.97 2.98 3.11
CA GLY A 50 17.15 3.75 2.91
C GLY A 50 17.06 5.09 3.61
N THR A 51 18.19 5.63 3.95
CA THR A 51 18.25 6.93 4.53
C THR A 51 19.01 7.85 3.60
N ASN A 52 18.62 9.12 3.58
CA ASN A 52 19.30 10.13 2.77
C ASN A 52 20.79 10.26 3.14
N PRO A 53 21.17 10.40 4.45
CA PRO A 53 22.56 10.37 4.85
C PRO A 53 23.04 8.90 5.02
N PRO A 54 24.30 8.60 4.65
CA PRO A 54 24.83 7.27 4.77
C PRO A 54 25.18 6.92 6.22
N ALA A 55 24.82 5.72 6.63
CA ALA A 55 25.04 5.26 8.01
C ALA A 55 26.49 4.84 8.22
N ASN A 56 27.23 4.96 7.16
CA ASN A 56 28.63 4.58 7.13
C ASN A 56 29.50 5.67 7.72
N GLN A 57 29.01 6.90 7.65
CA GLN A 57 29.78 8.03 8.11
C GLN A 57 29.12 8.67 9.32
N THR A 58 29.78 9.65 9.89
CA THR A 58 29.24 10.40 10.93
C THR A 58 28.69 11.72 10.34
N SER A 59 27.40 11.89 10.43
CA SER A 59 26.79 13.08 9.91
C SER A 59 26.52 14.04 11.05
N ALA A 60 26.66 15.32 10.81
CA ALA A 60 26.44 16.33 11.83
C ALA A 60 24.99 16.30 12.33
N ILE A 61 24.86 16.36 13.65
CA ILE A 61 23.60 16.28 14.40
C ILE A 61 22.57 17.33 13.96
N THR A 62 23.07 18.45 13.48
CA THR A 62 22.24 19.56 13.07
C THR A 62 21.53 19.26 11.72
N ASN A 63 21.93 18.20 11.05
CA ASN A 63 21.38 17.87 9.76
C ASN A 63 20.03 17.21 9.85
N VAL A 64 19.24 17.44 8.84
CA VAL A 64 17.95 16.84 8.71
C VAL A 64 18.14 15.49 8.05
N VAL A 65 17.84 14.45 8.76
CA VAL A 65 17.96 13.13 8.22
C VAL A 65 16.65 12.77 7.53
N ILE A 66 16.70 12.51 6.26
CA ILE A 66 15.52 12.07 5.56
C ILE A 66 15.51 10.55 5.59
N ILE A 67 14.52 10.00 6.19
CA ILE A 67 14.40 8.57 6.34
C ILE A 67 13.20 8.07 5.52
N ILE A 68 13.46 7.13 4.62
CA ILE A 68 12.43 6.63 3.73
C ILE A 68 11.98 5.23 4.18
N VAL A 69 10.70 5.08 4.40
CA VAL A 69 10.10 3.85 4.87
C VAL A 69 9.41 3.12 3.73
N GLY A 70 9.55 1.82 3.72
CA GLY A 70 8.86 1.02 2.75
C GLY A 70 7.45 0.78 3.22
N SER A 71 6.51 1.18 2.44
CA SER A 71 5.14 1.03 2.78
C SER A 71 4.47 0.16 1.74
N GLY A 72 3.35 -0.41 2.07
CA GLY A 72 2.67 -1.29 1.16
C GLY A 72 1.75 -0.53 0.23
N PRO A 73 1.72 -0.87 -1.07
CA PRO A 73 0.79 -0.27 -2.01
C PRO A 73 -0.62 -0.71 -1.66
N ALA A 74 -1.54 0.22 -1.60
CA ALA A 74 -2.88 -0.10 -1.24
C ALA A 74 -3.69 -0.47 -2.46
N THR A 75 -3.44 -1.64 -2.94
CA THR A 75 -4.09 -2.16 -4.10
C THR A 75 -4.51 -3.60 -3.85
N LYS A 76 -5.47 -4.08 -4.63
CA LYS A 76 -5.97 -5.42 -4.47
C LYS A 76 -6.35 -5.99 -5.82
N ASP A 77 -6.10 -7.26 -6.03
CA ASP A 77 -6.49 -7.95 -7.24
C ASP A 77 -7.87 -8.51 -7.05
N ILE A 78 -8.69 -8.40 -8.06
CA ILE A 78 -10.08 -8.83 -7.97
C ILE A 78 -10.26 -10.25 -8.47
N PRO A 79 -11.06 -11.05 -7.75
CA PRO A 79 -11.37 -12.43 -8.15
C PRO A 79 -12.50 -12.49 -9.18
N ASP A 80 -12.74 -13.67 -9.73
CA ASP A 80 -13.81 -13.84 -10.69
C ASP A 80 -15.14 -14.03 -10.00
N VAL A 81 -15.98 -13.04 -10.13
CA VAL A 81 -17.29 -13.08 -9.55
C VAL A 81 -18.35 -13.04 -10.65
N ALA A 82 -17.91 -13.16 -11.89
CA ALA A 82 -18.80 -13.10 -13.02
C ALA A 82 -19.45 -14.44 -13.24
N GLY A 83 -20.71 -14.44 -13.56
CA GLY A 83 -21.42 -15.67 -13.75
C GLY A 83 -22.25 -15.98 -12.55
N GLN A 84 -21.98 -15.27 -11.48
CA GLN A 84 -22.68 -15.44 -10.25
C GLN A 84 -23.82 -14.43 -10.19
N THR A 85 -24.60 -14.44 -9.16
CA THR A 85 -25.70 -13.53 -9.05
C THR A 85 -25.22 -12.23 -8.46
N VAL A 86 -25.93 -11.15 -8.71
CA VAL A 86 -25.53 -9.85 -8.23
C VAL A 86 -25.29 -9.84 -6.72
N ASP A 87 -26.16 -10.49 -5.95
CA ASP A 87 -26.00 -10.51 -4.49
C ASP A 87 -24.78 -11.30 -4.09
N VAL A 88 -24.54 -12.45 -4.72
CA VAL A 88 -23.44 -13.26 -4.27
C VAL A 88 -22.11 -12.70 -4.75
N ALA A 89 -22.11 -12.16 -5.95
CA ALA A 89 -20.93 -11.58 -6.53
C ALA A 89 -20.46 -10.39 -5.73
N GLN A 90 -21.38 -9.48 -5.43
CA GLN A 90 -21.02 -8.27 -4.70
C GLN A 90 -20.54 -8.62 -3.30
N LYS A 91 -21.14 -9.67 -2.72
CA LYS A 91 -20.76 -10.12 -1.40
C LYS A 91 -19.32 -10.62 -1.41
N ASN A 92 -19.00 -11.51 -2.35
CA ASN A 92 -17.65 -12.06 -2.45
C ASN A 92 -16.66 -10.98 -2.73
N LEU A 93 -17.05 -10.08 -3.60
CA LEU A 93 -16.22 -8.98 -3.98
C LEU A 93 -15.98 -8.06 -2.77
N ASN A 94 -17.02 -7.72 -2.06
CA ASN A 94 -16.92 -6.85 -0.87
C ASN A 94 -16.02 -7.44 0.20
N VAL A 95 -16.14 -8.74 0.42
CA VAL A 95 -15.35 -9.43 1.43
C VAL A 95 -13.84 -9.40 1.12
N TYR A 96 -13.46 -9.43 -0.14
CA TYR A 96 -12.03 -9.51 -0.45
C TYR A 96 -11.52 -8.27 -1.15
N GLY A 97 -12.42 -7.53 -1.70
CA GLY A 97 -12.09 -6.41 -2.51
C GLY A 97 -12.19 -5.09 -1.81
N PHE A 98 -13.26 -4.36 -2.11
CA PHE A 98 -13.38 -2.97 -1.69
C PHE A 98 -14.78 -2.71 -1.14
N THR A 99 -15.04 -1.46 -0.75
CA THR A 99 -16.34 -1.04 -0.26
C THR A 99 -16.96 0.00 -1.20
N LYS A 100 -16.29 0.28 -2.29
CA LYS A 100 -16.77 1.26 -3.26
C LYS A 100 -17.25 0.52 -4.48
N PHE A 101 -18.53 0.61 -4.77
CA PHE A 101 -19.13 -0.12 -5.87
C PHE A 101 -19.95 0.78 -6.74
N SER A 102 -20.03 0.42 -7.97
CA SER A 102 -20.90 1.01 -8.92
C SER A 102 -21.56 -0.12 -9.66
N GLN A 103 -22.73 0.09 -10.14
CA GLN A 103 -23.45 -0.91 -10.85
C GLN A 103 -23.74 -0.36 -12.20
N ALA A 104 -23.31 -1.05 -13.19
CA ALA A 104 -23.54 -0.64 -14.52
C ALA A 104 -24.42 -1.63 -15.16
N SER A 105 -25.57 -1.19 -15.54
CA SER A 105 -26.50 -2.01 -16.19
C SER A 105 -26.24 -1.93 -17.67
N VAL A 106 -26.04 -3.06 -18.25
CA VAL A 106 -25.73 -3.14 -19.65
C VAL A 106 -26.76 -4.00 -20.32
N ASP A 107 -26.97 -3.79 -21.59
CA ASP A 107 -28.00 -4.50 -22.30
C ASP A 107 -27.46 -5.88 -22.60
N SER A 108 -28.09 -6.83 -22.02
CA SER A 108 -27.61 -8.17 -22.06
C SER A 108 -28.64 -9.09 -22.73
N PRO A 109 -28.25 -10.34 -23.06
CA PRO A 109 -29.17 -11.36 -23.60
C PRO A 109 -30.31 -11.71 -22.60
N ARG A 110 -31.03 -12.78 -22.87
CA ARG A 110 -32.14 -13.22 -22.02
C ARG A 110 -31.84 -13.32 -20.52
N PRO A 111 -30.76 -14.03 -20.08
CA PRO A 111 -30.45 -14.11 -18.65
C PRO A 111 -30.06 -12.73 -18.08
N ALA A 112 -30.63 -12.40 -16.95
CA ALA A 112 -30.38 -11.14 -16.30
C ALA A 112 -30.34 -11.35 -14.80
N GLY A 113 -29.69 -10.45 -14.09
CA GLY A 113 -29.58 -10.55 -12.65
C GLY A 113 -28.23 -11.11 -12.26
N GLU A 114 -27.67 -11.84 -13.18
CA GLU A 114 -26.37 -12.43 -13.04
C GLU A 114 -25.30 -11.44 -13.49
N VAL A 115 -24.18 -11.51 -12.88
CA VAL A 115 -23.10 -10.61 -13.17
C VAL A 115 -22.42 -10.97 -14.47
N THR A 116 -22.46 -10.04 -15.40
CA THR A 116 -21.86 -10.19 -16.69
C THR A 116 -20.34 -10.09 -16.55
N GLY A 117 -19.90 -9.27 -15.64
CA GLY A 117 -18.50 -9.10 -15.40
C GLY A 117 -18.22 -7.91 -14.53
N THR A 118 -17.03 -7.44 -14.55
CA THR A 118 -16.62 -6.30 -13.80
C THR A 118 -15.89 -5.35 -14.73
N ASN A 119 -15.78 -4.10 -14.32
CA ASN A 119 -15.07 -3.08 -15.11
C ASN A 119 -13.63 -3.55 -15.46
N PRO A 120 -12.74 -3.89 -14.47
CA PRO A 120 -11.48 -4.50 -14.80
C PRO A 120 -11.65 -6.02 -14.82
N PRO A 121 -10.92 -6.75 -15.67
CA PRO A 121 -11.00 -8.21 -15.71
C PRO A 121 -10.46 -8.85 -14.43
N ALA A 122 -10.92 -10.05 -14.13
CA ALA A 122 -10.48 -10.79 -12.96
C ALA A 122 -8.98 -11.04 -13.04
N GLY A 123 -8.31 -10.86 -11.93
CA GLY A 123 -6.89 -11.00 -11.89
C GLY A 123 -6.18 -9.67 -11.97
N THR A 124 -6.95 -8.61 -12.18
CA THR A 124 -6.39 -7.27 -12.26
C THR A 124 -6.29 -6.65 -10.87
N THR A 125 -5.15 -6.04 -10.60
CA THR A 125 -4.90 -5.35 -9.37
C THR A 125 -5.27 -3.88 -9.55
N VAL A 126 -6.14 -3.38 -8.71
CA VAL A 126 -6.55 -1.99 -8.76
C VAL A 126 -6.46 -1.38 -7.35
N PRO A 127 -6.36 -0.04 -7.22
CA PRO A 127 -6.27 0.64 -5.90
C PRO A 127 -7.48 0.35 -5.04
N VAL A 128 -7.24 0.24 -3.74
CA VAL A 128 -8.31 -0.09 -2.82
C VAL A 128 -9.35 1.03 -2.69
N ASP A 129 -8.96 2.23 -3.07
CA ASP A 129 -9.87 3.38 -3.06
C ASP A 129 -10.53 3.56 -4.43
N SER A 130 -10.27 2.64 -5.33
CA SER A 130 -10.88 2.67 -6.64
C SER A 130 -12.30 2.17 -6.51
N VAL A 131 -13.19 2.78 -7.22
CA VAL A 131 -14.58 2.41 -7.19
C VAL A 131 -14.79 1.33 -8.23
N ILE A 132 -15.09 0.14 -7.79
CA ILE A 132 -15.22 -0.94 -8.72
C ILE A 132 -16.64 -1.00 -9.28
N GLU A 133 -16.71 -1.15 -10.57
CA GLU A 133 -17.93 -1.17 -11.27
C GLU A 133 -18.27 -2.62 -11.63
N LEU A 134 -19.44 -3.02 -11.24
CA LEU A 134 -19.95 -4.33 -11.52
C LEU A 134 -20.87 -4.23 -12.74
N GLN A 135 -20.68 -5.12 -13.70
CA GLN A 135 -21.48 -5.12 -14.90
C GLN A 135 -22.66 -6.05 -14.68
N VAL A 136 -23.80 -5.49 -14.46
CA VAL A 136 -24.96 -6.29 -14.20
C VAL A 136 -25.81 -6.40 -15.47
N SER A 137 -26.22 -7.62 -15.77
CA SER A 137 -27.02 -7.87 -16.92
C SER A 137 -28.41 -7.26 -16.80
N LYS A 138 -28.78 -6.52 -17.81
CA LYS A 138 -30.06 -5.92 -17.90
C LYS A 138 -30.75 -6.48 -19.11
N GLY A 4 32.83 21.19 18.98
CA GLY A 4 33.11 19.78 18.78
C GLY A 4 32.35 19.28 17.58
N PRO A 5 32.56 18.04 17.16
CA PRO A 5 31.81 17.47 16.03
C PRO A 5 30.32 17.37 16.35
N GLU A 6 29.50 17.82 15.44
CA GLU A 6 28.06 17.79 15.60
C GLU A 6 27.47 16.70 14.75
N GLN A 7 28.33 15.84 14.26
CA GLN A 7 27.93 14.75 13.43
C GLN A 7 27.90 13.46 14.25
N ARG A 8 26.81 12.75 14.13
CA ARG A 8 26.62 11.48 14.79
C ARG A 8 26.30 10.39 13.81
N GLU A 9 26.57 9.17 14.19
CA GLU A 9 26.36 8.03 13.32
C GLU A 9 24.92 7.52 13.40
N ILE A 10 24.40 7.12 12.26
CA ILE A 10 23.03 6.62 12.15
C ILE A 10 22.97 5.15 12.64
N PRO A 11 22.00 4.82 13.52
CA PRO A 11 21.83 3.45 14.04
C PRO A 11 21.31 2.47 12.98
N ASP A 12 21.64 1.21 13.14
CA ASP A 12 21.25 0.16 12.19
C ASP A 12 19.98 -0.53 12.67
N VAL A 13 19.38 0.01 13.72
CA VAL A 13 18.16 -0.55 14.30
C VAL A 13 16.98 -0.21 13.36
N SER A 14 17.28 0.67 12.44
CA SER A 14 16.38 1.14 11.42
C SER A 14 15.88 -0.02 10.57
N THR A 15 16.78 -0.94 10.31
CA THR A 15 16.54 -2.12 9.53
C THR A 15 15.44 -3.00 10.18
N LEU A 16 15.28 -2.88 11.51
CA LEU A 16 14.34 -3.71 12.21
C LEU A 16 12.93 -3.13 12.16
N THR A 17 12.79 -1.82 12.40
CA THR A 17 11.49 -1.17 12.28
C THR A 17 11.70 0.36 12.16
N TYR A 18 10.87 1.02 11.35
CA TYR A 18 10.86 2.48 11.21
C TYR A 18 10.76 3.18 12.57
N ALA A 19 9.88 2.69 13.41
CA ALA A 19 9.68 3.26 14.73
C ALA A 19 10.94 3.16 15.58
N GLU A 20 11.63 2.03 15.44
CA GLU A 20 12.86 1.78 16.17
C GLU A 20 13.95 2.69 15.67
N ALA A 21 13.95 2.92 14.36
CA ALA A 21 14.90 3.80 13.70
C ALA A 21 14.81 5.19 14.23
N VAL A 22 13.60 5.73 14.24
CA VAL A 22 13.39 7.10 14.62
C VAL A 22 13.71 7.34 16.08
N LYS A 23 13.36 6.41 16.95
CA LYS A 23 13.65 6.57 18.36
C LYS A 23 15.15 6.54 18.62
N LYS A 24 15.84 5.61 18.01
CA LYS A 24 17.29 5.52 18.13
C LYS A 24 17.99 6.72 17.49
N LEU A 25 17.50 7.13 16.34
CA LEU A 25 18.07 8.27 15.65
C LEU A 25 17.78 9.58 16.43
N THR A 26 16.63 9.63 17.06
CA THR A 26 16.26 10.72 17.93
C THR A 26 17.20 10.75 19.15
N ALA A 27 17.55 9.55 19.63
CA ALA A 27 18.49 9.40 20.73
C ALA A 27 19.89 9.76 20.28
N ALA A 28 20.12 9.78 18.97
CA ALA A 28 21.41 10.18 18.43
C ALA A 28 21.48 11.70 18.33
N GLY A 29 20.32 12.34 18.46
CA GLY A 29 20.26 13.78 18.50
C GLY A 29 19.53 14.39 17.33
N PHE A 30 19.28 13.61 16.32
CA PHE A 30 18.67 14.12 15.09
C PHE A 30 17.21 14.45 15.32
N GLY A 31 16.77 15.55 14.73
CA GLY A 31 15.39 15.95 14.88
C GLY A 31 14.79 16.47 13.60
N ARG A 32 15.48 16.31 12.51
CA ARG A 32 14.98 16.74 11.23
C ARG A 32 14.90 15.53 10.31
N PHE A 33 13.70 15.17 9.92
CA PHE A 33 13.51 13.95 9.14
C PHE A 33 12.53 14.20 8.01
N LYS A 34 12.66 13.42 6.97
CA LYS A 34 11.69 13.36 5.89
C LYS A 34 11.41 11.90 5.65
N GLN A 35 10.16 11.51 5.75
CA GLN A 35 9.79 10.13 5.56
C GLN A 35 9.36 9.89 4.13
N ALA A 36 10.11 9.08 3.45
CA ALA A 36 9.83 8.71 2.10
C ALA A 36 9.60 7.23 2.05
N ASN A 37 8.86 6.77 1.09
CA ASN A 37 8.58 5.36 0.99
C ASN A 37 8.87 4.90 -0.42
N SER A 38 9.28 3.67 -0.55
CA SER A 38 9.54 3.10 -1.84
C SER A 38 8.95 1.70 -1.87
N PRO A 39 8.47 1.23 -3.05
CA PRO A 39 7.91 -0.09 -3.21
C PRO A 39 8.97 -1.16 -2.98
N SER A 40 8.70 -2.02 -2.04
CA SER A 40 9.58 -3.06 -1.68
C SER A 40 8.74 -4.24 -1.20
N THR A 41 9.41 -5.31 -0.83
CA THR A 41 8.80 -6.51 -0.35
C THR A 41 7.96 -6.23 0.91
N PRO A 42 6.78 -6.88 1.01
CA PRO A 42 5.85 -6.75 2.15
C PRO A 42 6.53 -6.96 3.50
N GLU A 43 7.57 -7.77 3.52
CA GLU A 43 8.32 -8.09 4.72
C GLU A 43 9.06 -6.87 5.26
N LEU A 44 9.45 -5.99 4.36
CA LEU A 44 10.20 -4.81 4.73
C LEU A 44 9.30 -3.61 4.93
N VAL A 45 8.01 -3.80 4.69
CA VAL A 45 7.04 -2.74 4.94
C VAL A 45 7.08 -2.36 6.42
N GLY A 46 7.25 -1.11 6.70
CA GLY A 46 7.31 -0.64 8.07
C GLY A 46 8.74 -0.65 8.60
N LYS A 47 9.66 -1.12 7.80
CA LYS A 47 11.05 -1.17 8.16
C LYS A 47 11.81 -0.21 7.28
N VAL A 48 12.91 0.27 7.76
CA VAL A 48 13.72 1.17 6.99
C VAL A 48 14.58 0.37 6.04
N ILE A 49 14.49 0.69 4.77
CA ILE A 49 15.27 -0.03 3.78
C ILE A 49 16.52 0.75 3.43
N GLY A 50 16.60 1.96 3.93
CA GLY A 50 17.74 2.77 3.72
C GLY A 50 17.46 4.21 4.02
N THR A 51 18.45 4.90 4.44
CA THR A 51 18.36 6.31 4.70
C THR A 51 19.29 7.01 3.73
N ASN A 52 19.07 8.28 3.47
CA ASN A 52 20.04 9.00 2.65
C ASN A 52 21.37 9.17 3.40
N PRO A 53 21.37 9.75 4.63
CA PRO A 53 22.59 9.75 5.46
C PRO A 53 22.86 8.30 5.91
N PRO A 54 23.97 7.73 5.49
CA PRO A 54 24.30 6.35 5.78
C PRO A 54 24.76 6.13 7.22
N ALA A 55 24.65 4.90 7.66
CA ALA A 55 25.05 4.50 8.99
C ALA A 55 26.56 4.28 9.06
N ASN A 56 27.22 4.63 7.99
CA ASN A 56 28.64 4.44 7.85
C ASN A 56 29.40 5.67 8.33
N GLN A 57 28.90 6.85 8.01
CA GLN A 57 29.56 8.08 8.42
C GLN A 57 28.64 8.87 9.32
N THR A 58 29.18 9.83 10.00
CA THR A 58 28.43 10.65 10.87
C THR A 58 27.75 11.79 10.11
N SER A 59 26.56 12.13 10.49
CA SER A 59 25.82 13.22 9.88
C SER A 59 25.43 14.20 10.98
N ALA A 60 25.29 15.47 10.67
CA ALA A 60 25.03 16.44 11.69
C ALA A 60 23.60 16.37 12.18
N ILE A 61 23.43 16.64 13.46
CA ILE A 61 22.12 16.68 14.12
C ILE A 61 21.18 17.69 13.44
N THR A 62 21.78 18.64 12.76
CA THR A 62 21.07 19.69 12.11
C THR A 62 20.83 19.33 10.62
N ASN A 63 21.28 18.15 10.19
CA ASN A 63 21.06 17.72 8.82
C ASN A 63 19.66 17.17 8.68
N VAL A 64 19.12 17.20 7.50
CA VAL A 64 17.85 16.59 7.25
C VAL A 64 18.07 15.13 6.89
N VAL A 65 17.49 14.25 7.64
CA VAL A 65 17.62 12.86 7.36
C VAL A 65 16.41 12.42 6.57
N ILE A 66 16.67 11.95 5.38
CA ILE A 66 15.61 11.39 4.58
C ILE A 66 15.63 9.92 4.83
N ILE A 67 14.57 9.44 5.36
CA ILE A 67 14.46 8.07 5.73
C ILE A 67 13.49 7.38 4.77
N ILE A 68 13.97 6.33 4.14
CA ILE A 68 13.17 5.61 3.18
C ILE A 68 12.63 4.32 3.81
N VAL A 69 11.34 4.23 3.87
CA VAL A 69 10.66 3.11 4.46
C VAL A 69 10.26 2.14 3.35
N GLY A 70 10.37 0.86 3.63
CA GLY A 70 9.90 -0.11 2.70
C GLY A 70 8.40 -0.11 2.75
N SER A 71 7.78 -0.01 1.62
CA SER A 71 6.35 -0.01 1.55
C SER A 71 5.91 -0.79 0.34
N GLY A 72 4.76 -1.38 0.42
CA GLY A 72 4.26 -2.13 -0.68
C GLY A 72 2.83 -1.80 -0.90
N PRO A 73 2.42 -1.49 -2.14
CA PRO A 73 1.04 -1.14 -2.45
C PRO A 73 0.08 -2.28 -2.11
N ALA A 74 -0.88 -1.98 -1.28
CA ALA A 74 -1.87 -2.95 -0.89
C ALA A 74 -2.96 -2.99 -1.94
N THR A 75 -2.80 -3.87 -2.87
CA THR A 75 -3.70 -4.00 -3.96
C THR A 75 -4.06 -5.48 -4.11
N LYS A 76 -5.14 -5.76 -4.79
CA LYS A 76 -5.55 -7.14 -5.03
C LYS A 76 -5.99 -7.29 -6.47
N ASP A 77 -5.75 -8.47 -7.02
CA ASP A 77 -6.20 -8.79 -8.35
C ASP A 77 -7.56 -9.43 -8.24
N ILE A 78 -8.49 -8.90 -8.96
CA ILE A 78 -9.87 -9.32 -8.89
C ILE A 78 -10.14 -10.58 -9.72
N PRO A 79 -10.90 -11.52 -9.17
CA PRO A 79 -11.30 -12.72 -9.88
C PRO A 79 -12.56 -12.49 -10.73
N ASP A 80 -12.96 -13.47 -11.48
CA ASP A 80 -14.14 -13.34 -12.30
C ASP A 80 -15.36 -13.79 -11.52
N VAL A 81 -16.29 -12.89 -11.39
CA VAL A 81 -17.53 -13.17 -10.71
C VAL A 81 -18.68 -12.97 -11.69
N ALA A 82 -18.33 -12.79 -12.95
CA ALA A 82 -19.28 -12.42 -13.98
C ALA A 82 -20.14 -13.60 -14.41
N GLY A 83 -21.37 -13.30 -14.79
CA GLY A 83 -22.26 -14.30 -15.26
C GLY A 83 -23.02 -14.92 -14.14
N GLN A 84 -22.91 -14.33 -12.97
CA GLN A 84 -23.62 -14.80 -11.81
C GLN A 84 -24.57 -13.72 -11.35
N THR A 85 -25.12 -13.86 -10.17
CA THR A 85 -26.14 -12.94 -9.76
C THR A 85 -25.50 -11.75 -9.02
N VAL A 86 -26.19 -10.61 -9.02
CA VAL A 86 -25.69 -9.39 -8.39
C VAL A 86 -25.30 -9.61 -6.92
N ASP A 87 -26.13 -10.33 -6.20
CA ASP A 87 -25.88 -10.58 -4.78
C ASP A 87 -24.69 -11.50 -4.58
N VAL A 88 -24.59 -12.54 -5.41
CA VAL A 88 -23.55 -13.51 -5.21
C VAL A 88 -22.20 -13.00 -5.68
N ALA A 89 -22.24 -12.20 -6.73
CA ALA A 89 -21.05 -11.57 -7.27
C ALA A 89 -20.39 -10.70 -6.22
N GLN A 90 -21.18 -9.86 -5.54
CA GLN A 90 -20.65 -8.98 -4.51
C GLN A 90 -20.11 -9.77 -3.35
N LYS A 91 -20.78 -10.87 -3.04
CA LYS A 91 -20.38 -11.74 -1.96
C LYS A 91 -19.01 -12.34 -2.24
N ASN A 92 -18.90 -12.95 -3.42
CA ASN A 92 -17.67 -13.59 -3.82
C ASN A 92 -16.56 -12.58 -3.96
N LEU A 93 -16.89 -11.45 -4.56
CA LEU A 93 -15.94 -10.38 -4.75
C LEU A 93 -15.44 -9.88 -3.41
N ASN A 94 -16.33 -9.77 -2.44
CA ASN A 94 -15.99 -9.32 -1.09
C ASN A 94 -14.96 -10.27 -0.46
N VAL A 95 -15.13 -11.54 -0.70
CA VAL A 95 -14.26 -12.57 -0.15
C VAL A 95 -12.84 -12.48 -0.74
N TYR A 96 -12.74 -12.17 -2.02
CA TYR A 96 -11.43 -12.20 -2.68
C TYR A 96 -10.99 -10.82 -3.08
N GLY A 97 -11.70 -9.84 -2.64
CA GLY A 97 -11.46 -8.54 -3.14
C GLY A 97 -11.53 -7.45 -2.14
N PHE A 98 -12.58 -6.67 -2.21
CA PHE A 98 -12.63 -5.42 -1.50
C PHE A 98 -13.87 -5.29 -0.65
N THR A 99 -14.03 -4.14 -0.02
CA THR A 99 -15.14 -3.89 0.86
C THR A 99 -16.02 -2.75 0.32
N LYS A 100 -15.50 -2.03 -0.64
CA LYS A 100 -16.17 -0.87 -1.19
C LYS A 100 -16.66 -1.19 -2.58
N PHE A 101 -17.97 -1.19 -2.75
CA PHE A 101 -18.57 -1.56 -4.01
C PHE A 101 -19.47 -0.45 -4.52
N SER A 102 -19.67 -0.42 -5.80
CA SER A 102 -20.61 0.45 -6.45
C SER A 102 -21.24 -0.38 -7.56
N GLN A 103 -22.40 -0.01 -8.02
CA GLN A 103 -23.08 -0.77 -9.04
C GLN A 103 -23.34 0.10 -10.25
N ALA A 104 -23.25 -0.48 -11.41
CA ALA A 104 -23.50 0.21 -12.64
C ALA A 104 -24.59 -0.50 -13.40
N SER A 105 -25.52 0.25 -13.90
CA SER A 105 -26.59 -0.29 -14.66
C SER A 105 -26.18 -0.31 -16.13
N VAL A 106 -26.15 -1.47 -16.71
CA VAL A 106 -25.78 -1.63 -18.09
C VAL A 106 -26.92 -2.29 -18.80
N ASP A 107 -26.94 -2.24 -20.09
CA ASP A 107 -28.04 -2.79 -20.84
C ASP A 107 -27.91 -4.29 -20.90
N SER A 108 -28.95 -4.95 -20.54
CA SER A 108 -28.98 -6.37 -20.50
C SER A 108 -29.12 -6.94 -21.90
N PRO A 109 -28.30 -7.95 -22.25
CA PRO A 109 -28.42 -8.62 -23.53
C PRO A 109 -29.78 -9.33 -23.60
N ARG A 110 -29.89 -10.44 -22.91
CA ARG A 110 -31.16 -11.12 -22.78
C ARG A 110 -31.53 -11.22 -21.29
N PRO A 111 -30.68 -11.86 -20.41
CA PRO A 111 -30.96 -11.95 -18.97
C PRO A 111 -30.66 -10.63 -18.26
N ALA A 112 -31.34 -10.38 -17.16
CA ALA A 112 -31.11 -9.21 -16.35
C ALA A 112 -30.99 -9.62 -14.90
N GLY A 113 -30.21 -8.89 -14.14
CA GLY A 113 -30.00 -9.22 -12.75
C GLY A 113 -28.64 -9.86 -12.55
N GLU A 114 -28.10 -10.41 -13.61
CA GLU A 114 -26.80 -11.00 -13.57
C GLU A 114 -25.72 -9.98 -13.83
N VAL A 115 -24.61 -10.19 -13.21
CA VAL A 115 -23.48 -9.33 -13.36
C VAL A 115 -22.81 -9.57 -14.71
N THR A 116 -22.67 -8.51 -15.46
CA THR A 116 -22.05 -8.57 -16.76
C THR A 116 -20.55 -8.64 -16.57
N GLY A 117 -20.08 -7.94 -15.57
CA GLY A 117 -18.70 -7.92 -15.25
C GLY A 117 -18.43 -6.82 -14.27
N THR A 118 -17.23 -6.45 -14.17
CA THR A 118 -16.82 -5.39 -13.31
C THR A 118 -16.23 -4.32 -14.19
N ASN A 119 -16.15 -3.10 -13.70
CA ASN A 119 -15.58 -2.01 -14.48
C ASN A 119 -14.14 -2.34 -14.91
N PRO A 120 -13.19 -2.65 -13.97
CA PRO A 120 -11.88 -3.14 -14.36
C PRO A 120 -12.00 -4.63 -14.76
N PRO A 121 -11.27 -5.09 -15.79
CA PRO A 121 -11.31 -6.49 -16.23
C PRO A 121 -10.76 -7.44 -15.14
N ALA A 122 -11.25 -8.67 -15.11
CA ALA A 122 -10.78 -9.67 -14.17
C ALA A 122 -9.27 -9.90 -14.33
N GLY A 123 -8.57 -10.02 -13.24
CA GLY A 123 -7.14 -10.16 -13.28
C GLY A 123 -6.45 -8.85 -12.94
N THR A 124 -7.17 -7.76 -13.11
CA THR A 124 -6.63 -6.45 -12.84
C THR A 124 -6.44 -6.25 -11.34
N THR A 125 -5.28 -5.77 -10.98
CA THR A 125 -4.94 -5.52 -9.63
C THR A 125 -5.20 -4.05 -9.31
N VAL A 126 -6.02 -3.79 -8.33
CA VAL A 126 -6.37 -2.43 -7.91
C VAL A 126 -6.25 -2.32 -6.39
N PRO A 127 -6.12 -1.09 -5.84
CA PRO A 127 -5.92 -0.87 -4.39
C PRO A 127 -7.04 -1.38 -3.51
N VAL A 128 -6.67 -1.91 -2.37
CA VAL A 128 -7.62 -2.42 -1.39
C VAL A 128 -8.43 -1.27 -0.78
N ASP A 129 -7.89 -0.09 -0.92
CA ASP A 129 -8.44 1.13 -0.38
C ASP A 129 -9.45 1.72 -1.34
N SER A 130 -9.49 1.16 -2.53
CA SER A 130 -10.29 1.73 -3.58
C SER A 130 -11.70 1.13 -3.62
N VAL A 131 -12.54 1.73 -4.44
CA VAL A 131 -13.90 1.29 -4.63
C VAL A 131 -13.99 0.59 -5.98
N ILE A 132 -14.68 -0.53 -6.04
CA ILE A 132 -14.82 -1.26 -7.28
C ILE A 132 -16.28 -1.25 -7.74
N GLU A 133 -16.49 -1.15 -9.04
CA GLU A 133 -17.78 -1.08 -9.61
C GLU A 133 -18.17 -2.43 -10.25
N LEU A 134 -19.35 -2.90 -9.87
CA LEU A 134 -19.95 -4.11 -10.38
C LEU A 134 -20.97 -3.70 -11.42
N GLN A 135 -20.83 -4.16 -12.62
CA GLN A 135 -21.71 -3.75 -13.69
C GLN A 135 -22.69 -4.87 -13.97
N VAL A 136 -23.92 -4.63 -13.62
CA VAL A 136 -24.97 -5.62 -13.74
C VAL A 136 -25.94 -5.34 -14.88
N SER A 137 -26.32 -6.40 -15.58
CA SER A 137 -27.26 -6.32 -16.66
C SER A 137 -28.61 -5.88 -16.12
N LYS A 138 -29.04 -4.73 -16.53
CA LYS A 138 -30.26 -4.18 -16.11
C LYS A 138 -31.01 -3.76 -17.36
N GLY A 4 34.33 13.82 22.44
CA GLY A 4 33.91 13.13 21.23
C GLY A 4 33.12 14.05 20.35
N PRO A 5 33.23 13.92 19.02
CA PRO A 5 32.45 14.74 18.09
C PRO A 5 30.97 14.45 18.23
N GLU A 6 30.17 15.46 18.07
CA GLU A 6 28.72 15.34 18.16
C GLU A 6 28.12 14.74 16.89
N GLN A 7 28.61 13.59 16.56
CA GLN A 7 28.14 12.81 15.45
C GLN A 7 27.69 11.47 15.96
N ARG A 8 26.51 11.07 15.58
CA ARG A 8 25.97 9.81 16.03
C ARG A 8 25.65 8.94 14.84
N GLU A 9 25.71 7.67 15.04
CA GLU A 9 25.49 6.67 14.02
C GLU A 9 24.04 6.23 14.02
N ILE A 10 23.51 6.00 12.84
CA ILE A 10 22.09 5.67 12.71
C ILE A 10 21.90 4.19 13.05
N PRO A 11 21.00 3.86 14.01
CA PRO A 11 20.74 2.47 14.36
C PRO A 11 19.94 1.76 13.27
N ASP A 12 20.27 0.50 13.03
CA ASP A 12 19.63 -0.32 12.01
C ASP A 12 18.33 -0.89 12.53
N VAL A 13 17.50 -0.03 13.03
CA VAL A 13 16.17 -0.37 13.50
C VAL A 13 15.18 0.07 12.41
N SER A 14 15.76 0.68 11.40
CA SER A 14 15.09 1.18 10.24
C SER A 14 14.36 0.06 9.52
N THR A 15 15.02 -1.06 9.44
CA THR A 15 14.50 -2.23 8.83
C THR A 15 13.24 -2.76 9.53
N LEU A 16 13.09 -2.46 10.82
CA LEU A 16 11.97 -3.02 11.54
C LEU A 16 10.70 -2.22 11.31
N THR A 17 10.78 -0.88 11.41
CA THR A 17 9.62 -0.01 11.15
C THR A 17 10.09 1.45 11.12
N TYR A 18 9.43 2.26 10.29
CA TYR A 18 9.60 3.71 10.26
C TYR A 18 9.46 4.31 11.67
N ALA A 19 8.41 3.91 12.37
CA ALA A 19 8.17 4.39 13.74
C ALA A 19 9.34 4.05 14.66
N GLU A 20 9.92 2.88 14.47
CA GLU A 20 11.04 2.45 15.26
C GLU A 20 12.27 3.28 14.93
N ALA A 21 12.48 3.48 13.64
CA ALA A 21 13.62 4.23 13.13
C ALA A 21 13.62 5.64 13.62
N VAL A 22 12.50 6.31 13.46
CA VAL A 22 12.39 7.69 13.81
C VAL A 22 12.55 7.91 15.30
N LYS A 23 11.88 7.11 16.11
CA LYS A 23 11.92 7.29 17.55
C LYS A 23 13.31 7.08 18.10
N LYS A 24 13.95 6.00 17.70
CA LYS A 24 15.26 5.68 18.21
C LYS A 24 16.28 6.70 17.73
N LEU A 25 16.17 7.11 16.47
CA LEU A 25 17.07 8.08 15.90
C LEU A 25 16.84 9.47 16.53
N THR A 26 15.60 9.76 16.84
CA THR A 26 15.22 10.98 17.51
C THR A 26 15.89 11.02 18.90
N ALA A 27 15.86 9.89 19.58
CA ALA A 27 16.48 9.76 20.89
C ALA A 27 18.01 9.77 20.76
N ALA A 28 18.50 9.51 19.56
CA ALA A 28 19.94 9.50 19.30
C ALA A 28 20.45 10.92 19.13
N GLY A 29 19.53 11.87 18.97
CA GLY A 29 19.91 13.26 18.90
C GLY A 29 19.40 13.95 17.67
N PHE A 30 19.02 13.18 16.69
CA PHE A 30 18.58 13.73 15.43
C PHE A 30 17.14 14.19 15.49
N GLY A 31 16.91 15.40 15.04
CA GLY A 31 15.57 15.94 14.97
C GLY A 31 15.37 16.64 13.65
N ARG A 32 16.27 16.39 12.73
CA ARG A 32 16.25 17.01 11.44
C ARG A 32 16.06 15.89 10.41
N PHE A 33 14.95 15.91 9.72
CA PHE A 33 14.62 14.82 8.81
C PHE A 33 14.02 15.31 7.51
N LYS A 34 14.14 14.48 6.51
CA LYS A 34 13.44 14.63 5.26
C LYS A 34 12.87 13.27 4.93
N GLN A 35 11.58 13.18 4.75
CA GLN A 35 10.99 11.88 4.47
C GLN A 35 10.86 11.64 2.98
N ALA A 36 11.49 10.60 2.54
CA ALA A 36 11.44 10.20 1.17
C ALA A 36 10.81 8.83 1.10
N ASN A 37 10.08 8.58 0.07
CA ASN A 37 9.43 7.31 -0.10
C ASN A 37 10.06 6.62 -1.28
N SER A 38 10.07 5.35 -1.25
CA SER A 38 10.62 4.60 -2.32
C SER A 38 9.68 3.47 -2.67
N PRO A 39 9.46 3.19 -3.97
CA PRO A 39 8.63 2.08 -4.39
C PRO A 39 9.27 0.75 -3.98
N SER A 40 8.53 -0.02 -3.24
CA SER A 40 8.99 -1.25 -2.73
C SER A 40 7.82 -2.22 -2.69
N THR A 41 8.07 -3.42 -2.25
CA THR A 41 7.10 -4.44 -2.13
C THR A 41 6.08 -4.07 -1.01
N PRO A 42 4.78 -4.32 -1.27
CA PRO A 42 3.66 -4.05 -0.34
C PRO A 42 3.88 -4.64 1.07
N GLU A 43 4.62 -5.72 1.14
CA GLU A 43 4.91 -6.40 2.39
C GLU A 43 5.89 -5.59 3.25
N LEU A 44 6.65 -4.69 2.63
CA LEU A 44 7.71 -3.98 3.32
C LEU A 44 7.29 -2.53 3.60
N VAL A 45 6.06 -2.19 3.23
CA VAL A 45 5.55 -0.85 3.42
C VAL A 45 5.54 -0.46 4.90
N GLY A 46 6.13 0.67 5.20
CA GLY A 46 6.16 1.16 6.56
C GLY A 46 7.50 0.89 7.20
N LYS A 47 8.37 0.23 6.48
CA LYS A 47 9.68 -0.06 6.97
C LYS A 47 10.69 0.70 6.18
N VAL A 48 11.73 1.13 6.84
CA VAL A 48 12.76 1.91 6.22
C VAL A 48 13.72 0.98 5.51
N ILE A 49 14.09 1.33 4.29
CA ILE A 49 15.01 0.48 3.57
C ILE A 49 16.41 1.04 3.68
N GLY A 50 16.50 2.32 4.02
CA GLY A 50 17.77 2.94 4.21
C GLY A 50 17.64 4.41 4.45
N THR A 51 18.70 5.01 4.87
CA THR A 51 18.74 6.42 5.09
C THR A 51 19.75 7.04 4.14
N ASN A 52 19.66 8.32 3.92
CA ASN A 52 20.64 9.00 3.07
C ASN A 52 22.04 8.97 3.69
N PRO A 53 22.24 9.40 4.97
CA PRO A 53 23.53 9.25 5.62
C PRO A 53 23.72 7.78 6.02
N PRO A 54 24.91 7.21 5.77
CA PRO A 54 25.20 5.82 6.11
C PRO A 54 25.14 5.58 7.61
N ALA A 55 24.51 4.48 7.99
CA ALA A 55 24.22 4.20 9.38
C ALA A 55 25.44 3.72 10.12
N ASN A 56 26.43 3.29 9.39
CA ASN A 56 27.64 2.77 9.99
C ASN A 56 28.49 3.93 10.52
N GLN A 57 28.40 5.04 9.83
CA GLN A 57 29.17 6.20 10.19
C GLN A 57 28.37 7.13 11.06
N THR A 58 29.05 8.04 11.68
CA THR A 58 28.46 8.97 12.55
C THR A 58 28.19 10.29 11.83
N SER A 59 26.97 10.74 11.90
CA SER A 59 26.59 11.99 11.28
C SER A 59 26.31 12.99 12.38
N ALA A 60 26.72 14.24 12.18
CA ALA A 60 26.55 15.30 13.17
C ALA A 60 25.10 15.50 13.53
N ILE A 61 24.86 15.92 14.75
CA ILE A 61 23.52 16.16 15.27
C ILE A 61 22.80 17.26 14.45
N THR A 62 23.57 18.13 13.85
CA THR A 62 23.02 19.21 13.04
C THR A 62 22.78 18.75 11.57
N ASN A 63 22.99 17.47 11.30
CA ASN A 63 22.80 16.93 9.95
C ASN A 63 21.35 16.61 9.71
N VAL A 64 20.99 16.56 8.46
CA VAL A 64 19.64 16.25 8.06
C VAL A 64 19.60 14.80 7.66
N VAL A 65 18.76 14.04 8.27
CA VAL A 65 18.65 12.67 7.89
C VAL A 65 17.52 12.55 6.90
N ILE A 66 17.85 12.11 5.72
CA ILE A 66 16.86 11.83 4.74
C ILE A 66 16.53 10.37 4.91
N ILE A 67 15.32 10.08 5.23
CA ILE A 67 14.91 8.74 5.50
C ILE A 67 14.15 8.20 4.31
N ILE A 68 14.61 7.07 3.79
CA ILE A 68 13.97 6.47 2.66
C ILE A 68 13.11 5.31 3.16
N VAL A 69 11.83 5.51 3.11
CA VAL A 69 10.87 4.53 3.58
C VAL A 69 10.36 3.69 2.42
N GLY A 70 10.21 2.41 2.64
CA GLY A 70 9.66 1.54 1.65
C GLY A 70 8.17 1.71 1.60
N SER A 71 7.66 2.02 0.46
CA SER A 71 6.26 2.21 0.28
C SER A 71 5.85 1.52 -1.00
N GLY A 72 4.65 1.05 -1.07
CA GLY A 72 4.23 0.32 -2.22
C GLY A 72 2.76 0.43 -2.41
N PRO A 73 2.24 0.00 -3.54
CA PRO A 73 0.83 0.11 -3.83
C PRO A 73 0.01 -0.96 -3.12
N ALA A 74 -0.96 -0.53 -2.36
CA ALA A 74 -1.88 -1.44 -1.75
C ALA A 74 -2.97 -1.68 -2.76
N THR A 75 -2.67 -2.54 -3.67
CA THR A 75 -3.53 -2.81 -4.77
C THR A 75 -3.78 -4.30 -4.89
N LYS A 76 -4.82 -4.67 -5.60
CA LYS A 76 -5.13 -6.09 -5.83
C LYS A 76 -5.67 -6.26 -7.22
N ASP A 77 -5.55 -7.46 -7.73
CA ASP A 77 -6.05 -7.80 -9.03
C ASP A 77 -7.44 -8.37 -8.88
N ILE A 78 -8.31 -7.95 -9.72
CA ILE A 78 -9.68 -8.39 -9.67
C ILE A 78 -9.82 -9.79 -10.28
N PRO A 79 -10.59 -10.66 -9.62
CA PRO A 79 -10.86 -11.99 -10.14
C PRO A 79 -12.07 -11.96 -11.07
N ASP A 80 -12.54 -13.10 -11.49
CA ASP A 80 -13.71 -13.16 -12.33
C ASP A 80 -14.91 -13.48 -11.48
N VAL A 81 -15.99 -12.81 -11.70
CA VAL A 81 -17.19 -13.02 -10.92
C VAL A 81 -18.38 -13.23 -11.83
N ALA A 82 -18.10 -13.53 -13.10
CA ALA A 82 -19.15 -13.66 -14.10
C ALA A 82 -19.94 -14.94 -13.90
N GLY A 83 -21.21 -14.79 -13.61
CA GLY A 83 -22.06 -15.93 -13.45
C GLY A 83 -22.61 -16.02 -12.06
N GLN A 84 -21.97 -15.36 -11.12
CA GLN A 84 -22.40 -15.37 -9.75
C GLN A 84 -23.53 -14.38 -9.56
N THR A 85 -24.05 -14.34 -8.36
CA THR A 85 -25.12 -13.43 -8.04
C THR A 85 -24.49 -12.15 -7.52
N VAL A 86 -25.21 -11.03 -7.63
CA VAL A 86 -24.68 -9.71 -7.23
C VAL A 86 -24.19 -9.71 -5.78
N ASP A 87 -24.97 -10.31 -4.91
CA ASP A 87 -24.64 -10.36 -3.50
C ASP A 87 -23.44 -11.26 -3.24
N VAL A 88 -23.37 -12.41 -3.90
CA VAL A 88 -22.29 -13.34 -3.60
C VAL A 88 -20.97 -12.86 -4.19
N ALA A 89 -21.07 -12.24 -5.36
CA ALA A 89 -19.91 -11.74 -6.06
C ALA A 89 -19.21 -10.67 -5.25
N GLN A 90 -19.97 -9.70 -4.75
CA GLN A 90 -19.39 -8.61 -3.99
C GLN A 90 -18.78 -9.12 -2.69
N LYS A 91 -19.42 -10.12 -2.07
CA LYS A 91 -18.91 -10.71 -0.84
C LYS A 91 -17.58 -11.40 -1.08
N ASN A 92 -17.51 -12.21 -2.13
CA ASN A 92 -16.29 -12.92 -2.46
C ASN A 92 -15.19 -11.94 -2.84
N LEU A 93 -15.57 -10.95 -3.63
CA LEU A 93 -14.63 -9.96 -4.13
C LEU A 93 -14.10 -9.12 -2.97
N ASN A 94 -14.94 -8.83 -2.01
CA ASN A 94 -14.56 -8.06 -0.81
C ASN A 94 -13.48 -8.81 -0.01
N VAL A 95 -13.62 -10.13 0.06
CA VAL A 95 -12.65 -10.97 0.78
C VAL A 95 -11.32 -11.06 0.02
N TYR A 96 -11.38 -10.90 -1.28
CA TYR A 96 -10.20 -11.05 -2.12
C TYR A 96 -9.99 -9.81 -2.96
N GLY A 97 -10.26 -8.66 -2.40
CA GLY A 97 -10.18 -7.52 -3.24
C GLY A 97 -10.26 -6.19 -2.55
N PHE A 98 -11.42 -5.59 -2.60
CA PHE A 98 -11.58 -4.19 -2.34
C PHE A 98 -12.63 -3.95 -1.32
N THR A 99 -12.60 -2.77 -0.75
CA THR A 99 -13.54 -2.40 0.26
C THR A 99 -14.61 -1.44 -0.29
N LYS A 100 -14.33 -0.84 -1.44
CA LYS A 100 -15.25 0.13 -2.01
C LYS A 100 -15.90 -0.45 -3.25
N PHE A 101 -17.21 -0.48 -3.26
CA PHE A 101 -17.96 -1.06 -4.37
C PHE A 101 -18.95 -0.08 -4.95
N SER A 102 -19.23 -0.24 -6.19
CA SER A 102 -20.29 0.44 -6.87
C SER A 102 -20.91 -0.56 -7.83
N GLN A 103 -22.16 -0.40 -8.14
CA GLN A 103 -22.85 -1.37 -8.93
C GLN A 103 -23.42 -0.73 -10.17
N ALA A 104 -23.14 -1.30 -11.30
CA ALA A 104 -23.65 -0.81 -12.54
C ALA A 104 -24.45 -1.90 -13.19
N SER A 105 -25.64 -1.57 -13.56
CA SER A 105 -26.49 -2.50 -14.21
C SER A 105 -26.30 -2.38 -15.71
N VAL A 106 -26.36 -3.47 -16.38
CA VAL A 106 -26.21 -3.49 -17.81
C VAL A 106 -27.44 -4.13 -18.40
N ASP A 107 -27.69 -3.88 -19.66
CA ASP A 107 -28.85 -4.44 -20.31
C ASP A 107 -28.58 -5.86 -20.68
N SER A 108 -29.52 -6.69 -20.39
CA SER A 108 -29.39 -8.10 -20.56
C SER A 108 -30.60 -8.60 -21.34
N PRO A 109 -30.53 -9.82 -21.93
CA PRO A 109 -31.69 -10.47 -22.53
C PRO A 109 -32.71 -10.89 -21.44
N ARG A 110 -33.50 -11.91 -21.68
CA ARG A 110 -34.46 -12.31 -20.65
C ARG A 110 -33.77 -12.88 -19.37
N PRO A 111 -32.77 -13.79 -19.47
CA PRO A 111 -32.00 -14.17 -18.29
C PRO A 111 -31.19 -12.97 -17.77
N ALA A 112 -31.23 -12.77 -16.49
CA ALA A 112 -30.57 -11.65 -15.87
C ALA A 112 -30.23 -12.01 -14.44
N GLY A 113 -29.55 -11.11 -13.76
CA GLY A 113 -29.18 -11.38 -12.39
C GLY A 113 -27.82 -11.98 -12.31
N GLU A 114 -27.16 -12.01 -13.45
CA GLU A 114 -25.83 -12.52 -13.54
C GLU A 114 -24.91 -11.41 -13.24
N VAL A 115 -23.88 -11.69 -12.55
CA VAL A 115 -22.84 -10.74 -12.53
C VAL A 115 -22.13 -10.91 -13.84
N THR A 116 -22.18 -9.89 -14.63
CA THR A 116 -21.63 -9.91 -15.95
C THR A 116 -20.11 -9.80 -15.85
N GLY A 117 -19.66 -9.18 -14.77
CA GLY A 117 -18.26 -9.06 -14.52
C GLY A 117 -17.96 -7.82 -13.73
N THR A 118 -16.83 -7.28 -13.93
CA THR A 118 -16.40 -6.08 -13.29
C THR A 118 -16.16 -5.01 -14.34
N ASN A 119 -16.12 -3.75 -13.91
CA ASN A 119 -15.86 -2.62 -14.81
C ASN A 119 -14.56 -2.83 -15.64
N PRO A 120 -13.39 -3.17 -15.01
CA PRO A 120 -12.21 -3.55 -15.76
C PRO A 120 -12.18 -5.08 -15.94
N PRO A 121 -11.40 -5.62 -16.90
CA PRO A 121 -11.30 -7.08 -17.10
C PRO A 121 -10.52 -7.76 -15.97
N ALA A 122 -10.86 -9.02 -15.72
CA ALA A 122 -10.22 -9.86 -14.70
C ALA A 122 -8.70 -9.84 -14.86
N GLY A 123 -8.02 -9.62 -13.76
CA GLY A 123 -6.59 -9.53 -13.78
C GLY A 123 -6.10 -8.11 -13.59
N THR A 124 -6.98 -7.14 -13.81
CA THR A 124 -6.60 -5.74 -13.62
C THR A 124 -6.34 -5.45 -12.14
N THR A 125 -5.20 -4.86 -11.86
CA THR A 125 -4.84 -4.51 -10.51
C THR A 125 -5.15 -3.03 -10.26
N VAL A 126 -5.95 -2.77 -9.24
CA VAL A 126 -6.32 -1.42 -8.85
C VAL A 126 -6.19 -1.29 -7.32
N PRO A 127 -6.13 -0.04 -6.76
CA PRO A 127 -5.99 0.20 -5.31
C PRO A 127 -7.15 -0.35 -4.50
N VAL A 128 -6.83 -1.00 -3.39
CA VAL A 128 -7.82 -1.66 -2.53
C VAL A 128 -8.75 -0.67 -1.86
N ASP A 129 -8.29 0.57 -1.75
CA ASP A 129 -9.05 1.64 -1.14
C ASP A 129 -9.88 2.37 -2.20
N SER A 130 -9.73 1.95 -3.44
CA SER A 130 -10.44 2.56 -4.54
C SER A 130 -11.72 1.77 -4.81
N VAL A 131 -12.54 2.29 -5.67
CA VAL A 131 -13.83 1.73 -5.96
C VAL A 131 -13.79 0.73 -7.09
N ILE A 132 -14.31 -0.45 -6.84
CA ILE A 132 -14.48 -1.45 -7.85
C ILE A 132 -15.97 -1.46 -8.25
N GLU A 133 -16.23 -1.41 -9.51
CA GLU A 133 -17.55 -1.40 -9.98
C GLU A 133 -17.94 -2.76 -10.52
N LEU A 134 -19.03 -3.28 -10.03
CA LEU A 134 -19.55 -4.57 -10.38
C LEU A 134 -20.58 -4.40 -11.48
N GLN A 135 -20.48 -5.21 -12.51
CA GLN A 135 -21.40 -5.15 -13.63
C GLN A 135 -22.42 -6.26 -13.47
N VAL A 136 -23.63 -5.89 -13.26
CA VAL A 136 -24.70 -6.87 -13.12
C VAL A 136 -25.68 -6.78 -14.29
N SER A 137 -26.11 -7.90 -14.80
CA SER A 137 -27.02 -7.92 -15.90
C SER A 137 -28.44 -7.76 -15.41
N LYS A 138 -29.12 -6.77 -15.92
CA LYS A 138 -30.44 -6.48 -15.50
C LYS A 138 -31.22 -5.89 -16.69
N GLY A 4 31.86 16.49 23.11
CA GLY A 4 30.54 16.17 22.57
C GLY A 4 30.55 16.22 21.06
N PRO A 5 30.18 15.13 20.38
CA PRO A 5 30.20 15.09 18.93
C PRO A 5 29.01 15.81 18.34
N GLU A 6 29.28 16.64 17.36
CA GLU A 6 28.23 17.39 16.69
C GLU A 6 27.66 16.58 15.55
N GLN A 7 28.19 15.40 15.42
CA GLN A 7 27.73 14.42 14.49
C GLN A 7 27.29 13.22 15.31
N ARG A 8 26.38 12.46 14.78
CA ARG A 8 25.93 11.27 15.43
C ARG A 8 25.62 10.28 14.33
N GLU A 9 25.72 9.03 14.62
CA GLU A 9 25.49 8.01 13.64
C GLU A 9 24.03 7.64 13.51
N ILE A 10 23.63 7.42 12.28
CA ILE A 10 22.27 7.06 11.96
C ILE A 10 22.11 5.57 12.28
N PRO A 11 21.03 5.19 13.01
CA PRO A 11 20.80 3.81 13.40
C PRO A 11 20.72 2.85 12.22
N ASP A 12 21.29 1.69 12.41
CA ASP A 12 21.32 0.66 11.38
C ASP A 12 20.19 -0.33 11.60
N VAL A 13 19.48 -0.15 12.71
CA VAL A 13 18.35 -1.01 13.08
C VAL A 13 17.07 -0.61 12.34
N SER A 14 17.24 0.34 11.46
CA SER A 14 16.21 0.86 10.62
C SER A 14 15.68 -0.24 9.70
N THR A 15 16.57 -1.16 9.37
CA THR A 15 16.28 -2.32 8.59
C THR A 15 15.15 -3.17 9.25
N LEU A 16 15.02 -3.09 10.58
CA LEU A 16 14.06 -3.91 11.29
C LEU A 16 12.67 -3.31 11.21
N THR A 17 12.55 -2.00 11.43
CA THR A 17 11.28 -1.30 11.29
C THR A 17 11.56 0.21 11.22
N TYR A 18 10.71 0.93 10.50
CA TYR A 18 10.74 2.40 10.43
C TYR A 18 10.68 3.00 11.82
N ALA A 19 9.80 2.48 12.67
CA ALA A 19 9.67 2.94 14.05
C ALA A 19 10.99 2.86 14.79
N GLU A 20 11.71 1.75 14.60
CA GLU A 20 12.99 1.51 15.26
C GLU A 20 14.00 2.57 14.86
N ALA A 21 14.00 2.87 13.57
CA ALA A 21 14.86 3.91 13.03
C ALA A 21 14.56 5.23 13.68
N VAL A 22 13.29 5.58 13.73
CA VAL A 22 12.85 6.85 14.28
C VAL A 22 13.20 6.99 15.75
N LYS A 23 12.91 5.98 16.54
CA LYS A 23 13.15 6.03 17.99
C LYS A 23 14.63 6.24 18.28
N LYS A 24 15.45 5.44 17.63
CA LYS A 24 16.88 5.52 17.84
C LYS A 24 17.46 6.82 17.30
N LEU A 25 16.97 7.27 16.16
CA LEU A 25 17.44 8.50 15.53
C LEU A 25 17.02 9.70 16.38
N THR A 26 15.81 9.65 16.89
CA THR A 26 15.26 10.65 17.77
C THR A 26 16.14 10.75 19.03
N ALA A 27 16.49 9.60 19.58
CA ALA A 27 17.34 9.52 20.74
C ALA A 27 18.79 9.91 20.41
N ALA A 28 19.14 9.91 19.13
CA ALA A 28 20.49 10.26 18.71
C ALA A 28 20.66 11.77 18.65
N GLY A 29 19.56 12.50 18.68
CA GLY A 29 19.62 13.93 18.73
C GLY A 29 19.08 14.60 17.49
N PHE A 30 18.85 13.83 16.46
CA PHE A 30 18.36 14.37 15.19
C PHE A 30 16.90 14.79 15.32
N GLY A 31 16.58 15.92 14.74
CA GLY A 31 15.24 16.43 14.83
C GLY A 31 14.63 16.75 13.49
N ARG A 32 15.44 16.77 12.46
CA ARG A 32 14.98 17.10 11.13
C ARG A 32 14.86 15.82 10.31
N PHE A 33 13.65 15.50 9.95
CA PHE A 33 13.35 14.27 9.23
C PHE A 33 12.71 14.62 7.90
N LYS A 34 12.89 13.74 6.97
CA LYS A 34 12.21 13.77 5.72
C LYS A 34 11.94 12.32 5.37
N GLN A 35 10.70 11.98 5.17
CA GLN A 35 10.34 10.61 4.91
C GLN A 35 10.03 10.42 3.44
N ALA A 36 10.69 9.49 2.84
CA ALA A 36 10.47 9.13 1.47
C ALA A 36 10.09 7.67 1.41
N ASN A 37 9.21 7.31 0.52
CA ASN A 37 8.83 5.92 0.37
C ASN A 37 9.05 5.51 -1.05
N SER A 38 9.36 4.28 -1.26
CA SER A 38 9.53 3.76 -2.58
C SER A 38 8.93 2.37 -2.64
N PRO A 39 8.25 2.01 -3.76
CA PRO A 39 7.68 0.66 -3.92
C PRO A 39 8.79 -0.36 -3.99
N SER A 40 8.76 -1.29 -3.10
CA SER A 40 9.74 -2.32 -2.99
C SER A 40 9.07 -3.55 -2.39
N THR A 41 9.86 -4.62 -2.20
CA THR A 41 9.45 -5.90 -1.59
C THR A 41 8.24 -5.75 -0.61
N PRO A 42 7.03 -6.12 -1.12
CA PRO A 42 5.73 -5.87 -0.45
C PRO A 42 5.63 -6.34 1.00
N GLU A 43 6.21 -7.47 1.30
CA GLU A 43 6.11 -8.02 2.63
C GLU A 43 6.99 -7.32 3.65
N LEU A 44 7.89 -6.49 3.19
CA LEU A 44 8.78 -5.76 4.07
C LEU A 44 8.35 -4.31 4.23
N VAL A 45 7.12 -4.01 3.81
CA VAL A 45 6.53 -2.68 3.97
C VAL A 45 6.65 -2.22 5.44
N GLY A 46 7.17 -1.03 5.64
CA GLY A 46 7.33 -0.50 6.97
C GLY A 46 8.76 -0.67 7.47
N LYS A 47 9.58 -1.29 6.66
CA LYS A 47 10.98 -1.44 6.96
C LYS A 47 11.78 -0.47 6.13
N VAL A 48 12.85 0.01 6.69
CA VAL A 48 13.68 0.96 6.02
C VAL A 48 14.61 0.24 5.08
N ILE A 49 14.70 0.72 3.86
CA ILE A 49 15.57 0.12 2.89
C ILE A 49 16.88 0.87 2.79
N GLY A 50 16.87 2.11 3.21
CA GLY A 50 18.06 2.89 3.21
C GLY A 50 17.78 4.29 3.68
N THR A 51 18.80 4.96 4.11
CA THR A 51 18.70 6.31 4.53
C THR A 51 19.66 7.14 3.69
N ASN A 52 19.36 8.42 3.51
CA ASN A 52 20.25 9.28 2.76
C ASN A 52 21.61 9.44 3.49
N PRO A 53 21.64 9.79 4.82
CA PRO A 53 22.89 9.78 5.56
C PRO A 53 23.24 8.34 5.96
N PRO A 54 24.53 7.99 6.04
CA PRO A 54 24.94 6.62 6.30
C PRO A 54 24.67 6.18 7.74
N ALA A 55 24.25 4.94 7.88
CA ALA A 55 24.02 4.33 9.17
C ALA A 55 25.33 3.72 9.67
N ASN A 56 26.38 4.01 8.93
CA ASN A 56 27.71 3.51 9.24
C ASN A 56 28.57 4.56 9.91
N GLN A 57 28.29 5.83 9.67
CA GLN A 57 29.15 6.88 10.19
C GLN A 57 28.31 8.03 10.72
N THR A 58 28.95 9.01 11.32
CA THR A 58 28.25 10.09 11.93
C THR A 58 27.95 11.23 10.94
N SER A 59 26.84 11.89 11.15
CA SER A 59 26.43 13.07 10.40
C SER A 59 25.97 14.12 11.40
N ALA A 60 26.13 15.41 11.08
CA ALA A 60 25.80 16.50 11.99
C ALA A 60 24.37 16.44 12.48
N ILE A 61 24.19 16.79 13.74
CA ILE A 61 22.91 16.74 14.45
C ILE A 61 21.84 17.58 13.73
N THR A 62 22.26 18.62 13.06
CA THR A 62 21.33 19.49 12.40
C THR A 62 21.12 19.10 10.92
N ASN A 63 21.59 17.93 10.55
CA ASN A 63 21.38 17.43 9.18
C ASN A 63 19.99 16.90 9.03
N VAL A 64 19.42 17.05 7.86
CA VAL A 64 18.14 16.46 7.57
C VAL A 64 18.35 15.00 7.24
N VAL A 65 17.71 14.15 7.95
CA VAL A 65 17.80 12.77 7.65
C VAL A 65 16.67 12.40 6.75
N ILE A 66 16.99 11.97 5.57
CA ILE A 66 15.99 11.50 4.66
C ILE A 66 15.96 10.02 4.81
N ILE A 67 14.88 9.54 5.28
CA ILE A 67 14.72 8.15 5.52
C ILE A 67 13.82 7.56 4.42
N ILE A 68 14.31 6.53 3.76
CA ILE A 68 13.60 5.92 2.68
C ILE A 68 13.02 4.57 3.14
N VAL A 69 11.72 4.50 3.13
CA VAL A 69 11.00 3.32 3.57
C VAL A 69 10.64 2.47 2.36
N GLY A 70 10.82 1.19 2.49
CA GLY A 70 10.41 0.29 1.47
C GLY A 70 8.96 0.00 1.68
N SER A 71 8.15 0.45 0.78
CA SER A 71 6.76 0.28 0.95
C SER A 71 6.22 -0.61 -0.14
N GLY A 72 5.25 -1.38 0.22
CA GLY A 72 4.59 -2.21 -0.70
C GLY A 72 3.21 -1.71 -0.86
N PRO A 73 2.84 -1.20 -2.05
CA PRO A 73 1.52 -0.66 -2.29
C PRO A 73 0.46 -1.72 -2.05
N ALA A 74 -0.37 -1.47 -1.07
CA ALA A 74 -1.44 -2.35 -0.70
C ALA A 74 -2.43 -2.38 -1.81
N THR A 75 -2.31 -3.37 -2.61
CA THR A 75 -3.09 -3.52 -3.77
C THR A 75 -3.53 -4.96 -3.87
N LYS A 76 -4.59 -5.21 -4.58
CA LYS A 76 -5.11 -6.54 -4.75
C LYS A 76 -5.65 -6.67 -6.15
N ASP A 77 -5.73 -7.87 -6.63
CA ASP A 77 -6.20 -8.12 -7.96
C ASP A 77 -7.69 -8.33 -7.89
N ILE A 78 -8.43 -7.66 -8.72
CA ILE A 78 -9.87 -7.74 -8.65
C ILE A 78 -10.43 -9.03 -9.24
N PRO A 79 -11.23 -9.76 -8.49
CA PRO A 79 -11.84 -10.98 -8.96
C PRO A 79 -13.23 -10.77 -9.53
N ASP A 80 -13.38 -10.99 -10.82
CA ASP A 80 -14.68 -10.91 -11.43
C ASP A 80 -15.42 -12.21 -11.18
N VAL A 81 -16.58 -12.10 -10.60
CA VAL A 81 -17.37 -13.26 -10.24
C VAL A 81 -18.66 -13.25 -11.08
N ALA A 82 -18.48 -13.00 -12.36
CA ALA A 82 -19.58 -12.92 -13.32
C ALA A 82 -20.28 -14.27 -13.45
N GLY A 83 -21.60 -14.25 -13.37
CA GLY A 83 -22.35 -15.48 -13.55
C GLY A 83 -23.36 -15.73 -12.45
N GLN A 84 -23.04 -15.29 -11.26
CA GLN A 84 -23.91 -15.53 -10.11
C GLN A 84 -24.81 -14.32 -9.90
N THR A 85 -25.47 -14.20 -8.75
CA THR A 85 -26.33 -13.06 -8.56
C THR A 85 -25.52 -11.91 -8.00
N VAL A 86 -26.00 -10.69 -8.19
CA VAL A 86 -25.29 -9.49 -7.79
C VAL A 86 -24.93 -9.53 -6.30
N ASP A 87 -25.89 -9.94 -5.51
CA ASP A 87 -25.73 -10.00 -4.07
C ASP A 87 -24.72 -11.07 -3.66
N VAL A 88 -24.77 -12.24 -4.30
CA VAL A 88 -23.86 -13.31 -3.90
C VAL A 88 -22.45 -13.04 -4.42
N ALA A 89 -22.38 -12.49 -5.61
CA ALA A 89 -21.12 -12.15 -6.22
C ALA A 89 -20.40 -11.09 -5.43
N GLN A 90 -21.13 -10.04 -5.03
CA GLN A 90 -20.54 -8.95 -4.28
C GLN A 90 -20.05 -9.44 -2.93
N LYS A 91 -20.78 -10.39 -2.34
CA LYS A 91 -20.37 -11.00 -1.08
C LYS A 91 -19.04 -11.71 -1.21
N ASN A 92 -18.90 -12.51 -2.25
CA ASN A 92 -17.66 -13.22 -2.47
C ASN A 92 -16.55 -12.29 -2.86
N LEU A 93 -16.87 -11.34 -3.72
CA LEU A 93 -15.89 -10.37 -4.19
C LEU A 93 -15.42 -9.51 -3.03
N ASN A 94 -16.31 -9.18 -2.14
CA ASN A 94 -15.99 -8.35 -0.96
C ASN A 94 -14.90 -9.00 -0.13
N VAL A 95 -14.95 -10.32 -0.03
CA VAL A 95 -13.97 -11.09 0.70
C VAL A 95 -12.61 -11.10 -0.03
N TYR A 96 -12.63 -11.21 -1.35
CA TYR A 96 -11.37 -11.34 -2.12
C TYR A 96 -10.92 -9.99 -2.61
N GLY A 97 -11.76 -9.04 -2.48
CA GLY A 97 -11.54 -7.76 -3.03
C GLY A 97 -11.46 -6.68 -2.00
N PHE A 98 -12.38 -5.74 -2.06
CA PHE A 98 -12.29 -4.54 -1.26
C PHE A 98 -13.63 -4.23 -0.67
N THR A 99 -13.71 -3.12 0.00
CA THR A 99 -14.91 -2.72 0.65
C THR A 99 -15.70 -1.68 -0.20
N LYS A 100 -15.05 -1.03 -1.15
CA LYS A 100 -15.71 0.02 -1.90
C LYS A 100 -16.05 -0.42 -3.31
N PHE A 101 -17.32 -0.49 -3.58
CA PHE A 101 -17.84 -0.90 -4.86
C PHE A 101 -18.68 0.23 -5.42
N SER A 102 -18.60 0.42 -6.68
CA SER A 102 -19.46 1.31 -7.39
C SER A 102 -20.26 0.42 -8.31
N GLN A 103 -21.48 0.74 -8.57
CA GLN A 103 -22.28 -0.16 -9.36
C GLN A 103 -22.80 0.51 -10.58
N ALA A 104 -22.77 -0.20 -11.66
CA ALA A 104 -23.25 0.28 -12.90
C ALA A 104 -24.33 -0.64 -13.40
N SER A 105 -25.34 -0.10 -13.95
CA SER A 105 -26.41 -0.87 -14.50
C SER A 105 -26.24 -0.89 -16.01
N VAL A 106 -26.19 -2.06 -16.59
CA VAL A 106 -25.95 -2.21 -18.01
C VAL A 106 -27.12 -2.94 -18.64
N ASP A 107 -27.28 -2.82 -19.93
CA ASP A 107 -28.44 -3.42 -20.57
C ASP A 107 -28.24 -4.90 -20.73
N SER A 108 -29.23 -5.63 -20.37
CA SER A 108 -29.20 -7.05 -20.40
C SER A 108 -29.83 -7.61 -21.69
N PRO A 109 -29.01 -8.10 -22.63
CA PRO A 109 -29.50 -8.71 -23.87
C PRO A 109 -30.04 -10.12 -23.61
N ARG A 110 -29.16 -11.03 -23.23
CA ARG A 110 -29.54 -12.38 -22.93
C ARG A 110 -29.44 -12.68 -21.42
N PRO A 111 -28.28 -12.41 -20.73
CA PRO A 111 -28.18 -12.65 -19.30
C PRO A 111 -28.94 -11.57 -18.52
N ALA A 112 -29.73 -11.98 -17.54
CA ALA A 112 -30.52 -11.05 -16.75
C ALA A 112 -30.67 -11.56 -15.33
N GLY A 113 -30.34 -10.71 -14.37
CA GLY A 113 -30.47 -11.06 -12.96
C GLY A 113 -29.14 -11.49 -12.42
N GLU A 114 -28.34 -11.99 -13.31
CA GLU A 114 -27.03 -12.44 -13.01
C GLU A 114 -26.05 -11.30 -13.14
N VAL A 115 -25.01 -11.33 -12.37
CA VAL A 115 -24.06 -10.28 -12.41
C VAL A 115 -23.26 -10.41 -13.70
N THR A 116 -23.23 -9.33 -14.40
CA THR A 116 -22.62 -9.26 -15.70
C THR A 116 -21.09 -9.29 -15.55
N GLY A 117 -20.62 -8.84 -14.40
CA GLY A 117 -19.22 -8.90 -14.10
C GLY A 117 -18.77 -7.64 -13.45
N THR A 118 -17.56 -7.29 -13.67
CA THR A 118 -17.01 -6.07 -13.16
C THR A 118 -16.57 -5.26 -14.36
N ASN A 119 -16.41 -3.95 -14.20
CA ASN A 119 -16.00 -3.12 -15.32
C ASN A 119 -14.59 -3.52 -15.81
N PRO A 120 -13.55 -3.56 -14.92
CA PRO A 120 -12.27 -4.10 -15.29
C PRO A 120 -12.21 -5.59 -14.91
N PRO A 121 -11.72 -6.45 -15.81
CA PRO A 121 -11.61 -7.89 -15.54
C PRO A 121 -10.48 -8.25 -14.57
N ALA A 122 -10.54 -9.48 -14.04
CA ALA A 122 -9.49 -10.02 -13.20
C ALA A 122 -8.17 -9.94 -13.93
N GLY A 123 -7.13 -9.70 -13.22
CA GLY A 123 -5.86 -9.44 -13.82
C GLY A 123 -5.53 -7.99 -13.64
N THR A 124 -6.54 -7.20 -13.32
CA THR A 124 -6.34 -5.83 -12.99
C THR A 124 -6.09 -5.73 -11.47
N THR A 125 -4.96 -5.21 -11.10
CA THR A 125 -4.63 -5.00 -9.73
C THR A 125 -4.82 -3.51 -9.40
N VAL A 126 -5.57 -3.22 -8.38
CA VAL A 126 -5.83 -1.85 -7.97
C VAL A 126 -5.53 -1.72 -6.48
N PRO A 127 -5.30 -0.49 -5.96
CA PRO A 127 -5.07 -0.26 -4.53
C PRO A 127 -6.24 -0.75 -3.69
N VAL A 128 -5.96 -1.10 -2.46
CA VAL A 128 -6.98 -1.64 -1.57
C VAL A 128 -8.05 -0.60 -1.22
N ASP A 129 -7.69 0.65 -1.39
CA ASP A 129 -8.58 1.77 -1.11
C ASP A 129 -9.31 2.21 -2.37
N SER A 130 -9.09 1.50 -3.47
CA SER A 130 -9.68 1.84 -4.75
C SER A 130 -11.15 1.35 -4.80
N VAL A 131 -11.89 1.81 -5.80
CA VAL A 131 -13.29 1.48 -5.91
C VAL A 131 -13.52 0.58 -7.13
N ILE A 132 -14.04 -0.59 -6.90
CA ILE A 132 -14.28 -1.52 -7.98
C ILE A 132 -15.71 -1.35 -8.51
N GLU A 133 -15.88 -1.39 -9.82
CA GLU A 133 -17.14 -1.17 -10.41
C GLU A 133 -17.77 -2.50 -10.83
N LEU A 134 -18.94 -2.74 -10.28
CA LEU A 134 -19.72 -3.94 -10.47
C LEU A 134 -20.79 -3.69 -11.54
N GLN A 135 -20.93 -4.62 -12.43
CA GLN A 135 -21.84 -4.51 -13.56
C GLN A 135 -23.11 -5.32 -13.29
N VAL A 136 -24.17 -4.61 -13.05
CA VAL A 136 -25.48 -5.18 -12.75
C VAL A 136 -26.34 -5.23 -14.03
N SER A 137 -26.97 -6.38 -14.31
CA SER A 137 -27.86 -6.48 -15.42
C SER A 137 -29.14 -5.67 -15.19
N LYS A 138 -29.42 -4.79 -16.09
CA LYS A 138 -30.57 -3.97 -16.05
C LYS A 138 -31.43 -4.41 -17.20
N GLY A 4 33.46 19.66 20.01
CA GLY A 4 34.00 18.60 19.16
C GLY A 4 33.03 18.29 18.05
N PRO A 5 33.10 17.10 17.45
CA PRO A 5 32.17 16.69 16.40
C PRO A 5 30.77 16.45 16.97
N GLU A 6 29.77 16.83 16.21
CA GLU A 6 28.38 16.63 16.60
C GLU A 6 27.76 15.56 15.73
N GLN A 7 28.59 14.97 14.91
CA GLN A 7 28.15 14.01 13.96
C GLN A 7 28.05 12.66 14.63
N ARG A 8 26.89 12.07 14.53
CA ARG A 8 26.60 10.80 15.15
C ARG A 8 26.21 9.80 14.06
N GLU A 9 26.39 8.55 14.36
CA GLU A 9 26.20 7.45 13.42
C GLU A 9 24.74 6.98 13.40
N ILE A 10 24.26 6.63 12.22
CA ILE A 10 22.88 6.19 12.06
C ILE A 10 22.79 4.66 12.34
N PRO A 11 21.86 4.22 13.22
CA PRO A 11 21.63 2.79 13.51
C PRO A 11 20.92 2.08 12.35
N ASP A 12 21.04 0.77 12.33
CA ASP A 12 20.47 -0.06 11.26
C ASP A 12 19.18 -0.71 11.71
N VAL A 13 18.51 -0.11 12.67
CA VAL A 13 17.28 -0.68 13.25
C VAL A 13 16.10 -0.44 12.27
N SER A 14 16.43 0.24 11.21
CA SER A 14 15.59 0.58 10.09
C SER A 14 14.89 -0.68 9.51
N THR A 15 15.59 -1.79 9.55
CA THR A 15 15.09 -3.05 9.07
C THR A 15 13.82 -3.50 9.83
N LEU A 16 13.68 -3.08 11.09
CA LEU A 16 12.60 -3.61 11.88
C LEU A 16 11.33 -2.81 11.69
N THR A 17 11.42 -1.49 11.78
CA THR A 17 10.26 -0.60 11.66
C THR A 17 10.77 0.85 11.60
N TYR A 18 9.99 1.74 10.98
CA TYR A 18 10.25 3.19 10.99
C TYR A 18 10.44 3.69 12.42
N ALA A 19 9.45 3.41 13.28
CA ALA A 19 9.48 3.86 14.68
C ALA A 19 10.74 3.39 15.39
N GLU A 20 11.13 2.15 15.13
CA GLU A 20 12.30 1.56 15.76
C GLU A 20 13.56 2.33 15.42
N ALA A 21 13.73 2.66 14.15
CA ALA A 21 14.89 3.40 13.71
C ALA A 21 14.84 4.83 14.20
N VAL A 22 13.67 5.44 14.10
CA VAL A 22 13.47 6.83 14.49
C VAL A 22 13.73 7.03 15.97
N LYS A 23 13.15 6.18 16.82
CA LYS A 23 13.34 6.29 18.27
C LYS A 23 14.80 6.08 18.62
N LYS A 24 15.44 5.13 17.96
CA LYS A 24 16.82 4.84 18.20
C LYS A 24 17.72 6.01 17.76
N LEU A 25 17.42 6.58 16.60
CA LEU A 25 18.17 7.72 16.09
C LEU A 25 17.92 8.95 16.96
N THR A 26 16.71 9.04 17.48
CA THR A 26 16.34 10.07 18.42
C THR A 26 17.20 9.92 19.70
N ALA A 27 17.40 8.67 20.12
CA ALA A 27 18.23 8.35 21.29
C ALA A 27 19.70 8.60 20.97
N ALA A 28 20.04 8.68 19.71
CA ALA A 28 21.41 8.97 19.29
C ALA A 28 21.66 10.47 19.35
N GLY A 29 20.59 11.23 19.49
CA GLY A 29 20.72 12.65 19.68
C GLY A 29 20.10 13.46 18.56
N PHE A 30 19.66 12.78 17.52
CA PHE A 30 19.12 13.48 16.36
C PHE A 30 17.74 14.02 16.59
N GLY A 31 17.54 15.22 16.13
CA GLY A 31 16.26 15.84 16.19
C GLY A 31 15.93 16.45 14.87
N ARG A 32 16.50 15.91 13.82
CA ARG A 32 16.26 16.40 12.50
C ARG A 32 15.97 15.21 11.59
N PHE A 33 14.77 15.14 11.09
CA PHE A 33 14.32 14.00 10.29
C PHE A 33 13.49 14.48 9.13
N LYS A 34 13.52 13.75 8.05
CA LYS A 34 12.67 13.98 6.92
C LYS A 34 12.12 12.63 6.52
N GLN A 35 10.83 12.50 6.50
CA GLN A 35 10.21 11.24 6.18
C GLN A 35 9.86 11.19 4.70
N ALA A 36 10.35 10.21 4.01
CA ALA A 36 10.05 9.99 2.62
C ALA A 36 9.70 8.53 2.46
N ASN A 37 8.88 8.20 1.51
CA ASN A 37 8.54 6.80 1.29
C ASN A 37 8.53 6.49 -0.17
N SER A 38 8.96 5.31 -0.51
CA SER A 38 9.03 4.90 -1.88
C SER A 38 8.24 3.60 -2.05
N PRO A 39 7.65 3.37 -3.24
CA PRO A 39 6.93 2.12 -3.51
C PRO A 39 7.90 0.94 -3.52
N SER A 40 7.63 0.00 -2.69
CA SER A 40 8.44 -1.15 -2.54
C SER A 40 7.54 -2.39 -2.53
N THR A 41 8.15 -3.53 -2.40
CA THR A 41 7.48 -4.79 -2.35
C THR A 41 6.61 -4.89 -1.07
N PRO A 42 5.42 -5.49 -1.20
CA PRO A 42 4.47 -5.72 -0.08
C PRO A 42 5.14 -6.41 1.12
N GLU A 43 6.15 -7.21 0.84
CA GLU A 43 6.85 -7.98 1.83
C GLU A 43 7.73 -7.09 2.75
N LEU A 44 8.12 -5.92 2.26
CA LEU A 44 8.97 -5.02 3.04
C LEU A 44 8.22 -3.78 3.52
N VAL A 45 6.92 -3.78 3.34
CA VAL A 45 6.09 -2.66 3.78
C VAL A 45 6.19 -2.46 5.30
N GLY A 46 6.38 -1.23 5.70
CA GLY A 46 6.42 -0.91 7.11
C GLY A 46 7.81 -0.74 7.66
N LYS A 47 8.80 -1.22 6.94
CA LYS A 47 10.16 -1.06 7.40
C LYS A 47 10.83 0.03 6.62
N VAL A 48 11.93 0.45 7.12
CA VAL A 48 12.73 1.43 6.47
C VAL A 48 13.55 0.72 5.41
N ILE A 49 13.56 1.22 4.21
CA ILE A 49 14.30 0.58 3.15
C ILE A 49 15.64 1.25 2.94
N GLY A 50 15.88 2.27 3.71
CA GLY A 50 17.14 2.93 3.69
C GLY A 50 17.06 4.33 4.19
N THR A 51 18.18 4.89 4.52
CA THR A 51 18.28 6.24 4.94
C THR A 51 19.15 6.96 3.91
N ASN A 52 18.92 8.24 3.71
CA ASN A 52 19.75 8.99 2.77
C ASN A 52 21.20 9.07 3.28
N PRO A 53 21.45 9.51 4.55
CA PRO A 53 22.80 9.43 5.10
C PRO A 53 23.14 7.97 5.44
N PRO A 54 24.35 7.52 5.10
CA PRO A 54 24.80 6.16 5.41
C PRO A 54 24.86 5.90 6.90
N ALA A 55 24.68 4.65 7.27
CA ALA A 55 24.73 4.20 8.66
C ALA A 55 26.17 3.91 9.03
N ASN A 56 27.01 4.11 8.07
CA ASN A 56 28.43 3.88 8.17
C ASN A 56 29.15 5.15 8.63
N GLN A 57 28.62 6.29 8.25
CA GLN A 57 29.26 7.54 8.59
C GLN A 57 28.41 8.31 9.60
N THR A 58 28.99 9.33 10.16
CA THR A 58 28.31 10.13 11.14
C THR A 58 27.73 11.41 10.49
N SER A 59 26.51 11.75 10.87
CA SER A 59 25.84 12.94 10.37
C SER A 59 25.59 13.92 11.53
N ALA A 60 25.59 15.22 11.27
CA ALA A 60 25.40 16.23 12.32
C ALA A 60 23.97 16.21 12.85
N ILE A 61 23.79 16.70 14.06
CA ILE A 61 22.49 16.67 14.73
C ILE A 61 21.52 17.64 14.05
N THR A 62 22.07 18.63 13.41
CA THR A 62 21.28 19.61 12.72
C THR A 62 21.17 19.23 11.21
N ASN A 63 21.76 18.10 10.84
CA ASN A 63 21.66 17.60 9.47
C ASN A 63 20.35 16.91 9.31
N VAL A 64 19.73 17.11 8.20
CA VAL A 64 18.44 16.51 7.97
C VAL A 64 18.64 15.08 7.58
N VAL A 65 18.23 14.18 8.43
CA VAL A 65 18.32 12.79 8.10
C VAL A 65 17.06 12.42 7.36
N ILE A 66 17.22 12.00 6.14
CA ILE A 66 16.10 11.58 5.37
C ILE A 66 15.96 10.10 5.52
N ILE A 67 14.84 9.68 5.97
CA ILE A 67 14.56 8.30 6.19
C ILE A 67 13.51 7.86 5.16
N ILE A 68 13.83 6.81 4.42
CA ILE A 68 12.95 6.33 3.38
C ILE A 68 12.22 5.07 3.84
N VAL A 69 10.92 5.15 3.86
CA VAL A 69 10.08 4.06 4.31
C VAL A 69 9.62 3.24 3.11
N GLY A 70 9.50 1.95 3.31
CA GLY A 70 9.02 1.10 2.28
C GLY A 70 7.52 0.99 2.31
N SER A 71 6.89 1.63 1.38
CA SER A 71 5.46 1.58 1.26
C SER A 71 5.12 0.74 0.06
N GLY A 72 4.12 -0.07 0.19
CA GLY A 72 3.77 -0.95 -0.89
C GLY A 72 2.50 -0.52 -1.55
N PRO A 73 2.16 -1.11 -2.69
CA PRO A 73 0.92 -0.81 -3.36
C PRO A 73 -0.26 -1.43 -2.63
N ALA A 74 -1.18 -0.60 -2.22
CA ALA A 74 -2.37 -1.06 -1.57
C ALA A 74 -3.34 -1.47 -2.66
N THR A 75 -3.13 -2.65 -3.18
CA THR A 75 -3.87 -3.14 -4.30
C THR A 75 -4.28 -4.58 -4.07
N LYS A 76 -5.25 -5.03 -4.85
CA LYS A 76 -5.75 -6.37 -4.82
C LYS A 76 -6.07 -6.80 -6.24
N ASP A 77 -5.61 -7.98 -6.61
CA ASP A 77 -5.95 -8.58 -7.88
C ASP A 77 -7.31 -9.22 -7.75
N ILE A 78 -8.12 -9.06 -8.75
CA ILE A 78 -9.46 -9.60 -8.68
C ILE A 78 -9.56 -10.92 -9.41
N PRO A 79 -10.27 -11.87 -8.82
CA PRO A 79 -10.57 -13.12 -9.49
C PRO A 79 -11.83 -12.96 -10.35
N ASP A 80 -12.27 -14.04 -10.96
CA ASP A 80 -13.49 -14.00 -11.76
C ASP A 80 -14.66 -14.02 -10.81
N VAL A 81 -15.55 -13.07 -10.95
CA VAL A 81 -16.68 -12.97 -10.06
C VAL A 81 -17.98 -12.78 -10.88
N ALA A 82 -17.86 -12.90 -12.17
CA ALA A 82 -18.99 -12.69 -13.04
C ALA A 82 -19.70 -14.00 -13.34
N GLY A 83 -20.94 -13.91 -13.77
CA GLY A 83 -21.73 -15.08 -14.07
C GLY A 83 -22.56 -15.43 -12.88
N GLN A 84 -22.29 -14.74 -11.81
CA GLN A 84 -22.97 -14.93 -10.58
C GLN A 84 -23.99 -13.83 -10.40
N THR A 85 -24.72 -13.82 -9.33
CA THR A 85 -25.72 -12.81 -9.12
C THR A 85 -25.04 -11.62 -8.43
N VAL A 86 -25.60 -10.43 -8.59
CA VAL A 86 -25.03 -9.21 -8.02
C VAL A 86 -24.78 -9.33 -6.51
N ASP A 87 -25.74 -9.90 -5.81
CA ASP A 87 -25.67 -10.06 -4.38
C ASP A 87 -24.57 -11.02 -3.98
N VAL A 88 -24.44 -12.12 -4.71
CA VAL A 88 -23.45 -13.11 -4.34
C VAL A 88 -22.05 -12.66 -4.73
N ALA A 89 -21.98 -11.99 -5.85
CA ALA A 89 -20.73 -11.47 -6.37
C ALA A 89 -20.14 -10.44 -5.44
N GLN A 90 -20.96 -9.48 -5.00
CA GLN A 90 -20.48 -8.43 -4.11
C GLN A 90 -20.06 -9.01 -2.80
N LYS A 91 -20.76 -10.03 -2.35
CA LYS A 91 -20.42 -10.69 -1.09
C LYS A 91 -19.06 -11.34 -1.20
N ASN A 92 -18.89 -12.17 -2.24
CA ASN A 92 -17.64 -12.89 -2.42
C ASN A 92 -16.51 -11.91 -2.66
N LEU A 93 -16.76 -10.91 -3.47
CA LEU A 93 -15.76 -9.93 -3.79
C LEU A 93 -15.36 -9.14 -2.55
N ASN A 94 -16.31 -8.84 -1.69
CA ASN A 94 -16.04 -8.09 -0.44
C ASN A 94 -15.06 -8.85 0.44
N VAL A 95 -15.30 -10.14 0.59
CA VAL A 95 -14.49 -11.01 1.43
C VAL A 95 -13.09 -11.22 0.82
N TYR A 96 -12.97 -11.11 -0.48
CA TYR A 96 -11.71 -11.38 -1.12
C TYR A 96 -11.24 -10.16 -1.87
N GLY A 97 -11.70 -9.01 -1.44
CA GLY A 97 -11.41 -7.84 -2.20
C GLY A 97 -11.63 -6.52 -1.52
N PHE A 98 -12.64 -5.82 -1.98
CA PHE A 98 -12.82 -4.41 -1.68
C PHE A 98 -14.07 -4.18 -0.89
N THR A 99 -14.28 -2.96 -0.52
CA THR A 99 -15.44 -2.59 0.23
C THR A 99 -16.27 -1.56 -0.57
N LYS A 100 -15.67 -0.92 -1.55
CA LYS A 100 -16.39 0.06 -2.30
C LYS A 100 -16.71 -0.45 -3.68
N PHE A 101 -18.00 -0.58 -3.92
CA PHE A 101 -18.49 -1.10 -5.15
C PHE A 101 -19.37 -0.08 -5.79
N SER A 102 -19.20 0.10 -7.03
CA SER A 102 -20.01 0.96 -7.81
C SER A 102 -20.70 0.05 -8.80
N GLN A 103 -21.87 0.40 -9.25
CA GLN A 103 -22.60 -0.47 -10.12
C GLN A 103 -22.90 0.20 -11.42
N ALA A 104 -22.56 -0.48 -12.47
CA ALA A 104 -22.81 -0.01 -13.78
C ALA A 104 -23.82 -0.94 -14.40
N SER A 105 -24.79 -0.39 -15.03
CA SER A 105 -25.83 -1.14 -15.63
C SER A 105 -25.47 -1.50 -17.04
N VAL A 106 -25.52 -2.75 -17.34
CA VAL A 106 -25.25 -3.21 -18.67
C VAL A 106 -26.47 -3.95 -19.13
N ASP A 107 -26.65 -4.04 -20.41
CA ASP A 107 -27.87 -4.60 -20.89
C ASP A 107 -27.90 -6.08 -20.87
N SER A 108 -28.85 -6.57 -20.11
CA SER A 108 -29.10 -7.96 -19.88
C SER A 108 -29.44 -8.65 -21.19
N PRO A 109 -28.90 -9.84 -21.43
CA PRO A 109 -29.31 -10.61 -22.57
C PRO A 109 -30.64 -11.28 -22.23
N ARG A 110 -30.60 -12.46 -21.64
CA ARG A 110 -31.80 -13.07 -21.15
C ARG A 110 -31.92 -12.92 -19.62
N PRO A 111 -30.92 -13.37 -18.79
CA PRO A 111 -31.00 -13.19 -17.35
C PRO A 111 -30.70 -11.76 -16.97
N ALA A 112 -31.29 -11.31 -15.89
CA ALA A 112 -31.06 -9.97 -15.39
C ALA A 112 -30.77 -10.07 -13.92
N GLY A 113 -29.70 -9.48 -13.49
CA GLY A 113 -29.31 -9.55 -12.10
C GLY A 113 -27.98 -10.26 -11.95
N GLU A 114 -27.50 -10.80 -13.05
CA GLU A 114 -26.23 -11.47 -13.08
C GLU A 114 -25.14 -10.44 -13.30
N VAL A 115 -24.01 -10.68 -12.74
CA VAL A 115 -22.88 -9.88 -12.99
C VAL A 115 -22.34 -10.29 -14.33
N THR A 116 -22.39 -9.42 -15.25
CA THR A 116 -21.99 -9.70 -16.59
C THR A 116 -20.50 -9.42 -16.75
N GLY A 117 -19.98 -8.50 -15.96
CA GLY A 117 -18.59 -8.21 -16.02
C GLY A 117 -18.20 -7.20 -15.00
N THR A 118 -16.98 -6.79 -15.06
CA THR A 118 -16.44 -5.77 -14.22
C THR A 118 -15.64 -4.84 -15.09
N ASN A 119 -15.40 -3.64 -14.60
CA ASN A 119 -14.63 -2.66 -15.37
C ASN A 119 -13.18 -3.16 -15.59
N PRO A 120 -12.42 -3.53 -14.52
CA PRO A 120 -11.15 -4.22 -14.71
C PRO A 120 -11.40 -5.72 -14.90
N PRO A 121 -10.72 -6.38 -15.83
CA PRO A 121 -10.87 -7.81 -16.04
C PRO A 121 -10.22 -8.63 -14.91
N ALA A 122 -10.64 -9.87 -14.76
CA ALA A 122 -10.08 -10.76 -13.77
C ALA A 122 -8.60 -10.97 -14.03
N GLY A 123 -7.81 -10.90 -12.98
CA GLY A 123 -6.39 -11.02 -13.09
C GLY A 123 -5.71 -9.68 -12.88
N THR A 124 -6.41 -8.61 -13.22
CA THR A 124 -5.91 -7.27 -13.07
C THR A 124 -5.89 -6.86 -11.59
N THR A 125 -4.82 -6.23 -11.20
CA THR A 125 -4.63 -5.78 -9.86
C THR A 125 -4.93 -4.29 -9.78
N VAL A 126 -5.87 -3.92 -8.93
CA VAL A 126 -6.28 -2.54 -8.79
C VAL A 126 -6.19 -2.09 -7.33
N PRO A 127 -6.09 -0.76 -7.06
CA PRO A 127 -5.95 -0.24 -5.70
C PRO A 127 -7.16 -0.50 -4.83
N VAL A 128 -6.90 -0.95 -3.61
CA VAL A 128 -7.94 -1.24 -2.62
C VAL A 128 -8.64 0.04 -2.16
N ASP A 129 -7.95 1.14 -2.33
CA ASP A 129 -8.48 2.44 -1.95
C ASP A 129 -9.34 3.02 -3.06
N SER A 130 -9.49 2.28 -4.13
CA SER A 130 -10.24 2.72 -5.26
C SER A 130 -11.59 2.01 -5.25
N VAL A 131 -12.54 2.55 -5.98
CA VAL A 131 -13.86 1.98 -6.06
C VAL A 131 -13.92 1.13 -7.32
N ILE A 132 -14.39 -0.09 -7.19
CA ILE A 132 -14.47 -0.98 -8.32
C ILE A 132 -15.87 -0.92 -8.95
N GLU A 133 -15.94 -1.06 -10.25
CA GLU A 133 -17.16 -0.98 -10.96
C GLU A 133 -17.62 -2.37 -11.33
N LEU A 134 -18.75 -2.74 -10.78
CA LEU A 134 -19.38 -4.00 -11.03
C LEU A 134 -20.40 -3.76 -12.13
N GLN A 135 -20.31 -4.51 -13.19
CA GLN A 135 -21.19 -4.31 -14.31
C GLN A 135 -22.23 -5.40 -14.29
N VAL A 136 -23.38 -5.03 -13.84
CA VAL A 136 -24.47 -5.93 -13.63
C VAL A 136 -25.51 -5.78 -14.71
N SER A 137 -26.02 -6.91 -15.17
CA SER A 137 -27.09 -6.93 -16.13
C SER A 137 -28.30 -6.25 -15.51
N LYS A 138 -28.72 -5.20 -16.11
CA LYS A 138 -29.78 -4.45 -15.61
C LYS A 138 -30.77 -4.23 -16.74
N GLY A 4 34.14 20.13 17.57
CA GLY A 4 34.28 18.75 17.99
C GLY A 4 33.20 17.89 17.39
N PRO A 5 33.33 16.56 17.43
CA PRO A 5 32.36 15.68 16.82
C PRO A 5 31.03 15.67 17.53
N GLU A 6 29.98 15.81 16.77
CA GLU A 6 28.65 15.72 17.28
C GLU A 6 27.84 14.79 16.42
N GLN A 7 28.53 14.12 15.53
CA GLN A 7 27.89 13.31 14.54
C GLN A 7 27.55 11.97 15.13
N ARG A 8 26.46 11.42 14.70
CA ARG A 8 26.00 10.18 15.23
C ARG A 8 25.65 9.26 14.06
N GLU A 9 25.74 7.99 14.29
CA GLU A 9 25.56 6.99 13.25
C GLU A 9 24.07 6.62 13.10
N ILE A 10 23.64 6.40 11.87
CA ILE A 10 22.28 5.96 11.61
C ILE A 10 22.22 4.43 11.81
N PRO A 11 21.24 3.93 12.58
CA PRO A 11 21.11 2.51 12.88
C PRO A 11 20.67 1.66 11.70
N ASP A 12 20.93 0.37 11.80
CA ASP A 12 20.60 -0.58 10.78
C ASP A 12 19.33 -1.36 11.17
N VAL A 13 18.77 -1.03 12.35
CA VAL A 13 17.56 -1.71 12.85
C VAL A 13 16.31 -1.13 12.19
N SER A 14 16.54 -0.21 11.30
CA SER A 14 15.53 0.42 10.51
C SER A 14 14.85 -0.61 9.62
N THR A 15 15.63 -1.61 9.23
CA THR A 15 15.16 -2.70 8.45
C THR A 15 14.05 -3.48 9.21
N LEU A 16 14.10 -3.43 10.54
CA LEU A 16 13.17 -4.20 11.32
C LEU A 16 11.81 -3.52 11.33
N THR A 17 11.78 -2.22 11.58
CA THR A 17 10.53 -1.48 11.58
C THR A 17 10.86 0.03 11.53
N TYR A 18 9.99 0.80 10.88
CA TYR A 18 10.05 2.27 10.83
C TYR A 18 10.20 2.87 12.24
N ALA A 19 9.33 2.42 13.16
CA ALA A 19 9.37 2.88 14.54
C ALA A 19 10.75 2.67 15.16
N GLU A 20 11.33 1.49 14.92
CA GLU A 20 12.62 1.12 15.47
C GLU A 20 13.71 2.06 15.01
N ALA A 21 13.67 2.41 13.73
CA ALA A 21 14.62 3.36 13.15
C ALA A 21 14.52 4.70 13.85
N VAL A 22 13.31 5.18 13.93
CA VAL A 22 13.02 6.48 14.46
C VAL A 22 13.38 6.59 15.94
N LYS A 23 12.97 5.62 16.75
CA LYS A 23 13.22 5.65 18.19
C LYS A 23 14.70 5.69 18.49
N LYS A 24 15.44 4.83 17.80
CA LYS A 24 16.87 4.75 17.98
C LYS A 24 17.55 6.02 17.52
N LEU A 25 17.16 6.51 16.35
CA LEU A 25 17.77 7.69 15.76
C LEU A 25 17.41 8.95 16.56
N THR A 26 16.20 8.97 17.08
CA THR A 26 15.74 10.05 17.92
C THR A 26 16.58 10.09 19.20
N ALA A 27 16.86 8.92 19.77
CA ALA A 27 17.69 8.81 20.95
C ALA A 27 19.15 9.11 20.61
N ALA A 28 19.49 9.05 19.33
CA ALA A 28 20.84 9.32 18.86
C ALA A 28 21.08 10.83 18.78
N GLY A 29 20.01 11.59 18.87
CA GLY A 29 20.14 13.01 18.94
C GLY A 29 19.51 13.73 17.79
N PHE A 30 19.08 13.01 16.79
CA PHE A 30 18.49 13.61 15.62
C PHE A 30 17.07 14.04 15.89
N GLY A 31 16.76 15.25 15.52
CA GLY A 31 15.44 15.77 15.69
C GLY A 31 14.95 16.43 14.44
N ARG A 32 15.67 16.19 13.35
CA ARG A 32 15.32 16.74 12.08
C ARG A 32 15.05 15.59 11.12
N PHE A 33 13.82 15.47 10.66
CA PHE A 33 13.42 14.35 9.86
C PHE A 33 12.62 14.79 8.65
N LYS A 34 12.65 13.97 7.66
CA LYS A 34 11.83 14.07 6.50
C LYS A 34 11.50 12.66 6.09
N GLN A 35 10.24 12.35 6.02
CA GLN A 35 9.83 11.03 5.65
C GLN A 35 9.63 10.94 4.14
N ALA A 36 10.18 9.91 3.57
CA ALA A 36 10.03 9.64 2.17
C ALA A 36 9.47 8.25 2.00
N ASN A 37 8.63 8.06 1.03
CA ASN A 37 8.06 6.76 0.77
C ASN A 37 8.44 6.31 -0.61
N SER A 38 8.66 5.04 -0.76
CA SER A 38 8.97 4.47 -2.02
C SER A 38 8.26 3.13 -2.10
N PRO A 39 7.61 2.80 -3.24
CA PRO A 39 6.93 1.54 -3.39
C PRO A 39 7.95 0.41 -3.39
N SER A 40 7.79 -0.50 -2.48
CA SER A 40 8.72 -1.56 -2.32
C SER A 40 8.01 -2.90 -2.41
N THR A 41 8.79 -3.95 -2.38
CA THR A 41 8.31 -5.28 -2.39
C THR A 41 7.49 -5.49 -1.11
N PRO A 42 6.39 -6.25 -1.20
CA PRO A 42 5.46 -6.48 -0.08
C PRO A 42 6.16 -6.93 1.20
N GLU A 43 7.25 -7.64 1.06
CA GLU A 43 7.99 -8.15 2.21
C GLU A 43 8.64 -7.01 3.00
N LEU A 44 8.94 -5.92 2.34
CA LEU A 44 9.62 -4.81 2.99
C LEU A 44 8.69 -3.66 3.30
N VAL A 45 7.41 -3.80 2.94
CA VAL A 45 6.43 -2.78 3.26
C VAL A 45 6.33 -2.61 4.79
N GLY A 46 6.46 -1.38 5.25
CA GLY A 46 6.39 -1.08 6.68
C GLY A 46 7.76 -1.08 7.33
N LYS A 47 8.75 -1.41 6.55
CA LYS A 47 10.12 -1.49 7.01
C LYS A 47 10.93 -0.43 6.30
N VAL A 48 12.00 0.01 6.89
CA VAL A 48 12.82 1.03 6.28
C VAL A 48 13.76 0.36 5.27
N ILE A 49 13.86 0.94 4.10
CA ILE A 49 14.69 0.37 3.07
C ILE A 49 16.04 1.06 3.04
N GLY A 50 16.10 2.26 3.58
CA GLY A 50 17.33 2.98 3.65
C GLY A 50 17.12 4.40 4.08
N THR A 51 18.18 5.04 4.43
CA THR A 51 18.13 6.42 4.84
C THR A 51 19.02 7.25 3.93
N ASN A 52 18.73 8.52 3.84
CA ASN A 52 19.55 9.45 3.08
C ASN A 52 20.91 9.71 3.79
N PRO A 53 20.93 10.03 5.12
CA PRO A 53 22.21 10.08 5.85
C PRO A 53 22.73 8.65 6.04
N PRO A 54 24.04 8.45 5.90
CA PRO A 54 24.66 7.12 5.93
C PRO A 54 24.50 6.38 7.27
N ALA A 55 24.31 5.10 7.17
CA ALA A 55 24.21 4.22 8.32
C ALA A 55 25.60 3.70 8.66
N ASN A 56 26.55 3.99 7.81
CA ASN A 56 27.93 3.57 8.00
C ASN A 56 28.77 4.68 8.57
N GLN A 57 28.38 5.91 8.28
CA GLN A 57 29.13 7.06 8.75
C GLN A 57 28.27 7.92 9.63
N THR A 58 28.89 8.60 10.54
CA THR A 58 28.20 9.45 11.45
C THR A 58 27.75 10.73 10.74
N SER A 59 26.52 11.09 10.92
CA SER A 59 25.94 12.26 10.32
C SER A 59 25.75 13.33 11.39
N ALA A 60 25.80 14.60 11.01
CA ALA A 60 25.73 15.67 11.96
C ALA A 60 24.32 15.79 12.46
N ILE A 61 24.15 16.28 13.67
CA ILE A 61 22.84 16.38 14.28
C ILE A 61 21.98 17.44 13.55
N THR A 62 22.64 18.27 12.80
CA THR A 62 21.99 19.31 12.06
C THR A 62 21.65 18.83 10.63
N ASN A 63 21.87 17.54 10.37
CA ASN A 63 21.52 16.97 9.08
C ASN A 63 20.06 16.60 9.09
N VAL A 64 19.39 16.85 8.01
CA VAL A 64 18.00 16.46 7.90
C VAL A 64 17.98 15.00 7.53
N VAL A 65 17.38 14.19 8.33
CA VAL A 65 17.35 12.80 8.00
C VAL A 65 16.18 12.52 7.11
N ILE A 66 16.45 12.07 5.93
CA ILE A 66 15.42 11.63 5.06
C ILE A 66 15.34 10.14 5.22
N ILE A 67 14.27 9.70 5.77
CA ILE A 67 14.08 8.31 6.04
C ILE A 67 13.08 7.74 5.04
N ILE A 68 13.52 6.73 4.34
CA ILE A 68 12.75 6.16 3.26
C ILE A 68 12.10 4.86 3.71
N VAL A 69 10.81 4.85 3.74
CA VAL A 69 10.05 3.71 4.17
C VAL A 69 9.62 2.91 2.97
N GLY A 70 9.73 1.59 3.08
CA GLY A 70 9.21 0.73 2.07
C GLY A 70 7.71 0.77 2.16
N SER A 71 7.11 1.38 1.22
CA SER A 71 5.73 1.63 1.29
C SER A 71 4.98 0.80 0.24
N GLY A 72 3.75 0.48 0.56
CA GLY A 72 2.91 -0.24 -0.33
C GLY A 72 1.48 0.18 -0.14
N PRO A 73 0.79 0.61 -1.20
CA PRO A 73 -0.62 1.00 -1.12
C PRO A 73 -1.50 -0.24 -0.94
N ALA A 74 -2.67 -0.05 -0.40
CA ALA A 74 -3.55 -1.17 -0.17
C ALA A 74 -4.30 -1.51 -1.45
N THR A 75 -3.70 -2.33 -2.26
CA THR A 75 -4.26 -2.73 -3.51
C THR A 75 -4.33 -4.25 -3.59
N LYS A 76 -5.24 -4.74 -4.41
CA LYS A 76 -5.39 -6.16 -4.65
C LYS A 76 -5.69 -6.40 -6.12
N ASP A 77 -5.24 -7.53 -6.60
CA ASP A 77 -5.47 -7.94 -7.98
C ASP A 77 -6.85 -8.51 -8.05
N ILE A 78 -7.66 -8.01 -8.92
CA ILE A 78 -9.01 -8.49 -9.01
C ILE A 78 -9.07 -9.80 -9.79
N PRO A 79 -9.78 -10.80 -9.25
CA PRO A 79 -9.93 -12.07 -9.93
C PRO A 79 -11.12 -12.05 -10.88
N ASP A 80 -11.46 -13.20 -11.40
CA ASP A 80 -12.62 -13.34 -12.26
C ASP A 80 -13.83 -13.59 -11.38
N VAL A 81 -14.59 -12.55 -11.15
CA VAL A 81 -15.69 -12.63 -10.21
C VAL A 81 -16.99 -12.81 -11.00
N ALA A 82 -16.86 -12.75 -12.30
CA ALA A 82 -17.98 -12.85 -13.19
C ALA A 82 -18.53 -14.26 -13.20
N GLY A 83 -19.83 -14.39 -13.36
CA GLY A 83 -20.42 -15.70 -13.45
C GLY A 83 -21.27 -16.02 -12.26
N GLN A 84 -21.04 -15.32 -11.19
CA GLN A 84 -21.84 -15.49 -9.99
C GLN A 84 -22.99 -14.50 -10.04
N THR A 85 -23.74 -14.36 -8.97
CA THR A 85 -24.82 -13.42 -8.97
C THR A 85 -24.19 -12.07 -8.58
N VAL A 86 -24.80 -10.97 -8.96
CA VAL A 86 -24.24 -9.66 -8.66
C VAL A 86 -24.18 -9.41 -7.16
N ASP A 87 -25.22 -9.81 -6.48
CA ASP A 87 -25.33 -9.69 -5.04
C ASP A 87 -24.26 -10.55 -4.33
N VAL A 88 -24.06 -11.78 -4.79
CA VAL A 88 -23.08 -12.64 -4.13
C VAL A 88 -21.65 -12.22 -4.46
N ALA A 89 -21.46 -11.76 -5.68
CA ALA A 89 -20.15 -11.33 -6.16
C ALA A 89 -19.61 -10.19 -5.34
N GLN A 90 -20.43 -9.17 -5.14
CA GLN A 90 -20.02 -8.00 -4.40
C GLN A 90 -19.75 -8.36 -2.94
N LYS A 91 -20.56 -9.27 -2.40
CA LYS A 91 -20.38 -9.73 -1.02
C LYS A 91 -19.05 -10.42 -0.82
N ASN A 92 -18.73 -11.37 -1.70
CA ASN A 92 -17.45 -12.07 -1.59
C ASN A 92 -16.31 -11.12 -1.79
N LEU A 93 -16.40 -10.31 -2.83
CA LEU A 93 -15.35 -9.39 -3.18
C LEU A 93 -15.11 -8.37 -2.06
N ASN A 94 -16.16 -7.93 -1.42
CA ASN A 94 -16.11 -6.99 -0.28
C ASN A 94 -15.26 -7.57 0.85
N VAL A 95 -15.43 -8.84 1.09
CA VAL A 95 -14.71 -9.54 2.15
C VAL A 95 -13.24 -9.79 1.76
N TYR A 96 -12.98 -9.98 0.48
CA TYR A 96 -11.63 -10.33 0.05
C TYR A 96 -11.00 -9.17 -0.68
N GLY A 97 -11.61 -8.02 -0.60
CA GLY A 97 -11.17 -6.98 -1.45
C GLY A 97 -11.55 -5.58 -1.07
N PHE A 98 -12.58 -5.10 -1.71
CA PHE A 98 -12.86 -3.69 -1.77
C PHE A 98 -13.95 -3.28 -0.85
N THR A 99 -13.92 -2.04 -0.49
CA THR A 99 -14.91 -1.51 0.37
C THR A 99 -15.99 -0.72 -0.39
N LYS A 100 -15.59 -0.03 -1.45
CA LYS A 100 -16.51 0.80 -2.18
C LYS A 100 -16.81 0.18 -3.54
N PHE A 101 -18.09 0.13 -3.86
CA PHE A 101 -18.56 -0.49 -5.07
C PHE A 101 -19.49 0.46 -5.80
N SER A 102 -19.50 0.38 -7.09
CA SER A 102 -20.43 1.07 -7.92
C SER A 102 -20.79 0.17 -9.06
N GLN A 103 -21.90 0.38 -9.69
CA GLN A 103 -22.36 -0.50 -10.71
C GLN A 103 -22.54 0.21 -12.03
N ALA A 104 -22.36 -0.52 -13.08
CA ALA A 104 -22.61 -0.07 -14.41
C ALA A 104 -23.56 -1.06 -15.01
N SER A 105 -24.55 -0.58 -15.68
CA SER A 105 -25.56 -1.41 -16.23
C SER A 105 -25.19 -1.89 -17.62
N VAL A 106 -25.24 -3.18 -17.82
CA VAL A 106 -24.89 -3.77 -19.09
C VAL A 106 -26.06 -4.56 -19.63
N ASP A 107 -26.03 -4.82 -20.89
CA ASP A 107 -27.11 -5.47 -21.59
C ASP A 107 -27.06 -6.99 -21.44
N SER A 108 -28.05 -7.50 -20.76
CA SER A 108 -28.28 -8.91 -20.64
C SER A 108 -29.60 -9.23 -21.34
N PRO A 109 -29.57 -10.04 -22.40
CA PRO A 109 -30.72 -10.27 -23.27
C PRO A 109 -31.89 -11.00 -22.62
N ARG A 110 -31.62 -11.99 -21.79
CA ARG A 110 -32.69 -12.77 -21.22
C ARG A 110 -32.73 -12.79 -19.66
N PRO A 111 -32.04 -13.71 -18.91
CA PRO A 111 -32.01 -13.59 -17.45
C PRO A 111 -31.06 -12.47 -17.03
N ALA A 112 -31.32 -11.91 -15.87
CA ALA A 112 -30.50 -10.87 -15.31
C ALA A 112 -30.28 -11.19 -13.86
N GLY A 113 -29.26 -10.61 -13.29
CA GLY A 113 -28.94 -10.86 -11.91
C GLY A 113 -27.52 -11.34 -11.77
N GLU A 114 -26.94 -11.78 -12.86
CA GLU A 114 -25.59 -12.28 -12.84
C GLU A 114 -24.61 -11.13 -12.92
N VAL A 115 -23.48 -11.30 -12.29
CA VAL A 115 -22.44 -10.33 -12.43
C VAL A 115 -21.81 -10.57 -13.78
N THR A 116 -21.94 -9.61 -14.62
CA THR A 116 -21.49 -9.74 -15.97
C THR A 116 -19.97 -9.52 -16.06
N GLY A 117 -19.42 -8.84 -15.06
CA GLY A 117 -18.00 -8.63 -15.01
C GLY A 117 -17.63 -7.46 -14.15
N THR A 118 -16.40 -7.06 -14.24
CA THR A 118 -15.90 -5.91 -13.55
C THR A 118 -15.43 -4.89 -14.57
N ASN A 119 -15.31 -3.65 -14.18
CA ASN A 119 -14.81 -2.61 -15.08
C ASN A 119 -13.36 -2.90 -15.54
N PRO A 120 -12.39 -3.15 -14.61
CA PRO A 120 -11.06 -3.57 -15.01
C PRO A 120 -11.06 -5.08 -15.23
N PRO A 121 -10.18 -5.60 -16.09
CA PRO A 121 -10.08 -7.03 -16.33
C PRO A 121 -9.42 -7.79 -15.17
N ALA A 122 -9.68 -9.07 -15.08
CA ALA A 122 -9.06 -9.93 -14.09
C ALA A 122 -7.54 -9.86 -14.21
N GLY A 123 -6.89 -9.64 -13.09
CA GLY A 123 -5.46 -9.50 -13.08
C GLY A 123 -5.02 -8.07 -12.83
N THR A 124 -5.95 -7.15 -12.96
CA THR A 124 -5.66 -5.76 -12.69
C THR A 124 -5.71 -5.48 -11.18
N THR A 125 -4.69 -4.82 -10.68
CA THR A 125 -4.64 -4.47 -9.29
C THR A 125 -5.09 -3.01 -9.12
N VAL A 126 -6.04 -2.81 -8.24
CA VAL A 126 -6.58 -1.49 -7.94
C VAL A 126 -6.69 -1.34 -6.42
N PRO A 127 -6.74 -0.09 -5.88
CA PRO A 127 -6.81 0.12 -4.43
C PRO A 127 -8.09 -0.41 -3.82
N VAL A 128 -7.93 -1.13 -2.73
CA VAL A 128 -9.02 -1.79 -2.04
C VAL A 128 -9.97 -0.80 -1.38
N ASP A 129 -9.44 0.36 -1.08
CA ASP A 129 -10.17 1.43 -0.42
C ASP A 129 -10.93 2.25 -1.46
N SER A 130 -10.68 1.94 -2.72
CA SER A 130 -11.24 2.70 -3.79
C SER A 130 -12.56 2.05 -4.25
N VAL A 131 -13.11 2.57 -5.33
CA VAL A 131 -14.38 2.17 -5.83
C VAL A 131 -14.22 1.25 -7.02
N ILE A 132 -14.61 0.01 -6.88
CA ILE A 132 -14.56 -0.89 -7.99
C ILE A 132 -15.95 -0.94 -8.64
N GLU A 133 -15.99 -1.04 -9.94
CA GLU A 133 -17.19 -0.99 -10.66
C GLU A 133 -17.58 -2.39 -11.14
N LEU A 134 -18.77 -2.77 -10.77
CA LEU A 134 -19.37 -4.02 -11.18
C LEU A 134 -20.29 -3.83 -12.32
N GLN A 135 -20.17 -4.71 -13.25
CA GLN A 135 -21.00 -4.67 -14.41
C GLN A 135 -22.22 -5.53 -14.12
N VAL A 136 -23.34 -4.90 -13.96
CA VAL A 136 -24.54 -5.56 -13.56
C VAL A 136 -25.52 -5.68 -14.72
N SER A 137 -26.08 -6.85 -14.83
CA SER A 137 -27.04 -7.19 -15.81
C SER A 137 -28.32 -6.36 -15.69
N LYS A 138 -28.62 -5.60 -16.71
CA LYS A 138 -29.80 -4.81 -16.72
C LYS A 138 -30.84 -5.49 -17.59
N GLY A 4 34.31 15.27 20.36
CA GLY A 4 34.69 15.33 18.96
C GLY A 4 33.55 15.84 18.13
N PRO A 5 33.53 15.54 16.82
CA PRO A 5 32.45 15.96 15.92
C PRO A 5 31.09 15.38 16.32
N GLU A 6 30.04 16.06 15.96
CA GLU A 6 28.66 15.67 16.31
C GLU A 6 28.11 14.62 15.32
N GLN A 7 28.94 13.72 14.89
CA GLN A 7 28.53 12.74 13.91
C GLN A 7 28.14 11.44 14.58
N ARG A 8 26.93 11.02 14.34
CA ARG A 8 26.40 9.82 14.91
C ARG A 8 25.99 8.83 13.85
N GLU A 9 26.14 7.58 14.19
CA GLU A 9 25.80 6.48 13.32
C GLU A 9 24.35 6.09 13.51
N ILE A 10 23.69 5.76 12.43
CA ILE A 10 22.29 5.36 12.51
C ILE A 10 22.19 3.90 13.01
N PRO A 11 21.53 3.65 14.16
CA PRO A 11 21.35 2.30 14.72
C PRO A 11 20.33 1.50 13.91
N ASP A 12 20.58 0.22 13.74
CA ASP A 12 19.71 -0.58 12.93
C ASP A 12 18.58 -1.18 13.69
N VAL A 13 17.62 -0.36 13.91
CA VAL A 13 16.33 -0.77 14.38
C VAL A 13 15.36 -0.42 13.27
N SER A 14 15.98 0.05 12.20
CA SER A 14 15.36 0.45 10.96
C SER A 14 14.66 -0.75 10.34
N THR A 15 15.34 -1.88 10.41
CA THR A 15 14.85 -3.15 9.97
C THR A 15 13.53 -3.53 10.70
N LEU A 16 13.33 -3.02 11.91
CA LEU A 16 12.18 -3.43 12.70
C LEU A 16 10.96 -2.59 12.34
N THR A 17 11.12 -1.28 12.25
CA THR A 17 10.02 -0.39 11.89
C THR A 17 10.56 1.01 11.64
N TYR A 18 9.84 1.77 10.82
CA TYR A 18 10.08 3.19 10.62
C TYR A 18 10.12 3.91 11.97
N ALA A 19 9.10 3.65 12.79
CA ALA A 19 8.96 4.25 14.11
C ALA A 19 10.17 3.98 14.98
N GLU A 20 10.66 2.74 14.94
CA GLU A 20 11.78 2.32 15.77
C GLU A 20 13.01 3.14 15.47
N ALA A 21 13.30 3.30 14.19
CA ALA A 21 14.47 4.02 13.75
C ALA A 21 14.36 5.49 14.07
N VAL A 22 13.24 6.08 13.72
CA VAL A 22 13.04 7.51 13.90
C VAL A 22 13.13 7.90 15.37
N LYS A 23 12.43 7.18 16.24
CA LYS A 23 12.43 7.48 17.66
C LYS A 23 13.81 7.31 18.26
N LYS A 24 14.48 6.22 17.92
CA LYS A 24 15.79 5.95 18.44
C LYS A 24 16.81 6.95 17.92
N LEU A 25 16.71 7.29 16.65
CA LEU A 25 17.62 8.25 16.05
C LEU A 25 17.36 9.65 16.61
N THR A 26 16.10 9.91 16.93
CA THR A 26 15.70 11.12 17.61
C THR A 26 16.41 11.21 18.96
N ALA A 27 16.44 10.09 19.67
CA ALA A 27 17.10 9.99 20.96
C ALA A 27 18.62 10.09 20.81
N ALA A 28 19.12 9.83 19.61
CA ALA A 28 20.55 9.92 19.36
C ALA A 28 20.96 11.38 19.14
N GLY A 29 19.97 12.23 18.95
CA GLY A 29 20.23 13.64 18.83
C GLY A 29 19.62 14.25 17.61
N PHE A 30 19.28 13.43 16.64
CA PHE A 30 18.73 13.92 15.39
C PHE A 30 17.30 14.38 15.59
N GLY A 31 17.00 15.51 15.02
CA GLY A 31 15.67 16.06 15.14
C GLY A 31 15.16 16.58 13.80
N ARG A 32 16.04 16.70 12.83
CA ARG A 32 15.64 17.17 11.52
C ARG A 32 15.54 16.00 10.58
N PHE A 33 14.33 15.76 10.12
CA PHE A 33 14.04 14.62 9.27
C PHE A 33 13.32 15.03 8.00
N LYS A 34 13.29 14.13 7.07
CA LYS A 34 12.52 14.23 5.87
C LYS A 34 12.12 12.80 5.55
N GLN A 35 10.85 12.56 5.39
CA GLN A 35 10.34 11.24 5.15
C GLN A 35 10.18 10.97 3.65
N ALA A 36 10.72 9.89 3.21
CA ALA A 36 10.65 9.46 1.86
C ALA A 36 10.15 8.04 1.83
N ASN A 37 9.53 7.63 0.76
CA ASN A 37 9.01 6.28 0.66
C ASN A 37 9.29 5.72 -0.71
N SER A 38 9.42 4.43 -0.79
CA SER A 38 9.58 3.75 -2.05
C SER A 38 8.79 2.46 -2.01
N PRO A 39 8.26 1.99 -3.15
CA PRO A 39 7.49 0.75 -3.21
C PRO A 39 8.37 -0.46 -2.89
N SER A 40 7.92 -1.27 -2.00
CA SER A 40 8.64 -2.42 -1.60
C SER A 40 7.65 -3.57 -1.38
N THR A 41 8.18 -4.74 -1.14
CA THR A 41 7.43 -5.90 -0.85
C THR A 41 6.72 -5.71 0.50
N PRO A 42 5.50 -6.29 0.65
CA PRO A 42 4.66 -6.21 1.86
C PRO A 42 5.42 -6.56 3.13
N GLU A 43 6.42 -7.42 2.99
CA GLU A 43 7.22 -7.86 4.11
C GLU A 43 8.03 -6.69 4.72
N LEU A 44 8.47 -5.77 3.87
CA LEU A 44 9.28 -4.65 4.32
C LEU A 44 8.48 -3.36 4.46
N VAL A 45 7.21 -3.41 4.12
CA VAL A 45 6.33 -2.25 4.27
C VAL A 45 6.25 -1.85 5.75
N GLY A 46 6.51 -0.59 6.03
CA GLY A 46 6.48 -0.10 7.39
C GLY A 46 7.85 -0.11 8.03
N LYS A 47 8.78 -0.77 7.36
CA LYS A 47 10.14 -0.87 7.83
C LYS A 47 10.99 0.09 7.04
N VAL A 48 12.13 0.43 7.57
CA VAL A 48 13.04 1.33 6.91
C VAL A 48 13.86 0.54 5.91
N ILE A 49 13.96 1.03 4.71
CA ILE A 49 14.73 0.34 3.70
C ILE A 49 16.09 1.00 3.49
N GLY A 50 16.18 2.28 3.81
CA GLY A 50 17.43 2.99 3.68
C GLY A 50 17.32 4.41 4.18
N THR A 51 18.43 5.00 4.53
CA THR A 51 18.45 6.38 4.97
C THR A 51 19.44 7.17 4.11
N ASN A 52 19.15 8.44 3.90
CA ASN A 52 20.06 9.31 3.16
C ASN A 52 21.38 9.49 3.93
N PRO A 53 21.38 9.84 5.26
CA PRO A 53 22.60 9.81 6.05
C PRO A 53 22.95 8.35 6.31
N PRO A 54 24.16 7.94 5.95
CA PRO A 54 24.59 6.56 6.06
C PRO A 54 24.63 6.06 7.50
N ALA A 55 24.19 4.84 7.69
CA ALA A 55 24.20 4.21 9.00
C ALA A 55 25.55 3.57 9.24
N ASN A 56 26.28 3.42 8.14
CA ASN A 56 27.60 2.82 8.15
C ASN A 56 28.62 3.84 8.64
N GLN A 57 28.34 5.08 8.33
CA GLN A 57 29.20 6.19 8.70
C GLN A 57 28.52 6.98 9.78
N THR A 58 29.20 7.92 10.35
CA THR A 58 28.59 8.80 11.29
C THR A 58 28.20 10.10 10.58
N SER A 59 27.01 10.57 10.81
CA SER A 59 26.50 11.77 10.18
C SER A 59 26.24 12.83 11.25
N ALA A 60 26.55 14.09 10.95
CA ALA A 60 26.38 15.16 11.91
C ALA A 60 24.92 15.37 12.27
N ILE A 61 24.68 15.72 13.52
CA ILE A 61 23.33 15.98 14.06
C ILE A 61 22.63 17.08 13.28
N THR A 62 23.41 18.01 12.77
CA THR A 62 22.91 19.14 12.02
C THR A 62 22.52 18.74 10.57
N ASN A 63 22.52 17.46 10.29
CA ASN A 63 22.13 16.96 8.98
C ASN A 63 20.67 16.57 8.99
N VAL A 64 20.02 16.80 7.88
CA VAL A 64 18.65 16.39 7.71
C VAL A 64 18.62 14.91 7.38
N VAL A 65 17.94 14.14 8.18
CA VAL A 65 17.87 12.75 7.92
C VAL A 65 16.71 12.50 7.00
N ILE A 66 17.01 12.01 5.85
CA ILE A 66 15.99 11.63 4.94
C ILE A 66 15.84 10.14 5.08
N ILE A 67 14.75 9.73 5.61
CA ILE A 67 14.54 8.35 5.87
C ILE A 67 13.59 7.78 4.83
N ILE A 68 14.03 6.72 4.17
CA ILE A 68 13.26 6.09 3.14
C ILE A 68 12.55 4.86 3.72
N VAL A 69 11.25 4.90 3.72
CA VAL A 69 10.43 3.84 4.27
C VAL A 69 9.99 2.92 3.14
N GLY A 70 9.93 1.65 3.45
CA GLY A 70 9.40 0.70 2.52
C GLY A 70 7.90 0.83 2.55
N SER A 71 7.33 1.26 1.48
CA SER A 71 5.94 1.47 1.41
C SER A 71 5.35 0.54 0.39
N GLY A 72 4.11 0.21 0.56
CA GLY A 72 3.47 -0.70 -0.34
C GLY A 72 2.16 -0.15 -0.81
N PRO A 73 2.05 0.23 -2.08
CA PRO A 73 0.80 0.70 -2.66
C PRO A 73 -0.25 -0.41 -2.64
N ALA A 74 -1.35 -0.15 -1.98
CA ALA A 74 -2.38 -1.14 -1.83
C ALA A 74 -3.32 -1.13 -3.02
N THR A 75 -2.98 -1.95 -3.96
CA THR A 75 -3.71 -2.09 -5.18
C THR A 75 -3.91 -3.58 -5.42
N LYS A 76 -4.88 -3.94 -6.21
CA LYS A 76 -5.08 -5.35 -6.51
C LYS A 76 -5.60 -5.54 -7.91
N ASP A 77 -5.17 -6.62 -8.52
CA ASP A 77 -5.63 -7.03 -9.83
C ASP A 77 -6.94 -7.74 -9.65
N ILE A 78 -8.00 -7.15 -10.13
CA ILE A 78 -9.33 -7.69 -9.88
C ILE A 78 -9.65 -8.93 -10.71
N PRO A 79 -10.09 -10.03 -10.07
CA PRO A 79 -10.60 -11.19 -10.76
C PRO A 79 -12.15 -11.22 -10.74
N ASP A 80 -12.76 -11.05 -11.90
CA ASP A 80 -14.21 -11.07 -11.99
C ASP A 80 -14.67 -12.49 -12.14
N VAL A 81 -15.65 -12.85 -11.36
CA VAL A 81 -16.19 -14.17 -11.45
C VAL A 81 -17.62 -14.05 -11.93
N ALA A 82 -17.73 -13.47 -13.09
CA ALA A 82 -18.98 -13.30 -13.80
C ALA A 82 -19.64 -14.65 -14.03
N GLY A 83 -20.94 -14.68 -13.89
CA GLY A 83 -21.66 -15.92 -14.08
C GLY A 83 -22.20 -16.43 -12.77
N GLN A 84 -21.75 -15.84 -11.70
CA GLN A 84 -22.21 -16.20 -10.37
C GLN A 84 -23.31 -15.22 -9.92
N THR A 85 -23.70 -15.31 -8.67
CA THR A 85 -24.74 -14.47 -8.19
C THR A 85 -24.11 -13.13 -7.76
N VAL A 86 -24.89 -12.06 -7.74
CA VAL A 86 -24.36 -10.76 -7.38
C VAL A 86 -23.89 -10.75 -5.93
N ASP A 87 -24.67 -11.37 -5.07
CA ASP A 87 -24.36 -11.47 -3.65
C ASP A 87 -23.04 -12.19 -3.43
N VAL A 88 -22.83 -13.27 -4.18
CA VAL A 88 -21.62 -14.05 -4.00
C VAL A 88 -20.43 -13.31 -4.59
N ALA A 89 -20.67 -12.61 -5.69
CA ALA A 89 -19.65 -11.82 -6.36
C ALA A 89 -19.16 -10.69 -5.46
N GLN A 90 -20.09 -9.97 -4.83
CA GLN A 90 -19.74 -8.89 -3.93
C GLN A 90 -18.97 -9.44 -2.75
N LYS A 91 -19.46 -10.53 -2.21
CA LYS A 91 -18.92 -11.11 -0.99
C LYS A 91 -17.48 -11.56 -1.17
N ASN A 92 -17.23 -12.39 -2.18
CA ASN A 92 -15.90 -12.95 -2.36
C ASN A 92 -14.89 -11.87 -2.70
N LEU A 93 -15.30 -10.91 -3.50
CA LEU A 93 -14.43 -9.83 -3.88
C LEU A 93 -14.17 -8.93 -2.66
N ASN A 94 -15.21 -8.64 -1.90
CA ASN A 94 -15.14 -7.76 -0.71
C ASN A 94 -14.16 -8.30 0.32
N VAL A 95 -14.25 -9.58 0.59
CA VAL A 95 -13.40 -10.22 1.59
C VAL A 95 -11.93 -10.25 1.15
N TYR A 96 -11.70 -10.33 -0.15
CA TYR A 96 -10.34 -10.47 -0.66
C TYR A 96 -9.96 -9.27 -1.48
N GLY A 97 -10.61 -8.16 -1.27
CA GLY A 97 -10.36 -7.08 -2.15
C GLY A 97 -10.77 -5.72 -1.67
N PHE A 98 -11.89 -5.28 -2.18
CA PHE A 98 -12.28 -3.91 -2.10
C PHE A 98 -13.44 -3.75 -1.16
N THR A 99 -13.58 -2.56 -0.64
CA THR A 99 -14.58 -2.30 0.35
C THR A 99 -15.73 -1.45 -0.23
N LYS A 100 -15.45 -0.70 -1.27
CA LYS A 100 -16.44 0.20 -1.85
C LYS A 100 -16.92 -0.35 -3.18
N PHE A 101 -18.18 -0.68 -3.23
CA PHE A 101 -18.80 -1.21 -4.43
C PHE A 101 -19.88 -0.27 -4.92
N SER A 102 -20.14 -0.35 -6.17
CA SER A 102 -21.23 0.32 -6.80
C SER A 102 -21.78 -0.63 -7.83
N GLN A 103 -23.01 -0.49 -8.21
CA GLN A 103 -23.61 -1.44 -9.10
C GLN A 103 -24.05 -0.71 -10.32
N ALA A 104 -24.01 -1.38 -11.42
CA ALA A 104 -24.47 -0.83 -12.64
C ALA A 104 -25.27 -1.87 -13.38
N SER A 105 -26.44 -1.48 -13.77
CA SER A 105 -27.29 -2.32 -14.54
C SER A 105 -26.94 -2.12 -15.98
N VAL A 106 -26.59 -3.18 -16.63
CA VAL A 106 -26.15 -3.13 -18.00
C VAL A 106 -27.05 -3.97 -18.84
N ASP A 107 -27.15 -3.64 -20.09
CA ASP A 107 -28.06 -4.31 -20.97
C ASP A 107 -27.48 -5.63 -21.43
N SER A 108 -28.14 -6.64 -21.01
CA SER A 108 -27.77 -7.97 -21.31
C SER A 108 -28.88 -8.64 -22.12
N PRO A 109 -28.56 -9.11 -23.35
CA PRO A 109 -29.53 -9.76 -24.23
C PRO A 109 -30.25 -10.95 -23.57
N ARG A 110 -29.49 -11.90 -23.09
CA ARG A 110 -30.07 -13.04 -22.40
C ARG A 110 -30.02 -12.94 -20.85
N PRO A 111 -28.81 -12.73 -20.22
CA PRO A 111 -28.68 -12.71 -18.75
C PRO A 111 -29.52 -11.61 -18.08
N ALA A 112 -29.88 -11.86 -16.85
CA ALA A 112 -30.61 -10.92 -16.02
C ALA A 112 -30.38 -11.30 -14.59
N GLY A 113 -30.07 -10.33 -13.74
CA GLY A 113 -29.87 -10.60 -12.33
C GLY A 113 -28.47 -11.09 -11.98
N GLU A 114 -27.97 -12.00 -12.77
CA GLU A 114 -26.64 -12.58 -12.60
C GLU A 114 -25.54 -11.56 -12.92
N VAL A 115 -24.39 -11.69 -12.28
CA VAL A 115 -23.34 -10.71 -12.43
C VAL A 115 -22.62 -10.88 -13.78
N THR A 116 -22.54 -9.78 -14.51
CA THR A 116 -21.93 -9.75 -15.82
C THR A 116 -20.42 -9.64 -15.67
N GLY A 117 -19.98 -9.14 -14.53
CA GLY A 117 -18.58 -8.99 -14.23
C GLY A 117 -18.34 -7.71 -13.51
N THR A 118 -17.19 -7.15 -13.68
CA THR A 118 -16.88 -5.88 -13.11
C THR A 118 -16.64 -4.89 -14.23
N ASN A 119 -16.79 -3.60 -13.96
CA ASN A 119 -16.57 -2.59 -15.00
C ASN A 119 -15.14 -2.65 -15.56
N PRO A 120 -14.06 -2.60 -14.74
CA PRO A 120 -12.74 -2.82 -15.27
C PRO A 120 -12.55 -4.33 -15.47
N PRO A 121 -11.92 -4.75 -16.57
CA PRO A 121 -11.69 -6.17 -16.85
C PRO A 121 -10.74 -6.79 -15.84
N ALA A 122 -10.86 -8.08 -15.69
CA ALA A 122 -10.03 -8.85 -14.80
C ALA A 122 -8.58 -8.71 -15.17
N GLY A 123 -7.72 -8.67 -14.18
CA GLY A 123 -6.32 -8.52 -14.42
C GLY A 123 -5.88 -7.08 -14.35
N THR A 124 -6.84 -6.17 -14.29
CA THR A 124 -6.52 -4.77 -14.16
C THR A 124 -6.19 -4.46 -12.71
N THR A 125 -5.06 -3.84 -12.48
CA THR A 125 -4.66 -3.48 -11.16
C THR A 125 -5.33 -2.13 -10.83
N VAL A 126 -6.10 -2.08 -9.78
CA VAL A 126 -6.72 -0.83 -9.36
C VAL A 126 -6.50 -0.64 -7.86
N PRO A 127 -6.52 0.63 -7.37
CA PRO A 127 -6.30 0.93 -5.96
C PRO A 127 -7.44 0.41 -5.09
N VAL A 128 -7.09 -0.25 -3.99
CA VAL A 128 -8.09 -0.83 -3.10
C VAL A 128 -8.92 0.23 -2.38
N ASP A 129 -8.39 1.43 -2.33
CA ASP A 129 -9.07 2.56 -1.70
C ASP A 129 -10.07 3.20 -2.69
N SER A 130 -10.10 2.68 -3.91
CA SER A 130 -10.96 3.19 -4.94
C SER A 130 -12.27 2.38 -4.97
N VAL A 131 -13.27 2.91 -5.64
CA VAL A 131 -14.57 2.27 -5.72
C VAL A 131 -14.62 1.38 -6.96
N ILE A 132 -15.15 0.19 -6.81
CA ILE A 132 -15.27 -0.73 -7.92
C ILE A 132 -16.75 -0.88 -8.31
N GLU A 133 -17.02 -0.91 -9.60
CA GLU A 133 -18.34 -1.03 -10.11
C GLU A 133 -18.57 -2.46 -10.60
N LEU A 134 -19.63 -3.05 -10.12
CA LEU A 134 -20.00 -4.40 -10.47
C LEU A 134 -21.11 -4.34 -11.51
N GLN A 135 -20.96 -5.12 -12.55
CA GLN A 135 -21.90 -5.13 -13.65
C GLN A 135 -22.98 -6.14 -13.35
N VAL A 136 -24.16 -5.65 -13.17
CA VAL A 136 -25.30 -6.50 -12.95
C VAL A 136 -26.12 -6.56 -14.22
N SER A 137 -26.35 -7.76 -14.72
CA SER A 137 -27.17 -7.95 -15.90
C SER A 137 -28.57 -7.42 -15.62
N LYS A 138 -29.01 -6.49 -16.39
CA LYS A 138 -30.27 -5.88 -16.12
C LYS A 138 -31.40 -6.68 -16.75
N GLY A 4 34.77 20.05 18.98
CA GLY A 4 35.11 18.96 18.07
C GLY A 4 33.91 18.55 17.28
N PRO A 5 34.01 17.50 16.45
CA PRO A 5 32.90 17.04 15.65
C PRO A 5 31.83 16.35 16.51
N GLU A 6 30.64 16.34 16.01
CA GLU A 6 29.51 15.76 16.69
C GLU A 6 28.86 14.74 15.78
N GLN A 7 29.71 13.99 15.11
CA GLN A 7 29.28 13.00 14.18
C GLN A 7 28.94 11.71 14.91
N ARG A 8 27.72 11.28 14.74
CA ARG A 8 27.23 10.10 15.37
C ARG A 8 26.78 9.13 14.30
N GLU A 9 26.75 7.88 14.62
CA GLU A 9 26.35 6.84 13.70
C GLU A 9 24.82 6.73 13.67
N ILE A 10 24.27 6.51 12.51
CA ILE A 10 22.84 6.35 12.39
C ILE A 10 22.48 4.89 12.68
N PRO A 11 21.53 4.63 13.60
CA PRO A 11 21.12 3.26 13.92
C PRO A 11 20.43 2.58 12.74
N ASP A 12 20.71 1.32 12.57
CA ASP A 12 20.19 0.56 11.48
C ASP A 12 19.21 -0.46 12.02
N VAL A 13 18.10 0.08 12.45
CA VAL A 13 16.99 -0.70 12.99
C VAL A 13 15.76 -0.39 12.16
N SER A 14 16.02 0.37 11.14
CA SER A 14 15.06 0.89 10.21
C SER A 14 14.24 -0.24 9.53
N THR A 15 14.88 -1.35 9.28
CA THR A 15 14.26 -2.51 8.68
C THR A 15 13.10 -3.03 9.53
N LEU A 16 13.15 -2.80 10.83
CA LEU A 16 12.19 -3.41 11.71
C LEU A 16 10.88 -2.64 11.67
N THR A 17 10.97 -1.32 11.74
CA THR A 17 9.80 -0.45 11.69
C THR A 17 10.30 0.99 11.55
N TYR A 18 9.52 1.83 10.87
CA TYR A 18 9.77 3.27 10.83
C TYR A 18 9.91 3.84 12.24
N ALA A 19 8.99 3.44 13.12
CA ALA A 19 8.99 3.86 14.52
C ALA A 19 10.33 3.53 15.21
N GLU A 20 10.86 2.34 14.94
CA GLU A 20 12.11 1.90 15.54
C GLU A 20 13.25 2.82 15.15
N ALA A 21 13.30 3.16 13.87
CA ALA A 21 14.34 4.03 13.33
C ALA A 21 14.28 5.39 13.97
N VAL A 22 13.09 5.97 13.94
CA VAL A 22 12.88 7.32 14.44
C VAL A 22 13.19 7.44 15.91
N LYS A 23 12.65 6.55 16.71
CA LYS A 23 12.84 6.62 18.15
C LYS A 23 14.29 6.38 18.53
N LYS A 24 14.93 5.42 17.88
CA LYS A 24 16.32 5.11 18.15
C LYS A 24 17.22 6.29 17.74
N LEU A 25 16.88 6.90 16.62
CA LEU A 25 17.60 8.07 16.11
C LEU A 25 17.34 9.27 17.02
N THR A 26 16.11 9.40 17.49
CA THR A 26 15.72 10.44 18.41
C THR A 26 16.56 10.30 19.71
N ALA A 27 16.65 9.07 20.20
CA ALA A 27 17.42 8.74 21.38
C ALA A 27 18.92 8.94 21.15
N ALA A 28 19.33 8.96 19.90
CA ALA A 28 20.74 9.15 19.56
C ALA A 28 21.13 10.62 19.63
N GLY A 29 20.15 11.50 19.69
CA GLY A 29 20.44 12.90 19.85
C GLY A 29 20.05 13.72 18.66
N PHE A 30 19.81 13.06 17.54
CA PHE A 30 19.41 13.76 16.34
C PHE A 30 18.02 14.32 16.51
N GLY A 31 17.86 15.58 16.20
CA GLY A 31 16.58 16.22 16.33
C GLY A 31 15.96 16.49 14.99
N ARG A 32 16.79 16.59 13.97
CA ARG A 32 16.29 16.86 12.64
C ARG A 32 16.27 15.63 11.78
N PHE A 33 15.08 15.26 11.41
CA PHE A 33 14.81 14.12 10.58
C PHE A 33 13.61 14.39 9.71
N LYS A 34 13.67 13.93 8.49
CA LYS A 34 12.67 14.19 7.50
C LYS A 34 12.28 12.89 6.84
N GLN A 35 11.02 12.57 6.89
CA GLN A 35 10.50 11.36 6.31
C GLN A 35 10.19 11.56 4.85
N ALA A 36 10.58 10.62 4.06
CA ALA A 36 10.22 10.56 2.69
C ALA A 36 9.75 9.13 2.43
N ASN A 37 8.83 8.95 1.54
CA ASN A 37 8.32 7.62 1.28
C ASN A 37 8.68 7.21 -0.12
N SER A 38 8.87 5.94 -0.32
CA SER A 38 9.23 5.42 -1.59
C SER A 38 8.48 4.11 -1.81
N PRO A 39 7.87 3.90 -3.00
CA PRO A 39 7.11 2.67 -3.30
C PRO A 39 8.01 1.44 -3.33
N SER A 40 7.64 0.48 -2.54
CA SER A 40 8.36 -0.75 -2.39
C SER A 40 7.35 -1.88 -2.32
N THR A 41 7.83 -3.10 -2.21
CA THR A 41 7.00 -4.26 -2.09
C THR A 41 6.05 -4.13 -0.87
N PRO A 42 4.80 -4.57 -1.04
CA PRO A 42 3.74 -4.50 0.00
C PRO A 42 4.18 -5.05 1.35
N GLU A 43 5.08 -6.01 1.34
CA GLU A 43 5.54 -6.60 2.58
C GLU A 43 6.52 -5.70 3.36
N LEU A 44 6.97 -4.63 2.72
CA LEU A 44 7.87 -3.68 3.37
C LEU A 44 7.17 -2.40 3.77
N VAL A 45 5.85 -2.36 3.64
CA VAL A 45 5.10 -1.17 4.03
C VAL A 45 5.30 -0.87 5.52
N GLY A 46 5.67 0.37 5.82
CA GLY A 46 5.83 0.77 7.21
C GLY A 46 7.22 0.44 7.75
N LYS A 47 8.04 -0.12 6.89
CA LYS A 47 9.39 -0.44 7.24
C LYS A 47 10.30 0.43 6.42
N VAL A 48 11.39 0.80 6.99
CA VAL A 48 12.30 1.70 6.33
C VAL A 48 13.19 0.93 5.36
N ILE A 49 13.52 1.53 4.24
CA ILE A 49 14.35 0.87 3.25
C ILE A 49 15.81 1.31 3.40
N GLY A 50 16.01 2.44 4.06
CA GLY A 50 17.31 2.93 4.31
C GLY A 50 17.28 4.37 4.73
N THR A 51 18.43 4.91 5.03
CA THR A 51 18.56 6.28 5.40
C THR A 51 19.45 7.01 4.41
N ASN A 52 19.17 8.27 4.16
CA ASN A 52 19.98 9.09 3.26
C ASN A 52 21.43 9.21 3.76
N PRO A 53 21.68 9.61 5.04
CA PRO A 53 23.01 9.53 5.60
C PRO A 53 23.31 8.07 5.96
N PRO A 54 24.55 7.62 5.77
CA PRO A 54 24.93 6.24 6.04
C PRO A 54 24.85 5.90 7.52
N ALA A 55 24.63 4.64 7.80
CA ALA A 55 24.51 4.16 9.16
C ALA A 55 25.88 3.82 9.71
N ASN A 56 26.81 3.62 8.82
CA ASN A 56 28.16 3.25 9.19
C ASN A 56 29.06 4.47 9.38
N GLN A 57 28.82 5.53 8.62
CA GLN A 57 29.63 6.72 8.79
C GLN A 57 28.93 7.65 9.74
N THR A 58 29.68 8.35 10.51
CA THR A 58 29.13 9.21 11.48
C THR A 58 28.78 10.55 10.86
N SER A 59 27.56 10.99 11.07
CA SER A 59 27.08 12.25 10.55
C SER A 59 26.82 13.17 11.73
N ALA A 60 27.06 14.45 11.56
CA ALA A 60 26.91 15.41 12.62
C ALA A 60 25.46 15.55 13.05
N ILE A 61 25.26 15.71 14.36
CA ILE A 61 23.92 15.88 14.98
C ILE A 61 23.21 17.10 14.37
N THR A 62 23.97 18.05 13.88
CA THR A 62 23.45 19.26 13.32
C THR A 62 22.95 19.03 11.85
N ASN A 63 22.99 17.80 11.39
CA ASN A 63 22.52 17.48 10.06
C ASN A 63 21.10 17.00 10.10
N VAL A 64 20.41 17.10 8.99
CA VAL A 64 19.06 16.62 8.87
C VAL A 64 19.10 15.21 8.31
N VAL A 65 18.55 14.28 9.02
CA VAL A 65 18.54 12.92 8.57
C VAL A 65 17.30 12.67 7.73
N ILE A 66 17.50 12.32 6.50
CA ILE A 66 16.38 11.98 5.65
C ILE A 66 16.18 10.49 5.72
N ILE A 67 15.02 10.11 6.12
CA ILE A 67 14.69 8.74 6.31
C ILE A 67 13.60 8.34 5.29
N ILE A 68 13.92 7.34 4.47
CA ILE A 68 13.00 6.89 3.45
C ILE A 68 12.31 5.60 3.81
N VAL A 69 11.01 5.68 3.92
CA VAL A 69 10.19 4.57 4.32
C VAL A 69 9.65 3.87 3.09
N GLY A 70 9.50 2.59 3.16
CA GLY A 70 8.94 1.86 2.10
C GLY A 70 7.44 1.83 2.20
N SER A 71 6.79 2.40 1.25
CA SER A 71 5.38 2.35 1.19
C SER A 71 5.00 1.26 0.20
N GLY A 72 4.15 0.37 0.61
CA GLY A 72 3.82 -0.75 -0.21
C GLY A 72 2.44 -0.66 -0.77
N PRO A 73 2.28 -0.63 -2.10
CA PRO A 73 0.97 -0.58 -2.73
C PRO A 73 0.24 -1.89 -2.57
N ALA A 74 -0.86 -1.87 -1.89
CA ALA A 74 -1.65 -3.03 -1.69
C ALA A 74 -2.64 -3.08 -2.82
N THR A 75 -2.45 -4.00 -3.69
CA THR A 75 -3.29 -4.15 -4.83
C THR A 75 -3.89 -5.54 -4.85
N LYS A 76 -4.97 -5.70 -5.55
CA LYS A 76 -5.63 -6.99 -5.70
C LYS A 76 -6.03 -7.21 -7.12
N ASP A 77 -5.89 -8.45 -7.56
CA ASP A 77 -6.32 -8.83 -8.88
C ASP A 77 -7.81 -9.08 -8.83
N ILE A 78 -8.52 -8.44 -9.70
CA ILE A 78 -9.95 -8.51 -9.70
C ILE A 78 -10.47 -9.84 -10.25
N PRO A 79 -11.35 -10.51 -9.53
CA PRO A 79 -12.02 -11.70 -10.01
C PRO A 79 -13.38 -11.40 -10.66
N ASP A 80 -13.53 -11.82 -11.88
CA ASP A 80 -14.79 -11.72 -12.59
C ASP A 80 -15.66 -12.85 -12.12
N VAL A 81 -16.91 -12.55 -11.85
CA VAL A 81 -17.82 -13.54 -11.31
C VAL A 81 -19.07 -13.61 -12.22
N ALA A 82 -18.86 -13.41 -13.51
CA ALA A 82 -19.94 -13.44 -14.49
C ALA A 82 -20.60 -14.81 -14.51
N GLY A 83 -21.85 -14.85 -14.15
CA GLY A 83 -22.57 -16.10 -14.13
C GLY A 83 -23.26 -16.34 -12.81
N GLN A 84 -22.76 -15.71 -11.76
CA GLN A 84 -23.37 -15.85 -10.45
C GLN A 84 -24.13 -14.57 -10.15
N THR A 85 -24.74 -14.48 -8.99
CA THR A 85 -25.61 -13.37 -8.72
C THR A 85 -24.78 -12.18 -8.22
N VAL A 86 -25.31 -10.98 -8.40
CA VAL A 86 -24.63 -9.76 -7.98
C VAL A 86 -24.29 -9.80 -6.48
N ASP A 87 -25.24 -10.31 -5.70
CA ASP A 87 -25.08 -10.39 -4.27
C ASP A 87 -24.00 -11.36 -3.87
N VAL A 88 -23.92 -12.51 -4.53
CA VAL A 88 -22.90 -13.47 -4.15
C VAL A 88 -21.52 -12.99 -4.59
N ALA A 89 -21.50 -12.35 -5.75
CA ALA A 89 -20.27 -11.83 -6.31
C ALA A 89 -19.67 -10.76 -5.44
N GLN A 90 -20.49 -9.79 -5.02
CA GLN A 90 -19.99 -8.70 -4.20
C GLN A 90 -19.48 -9.20 -2.87
N LYS A 91 -20.14 -10.23 -2.34
CA LYS A 91 -19.72 -10.85 -1.10
C LYS A 91 -18.34 -11.48 -1.22
N ASN A 92 -18.14 -12.28 -2.25
CA ASN A 92 -16.84 -12.92 -2.47
C ASN A 92 -15.79 -11.90 -2.83
N LEU A 93 -16.18 -10.93 -3.62
CA LEU A 93 -15.31 -9.86 -4.04
C LEU A 93 -14.85 -9.06 -2.82
N ASN A 94 -15.77 -8.75 -1.95
CA ASN A 94 -15.48 -7.98 -0.73
C ASN A 94 -14.46 -8.66 0.16
N VAL A 95 -14.65 -9.94 0.39
CA VAL A 95 -13.80 -10.69 1.29
C VAL A 95 -12.41 -10.98 0.67
N TYR A 96 -12.31 -10.91 -0.65
CA TYR A 96 -11.04 -11.21 -1.30
C TYR A 96 -10.48 -10.00 -2.00
N GLY A 97 -11.14 -8.90 -1.87
CA GLY A 97 -10.80 -7.80 -2.68
C GLY A 97 -10.96 -6.46 -2.04
N PHE A 98 -12.08 -5.83 -2.30
CA PHE A 98 -12.26 -4.43 -2.03
C PHE A 98 -13.52 -4.20 -1.25
N THR A 99 -13.57 -3.09 -0.59
CA THR A 99 -14.72 -2.70 0.17
C THR A 99 -15.46 -1.58 -0.60
N LYS A 100 -14.89 -1.19 -1.73
CA LYS A 100 -15.40 -0.09 -2.53
C LYS A 100 -16.02 -0.65 -3.81
N PHE A 101 -17.32 -0.48 -3.97
CA PHE A 101 -18.01 -1.02 -5.12
C PHE A 101 -18.80 0.04 -5.85
N SER A 102 -18.97 -0.19 -7.11
CA SER A 102 -19.87 0.55 -7.93
C SER A 102 -20.64 -0.46 -8.75
N GLN A 103 -21.85 -0.14 -9.07
CA GLN A 103 -22.68 -1.05 -9.81
C GLN A 103 -23.07 -0.38 -11.07
N ALA A 104 -22.77 -1.01 -12.15
CA ALA A 104 -23.12 -0.50 -13.42
C ALA A 104 -24.10 -1.44 -14.04
N SER A 105 -25.19 -0.92 -14.46
CA SER A 105 -26.21 -1.72 -15.03
C SER A 105 -26.01 -1.77 -16.53
N VAL A 106 -25.82 -2.95 -17.04
CA VAL A 106 -25.59 -3.13 -18.46
C VAL A 106 -26.67 -4.04 -18.98
N ASP A 107 -27.01 -3.91 -20.23
CA ASP A 107 -28.17 -4.59 -20.74
C ASP A 107 -27.93 -6.05 -21.04
N SER A 108 -28.80 -6.84 -20.48
CA SER A 108 -28.81 -8.26 -20.65
C SER A 108 -30.29 -8.69 -20.70
N PRO A 109 -30.78 -9.15 -21.87
CA PRO A 109 -32.20 -9.49 -22.07
C PRO A 109 -32.77 -10.52 -21.07
N ARG A 110 -32.39 -11.77 -21.22
CA ARG A 110 -32.88 -12.82 -20.34
C ARG A 110 -32.11 -12.94 -18.99
N PRO A 111 -30.74 -12.89 -18.96
CA PRO A 111 -30.02 -12.88 -17.67
C PRO A 111 -30.45 -11.70 -16.81
N ALA A 112 -30.71 -11.96 -15.55
CA ALA A 112 -31.19 -10.95 -14.64
C ALA A 112 -30.59 -11.12 -13.27
N GLY A 113 -30.00 -10.07 -12.74
CA GLY A 113 -29.47 -10.08 -11.37
C GLY A 113 -28.10 -10.70 -11.28
N GLU A 114 -27.69 -11.31 -12.34
CA GLU A 114 -26.41 -11.93 -12.46
C GLU A 114 -25.37 -10.93 -12.92
N VAL A 115 -24.16 -11.17 -12.51
CA VAL A 115 -23.07 -10.33 -12.90
C VAL A 115 -22.73 -10.63 -14.34
N THR A 116 -22.73 -9.62 -15.17
CA THR A 116 -22.40 -9.75 -16.55
C THR A 116 -20.86 -9.70 -16.69
N GLY A 117 -20.23 -8.92 -15.82
CA GLY A 117 -18.79 -8.82 -15.81
C GLY A 117 -18.32 -7.67 -14.95
N THR A 118 -17.07 -7.34 -15.07
CA THR A 118 -16.48 -6.23 -14.36
C THR A 118 -15.97 -5.22 -15.38
N ASN A 119 -15.77 -3.98 -14.94
CA ASN A 119 -15.28 -2.93 -15.85
C ASN A 119 -13.92 -3.32 -16.50
N PRO A 120 -12.84 -3.63 -15.71
CA PRO A 120 -11.60 -4.11 -16.27
C PRO A 120 -11.64 -5.66 -16.37
N PRO A 121 -10.71 -6.30 -17.12
CA PRO A 121 -10.70 -7.76 -17.26
C PRO A 121 -10.22 -8.45 -15.98
N ALA A 122 -10.66 -9.67 -15.76
CA ALA A 122 -10.28 -10.46 -14.61
C ALA A 122 -8.78 -10.71 -14.62
N GLY A 123 -8.17 -10.56 -13.48
CA GLY A 123 -6.75 -10.76 -13.36
C GLY A 123 -6.01 -9.45 -13.23
N THR A 124 -6.66 -8.38 -13.65
CA THR A 124 -6.08 -7.05 -13.57
C THR A 124 -5.96 -6.64 -12.10
N THR A 125 -4.82 -6.14 -11.72
CA THR A 125 -4.58 -5.77 -10.36
C THR A 125 -4.72 -4.24 -10.18
N VAL A 126 -5.59 -3.87 -9.28
CA VAL A 126 -5.85 -2.49 -8.98
C VAL A 126 -5.65 -2.27 -7.48
N PRO A 127 -5.41 -1.02 -7.03
CA PRO A 127 -5.22 -0.73 -5.60
C PRO A 127 -6.43 -1.14 -4.81
N VAL A 128 -6.21 -1.63 -3.61
CA VAL A 128 -7.29 -2.13 -2.79
C VAL A 128 -8.24 -1.02 -2.36
N ASP A 129 -7.76 0.21 -2.39
CA ASP A 129 -8.58 1.37 -2.03
C ASP A 129 -9.36 1.88 -3.24
N SER A 130 -9.14 1.28 -4.38
CA SER A 130 -9.78 1.71 -5.60
C SER A 130 -11.19 1.13 -5.65
N VAL A 131 -12.07 1.81 -6.32
CA VAL A 131 -13.44 1.39 -6.43
C VAL A 131 -13.59 0.49 -7.65
N ILE A 132 -14.12 -0.69 -7.45
CA ILE A 132 -14.32 -1.61 -8.53
C ILE A 132 -15.75 -1.53 -9.05
N GLU A 133 -15.92 -1.59 -10.35
CA GLU A 133 -17.18 -1.51 -10.96
C GLU A 133 -17.63 -2.90 -11.39
N LEU A 134 -18.75 -3.31 -10.86
CA LEU A 134 -19.38 -4.56 -11.19
C LEU A 134 -20.51 -4.25 -12.15
N GLN A 135 -20.55 -4.97 -13.24
CA GLN A 135 -21.56 -4.78 -14.24
C GLN A 135 -22.62 -5.85 -14.11
N VAL A 136 -23.76 -5.43 -13.67
CA VAL A 136 -24.90 -6.29 -13.38
C VAL A 136 -25.94 -6.25 -14.51
N SER A 137 -26.49 -7.42 -14.82
CA SER A 137 -27.51 -7.59 -15.84
C SER A 137 -28.76 -6.72 -15.60
N LYS A 138 -29.03 -5.89 -16.56
CA LYS A 138 -30.18 -5.03 -16.62
C LYS A 138 -31.03 -5.44 -17.80
N GLY A 4 36.14 16.30 19.49
CA GLY A 4 35.30 15.19 19.07
C GLY A 4 34.12 15.70 18.31
N PRO A 5 33.61 14.94 17.33
CA PRO A 5 32.51 15.40 16.50
C PRO A 5 31.19 15.50 17.29
N GLU A 6 30.38 16.45 16.90
CA GLU A 6 29.08 16.67 17.49
C GLU A 6 28.05 15.96 16.63
N GLN A 7 28.58 15.26 15.66
CA GLN A 7 27.82 14.49 14.74
C GLN A 7 27.55 13.13 15.37
N ARG A 8 26.45 12.55 15.04
CA ARG A 8 26.07 11.27 15.58
C ARG A 8 25.91 10.31 14.42
N GLU A 9 26.09 9.05 14.69
CA GLU A 9 25.89 8.02 13.69
C GLU A 9 24.41 7.69 13.62
N ILE A 10 23.89 7.46 12.44
CA ILE A 10 22.50 7.09 12.32
C ILE A 10 22.40 5.60 12.67
N PRO A 11 21.52 5.19 13.60
CA PRO A 11 21.33 3.78 13.87
C PRO A 11 20.58 3.14 12.72
N ASP A 12 20.96 1.97 12.34
CA ASP A 12 20.36 1.33 11.22
C ASP A 12 19.63 0.11 11.66
N VAL A 13 18.54 0.35 12.32
CA VAL A 13 17.61 -0.68 12.78
C VAL A 13 16.38 -0.59 11.90
N SER A 14 16.60 0.13 10.82
CA SER A 14 15.68 0.40 9.76
C SER A 14 15.08 -0.89 9.20
N THR A 15 15.94 -1.89 9.09
CA THR A 15 15.62 -3.21 8.64
C THR A 15 14.52 -3.86 9.49
N LEU A 16 14.39 -3.46 10.76
CA LEU A 16 13.45 -4.12 11.62
C LEU A 16 12.05 -3.52 11.47
N THR A 17 11.94 -2.19 11.49
CA THR A 17 10.65 -1.49 11.34
C THR A 17 10.92 0.03 11.28
N TYR A 18 10.01 0.77 10.63
CA TYR A 18 10.00 2.24 10.62
C TYR A 18 10.10 2.80 12.03
N ALA A 19 9.24 2.30 12.92
CA ALA A 19 9.20 2.74 14.31
C ALA A 19 10.56 2.57 14.97
N GLU A 20 11.22 1.46 14.72
CA GLU A 20 12.50 1.16 15.31
C GLU A 20 13.54 2.19 14.91
N ALA A 21 13.58 2.51 13.63
CA ALA A 21 14.53 3.47 13.11
C ALA A 21 14.32 4.84 13.69
N VAL A 22 13.07 5.27 13.68
CA VAL A 22 12.73 6.60 14.15
C VAL A 22 12.99 6.78 15.64
N LYS A 23 12.57 5.83 16.44
CA LYS A 23 12.74 5.93 17.89
C LYS A 23 14.21 5.87 18.28
N LYS A 24 14.97 4.99 17.65
CA LYS A 24 16.40 4.93 17.91
C LYS A 24 17.11 6.20 17.42
N LEU A 25 16.68 6.72 16.28
CA LEU A 25 17.25 7.95 15.74
C LEU A 25 16.89 9.14 16.64
N THR A 26 15.69 9.10 17.19
CA THR A 26 15.21 10.08 18.13
C THR A 26 16.11 10.10 19.37
N ALA A 27 16.46 8.90 19.84
CA ALA A 27 17.32 8.74 20.99
C ALA A 27 18.77 9.13 20.65
N ALA A 28 19.09 9.17 19.36
CA ALA A 28 20.43 9.54 18.92
C ALA A 28 20.62 11.06 18.95
N GLY A 29 19.52 11.77 19.06
CA GLY A 29 19.58 13.21 19.23
C GLY A 29 18.98 13.97 18.08
N PHE A 30 18.96 13.34 16.90
CA PHE A 30 18.47 13.98 15.67
C PHE A 30 17.02 14.45 15.81
N GLY A 31 16.78 15.69 15.43
CA GLY A 31 15.46 16.25 15.55
C GLY A 31 14.95 16.85 14.27
N ARG A 32 15.45 16.38 13.15
CA ARG A 32 15.01 16.88 11.87
C ARG A 32 14.72 15.68 10.97
N PHE A 33 13.47 15.52 10.58
CA PHE A 33 13.05 14.35 9.82
C PHE A 33 12.27 14.75 8.57
N LYS A 34 12.38 13.92 7.59
CA LYS A 34 11.59 13.93 6.38
C LYS A 34 11.22 12.50 6.11
N GLN A 35 9.97 12.22 5.88
CA GLN A 35 9.57 10.84 5.70
C GLN A 35 9.23 10.55 4.25
N ALA A 36 9.88 9.57 3.72
CA ALA A 36 9.67 9.18 2.35
C ALA A 36 9.24 7.74 2.31
N ASN A 37 8.38 7.42 1.39
CA ASN A 37 7.97 6.06 1.18
C ASN A 37 8.37 5.67 -0.20
N SER A 38 8.93 4.53 -0.35
CA SER A 38 9.39 4.09 -1.63
C SER A 38 8.70 2.77 -1.96
N PRO A 39 8.24 2.60 -3.20
CA PRO A 39 7.57 1.38 -3.61
C PRO A 39 8.53 0.20 -3.55
N SER A 40 8.15 -0.76 -2.80
CA SER A 40 8.94 -1.94 -2.58
C SER A 40 8.03 -3.14 -2.70
N THR A 41 8.57 -4.30 -2.57
CA THR A 41 7.82 -5.49 -2.59
C THR A 41 7.05 -5.58 -1.25
N PRO A 42 5.88 -6.24 -1.24
CA PRO A 42 5.03 -6.40 -0.05
C PRO A 42 5.80 -6.93 1.16
N GLU A 43 6.84 -7.70 0.89
CA GLU A 43 7.68 -8.27 1.95
C GLU A 43 8.40 -7.16 2.75
N LEU A 44 8.62 -6.02 2.12
CA LEU A 44 9.38 -4.93 2.74
C LEU A 44 8.52 -3.82 3.29
N VAL A 45 7.19 -3.93 3.17
CA VAL A 45 6.32 -2.87 3.69
C VAL A 45 6.51 -2.70 5.20
N GLY A 46 6.75 -1.48 5.62
CA GLY A 46 6.90 -1.19 7.04
C GLY A 46 8.34 -1.19 7.49
N LYS A 47 9.21 -1.70 6.64
CA LYS A 47 10.61 -1.73 6.95
C LYS A 47 11.33 -0.64 6.19
N VAL A 48 12.25 -0.02 6.84
CA VAL A 48 13.00 1.07 6.28
C VAL A 48 14.13 0.53 5.43
N ILE A 49 14.22 1.00 4.22
CA ILE A 49 15.23 0.49 3.31
C ILE A 49 16.46 1.38 3.24
N GLY A 50 16.40 2.52 3.89
CA GLY A 50 17.54 3.39 3.94
C GLY A 50 17.20 4.77 4.44
N THR A 51 18.21 5.46 4.87
CA THR A 51 18.09 6.81 5.31
C THR A 51 18.97 7.68 4.40
N ASN A 52 18.50 8.87 4.09
CA ASN A 52 19.24 9.80 3.24
C ASN A 52 20.68 10.07 3.78
N PRO A 53 20.86 10.46 5.07
CA PRO A 53 22.18 10.50 5.66
C PRO A 53 22.59 9.07 5.98
N PRO A 54 23.74 8.63 5.46
CA PRO A 54 24.21 7.27 5.68
C PRO A 54 24.58 7.02 7.14
N ALA A 55 24.29 5.83 7.61
CA ALA A 55 24.51 5.42 9.01
C ALA A 55 25.97 5.23 9.27
N ASN A 56 26.70 5.16 8.21
CA ASN A 56 28.10 4.89 8.23
C ASN A 56 28.91 6.17 8.41
N GLN A 57 28.24 7.31 8.31
CA GLN A 57 28.88 8.56 8.58
C GLN A 57 28.17 9.24 9.69
N THR A 58 28.88 10.03 10.42
CA THR A 58 28.31 10.78 11.46
C THR A 58 27.74 12.07 10.87
N SER A 59 26.53 12.40 11.23
CA SER A 59 25.87 13.58 10.75
C SER A 59 25.48 14.46 11.93
N ALA A 60 25.53 15.77 11.75
CA ALA A 60 25.17 16.72 12.80
C ALA A 60 23.71 16.52 13.23
N ILE A 61 23.43 16.91 14.45
CA ILE A 61 22.12 16.72 15.07
C ILE A 61 21.04 17.52 14.32
N THR A 62 21.49 18.58 13.69
CA THR A 62 20.61 19.46 12.96
C THR A 62 20.55 19.05 11.46
N ASN A 63 21.07 17.89 11.12
CA ASN A 63 21.00 17.39 9.76
C ASN A 63 19.64 16.84 9.49
N VAL A 64 19.14 17.07 8.32
CA VAL A 64 17.85 16.57 7.95
C VAL A 64 17.95 15.10 7.56
N VAL A 65 17.29 14.26 8.31
CA VAL A 65 17.30 12.89 8.01
C VAL A 65 16.04 12.57 7.23
N ILE A 66 16.22 12.10 6.03
CA ILE A 66 15.12 11.65 5.23
C ILE A 66 15.09 10.17 5.42
N ILE A 67 14.03 9.68 5.96
CA ILE A 67 13.90 8.28 6.24
C ILE A 67 12.99 7.64 5.19
N ILE A 68 13.54 6.69 4.47
CA ILE A 68 12.83 6.05 3.38
C ILE A 68 12.25 4.71 3.83
N VAL A 69 10.95 4.63 3.86
CA VAL A 69 10.24 3.45 4.28
C VAL A 69 9.88 2.64 3.05
N GLY A 70 10.06 1.36 3.12
CA GLY A 70 9.65 0.49 2.07
C GLY A 70 8.17 0.26 2.17
N SER A 71 7.46 0.55 1.14
CA SER A 71 6.06 0.38 1.16
C SER A 71 5.64 -0.44 -0.05
N GLY A 72 4.85 -1.46 0.21
CA GLY A 72 4.36 -2.28 -0.85
C GLY A 72 3.07 -1.70 -1.37
N PRO A 73 2.90 -1.56 -2.69
CA PRO A 73 1.69 -0.99 -3.27
C PRO A 73 0.47 -1.82 -2.93
N ALA A 74 -0.45 -1.20 -2.22
CA ALA A 74 -1.66 -1.85 -1.82
C ALA A 74 -2.56 -2.05 -3.03
N THR A 75 -2.41 -3.18 -3.63
CA THR A 75 -3.10 -3.54 -4.83
C THR A 75 -3.56 -4.97 -4.68
N LYS A 76 -4.61 -5.36 -5.37
CA LYS A 76 -5.12 -6.71 -5.28
C LYS A 76 -5.51 -7.22 -6.63
N ASP A 77 -5.40 -8.50 -6.80
CA ASP A 77 -5.71 -9.16 -8.04
C ASP A 77 -7.08 -9.79 -7.90
N ILE A 78 -8.02 -9.30 -8.65
CA ILE A 78 -9.38 -9.76 -8.48
C ILE A 78 -9.79 -10.81 -9.49
N PRO A 79 -10.46 -11.88 -9.01
CA PRO A 79 -11.08 -12.86 -9.88
C PRO A 79 -12.52 -12.42 -10.17
N ASP A 80 -13.25 -13.21 -10.90
CA ASP A 80 -14.61 -12.86 -11.22
C ASP A 80 -15.53 -13.62 -10.30
N VAL A 81 -16.67 -13.07 -10.08
CA VAL A 81 -17.71 -13.72 -9.31
C VAL A 81 -18.98 -13.56 -10.14
N ALA A 82 -18.77 -13.59 -11.45
CA ALA A 82 -19.81 -13.31 -12.42
C ALA A 82 -20.71 -14.52 -12.61
N GLY A 83 -21.96 -14.26 -12.89
CA GLY A 83 -22.92 -15.31 -13.04
C GLY A 83 -23.79 -15.41 -11.82
N GLN A 84 -23.38 -14.74 -10.76
CA GLN A 84 -24.14 -14.71 -9.54
C GLN A 84 -24.76 -13.34 -9.37
N THR A 85 -25.49 -13.12 -8.31
CA THR A 85 -26.27 -11.90 -8.18
C THR A 85 -25.38 -10.77 -7.71
N VAL A 86 -25.77 -9.53 -8.00
CA VAL A 86 -24.98 -8.36 -7.63
C VAL A 86 -24.66 -8.32 -6.13
N ASP A 87 -25.63 -8.62 -5.29
CA ASP A 87 -25.40 -8.62 -3.85
C ASP A 87 -24.48 -9.75 -3.41
N VAL A 88 -24.68 -10.93 -3.97
CA VAL A 88 -23.92 -12.08 -3.51
C VAL A 88 -22.49 -12.04 -4.02
N ALA A 89 -22.35 -11.62 -5.25
CA ALA A 89 -21.05 -11.52 -5.88
C ALA A 89 -20.17 -10.50 -5.18
N GLN A 90 -20.72 -9.32 -4.90
CA GLN A 90 -19.95 -8.25 -4.27
C GLN A 90 -19.54 -8.65 -2.88
N LYS A 91 -20.41 -9.41 -2.20
CA LYS A 91 -20.16 -9.88 -0.84
C LYS A 91 -18.91 -10.73 -0.83
N ASN A 92 -18.88 -11.70 -1.72
CA ASN A 92 -17.75 -12.61 -1.80
C ASN A 92 -16.52 -11.89 -2.28
N LEU A 93 -16.69 -11.07 -3.29
CA LEU A 93 -15.59 -10.30 -3.86
C LEU A 93 -15.00 -9.37 -2.81
N ASN A 94 -15.85 -8.79 -1.97
CA ASN A 94 -15.44 -7.90 -0.88
C ASN A 94 -14.47 -8.59 0.07
N VAL A 95 -14.73 -9.87 0.32
CA VAL A 95 -13.90 -10.68 1.22
C VAL A 95 -12.48 -10.88 0.63
N TYR A 96 -12.38 -11.05 -0.68
CA TYR A 96 -11.10 -11.33 -1.31
C TYR A 96 -10.78 -10.29 -2.37
N GLY A 97 -11.20 -9.09 -2.11
CA GLY A 97 -10.99 -8.02 -3.04
C GLY A 97 -10.95 -6.70 -2.33
N PHE A 98 -11.73 -5.76 -2.80
CA PHE A 98 -11.67 -4.42 -2.29
C PHE A 98 -12.86 -4.15 -1.41
N THR A 99 -12.85 -3.00 -0.81
CA THR A 99 -13.93 -2.58 0.03
C THR A 99 -14.70 -1.42 -0.63
N LYS A 100 -14.22 -0.98 -1.78
CA LYS A 100 -14.83 0.13 -2.49
C LYS A 100 -15.41 -0.38 -3.80
N PHE A 101 -16.72 -0.29 -3.92
CA PHE A 101 -17.44 -0.82 -5.08
C PHE A 101 -18.35 0.22 -5.69
N SER A 102 -18.67 0.03 -6.93
CA SER A 102 -19.65 0.80 -7.64
C SER A 102 -20.39 -0.18 -8.55
N GLN A 103 -21.59 0.14 -8.94
CA GLN A 103 -22.37 -0.74 -9.79
C GLN A 103 -22.75 -0.01 -11.04
N ALA A 104 -22.41 -0.59 -12.16
CA ALA A 104 -22.71 -0.01 -13.42
C ALA A 104 -23.68 -0.89 -14.13
N SER A 105 -24.61 -0.29 -14.80
CA SER A 105 -25.64 -1.00 -15.48
C SER A 105 -25.20 -1.36 -16.91
N VAL A 106 -25.27 -2.64 -17.22
CA VAL A 106 -24.95 -3.11 -18.55
C VAL A 106 -26.16 -3.83 -19.09
N ASP A 107 -26.27 -3.92 -20.39
CA ASP A 107 -27.49 -4.40 -21.02
C ASP A 107 -27.61 -5.90 -20.94
N SER A 108 -28.82 -6.33 -20.74
CA SER A 108 -29.14 -7.70 -20.56
C SER A 108 -30.08 -8.17 -21.67
N PRO A 109 -29.82 -9.34 -22.26
CA PRO A 109 -30.77 -9.93 -23.19
C PRO A 109 -32.02 -10.40 -22.41
N ARG A 110 -31.80 -11.35 -21.52
CA ARG A 110 -32.83 -11.86 -20.66
C ARG A 110 -32.48 -11.85 -19.13
N PRO A 111 -31.25 -12.33 -18.67
CA PRO A 111 -30.95 -12.33 -17.23
C PRO A 111 -30.59 -10.95 -16.72
N ALA A 112 -31.12 -10.58 -15.58
CA ALA A 112 -30.84 -9.29 -15.02
C ALA A 112 -30.62 -9.43 -13.53
N GLY A 113 -29.72 -8.61 -13.00
CA GLY A 113 -29.41 -8.65 -11.60
C GLY A 113 -28.13 -9.40 -11.32
N GLU A 114 -27.72 -10.21 -12.27
CA GLU A 114 -26.51 -10.97 -12.15
C GLU A 114 -25.31 -10.18 -12.64
N VAL A 115 -24.19 -10.43 -12.03
CA VAL A 115 -22.97 -9.77 -12.36
C VAL A 115 -22.44 -10.32 -13.66
N THR A 116 -22.26 -9.43 -14.60
CA THR A 116 -21.81 -9.75 -15.92
C THR A 116 -20.26 -9.63 -15.98
N GLY A 117 -19.68 -9.07 -14.92
CA GLY A 117 -18.26 -8.94 -14.83
C GLY A 117 -17.88 -7.74 -14.01
N THR A 118 -16.69 -7.26 -14.18
CA THR A 118 -16.20 -6.10 -13.51
C THR A 118 -15.51 -5.23 -14.54
N ASN A 119 -15.38 -3.95 -14.27
CA ASN A 119 -14.72 -3.01 -15.20
C ASN A 119 -13.32 -3.53 -15.60
N PRO A 120 -12.36 -3.75 -14.64
CA PRO A 120 -11.12 -4.43 -15.00
C PRO A 120 -11.37 -5.95 -15.06
N PRO A 121 -10.78 -6.66 -16.02
CA PRO A 121 -10.97 -8.10 -16.16
C PRO A 121 -10.33 -8.88 -15.02
N ALA A 122 -10.85 -10.07 -14.78
CA ALA A 122 -10.33 -10.94 -13.75
C ALA A 122 -8.89 -11.29 -14.04
N GLY A 123 -8.07 -11.24 -13.03
CA GLY A 123 -6.69 -11.54 -13.21
C GLY A 123 -5.85 -10.29 -13.29
N THR A 124 -6.51 -9.15 -13.30
CA THR A 124 -5.83 -7.88 -13.27
C THR A 124 -5.60 -7.45 -11.81
N THR A 125 -4.44 -6.94 -11.52
CA THR A 125 -4.16 -6.41 -10.22
C THR A 125 -4.33 -4.89 -10.26
N VAL A 126 -5.19 -4.34 -9.42
CA VAL A 126 -5.44 -2.90 -9.39
C VAL A 126 -5.35 -2.38 -7.94
N PRO A 127 -5.19 -1.05 -7.72
CA PRO A 127 -5.03 -0.46 -6.37
C PRO A 127 -6.27 -0.58 -5.50
N VAL A 128 -6.04 -0.92 -4.23
CA VAL A 128 -7.12 -1.08 -3.25
C VAL A 128 -7.78 0.26 -2.92
N ASP A 129 -7.05 1.31 -3.22
CA ASP A 129 -7.48 2.67 -2.99
C ASP A 129 -8.37 3.15 -4.14
N SER A 130 -8.51 2.32 -5.14
CA SER A 130 -9.30 2.64 -6.28
C SER A 130 -10.62 1.85 -6.16
N VAL A 131 -11.67 2.37 -6.73
CA VAL A 131 -12.97 1.75 -6.65
C VAL A 131 -13.14 0.77 -7.80
N ILE A 132 -13.68 -0.39 -7.50
CA ILE A 132 -13.94 -1.35 -8.52
C ILE A 132 -15.40 -1.23 -8.97
N GLU A 133 -15.60 -1.26 -10.26
CA GLU A 133 -16.87 -1.10 -10.84
C GLU A 133 -17.39 -2.46 -11.24
N LEU A 134 -18.51 -2.81 -10.69
CA LEU A 134 -19.14 -4.08 -10.89
C LEU A 134 -20.18 -3.94 -12.00
N GLN A 135 -20.10 -4.78 -13.00
CA GLN A 135 -20.99 -4.70 -14.14
C GLN A 135 -22.21 -5.56 -13.85
N VAL A 136 -23.31 -4.92 -13.56
CA VAL A 136 -24.52 -5.63 -13.25
C VAL A 136 -25.51 -5.54 -14.42
N SER A 137 -26.10 -6.67 -14.76
CA SER A 137 -27.09 -6.72 -15.80
C SER A 137 -28.33 -5.94 -15.37
N LYS A 138 -28.68 -4.95 -16.14
CA LYS A 138 -29.78 -4.11 -15.84
C LYS A 138 -31.08 -4.71 -16.36
N GLY A 4 35.26 18.44 21.10
CA GLY A 4 35.73 17.46 20.13
C GLY A 4 34.64 17.07 19.20
N PRO A 5 34.62 15.81 18.72
CA PRO A 5 33.58 15.30 17.83
C PRO A 5 32.21 15.41 18.49
N GLU A 6 31.27 15.93 17.76
CA GLU A 6 29.93 16.13 18.24
C GLU A 6 28.94 15.63 17.20
N GLN A 7 29.38 14.68 16.43
CA GLN A 7 28.58 14.08 15.40
C GLN A 7 28.07 12.73 15.91
N ARG A 8 26.89 12.33 15.49
CA ARG A 8 26.29 11.11 16.01
C ARG A 8 26.03 10.13 14.86
N GLU A 9 25.91 8.88 15.20
CA GLU A 9 25.74 7.78 14.26
C GLU A 9 24.26 7.61 13.91
N ILE A 10 23.98 7.30 12.66
CA ILE A 10 22.62 6.98 12.30
C ILE A 10 22.46 5.47 12.52
N PRO A 11 21.52 5.06 13.38
CA PRO A 11 21.36 3.65 13.72
C PRO A 11 20.86 2.80 12.55
N ASP A 12 21.38 1.61 12.46
CA ASP A 12 21.03 0.71 11.36
C ASP A 12 19.85 -0.18 11.76
N VAL A 13 19.21 0.16 12.88
CA VAL A 13 18.00 -0.57 13.33
C VAL A 13 16.83 -0.17 12.43
N SER A 14 17.09 0.82 11.61
CA SER A 14 16.17 1.34 10.67
C SER A 14 15.71 0.23 9.73
N THR A 15 16.64 -0.62 9.39
CA THR A 15 16.42 -1.74 8.56
C THR A 15 15.37 -2.68 9.19
N LEU A 16 15.27 -2.68 10.53
CA LEU A 16 14.37 -3.60 11.17
C LEU A 16 12.94 -3.07 11.09
N THR A 17 12.71 -1.80 11.42
CA THR A 17 11.38 -1.20 11.33
C THR A 17 11.51 0.34 11.43
N TYR A 18 10.65 1.08 10.71
CA TYR A 18 10.62 2.55 10.75
C TYR A 18 10.45 3.08 12.18
N ALA A 19 9.54 2.48 12.93
CA ALA A 19 9.31 2.86 14.33
C ALA A 19 10.61 2.75 15.14
N GLU A 20 11.33 1.68 14.90
CA GLU A 20 12.59 1.41 15.58
C GLU A 20 13.64 2.43 15.18
N ALA A 21 13.64 2.77 13.90
CA ALA A 21 14.55 3.74 13.34
C ALA A 21 14.39 5.09 14.00
N VAL A 22 13.15 5.54 14.05
CA VAL A 22 12.82 6.83 14.59
C VAL A 22 13.21 6.96 16.04
N LYS A 23 12.85 5.99 16.83
CA LYS A 23 13.11 6.04 18.26
C LYS A 23 14.59 6.09 18.57
N LYS A 24 15.38 5.25 17.92
CA LYS A 24 16.81 5.23 18.14
C LYS A 24 17.45 6.52 17.63
N LEU A 25 17.04 6.97 16.47
CA LEU A 25 17.58 8.16 15.85
C LEU A 25 17.19 9.41 16.64
N THR A 26 15.97 9.41 17.14
CA THR A 26 15.47 10.49 17.96
C THR A 26 16.31 10.59 19.24
N ALA A 27 16.57 9.44 19.84
CA ALA A 27 17.39 9.37 21.03
C ALA A 27 18.86 9.64 20.71
N ALA A 28 19.21 9.58 19.43
CA ALA A 28 20.58 9.84 19.02
C ALA A 28 20.82 11.34 18.96
N GLY A 29 19.76 12.12 19.01
CA GLY A 29 19.92 13.56 19.11
C GLY A 29 19.37 14.29 17.93
N PHE A 30 19.02 13.57 16.90
CA PHE A 30 18.49 14.18 15.71
C PHE A 30 17.02 14.51 15.91
N GLY A 31 16.61 15.69 15.48
CA GLY A 31 15.22 16.08 15.61
C GLY A 31 14.61 16.54 14.31
N ARG A 32 15.41 16.56 13.27
CA ARG A 32 14.91 17.00 11.99
C ARG A 32 14.87 15.82 11.04
N PHE A 33 13.69 15.45 10.62
CA PHE A 33 13.51 14.26 9.80
C PHE A 33 12.67 14.59 8.59
N LYS A 34 12.90 13.84 7.56
CA LYS A 34 12.07 13.86 6.39
C LYS A 34 11.84 12.44 5.98
N GLN A 35 10.61 12.06 5.90
CA GLN A 35 10.25 10.71 5.55
C GLN A 35 9.91 10.63 4.07
N ALA A 36 10.45 9.65 3.44
CA ALA A 36 10.16 9.35 2.07
C ALA A 36 9.70 7.93 2.01
N ASN A 37 8.70 7.65 1.23
CA ASN A 37 8.24 6.27 1.08
C ASN A 37 8.23 5.92 -0.38
N SER A 38 8.71 4.77 -0.69
CA SER A 38 8.73 4.31 -2.05
C SER A 38 8.08 2.95 -2.16
N PRO A 39 7.38 2.67 -3.27
CA PRO A 39 6.80 1.36 -3.49
C PRO A 39 7.90 0.31 -3.63
N SER A 40 7.83 -0.68 -2.81
CA SER A 40 8.81 -1.71 -2.76
C SER A 40 8.09 -3.04 -2.49
N THR A 41 8.85 -4.12 -2.45
CA THR A 41 8.33 -5.43 -2.18
C THR A 41 7.61 -5.49 -0.81
N PRO A 42 6.49 -6.24 -0.75
CA PRO A 42 5.66 -6.43 0.45
C PRO A 42 6.47 -6.86 1.69
N GLU A 43 7.57 -7.55 1.46
CA GLU A 43 8.39 -8.04 2.55
C GLU A 43 9.23 -6.92 3.20
N LEU A 44 9.29 -5.75 2.58
CA LEU A 44 10.07 -4.65 3.13
C LEU A 44 9.18 -3.52 3.63
N VAL A 45 7.89 -3.74 3.62
CA VAL A 45 6.94 -2.71 4.06
C VAL A 45 7.19 -2.35 5.53
N GLY A 46 7.35 -1.07 5.80
CA GLY A 46 7.52 -0.59 7.15
C GLY A 46 8.96 -0.65 7.61
N LYS A 47 9.83 -1.11 6.74
CA LYS A 47 11.22 -1.22 7.04
C LYS A 47 11.96 -0.14 6.29
N VAL A 48 12.95 0.43 6.90
CA VAL A 48 13.72 1.48 6.29
C VAL A 48 14.75 0.86 5.38
N ILE A 49 14.78 1.31 4.15
CA ILE A 49 15.67 0.75 3.17
C ILE A 49 16.93 1.59 3.01
N GLY A 50 16.93 2.78 3.60
CA GLY A 50 18.09 3.62 3.56
C GLY A 50 17.81 5.01 4.08
N THR A 51 18.85 5.72 4.42
CA THR A 51 18.76 7.07 4.86
C THR A 51 19.75 7.90 4.06
N ASN A 52 19.47 9.17 3.85
CA ASN A 52 20.42 10.07 3.16
C ASN A 52 21.73 10.21 3.93
N PRO A 53 21.71 10.59 5.24
CA PRO A 53 22.93 10.59 6.03
C PRO A 53 23.38 9.15 6.31
N PRO A 54 24.69 8.90 6.26
CA PRO A 54 25.27 7.58 6.45
C PRO A 54 25.04 7.02 7.87
N ALA A 55 24.87 5.73 7.94
CA ALA A 55 24.69 5.03 9.19
C ALA A 55 26.05 4.59 9.72
N ASN A 56 26.99 4.59 8.83
CA ASN A 56 28.34 4.12 9.13
C ASN A 56 29.21 5.28 9.58
N GLN A 57 28.79 6.47 9.25
CA GLN A 57 29.53 7.66 9.58
C GLN A 57 28.73 8.56 10.47
N THR A 58 29.38 9.31 11.29
CA THR A 58 28.72 10.18 12.22
C THR A 58 28.39 11.53 11.57
N SER A 59 27.14 11.91 11.66
CA SER A 59 26.64 13.12 11.06
C SER A 59 26.27 14.13 12.15
N ALA A 60 26.36 15.41 11.83
CA ALA A 60 26.07 16.47 12.79
C ALA A 60 24.63 16.40 13.31
N ILE A 61 24.47 16.71 14.58
CA ILE A 61 23.20 16.63 15.31
C ILE A 61 22.13 17.51 14.64
N THR A 62 22.56 18.59 14.03
CA THR A 62 21.65 19.55 13.44
C THR A 62 21.21 19.13 12.02
N ASN A 63 21.70 17.98 11.55
CA ASN A 63 21.39 17.50 10.20
C ASN A 63 19.97 16.99 10.08
N VAL A 64 19.40 17.22 8.93
CA VAL A 64 18.11 16.68 8.61
C VAL A 64 18.30 15.26 8.06
N VAL A 65 17.62 14.32 8.66
CA VAL A 65 17.73 12.98 8.22
C VAL A 65 16.59 12.67 7.29
N ILE A 66 16.90 12.33 6.08
CA ILE A 66 15.92 11.92 5.15
C ILE A 66 15.91 10.42 5.19
N ILE A 67 14.83 9.89 5.62
CA ILE A 67 14.69 8.50 5.84
C ILE A 67 13.69 7.89 4.83
N ILE A 68 14.13 6.87 4.10
CA ILE A 68 13.31 6.25 3.07
C ILE A 68 12.76 4.90 3.58
N VAL A 69 11.46 4.79 3.59
CA VAL A 69 10.76 3.61 4.06
C VAL A 69 10.26 2.81 2.85
N GLY A 70 10.36 1.51 2.95
CA GLY A 70 9.80 0.67 1.95
C GLY A 70 8.31 0.54 2.19
N SER A 71 7.53 0.88 1.22
CA SER A 71 6.10 0.80 1.34
C SER A 71 5.56 -0.09 0.24
N GLY A 72 4.65 -0.95 0.56
CA GLY A 72 4.15 -1.87 -0.42
C GLY A 72 2.80 -1.46 -0.91
N PRO A 73 2.60 -1.41 -2.23
CA PRO A 73 1.29 -1.13 -2.81
C PRO A 73 0.32 -2.23 -2.42
N ALA A 74 -0.75 -1.85 -1.78
CA ALA A 74 -1.74 -2.81 -1.40
C ALA A 74 -2.66 -3.02 -2.56
N THR A 75 -2.49 -4.13 -3.20
CA THR A 75 -3.23 -4.45 -4.39
C THR A 75 -3.94 -5.80 -4.26
N LYS A 76 -4.87 -6.05 -5.17
CA LYS A 76 -5.61 -7.31 -5.24
C LYS A 76 -5.97 -7.60 -6.67
N ASP A 77 -6.00 -8.87 -6.99
CA ASP A 77 -6.40 -9.34 -8.28
C ASP A 77 -7.84 -9.71 -8.22
N ILE A 78 -8.64 -9.17 -9.11
CA ILE A 78 -10.06 -9.40 -9.07
C ILE A 78 -10.45 -10.76 -9.67
N PRO A 79 -11.12 -11.60 -8.88
CA PRO A 79 -11.61 -12.88 -9.36
C PRO A 79 -12.94 -12.69 -10.09
N ASP A 80 -13.18 -13.49 -11.10
CA ASP A 80 -14.42 -13.41 -11.86
C ASP A 80 -15.55 -13.92 -10.99
N VAL A 81 -16.51 -13.09 -10.77
CA VAL A 81 -17.67 -13.46 -9.98
C VAL A 81 -18.93 -13.15 -10.82
N ALA A 82 -18.72 -13.02 -12.11
CA ALA A 82 -19.76 -12.69 -13.03
C ALA A 82 -20.54 -13.92 -13.40
N GLY A 83 -21.76 -13.98 -12.97
CA GLY A 83 -22.60 -15.11 -13.21
C GLY A 83 -23.53 -15.34 -12.06
N GLN A 84 -23.10 -14.95 -10.87
CA GLN A 84 -23.91 -15.07 -9.68
C GLN A 84 -24.78 -13.83 -9.57
N THR A 85 -25.63 -13.77 -8.56
CA THR A 85 -26.59 -12.68 -8.46
C THR A 85 -25.86 -11.48 -7.92
N VAL A 86 -26.36 -10.29 -8.19
CA VAL A 86 -25.71 -9.05 -7.77
C VAL A 86 -25.37 -9.04 -6.28
N ASP A 87 -26.32 -9.44 -5.45
CA ASP A 87 -26.11 -9.45 -4.00
C ASP A 87 -25.07 -10.47 -3.59
N VAL A 88 -25.14 -11.66 -4.17
CA VAL A 88 -24.23 -12.71 -3.75
C VAL A 88 -22.84 -12.50 -4.31
N ALA A 89 -22.78 -12.06 -5.54
CA ALA A 89 -21.53 -11.81 -6.22
C ALA A 89 -20.74 -10.69 -5.57
N GLN A 90 -21.39 -9.54 -5.30
CA GLN A 90 -20.68 -8.42 -4.72
C GLN A 90 -20.20 -8.76 -3.34
N LYS A 91 -21.00 -9.54 -2.63
CA LYS A 91 -20.69 -9.97 -1.28
C LYS A 91 -19.41 -10.78 -1.29
N ASN A 92 -19.33 -11.73 -2.22
CA ASN A 92 -18.14 -12.56 -2.39
C ASN A 92 -16.95 -11.72 -2.75
N LEU A 93 -17.16 -10.80 -3.68
CA LEU A 93 -16.10 -9.94 -4.17
C LEU A 93 -15.61 -9.03 -3.03
N ASN A 94 -16.52 -8.50 -2.26
CA ASN A 94 -16.23 -7.58 -1.14
C ASN A 94 -15.32 -8.23 -0.10
N VAL A 95 -15.53 -9.50 0.14
CA VAL A 95 -14.74 -10.23 1.11
C VAL A 95 -13.26 -10.37 0.70
N TYR A 96 -13.00 -10.57 -0.59
CA TYR A 96 -11.63 -10.83 -1.03
C TYR A 96 -11.06 -9.69 -1.86
N GLY A 97 -11.92 -8.84 -2.30
CA GLY A 97 -11.56 -7.77 -3.17
C GLY A 97 -11.54 -6.44 -2.48
N PHE A 98 -12.50 -5.59 -2.83
CA PHE A 98 -12.47 -4.23 -2.37
C PHE A 98 -13.74 -3.87 -1.65
N THR A 99 -13.78 -2.68 -1.11
CA THR A 99 -14.92 -2.16 -0.42
C THR A 99 -15.58 -1.05 -1.24
N LYS A 100 -14.97 -0.71 -2.36
CA LYS A 100 -15.43 0.38 -3.19
C LYS A 100 -16.04 -0.19 -4.45
N PHE A 101 -17.32 0.02 -4.62
CA PHE A 101 -18.06 -0.52 -5.74
C PHE A 101 -18.84 0.57 -6.44
N SER A 102 -19.01 0.39 -7.70
CA SER A 102 -19.87 1.19 -8.51
C SER A 102 -20.63 0.24 -9.40
N GLN A 103 -21.86 0.51 -9.68
CA GLN A 103 -22.66 -0.39 -10.48
C GLN A 103 -23.18 0.32 -11.70
N ALA A 104 -23.11 -0.35 -12.80
CA ALA A 104 -23.61 0.15 -14.03
C ALA A 104 -24.56 -0.86 -14.61
N SER A 105 -25.71 -0.39 -15.01
CA SER A 105 -26.75 -1.25 -15.51
C SER A 105 -26.65 -1.45 -17.02
N VAL A 106 -26.78 -2.69 -17.42
CA VAL A 106 -26.80 -3.07 -18.82
C VAL A 106 -28.11 -3.76 -19.07
N ASP A 107 -28.51 -3.90 -20.30
CA ASP A 107 -29.81 -4.46 -20.61
C ASP A 107 -29.76 -5.97 -20.47
N SER A 108 -30.78 -6.51 -19.88
CA SER A 108 -30.82 -7.90 -19.53
C SER A 108 -31.59 -8.74 -20.57
N PRO A 109 -30.89 -9.56 -21.36
CA PRO A 109 -31.50 -10.49 -22.26
C PRO A 109 -31.71 -11.86 -21.56
N ARG A 110 -30.74 -12.76 -21.66
CA ARG A 110 -30.80 -13.97 -20.88
C ARG A 110 -30.23 -13.76 -19.47
N PRO A 111 -29.01 -13.14 -19.30
CA PRO A 111 -28.56 -12.73 -17.97
C PRO A 111 -29.56 -11.75 -17.33
N ALA A 112 -29.89 -11.97 -16.07
CA ALA A 112 -30.86 -11.13 -15.35
C ALA A 112 -30.62 -11.19 -13.85
N GLY A 113 -30.25 -10.04 -13.27
CA GLY A 113 -30.02 -9.92 -11.83
C GLY A 113 -28.62 -10.36 -11.46
N GLU A 114 -28.03 -11.04 -12.36
CA GLU A 114 -26.72 -11.58 -12.26
C GLU A 114 -25.68 -10.57 -12.70
N VAL A 115 -24.53 -10.67 -12.13
CA VAL A 115 -23.44 -9.80 -12.49
C VAL A 115 -22.95 -10.23 -13.85
N THR A 116 -22.98 -9.31 -14.76
CA THR A 116 -22.66 -9.55 -16.13
C THR A 116 -21.16 -9.39 -16.37
N GLY A 117 -20.51 -8.62 -15.53
CA GLY A 117 -19.08 -8.44 -15.65
C GLY A 117 -18.61 -7.32 -14.79
N THR A 118 -17.44 -6.84 -15.04
CA THR A 118 -16.85 -5.72 -14.34
C THR A 118 -16.11 -4.86 -15.36
N ASN A 119 -15.85 -3.61 -15.03
CA ASN A 119 -15.10 -2.72 -15.94
C ASN A 119 -13.70 -3.30 -16.25
N PRO A 120 -12.81 -3.51 -15.23
CA PRO A 120 -11.56 -4.21 -15.48
C PRO A 120 -11.83 -5.72 -15.58
N PRO A 121 -11.17 -6.42 -16.51
CA PRO A 121 -11.38 -7.87 -16.67
C PRO A 121 -10.73 -8.67 -15.54
N ALA A 122 -11.26 -9.85 -15.28
CA ALA A 122 -10.71 -10.77 -14.30
C ALA A 122 -9.27 -11.08 -14.65
N GLY A 123 -8.41 -10.98 -13.69
CA GLY A 123 -7.01 -11.19 -13.93
C GLY A 123 -6.28 -9.87 -13.88
N THR A 124 -7.02 -8.80 -13.73
CA THR A 124 -6.44 -7.51 -13.54
C THR A 124 -6.22 -7.26 -12.05
N THR A 125 -5.00 -6.95 -11.71
CA THR A 125 -4.65 -6.63 -10.35
C THR A 125 -4.54 -5.11 -10.22
N VAL A 126 -5.29 -4.55 -9.31
CA VAL A 126 -5.31 -3.12 -9.10
C VAL A 126 -5.18 -2.81 -7.61
N PRO A 127 -4.85 -1.55 -7.23
CA PRO A 127 -4.77 -1.15 -5.83
C PRO A 127 -6.09 -1.38 -5.11
N VAL A 128 -6.01 -1.69 -3.83
CA VAL A 128 -7.18 -1.97 -3.02
C VAL A 128 -8.07 -0.73 -2.82
N ASP A 129 -7.49 0.42 -3.03
CA ASP A 129 -8.23 1.68 -2.96
C ASP A 129 -8.91 2.01 -4.29
N SER A 130 -8.79 1.13 -5.26
CA SER A 130 -9.40 1.35 -6.55
C SER A 130 -10.88 0.99 -6.46
N VAL A 131 -11.71 1.81 -7.09
CA VAL A 131 -13.12 1.61 -7.09
C VAL A 131 -13.50 0.71 -8.25
N ILE A 132 -14.02 -0.45 -7.95
CA ILE A 132 -14.37 -1.38 -8.98
C ILE A 132 -15.79 -1.15 -9.48
N GLU A 133 -15.94 -1.16 -10.77
CA GLU A 133 -17.18 -0.98 -11.41
C GLU A 133 -17.67 -2.33 -11.83
N LEU A 134 -18.82 -2.65 -11.35
CA LEU A 134 -19.43 -3.93 -11.55
C LEU A 134 -20.65 -3.75 -12.45
N GLN A 135 -20.69 -4.54 -13.50
CA GLN A 135 -21.71 -4.41 -14.53
C GLN A 135 -22.86 -5.34 -14.18
N VAL A 136 -23.95 -4.76 -13.81
CA VAL A 136 -25.14 -5.47 -13.42
C VAL A 136 -26.17 -5.48 -14.53
N SER A 137 -26.79 -6.61 -14.72
CA SER A 137 -27.90 -6.68 -15.61
C SER A 137 -29.06 -5.96 -14.92
N LYS A 138 -29.62 -4.99 -15.61
CA LYS A 138 -30.62 -4.12 -15.05
C LYS A 138 -31.87 -4.90 -14.66
N GLY A 4 33.13 19.14 21.62
CA GLY A 4 32.58 17.80 21.43
C GLY A 4 31.92 17.69 20.08
N PRO A 5 31.74 16.48 19.52
CA PRO A 5 31.13 16.32 18.22
C PRO A 5 29.63 16.53 18.30
N GLU A 6 29.10 17.32 17.39
CA GLU A 6 27.68 17.60 17.36
C GLU A 6 27.08 16.94 16.15
N GLN A 7 27.82 16.04 15.58
CA GLN A 7 27.37 15.25 14.47
C GLN A 7 27.45 13.80 14.88
N ARG A 8 26.42 13.07 14.59
CA ARG A 8 26.36 11.69 15.01
C ARG A 8 26.12 10.81 13.79
N GLU A 9 26.46 9.57 13.94
CA GLU A 9 26.31 8.58 12.89
C GLU A 9 24.90 8.04 12.88
N ILE A 10 24.37 7.78 11.72
CA ILE A 10 23.02 7.23 11.62
C ILE A 10 23.11 5.71 11.90
N PRO A 11 22.28 5.18 12.80
CA PRO A 11 22.28 3.75 13.10
C PRO A 11 21.68 2.91 11.97
N ASP A 12 22.14 1.69 11.80
CA ASP A 12 21.64 0.82 10.76
C ASP A 12 20.95 -0.35 11.36
N VAL A 13 19.81 -0.08 11.88
CA VAL A 13 18.92 -1.09 12.42
C VAL A 13 17.60 -0.94 11.68
N SER A 14 17.65 -0.05 10.74
CA SER A 14 16.55 0.35 9.92
C SER A 14 16.02 -0.82 9.09
N THR A 15 16.92 -1.69 8.71
CA THR A 15 16.60 -2.88 7.99
C THR A 15 15.67 -3.80 8.81
N LEU A 16 15.74 -3.72 10.14
CA LEU A 16 14.99 -4.65 10.92
C LEU A 16 13.54 -4.20 11.03
N THR A 17 13.32 -2.93 11.32
CA THR A 17 11.96 -2.39 11.39
C THR A 17 12.04 -0.86 11.41
N TYR A 18 11.04 -0.21 10.82
CA TYR A 18 10.87 1.24 10.87
C TYR A 18 10.90 1.75 12.31
N ALA A 19 10.20 1.07 13.20
CA ALA A 19 10.16 1.41 14.62
C ALA A 19 11.59 1.46 15.21
N GLU A 20 12.38 0.47 14.83
CA GLU A 20 13.75 0.36 15.29
C GLU A 20 14.59 1.50 14.76
N ALA A 21 14.37 1.85 13.51
CA ALA A 21 15.09 2.94 12.86
C ALA A 21 14.86 4.23 13.59
N VAL A 22 13.59 4.52 13.84
CA VAL A 22 13.21 5.77 14.46
C VAL A 22 13.73 5.86 15.89
N LYS A 23 13.55 4.82 16.67
CA LYS A 23 13.98 4.81 18.07
C LYS A 23 15.46 4.99 18.23
N LYS A 24 16.24 4.27 17.44
CA LYS A 24 17.68 4.38 17.50
C LYS A 24 18.16 5.73 17.01
N LEU A 25 17.51 6.24 15.95
CA LEU A 25 17.86 7.54 15.40
C LEU A 25 17.52 8.65 16.40
N THR A 26 16.37 8.47 17.05
CA THR A 26 15.91 9.36 18.08
C THR A 26 16.95 9.41 19.23
N ALA A 27 17.42 8.23 19.62
CA ALA A 27 18.43 8.10 20.67
C ALA A 27 19.81 8.59 20.20
N ALA A 28 19.97 8.73 18.89
CA ALA A 28 21.22 9.23 18.34
C ALA A 28 21.30 10.75 18.46
N GLY A 29 20.17 11.36 18.77
CA GLY A 29 20.15 12.77 19.04
C GLY A 29 19.41 13.56 18.00
N PHE A 30 19.19 12.94 16.87
CA PHE A 30 18.53 13.60 15.76
C PHE A 30 17.10 13.93 16.10
N GLY A 31 16.78 15.20 16.03
CA GLY A 31 15.43 15.64 16.29
C GLY A 31 14.71 16.02 15.03
N ARG A 32 15.42 15.94 13.91
CA ARG A 32 14.84 16.26 12.63
C ARG A 32 14.93 15.06 11.71
N PHE A 33 13.79 14.55 11.37
CA PHE A 33 13.68 13.43 10.46
C PHE A 33 12.41 13.51 9.66
N LYS A 34 12.46 13.01 8.45
CA LYS A 34 11.35 13.05 7.55
C LYS A 34 11.16 11.67 6.97
N GLN A 35 9.96 11.19 7.04
CA GLN A 35 9.64 9.86 6.57
C GLN A 35 9.16 9.90 5.13
N ALA A 36 9.81 9.15 4.29
CA ALA A 36 9.43 9.00 2.92
C ALA A 36 9.18 7.52 2.68
N ASN A 37 8.32 7.20 1.77
CA ASN A 37 8.03 5.80 1.49
C ASN A 37 8.37 5.54 0.05
N SER A 38 8.93 4.40 -0.21
CA SER A 38 9.29 4.06 -1.54
C SER A 38 8.70 2.71 -1.89
N PRO A 39 8.15 2.55 -3.10
CA PRO A 39 7.58 1.28 -3.54
C PRO A 39 8.65 0.21 -3.65
N SER A 40 8.43 -0.85 -2.96
CA SER A 40 9.29 -1.98 -2.91
C SER A 40 8.41 -3.21 -2.94
N THR A 41 9.01 -4.38 -2.92
CA THR A 41 8.28 -5.61 -2.84
C THR A 41 7.46 -5.61 -1.54
N PRO A 42 6.24 -6.14 -1.60
CA PRO A 42 5.29 -6.16 -0.48
C PRO A 42 5.88 -6.69 0.82
N GLU A 43 6.84 -7.57 0.71
CA GLU A 43 7.44 -8.19 1.88
C GLU A 43 8.40 -7.24 2.63
N LEU A 44 8.78 -6.15 1.98
CA LEU A 44 9.68 -5.19 2.60
C LEU A 44 8.92 -4.11 3.36
N VAL A 45 7.59 -4.22 3.39
CA VAL A 45 6.80 -3.25 4.10
C VAL A 45 7.17 -3.23 5.59
N GLY A 46 7.44 -2.06 6.10
CA GLY A 46 7.78 -1.93 7.50
C GLY A 46 9.27 -1.93 7.72
N LYS A 47 10.02 -2.32 6.69
CA LYS A 47 11.45 -2.32 6.77
C LYS A 47 11.95 -1.07 6.11
N VAL A 48 12.95 -0.47 6.68
CA VAL A 48 13.55 0.68 6.07
C VAL A 48 14.54 0.22 5.02
N ILE A 49 14.57 0.87 3.89
CA ILE A 49 15.47 0.45 2.85
C ILE A 49 16.74 1.29 2.85
N GLY A 50 16.64 2.53 3.29
CA GLY A 50 17.81 3.35 3.33
C GLY A 50 17.53 4.71 3.94
N THR A 51 18.58 5.42 4.22
CA THR A 51 18.49 6.75 4.74
C THR A 51 19.13 7.71 3.76
N ASN A 52 18.56 8.89 3.64
CA ASN A 52 19.10 9.94 2.76
C ASN A 52 20.53 10.37 3.18
N PRO A 53 20.81 10.68 4.46
CA PRO A 53 22.17 10.93 4.89
C PRO A 53 22.86 9.58 5.16
N PRO A 54 24.15 9.49 4.87
CA PRO A 54 24.90 8.27 5.07
C PRO A 54 25.16 8.02 6.55
N ALA A 55 25.14 6.76 6.92
CA ALA A 55 25.35 6.35 8.28
C ALA A 55 26.83 6.35 8.60
N ASN A 56 27.62 6.35 7.56
CA ASN A 56 29.06 6.35 7.68
C ASN A 56 29.62 7.70 8.01
N GLN A 57 28.93 8.75 7.64
CA GLN A 57 29.36 10.08 8.01
C GLN A 57 28.53 10.53 9.17
N THR A 58 29.00 11.52 9.87
CA THR A 58 28.28 12.00 10.99
C THR A 58 27.49 13.23 10.58
N SER A 59 26.22 13.21 10.83
CA SER A 59 25.35 14.29 10.48
C SER A 59 24.99 15.06 11.75
N ALA A 60 24.88 16.38 11.63
CA ALA A 60 24.61 17.25 12.79
C ALA A 60 23.33 16.87 13.52
N ILE A 61 23.28 17.17 14.80
CA ILE A 61 22.10 16.89 15.61
C ILE A 61 20.88 17.65 15.07
N THR A 62 21.13 18.78 14.46
CA THR A 62 20.09 19.61 13.89
C THR A 62 19.87 19.27 12.39
N ASN A 63 20.50 18.22 11.93
CA ASN A 63 20.42 17.82 10.52
C ASN A 63 19.14 17.02 10.32
N VAL A 64 18.56 17.09 9.16
CA VAL A 64 17.34 16.38 8.90
C VAL A 64 17.61 15.07 8.17
N VAL A 65 17.27 13.99 8.80
CA VAL A 65 17.45 12.69 8.24
C VAL A 65 16.19 12.28 7.50
N ILE A 66 16.30 12.03 6.24
CA ILE A 66 15.18 11.54 5.49
C ILE A 66 15.26 10.03 5.50
N ILE A 67 14.29 9.42 6.10
CA ILE A 67 14.27 7.99 6.26
C ILE A 67 13.28 7.40 5.25
N ILE A 68 13.76 6.45 4.49
CA ILE A 68 12.99 5.88 3.40
C ILE A 68 12.48 4.49 3.80
N VAL A 69 11.19 4.36 3.88
CA VAL A 69 10.55 3.13 4.29
C VAL A 69 10.15 2.34 3.06
N GLY A 70 10.39 1.06 3.09
CA GLY A 70 9.97 0.22 2.03
C GLY A 70 8.52 -0.10 2.20
N SER A 71 7.74 0.17 1.21
CA SER A 71 6.34 -0.13 1.25
C SER A 71 5.93 -0.76 -0.06
N GLY A 72 5.08 -1.74 0.01
CA GLY A 72 4.63 -2.37 -1.19
C GLY A 72 3.35 -1.74 -1.68
N PRO A 73 3.00 -1.92 -2.95
CA PRO A 73 1.78 -1.35 -3.53
C PRO A 73 0.54 -1.94 -2.87
N ALA A 74 -0.32 -1.08 -2.39
CA ALA A 74 -1.54 -1.52 -1.79
C ALA A 74 -2.57 -1.83 -2.89
N THR A 75 -2.43 -3.01 -3.44
CA THR A 75 -3.25 -3.46 -4.52
C THR A 75 -3.67 -4.90 -4.23
N LYS A 76 -4.79 -5.34 -4.75
CA LYS A 76 -5.25 -6.72 -4.58
C LYS A 76 -5.88 -7.22 -5.86
N ASP A 77 -5.83 -8.52 -6.05
CA ASP A 77 -6.42 -9.16 -7.22
C ASP A 77 -7.82 -9.61 -6.92
N ILE A 78 -8.71 -9.41 -7.87
CA ILE A 78 -10.09 -9.79 -7.68
C ILE A 78 -10.36 -11.18 -8.26
N PRO A 79 -10.98 -12.07 -7.48
CA PRO A 79 -11.43 -13.38 -7.98
C PRO A 79 -12.73 -13.23 -8.79
N ASP A 80 -13.17 -14.32 -9.41
CA ASP A 80 -14.39 -14.32 -10.21
C ASP A 80 -15.61 -14.04 -9.35
N VAL A 81 -16.39 -13.10 -9.78
CA VAL A 81 -17.60 -12.71 -9.06
C VAL A 81 -18.82 -12.73 -10.02
N ALA A 82 -18.54 -12.89 -11.30
CA ALA A 82 -19.54 -12.81 -12.34
C ALA A 82 -20.48 -14.00 -12.34
N GLY A 83 -21.74 -13.75 -12.48
CA GLY A 83 -22.72 -14.80 -12.54
C GLY A 83 -23.58 -14.83 -11.33
N GLN A 84 -23.14 -14.14 -10.29
CA GLN A 84 -23.87 -14.08 -9.05
C GLN A 84 -24.86 -12.95 -9.11
N THR A 85 -25.64 -12.79 -8.07
CA THR A 85 -26.64 -11.77 -8.07
C THR A 85 -26.03 -10.51 -7.52
N VAL A 86 -26.59 -9.36 -7.87
CA VAL A 86 -25.97 -8.07 -7.56
C VAL A 86 -25.63 -7.91 -6.06
N ASP A 87 -26.56 -8.25 -5.21
CA ASP A 87 -26.36 -8.14 -3.77
C ASP A 87 -25.34 -9.15 -3.25
N VAL A 88 -25.42 -10.39 -3.74
CA VAL A 88 -24.55 -11.44 -3.21
C VAL A 88 -23.13 -11.27 -3.72
N ALA A 89 -23.05 -10.82 -4.94
CA ALA A 89 -21.78 -10.55 -5.59
C ALA A 89 -21.02 -9.51 -4.81
N GLN A 90 -21.69 -8.43 -4.45
CA GLN A 90 -21.08 -7.36 -3.71
C GLN A 90 -20.64 -7.80 -2.34
N LYS A 91 -21.41 -8.69 -1.73
CA LYS A 91 -21.05 -9.18 -0.41
C LYS A 91 -19.76 -9.97 -0.46
N ASN A 92 -19.70 -10.92 -1.36
CA ASN A 92 -18.54 -11.77 -1.48
C ASN A 92 -17.35 -10.96 -1.97
N LEU A 93 -17.61 -10.07 -2.91
CA LEU A 93 -16.56 -9.24 -3.46
C LEU A 93 -16.02 -8.32 -2.38
N ASN A 94 -16.87 -7.82 -1.53
CA ASN A 94 -16.50 -6.90 -0.46
C ASN A 94 -15.45 -7.51 0.46
N VAL A 95 -15.59 -8.79 0.77
CA VAL A 95 -14.66 -9.42 1.68
C VAL A 95 -13.28 -9.69 1.02
N TYR A 96 -13.27 -9.93 -0.30
CA TYR A 96 -11.99 -10.29 -0.98
C TYR A 96 -11.43 -9.10 -1.73
N GLY A 97 -12.31 -8.31 -2.23
CA GLY A 97 -12.01 -7.23 -3.10
C GLY A 97 -11.82 -5.92 -2.39
N PHE A 98 -12.72 -5.00 -2.62
CA PHE A 98 -12.54 -3.65 -2.16
C PHE A 98 -13.77 -3.19 -1.45
N THR A 99 -13.71 -2.01 -0.91
CA THR A 99 -14.76 -1.53 -0.08
C THR A 99 -15.73 -0.62 -0.85
N LYS A 100 -15.26 0.01 -1.91
CA LYS A 100 -16.12 0.92 -2.63
C LYS A 100 -16.51 0.35 -3.97
N PHE A 101 -17.79 0.24 -4.18
CA PHE A 101 -18.36 -0.34 -5.36
C PHE A 101 -18.97 0.71 -6.22
N SER A 102 -18.89 0.51 -7.49
CA SER A 102 -19.49 1.36 -8.45
C SER A 102 -20.33 0.46 -9.34
N GLN A 103 -21.41 0.98 -9.88
CA GLN A 103 -22.33 0.16 -10.63
C GLN A 103 -22.45 0.70 -12.02
N ALA A 104 -22.33 -0.18 -12.96
CA ALA A 104 -22.44 0.13 -14.34
C ALA A 104 -23.45 -0.82 -14.96
N SER A 105 -24.27 -0.33 -15.83
CA SER A 105 -25.30 -1.15 -16.41
C SER A 105 -24.94 -1.57 -17.83
N VAL A 106 -25.03 -2.84 -18.11
CA VAL A 106 -24.75 -3.37 -19.42
C VAL A 106 -25.95 -4.11 -19.95
N ASP A 107 -26.02 -4.23 -21.24
CA ASP A 107 -27.09 -4.92 -21.89
C ASP A 107 -26.74 -6.39 -22.00
N SER A 108 -27.72 -7.21 -21.83
CA SER A 108 -27.57 -8.62 -21.93
C SER A 108 -28.78 -9.14 -22.71
N PRO A 109 -28.59 -10.12 -23.62
CA PRO A 109 -29.68 -10.63 -24.48
C PRO A 109 -30.93 -11.05 -23.68
N ARG A 110 -30.85 -12.14 -22.95
CA ARG A 110 -31.98 -12.58 -22.15
C ARG A 110 -31.71 -12.61 -20.65
N PRO A 111 -30.66 -13.32 -20.14
CA PRO A 111 -30.35 -13.31 -18.70
C PRO A 111 -30.09 -11.88 -18.22
N ALA A 112 -30.69 -11.53 -17.10
CA ALA A 112 -30.57 -10.21 -16.53
C ALA A 112 -30.91 -10.26 -15.06
N GLY A 113 -30.01 -9.77 -14.26
CA GLY A 113 -30.17 -9.76 -12.82
C GLY A 113 -28.89 -10.16 -12.14
N GLU A 114 -28.08 -10.90 -12.87
CA GLU A 114 -26.79 -11.35 -12.42
C GLU A 114 -25.73 -10.31 -12.74
N VAL A 115 -24.71 -10.25 -11.95
CA VAL A 115 -23.65 -9.37 -12.24
C VAL A 115 -22.86 -9.99 -13.40
N THR A 116 -22.80 -9.26 -14.48
CA THR A 116 -22.20 -9.70 -15.70
C THR A 116 -20.68 -9.80 -15.52
N GLY A 117 -20.17 -8.99 -14.63
CA GLY A 117 -18.78 -9.02 -14.33
C GLY A 117 -18.36 -7.73 -13.74
N THR A 118 -17.13 -7.42 -13.90
CA THR A 118 -16.57 -6.20 -13.42
C THR A 118 -15.81 -5.56 -14.57
N ASN A 119 -15.53 -4.28 -14.46
CA ASN A 119 -14.79 -3.60 -15.52
C ASN A 119 -13.38 -4.22 -15.67
N PRO A 120 -12.57 -4.35 -14.59
CA PRO A 120 -11.35 -5.12 -14.67
C PRO A 120 -11.71 -6.61 -14.56
N PRO A 121 -11.26 -7.46 -15.49
CA PRO A 121 -11.57 -8.89 -15.47
C PRO A 121 -10.93 -9.61 -14.26
N ALA A 122 -11.53 -10.72 -13.85
CA ALA A 122 -11.04 -11.52 -12.73
C ALA A 122 -9.56 -11.87 -12.91
N GLY A 123 -8.80 -11.68 -11.87
CA GLY A 123 -7.38 -11.90 -11.91
C GLY A 123 -6.62 -10.59 -11.90
N THR A 124 -7.28 -9.53 -12.35
CA THR A 124 -6.69 -8.21 -12.38
C THR A 124 -6.42 -7.71 -10.96
N THR A 125 -5.26 -7.15 -10.78
CA THR A 125 -4.88 -6.58 -9.55
C THR A 125 -5.19 -5.08 -9.62
N VAL A 126 -5.97 -4.58 -8.70
CA VAL A 126 -6.39 -3.19 -8.72
C VAL A 126 -5.95 -2.57 -7.38
N PRO A 127 -5.68 -1.25 -7.33
CA PRO A 127 -5.37 -0.56 -6.06
C PRO A 127 -6.51 -0.68 -5.08
N VAL A 128 -6.15 -0.87 -3.83
CA VAL A 128 -7.14 -1.04 -2.76
C VAL A 128 -7.91 0.25 -2.51
N ASP A 129 -7.32 1.34 -2.92
CA ASP A 129 -7.89 2.66 -2.78
C ASP A 129 -8.75 3.01 -3.99
N SER A 130 -8.88 2.08 -4.91
CA SER A 130 -9.67 2.28 -6.09
C SER A 130 -11.07 1.69 -5.88
N VAL A 131 -12.02 2.22 -6.60
CA VAL A 131 -13.36 1.75 -6.56
C VAL A 131 -13.52 0.64 -7.60
N ILE A 132 -14.20 -0.40 -7.24
CA ILE A 132 -14.42 -1.50 -8.16
C ILE A 132 -15.76 -1.29 -8.90
N GLU A 133 -15.73 -1.39 -10.19
CA GLU A 133 -16.86 -1.15 -11.01
C GLU A 133 -17.47 -2.47 -11.49
N LEU A 134 -18.69 -2.70 -11.06
CA LEU A 134 -19.42 -3.90 -11.40
C LEU A 134 -20.34 -3.66 -12.57
N GLN A 135 -20.33 -4.58 -13.50
CA GLN A 135 -21.16 -4.53 -14.67
C GLN A 135 -22.38 -5.38 -14.41
N VAL A 136 -23.50 -4.77 -14.23
CA VAL A 136 -24.73 -5.49 -13.96
C VAL A 136 -25.63 -5.53 -15.18
N SER A 137 -26.23 -6.68 -15.43
CA SER A 137 -27.12 -6.82 -16.55
C SER A 137 -28.43 -6.07 -16.26
N LYS A 138 -28.72 -5.12 -17.09
CA LYS A 138 -29.87 -4.30 -16.91
C LYS A 138 -30.95 -4.71 -17.89
N GLY A 4 36.78 15.84 20.45
CA GLY A 4 36.25 14.60 19.88
C GLY A 4 35.14 14.89 18.93
N PRO A 5 34.73 13.91 18.10
CA PRO A 5 33.68 14.10 17.11
C PRO A 5 32.32 14.39 17.74
N GLU A 6 31.57 15.25 17.12
CA GLU A 6 30.25 15.64 17.58
C GLU A 6 29.21 14.81 16.85
N GLN A 7 29.69 13.90 16.06
CA GLN A 7 28.87 13.07 15.23
C GLN A 7 28.34 11.89 16.02
N ARG A 8 27.20 11.40 15.62
CA ARG A 8 26.59 10.25 16.24
C ARG A 8 26.28 9.25 15.14
N GLU A 9 26.15 8.01 15.50
CA GLU A 9 25.85 6.93 14.57
C GLU A 9 24.36 6.86 14.32
N ILE A 10 23.98 6.59 13.10
CA ILE A 10 22.60 6.45 12.76
C ILE A 10 22.15 5.04 13.19
N PRO A 11 21.03 4.91 13.91
CA PRO A 11 20.54 3.62 14.34
C PRO A 11 20.13 2.73 13.17
N ASP A 12 20.44 1.46 13.28
CA ASP A 12 20.17 0.49 12.22
C ASP A 12 18.87 -0.25 12.51
N VAL A 13 18.15 0.22 13.51
CA VAL A 13 16.86 -0.37 13.92
C VAL A 13 15.74 0.06 12.97
N SER A 14 16.14 0.73 11.93
CA SER A 14 15.31 1.20 10.87
C SER A 14 14.61 0.02 10.18
N THR A 15 15.35 -1.05 10.03
CA THR A 15 14.85 -2.27 9.45
C THR A 15 13.68 -2.84 10.27
N LEU A 16 13.63 -2.54 11.58
CA LEU A 16 12.62 -3.14 12.43
C LEU A 16 11.32 -2.39 12.30
N THR A 17 11.36 -1.05 12.35
CA THR A 17 10.17 -0.21 12.19
C THR A 17 10.65 1.23 12.01
N TYR A 18 9.88 2.04 11.27
CA TYR A 18 10.14 3.48 11.14
C TYR A 18 10.24 4.13 12.53
N ALA A 19 9.27 3.82 13.38
CA ALA A 19 9.19 4.34 14.75
C ALA A 19 10.46 4.05 15.54
N GLU A 20 11.00 2.84 15.38
CA GLU A 20 12.20 2.43 16.09
C GLU A 20 13.39 3.29 15.73
N ALA A 21 13.57 3.54 14.45
CA ALA A 21 14.67 4.37 13.99
C ALA A 21 14.50 5.78 14.45
N VAL A 22 13.29 6.29 14.30
CA VAL A 22 12.98 7.66 14.65
C VAL A 22 13.24 7.95 16.12
N LYS A 23 12.79 7.10 17.00
CA LYS A 23 12.99 7.28 18.43
C LYS A 23 14.47 7.29 18.79
N LYS A 24 15.20 6.32 18.27
CA LYS A 24 16.62 6.22 18.54
C LYS A 24 17.39 7.39 17.93
N LEU A 25 17.03 7.75 16.72
CA LEU A 25 17.68 8.84 16.00
C LEU A 25 17.35 10.18 16.67
N THR A 26 16.13 10.32 17.12
CA THR A 26 15.71 11.49 17.84
C THR A 26 16.49 11.60 19.14
N ALA A 27 16.68 10.47 19.82
CA ALA A 27 17.46 10.41 21.04
C ALA A 27 18.94 10.67 20.73
N ALA A 28 19.33 10.51 19.48
CA ALA A 28 20.71 10.75 19.06
C ALA A 28 20.96 12.25 18.88
N GLY A 29 19.89 13.01 18.84
CA GLY A 29 20.01 14.46 18.80
C GLY A 29 19.57 15.05 17.50
N PHE A 30 19.41 14.22 16.50
CA PHE A 30 19.03 14.66 15.18
C PHE A 30 17.59 15.15 15.18
N GLY A 31 17.37 16.33 14.64
CA GLY A 31 16.04 16.87 14.55
C GLY A 31 15.73 17.30 13.13
N ARG A 32 16.59 16.92 12.22
CA ARG A 32 16.45 17.26 10.83
C ARG A 32 16.11 15.99 10.08
N PHE A 33 14.92 15.92 9.50
CA PHE A 33 14.48 14.69 8.86
C PHE A 33 13.82 14.98 7.52
N LYS A 34 13.98 14.06 6.62
CA LYS A 34 13.26 14.03 5.36
C LYS A 34 12.73 12.64 5.18
N GLN A 35 11.46 12.51 5.02
CA GLN A 35 10.87 11.22 4.83
C GLN A 35 10.50 11.04 3.38
N ALA A 36 10.92 9.96 2.82
CA ALA A 36 10.57 9.60 1.49
C ALA A 36 10.08 8.18 1.53
N ASN A 37 9.11 7.86 0.73
CA ASN A 37 8.60 6.51 0.72
C ASN A 37 8.92 5.90 -0.61
N SER A 38 9.36 4.69 -0.58
CA SER A 38 9.75 4.02 -1.77
C SER A 38 8.84 2.83 -1.96
N PRO A 39 8.41 2.57 -3.22
CA PRO A 39 7.56 1.43 -3.51
C PRO A 39 8.31 0.14 -3.26
N SER A 40 7.76 -0.65 -2.42
CA SER A 40 8.31 -1.90 -2.01
C SER A 40 7.14 -2.83 -1.83
N THR A 41 7.38 -4.04 -1.44
CA THR A 41 6.33 -4.94 -1.18
C THR A 41 5.50 -4.47 0.03
N PRO A 42 4.16 -4.47 -0.11
CA PRO A 42 3.22 -4.11 0.96
C PRO A 42 3.50 -4.88 2.24
N GLU A 43 4.05 -6.06 2.09
CA GLU A 43 4.37 -6.94 3.20
C GLU A 43 5.45 -6.34 4.13
N LEU A 44 6.18 -5.32 3.65
CA LEU A 44 7.23 -4.68 4.45
C LEU A 44 6.87 -3.23 4.79
N VAL A 45 5.61 -2.86 4.58
CA VAL A 45 5.16 -1.49 4.84
C VAL A 45 5.44 -1.06 6.29
N GLY A 46 6.08 0.08 6.45
CA GLY A 46 6.35 0.59 7.78
C GLY A 46 7.76 0.31 8.22
N LYS A 47 8.44 -0.55 7.50
CA LYS A 47 9.82 -0.84 7.76
C LYS A 47 10.69 0.06 6.91
N VAL A 48 11.74 0.54 7.48
CA VAL A 48 12.65 1.41 6.78
C VAL A 48 13.60 0.57 5.96
N ILE A 49 13.82 0.95 4.72
CA ILE A 49 14.67 0.16 3.85
C ILE A 49 16.08 0.71 3.82
N GLY A 50 16.26 1.84 4.44
CA GLY A 50 17.57 2.41 4.55
C GLY A 50 17.52 3.85 4.95
N THR A 51 18.63 4.37 5.31
CA THR A 51 18.77 5.74 5.64
C THR A 51 19.78 6.35 4.71
N ASN A 52 19.63 7.61 4.40
CA ASN A 52 20.61 8.30 3.57
C ASN A 52 21.98 8.37 4.27
N PRO A 53 22.08 8.90 5.54
CA PRO A 53 23.32 8.83 6.26
C PRO A 53 23.55 7.39 6.73
N PRO A 54 24.78 6.91 6.65
CA PRO A 54 25.11 5.54 7.02
C PRO A 54 24.91 5.26 8.51
N ALA A 55 24.42 4.09 8.79
CA ALA A 55 24.14 3.67 10.14
C ALA A 55 25.40 3.11 10.77
N ASN A 56 26.40 2.88 9.97
CA ASN A 56 27.64 2.36 10.48
C ASN A 56 28.63 3.46 10.78
N GLN A 57 28.49 4.61 10.13
CA GLN A 57 29.37 5.73 10.41
C GLN A 57 28.64 6.77 11.23
N THR A 58 29.36 7.75 11.65
CA THR A 58 28.79 8.81 12.40
C THR A 58 28.56 10.02 11.51
N SER A 59 27.50 10.74 11.75
CA SER A 59 27.19 11.95 11.03
C SER A 59 26.95 13.07 12.03
N ALA A 60 27.28 14.31 11.65
CA ALA A 60 27.10 15.44 12.53
C ALA A 60 25.63 15.66 12.80
N ILE A 61 25.33 16.23 13.93
CA ILE A 61 23.95 16.38 14.41
C ILE A 61 23.17 17.41 13.56
N THR A 62 23.90 18.16 12.76
CA THR A 62 23.32 19.15 11.89
C THR A 62 22.97 18.53 10.51
N ASN A 63 23.23 17.24 10.35
CA ASN A 63 22.99 16.56 9.07
C ASN A 63 21.53 16.28 8.84
N VAL A 64 21.11 16.43 7.60
CA VAL A 64 19.75 16.12 7.21
C VAL A 64 19.64 14.63 7.03
N VAL A 65 18.86 13.99 7.85
CA VAL A 65 18.69 12.58 7.70
C VAL A 65 17.52 12.32 6.78
N ILE A 66 17.79 11.67 5.68
CA ILE A 66 16.75 11.28 4.77
C ILE A 66 16.45 9.85 5.06
N ILE A 67 15.23 9.58 5.36
CA ILE A 67 14.82 8.27 5.70
C ILE A 67 13.83 7.75 4.64
N ILE A 68 14.15 6.62 4.05
CA ILE A 68 13.31 6.01 3.06
C ILE A 68 12.55 4.82 3.62
N VAL A 69 11.24 4.94 3.61
CA VAL A 69 10.35 3.95 4.17
C VAL A 69 9.85 3.04 3.08
N GLY A 70 9.75 1.77 3.37
CA GLY A 70 9.19 0.85 2.44
C GLY A 70 7.68 0.95 2.50
N SER A 71 7.09 1.34 1.41
CA SER A 71 5.68 1.47 1.34
C SER A 71 5.22 0.68 0.14
N GLY A 72 4.25 -0.15 0.34
CA GLY A 72 3.78 -0.94 -0.74
C GLY A 72 2.60 -0.33 -1.40
N PRO A 73 2.46 -0.44 -2.72
CA PRO A 73 1.31 0.05 -3.43
C PRO A 73 0.07 -0.75 -3.04
N ALA A 74 -0.89 -0.07 -2.50
CA ALA A 74 -2.11 -0.71 -2.10
C ALA A 74 -3.06 -0.77 -3.28
N THR A 75 -2.81 -1.72 -4.11
CA THR A 75 -3.57 -1.93 -5.32
C THR A 75 -3.82 -3.42 -5.49
N LYS A 76 -4.84 -3.76 -6.24
CA LYS A 76 -5.15 -5.15 -6.50
C LYS A 76 -5.69 -5.32 -7.89
N ASP A 77 -5.40 -6.45 -8.47
CA ASP A 77 -5.93 -6.82 -9.76
C ASP A 77 -7.27 -7.44 -9.57
N ILE A 78 -8.21 -6.98 -10.35
CA ILE A 78 -9.55 -7.44 -10.22
C ILE A 78 -9.71 -8.83 -10.85
N PRO A 79 -10.39 -9.73 -10.14
CA PRO A 79 -10.73 -11.02 -10.67
C PRO A 79 -12.05 -10.93 -11.45
N ASP A 80 -12.38 -11.96 -12.21
CA ASP A 80 -13.63 -11.96 -12.91
C ASP A 80 -14.68 -12.52 -11.98
N VAL A 81 -15.84 -11.98 -12.03
CA VAL A 81 -16.85 -12.36 -11.09
C VAL A 81 -18.20 -12.61 -11.82
N ALA A 82 -18.11 -12.71 -13.13
CA ALA A 82 -19.29 -12.83 -13.98
C ALA A 82 -19.78 -14.26 -14.03
N GLY A 83 -21.08 -14.40 -14.15
CA GLY A 83 -21.69 -15.68 -14.27
C GLY A 83 -22.09 -16.21 -12.92
N GLN A 84 -22.05 -15.35 -11.94
CA GLN A 84 -22.33 -15.75 -10.61
C GLN A 84 -23.51 -14.99 -10.03
N THR A 85 -23.86 -15.33 -8.81
CA THR A 85 -25.00 -14.76 -8.14
C THR A 85 -24.55 -13.48 -7.47
N VAL A 86 -25.46 -12.55 -7.21
CA VAL A 86 -25.11 -11.28 -6.61
C VAL A 86 -24.41 -11.47 -5.26
N ASP A 87 -24.91 -12.39 -4.46
CA ASP A 87 -24.34 -12.67 -3.14
C ASP A 87 -22.97 -13.29 -3.22
N VAL A 88 -22.79 -14.24 -4.13
CA VAL A 88 -21.49 -14.91 -4.19
C VAL A 88 -20.45 -13.99 -4.79
N ALA A 89 -20.89 -13.19 -5.73
CA ALA A 89 -20.04 -12.25 -6.41
C ALA A 89 -19.50 -11.21 -5.44
N GLN A 90 -20.39 -10.61 -4.66
CA GLN A 90 -20.00 -9.57 -3.72
C GLN A 90 -19.09 -10.15 -2.65
N LYS A 91 -19.37 -11.38 -2.22
CA LYS A 91 -18.57 -12.04 -1.22
C LYS A 91 -17.17 -12.33 -1.72
N ASN A 92 -17.06 -13.01 -2.87
CA ASN A 92 -15.75 -13.39 -3.42
C ASN A 92 -14.93 -12.18 -3.73
N LEU A 93 -15.58 -11.16 -4.24
CA LEU A 93 -14.91 -9.94 -4.55
C LEU A 93 -14.49 -9.21 -3.27
N ASN A 94 -15.38 -9.08 -2.32
CA ASN A 94 -15.09 -8.32 -1.08
C ASN A 94 -13.97 -8.95 -0.27
N VAL A 95 -13.99 -10.27 -0.18
CA VAL A 95 -13.02 -10.98 0.63
C VAL A 95 -11.59 -10.88 0.05
N TYR A 96 -11.46 -10.74 -1.26
CA TYR A 96 -10.13 -10.77 -1.86
C TYR A 96 -9.80 -9.47 -2.53
N GLY A 97 -10.80 -8.79 -2.95
CA GLY A 97 -10.68 -7.63 -3.74
C GLY A 97 -10.84 -6.34 -3.00
N PHE A 98 -12.04 -5.77 -3.08
CA PHE A 98 -12.26 -4.41 -2.63
C PHE A 98 -13.52 -4.33 -1.80
N THR A 99 -13.61 -3.29 -1.02
CA THR A 99 -14.72 -3.05 -0.15
C THR A 99 -15.67 -1.98 -0.69
N LYS A 100 -15.27 -1.33 -1.77
CA LYS A 100 -16.06 -0.24 -2.33
C LYS A 100 -16.69 -0.69 -3.63
N PHE A 101 -18.00 -0.66 -3.70
CA PHE A 101 -18.71 -1.18 -4.85
C PHE A 101 -19.67 -0.15 -5.42
N SER A 102 -19.93 -0.26 -6.67
CA SER A 102 -20.97 0.46 -7.36
C SER A 102 -21.60 -0.49 -8.34
N GLN A 103 -22.83 -0.28 -8.70
CA GLN A 103 -23.49 -1.17 -9.63
C GLN A 103 -23.98 -0.43 -10.84
N ALA A 104 -23.69 -0.97 -11.97
CA ALA A 104 -24.16 -0.46 -13.22
C ALA A 104 -25.07 -1.50 -13.80
N SER A 105 -26.18 -1.08 -14.31
CA SER A 105 -27.13 -1.97 -14.89
C SER A 105 -26.98 -2.01 -16.39
N VAL A 106 -26.96 -3.20 -16.92
CA VAL A 106 -26.82 -3.42 -18.34
C VAL A 106 -28.02 -4.18 -18.82
N ASP A 107 -28.23 -4.18 -20.12
CA ASP A 107 -29.41 -4.78 -20.67
C ASP A 107 -29.27 -6.28 -20.70
N SER A 108 -30.33 -6.94 -20.40
CA SER A 108 -30.31 -8.35 -20.24
C SER A 108 -30.92 -9.10 -21.44
N PRO A 109 -30.12 -9.94 -22.13
CA PRO A 109 -30.63 -10.81 -23.16
C PRO A 109 -31.26 -12.05 -22.53
N ARG A 110 -30.44 -12.95 -22.05
CA ARG A 110 -30.90 -14.08 -21.26
C ARG A 110 -30.52 -13.95 -19.77
N PRO A 111 -29.21 -13.71 -19.40
CA PRO A 111 -28.85 -13.50 -18.00
C PRO A 111 -29.50 -12.25 -17.44
N ALA A 112 -30.07 -12.36 -16.26
CA ALA A 112 -30.72 -11.27 -15.59
C ALA A 112 -30.68 -11.53 -14.11
N GLY A 113 -30.19 -10.58 -13.35
CA GLY A 113 -30.06 -10.76 -11.92
C GLY A 113 -28.70 -11.32 -11.54
N GLU A 114 -28.14 -12.08 -12.42
CA GLU A 114 -26.83 -12.65 -12.27
C GLU A 114 -25.77 -11.64 -12.68
N VAL A 115 -24.64 -11.72 -12.05
CA VAL A 115 -23.59 -10.78 -12.23
C VAL A 115 -22.94 -10.98 -13.57
N THR A 116 -22.88 -9.92 -14.31
CA THR A 116 -22.40 -9.91 -15.64
C THR A 116 -20.90 -9.60 -15.65
N GLY A 117 -20.39 -9.14 -14.54
CA GLY A 117 -18.98 -8.95 -14.41
C GLY A 117 -18.64 -7.63 -13.80
N THR A 118 -17.52 -7.13 -14.17
CA THR A 118 -16.98 -5.89 -13.72
C THR A 118 -16.84 -4.95 -14.90
N ASN A 119 -16.73 -3.65 -14.62
CA ASN A 119 -16.49 -2.66 -15.69
C ASN A 119 -15.17 -2.93 -16.42
N PRO A 120 -14.00 -2.97 -15.72
CA PRO A 120 -12.74 -3.30 -16.37
C PRO A 120 -12.59 -4.83 -16.47
N PRO A 121 -11.79 -5.34 -17.41
CA PRO A 121 -11.55 -6.77 -17.54
C PRO A 121 -10.64 -7.31 -16.43
N ALA A 122 -10.71 -8.61 -16.20
CA ALA A 122 -9.90 -9.29 -15.20
C ALA A 122 -8.41 -9.06 -15.46
N GLY A 123 -7.70 -8.73 -14.41
CA GLY A 123 -6.30 -8.45 -14.52
C GLY A 123 -6.01 -6.98 -14.36
N THR A 124 -7.02 -6.16 -14.54
CA THR A 124 -6.86 -4.73 -14.36
C THR A 124 -6.56 -4.43 -12.88
N THR A 125 -5.47 -3.75 -12.63
CA THR A 125 -5.10 -3.42 -11.29
C THR A 125 -5.60 -2.01 -10.95
N VAL A 126 -6.37 -1.92 -9.91
CA VAL A 126 -6.87 -0.66 -9.44
C VAL A 126 -6.52 -0.50 -7.96
N PRO A 127 -6.46 0.74 -7.45
CA PRO A 127 -6.19 1.01 -6.02
C PRO A 127 -7.23 0.34 -5.13
N VAL A 128 -6.80 -0.10 -3.96
CA VAL A 128 -7.71 -0.75 -3.01
C VAL A 128 -8.76 0.20 -2.48
N ASP A 129 -8.46 1.48 -2.58
CA ASP A 129 -9.40 2.51 -2.18
C ASP A 129 -10.26 2.95 -3.34
N SER A 130 -10.12 2.31 -4.48
CA SER A 130 -10.89 2.65 -5.65
C SER A 130 -12.25 1.96 -5.55
N VAL A 131 -13.24 2.55 -6.16
CA VAL A 131 -14.57 2.00 -6.15
C VAL A 131 -14.74 1.17 -7.42
N ILE A 132 -14.99 -0.10 -7.25
CA ILE A 132 -15.12 -0.97 -8.40
C ILE A 132 -16.59 -1.03 -8.85
N GLU A 133 -16.79 -1.07 -10.15
CA GLU A 133 -18.06 -1.04 -10.71
C GLU A 133 -18.46 -2.45 -11.18
N LEU A 134 -19.55 -2.89 -10.63
CA LEU A 134 -20.12 -4.19 -10.85
C LEU A 134 -21.19 -4.09 -11.91
N GLN A 135 -21.15 -4.99 -12.82
CA GLN A 135 -22.06 -5.02 -13.94
C GLN A 135 -23.10 -6.07 -13.72
N VAL A 136 -24.30 -5.66 -13.60
CA VAL A 136 -25.40 -6.57 -13.43
C VAL A 136 -26.43 -6.42 -14.56
N SER A 137 -26.80 -7.52 -15.17
CA SER A 137 -27.83 -7.53 -16.17
C SER A 137 -29.17 -7.38 -15.46
N LYS A 138 -29.83 -6.31 -15.74
CA LYS A 138 -31.07 -5.98 -15.11
C LYS A 138 -32.21 -6.52 -15.94
N GLY A 4 31.72 18.57 22.15
CA GLY A 4 32.06 17.32 21.49
C GLY A 4 31.51 17.31 20.08
N PRO A 5 31.45 16.14 19.43
CA PRO A 5 30.93 16.02 18.09
C PRO A 5 29.42 16.12 18.12
N GLU A 6 28.88 16.91 17.22
CA GLU A 6 27.45 17.12 17.14
C GLU A 6 26.83 16.10 16.18
N GLN A 7 27.66 15.19 15.75
CA GLN A 7 27.27 14.18 14.81
C GLN A 7 27.18 12.82 15.49
N ARG A 8 26.14 12.08 15.16
CA ARG A 8 25.94 10.73 15.64
C ARG A 8 25.65 9.83 14.45
N GLU A 9 25.90 8.56 14.60
CA GLU A 9 25.69 7.59 13.52
C GLU A 9 24.26 7.04 13.51
N ILE A 10 23.74 6.82 12.32
CA ILE A 10 22.36 6.40 12.12
C ILE A 10 22.17 4.90 12.43
N PRO A 11 21.15 4.56 13.26
CA PRO A 11 20.83 3.19 13.71
C PRO A 11 20.63 2.16 12.58
N ASP A 12 20.97 0.90 12.88
CA ASP A 12 20.82 -0.23 11.94
C ASP A 12 19.50 -0.94 12.18
N VAL A 13 18.79 -0.53 13.22
CA VAL A 13 17.54 -1.17 13.61
C VAL A 13 16.42 -0.79 12.64
N SER A 14 16.76 0.12 11.75
CA SER A 14 15.91 0.60 10.73
C SER A 14 15.54 -0.56 9.78
N THR A 15 16.45 -1.53 9.72
CA THR A 15 16.29 -2.73 8.95
C THR A 15 15.04 -3.50 9.37
N LEU A 16 14.64 -3.34 10.65
CA LEU A 16 13.56 -4.14 11.16
C LEU A 16 12.23 -3.48 10.87
N THR A 17 12.10 -2.18 11.15
CA THR A 17 10.86 -1.46 10.93
C THR A 17 11.12 0.06 11.03
N TYR A 18 10.32 0.83 10.30
CA TYR A 18 10.31 2.30 10.33
C TYR A 18 10.18 2.83 11.76
N ALA A 19 9.23 2.24 12.51
CA ALA A 19 8.99 2.64 13.89
C ALA A 19 10.25 2.48 14.75
N GLU A 20 10.95 1.37 14.54
CA GLU A 20 12.19 1.07 15.24
C GLU A 20 13.25 2.13 14.96
N ALA A 21 13.35 2.49 13.69
CA ALA A 21 14.29 3.48 13.23
C ALA A 21 14.03 4.80 13.91
N VAL A 22 12.79 5.24 13.88
CA VAL A 22 12.40 6.52 14.43
C VAL A 22 12.68 6.61 15.91
N LYS A 23 12.32 5.59 16.66
CA LYS A 23 12.50 5.59 18.11
C LYS A 23 13.98 5.66 18.47
N LYS A 24 14.76 4.82 17.83
CA LYS A 24 16.19 4.76 18.09
C LYS A 24 16.91 6.02 17.61
N LEU A 25 16.50 6.54 16.45
CA LEU A 25 17.10 7.74 15.89
C LEU A 25 16.77 8.95 16.77
N THR A 26 15.56 8.95 17.29
CA THR A 26 15.09 9.95 18.23
C THR A 26 15.98 9.92 19.50
N ALA A 27 16.27 8.71 19.97
CA ALA A 27 17.11 8.50 21.14
C ALA A 27 18.59 8.82 20.82
N ALA A 28 18.91 8.91 19.54
CA ALA A 28 20.27 9.23 19.12
C ALA A 28 20.50 10.74 19.11
N GLY A 29 19.42 11.49 19.22
CA GLY A 29 19.53 12.92 19.32
C GLY A 29 18.87 13.64 18.18
N PHE A 30 18.63 12.92 17.12
CA PHE A 30 18.05 13.50 15.93
C PHE A 30 16.56 13.74 16.13
N GLY A 31 16.11 14.89 15.70
CA GLY A 31 14.72 15.22 15.78
C GLY A 31 14.26 15.89 14.52
N ARG A 32 14.93 15.61 13.44
CA ARG A 32 14.59 16.18 12.16
C ARG A 32 14.37 15.03 11.19
N PHE A 33 13.17 14.89 10.70
CA PHE A 33 12.81 13.77 9.85
C PHE A 33 12.12 14.25 8.60
N LYS A 34 12.36 13.53 7.56
CA LYS A 34 11.65 13.68 6.32
C LYS A 34 11.44 12.29 5.77
N GLN A 35 10.21 11.92 5.52
CA GLN A 35 9.90 10.61 5.04
C GLN A 35 9.87 10.57 3.53
N ALA A 36 10.55 9.62 2.97
CA ALA A 36 10.56 9.38 1.56
C ALA A 36 10.29 7.91 1.35
N ASN A 37 9.54 7.58 0.36
CA ASN A 37 9.21 6.19 0.12
C ASN A 37 9.62 5.77 -1.25
N SER A 38 9.96 4.52 -1.36
CA SER A 38 10.33 3.95 -2.62
C SER A 38 9.58 2.63 -2.79
N PRO A 39 8.99 2.39 -3.99
CA PRO A 39 8.26 1.15 -4.27
C PRO A 39 9.17 -0.07 -4.26
N SER A 40 8.78 -1.04 -3.50
CA SER A 40 9.44 -2.29 -3.34
C SER A 40 8.35 -3.35 -3.11
N THR A 41 8.76 -4.59 -2.93
CA THR A 41 7.87 -5.71 -2.65
C THR A 41 6.92 -5.34 -1.43
N PRO A 42 5.58 -5.26 -1.73
CA PRO A 42 4.54 -4.76 -0.79
C PRO A 42 4.52 -5.41 0.59
N GLU A 43 4.92 -6.65 0.70
CA GLU A 43 4.90 -7.32 2.00
C GLU A 43 5.93 -6.72 2.97
N LEU A 44 6.93 -6.06 2.43
CA LEU A 44 7.98 -5.45 3.24
C LEU A 44 7.71 -3.97 3.51
N VAL A 45 6.48 -3.53 3.27
CA VAL A 45 6.11 -2.14 3.55
C VAL A 45 6.38 -1.79 5.03
N GLY A 46 7.09 -0.70 5.24
CA GLY A 46 7.39 -0.25 6.57
C GLY A 46 8.79 -0.62 7.01
N LYS A 47 9.54 -1.25 6.14
CA LYS A 47 10.92 -1.60 6.41
C LYS A 47 11.78 -0.46 5.89
N VAL A 48 12.80 -0.06 6.63
CA VAL A 48 13.66 0.98 6.13
C VAL A 48 14.67 0.36 5.20
N ILE A 49 14.75 0.85 4.00
CA ILE A 49 15.66 0.28 3.04
C ILE A 49 16.93 1.09 2.93
N GLY A 50 16.90 2.29 3.47
CA GLY A 50 18.06 3.12 3.45
C GLY A 50 17.78 4.46 4.05
N THR A 51 18.80 5.22 4.28
CA THR A 51 18.66 6.55 4.82
C THR A 51 19.49 7.48 3.98
N ASN A 52 19.05 8.71 3.86
CA ASN A 52 19.81 9.72 3.15
C ASN A 52 21.15 10.02 3.86
N PRO A 53 21.15 10.33 5.21
CA PRO A 53 22.40 10.47 5.94
C PRO A 53 23.03 9.09 6.18
N PRO A 54 24.37 9.01 6.16
CA PRO A 54 25.08 7.75 6.32
C PRO A 54 24.98 7.18 7.74
N ALA A 55 24.94 5.87 7.82
CA ALA A 55 24.87 5.18 9.09
C ALA A 55 26.23 4.64 9.46
N ASN A 56 27.15 4.71 8.52
CA ASN A 56 28.51 4.21 8.74
C ASN A 56 29.32 5.29 9.45
N GLN A 57 29.01 6.52 9.11
CA GLN A 57 29.65 7.67 9.70
C GLN A 57 28.61 8.48 10.42
N THR A 58 29.04 9.50 11.09
CA THR A 58 28.16 10.31 11.86
C THR A 58 27.54 11.43 11.02
N SER A 59 26.34 11.82 11.37
CA SER A 59 25.66 12.93 10.75
C SER A 59 25.23 13.89 11.85
N ALA A 60 25.19 15.18 11.56
CA ALA A 60 24.83 16.18 12.56
C ALA A 60 23.40 16.02 13.04
N ILE A 61 23.17 16.32 14.30
CA ILE A 61 21.83 16.22 14.88
C ILE A 61 20.86 17.23 14.26
N THR A 62 21.41 18.32 13.81
CA THR A 62 20.63 19.37 13.20
C THR A 62 20.42 19.09 11.68
N ASN A 63 20.82 17.90 11.24
CA ASN A 63 20.74 17.50 9.86
C ASN A 63 19.35 16.93 9.58
N VAL A 64 18.83 17.17 8.42
CA VAL A 64 17.53 16.64 8.05
C VAL A 64 17.69 15.19 7.66
N VAL A 65 17.18 14.30 8.45
CA VAL A 65 17.30 12.92 8.11
C VAL A 65 16.16 12.55 7.21
N ILE A 66 16.50 12.15 6.03
CA ILE A 66 15.53 11.69 5.08
C ILE A 66 15.57 10.19 5.12
N ILE A 67 14.53 9.62 5.56
CA ILE A 67 14.47 8.20 5.77
C ILE A 67 13.73 7.56 4.59
N ILE A 68 14.36 6.56 3.99
CA ILE A 68 13.82 5.90 2.83
C ILE A 68 13.09 4.63 3.25
N VAL A 69 11.79 4.65 3.14
CA VAL A 69 10.96 3.56 3.55
C VAL A 69 10.62 2.68 2.36
N GLY A 70 10.75 1.39 2.53
CA GLY A 70 10.32 0.47 1.53
C GLY A 70 8.82 0.40 1.57
N SER A 71 8.20 0.81 0.53
CA SER A 71 6.76 0.86 0.47
C SER A 71 6.32 0.12 -0.78
N GLY A 72 5.10 -0.30 -0.84
CA GLY A 72 4.68 -1.03 -2.00
C GLY A 72 3.35 -0.56 -2.48
N PRO A 73 3.10 -0.56 -3.80
CA PRO A 73 1.83 -0.14 -4.36
C PRO A 73 0.70 -1.01 -3.86
N ALA A 74 -0.19 -0.43 -3.10
CA ALA A 74 -1.31 -1.12 -2.53
C ALA A 74 -2.29 -1.45 -3.62
N THR A 75 -2.17 -2.66 -4.08
CA THR A 75 -2.93 -3.12 -5.20
C THR A 75 -3.46 -4.53 -4.93
N LYS A 76 -4.40 -4.96 -5.75
CA LYS A 76 -4.97 -6.31 -5.70
C LYS A 76 -5.40 -6.71 -7.09
N ASP A 77 -5.39 -7.99 -7.38
CA ASP A 77 -5.92 -8.48 -8.64
C ASP A 77 -7.33 -8.92 -8.39
N ILE A 78 -8.22 -8.51 -9.24
CA ILE A 78 -9.60 -8.79 -9.03
C ILE A 78 -9.98 -10.17 -9.55
N PRO A 79 -10.75 -10.94 -8.77
CA PRO A 79 -11.24 -12.24 -9.19
C PRO A 79 -12.57 -12.11 -9.96
N ASP A 80 -13.00 -13.19 -10.54
CA ASP A 80 -14.25 -13.23 -11.25
C ASP A 80 -15.39 -13.52 -10.30
N VAL A 81 -16.45 -12.75 -10.43
CA VAL A 81 -17.64 -12.91 -9.62
C VAL A 81 -18.90 -12.86 -10.50
N ALA A 82 -18.71 -12.95 -11.80
CA ALA A 82 -19.80 -12.86 -12.76
C ALA A 82 -20.61 -14.14 -12.77
N GLY A 83 -21.91 -14.01 -12.80
CA GLY A 83 -22.78 -15.15 -12.81
C GLY A 83 -23.41 -15.34 -11.46
N GLN A 84 -22.85 -14.66 -10.49
CA GLN A 84 -23.36 -14.71 -9.15
C GLN A 84 -24.24 -13.51 -8.94
N THR A 85 -24.96 -13.49 -7.85
CA THR A 85 -25.89 -12.43 -7.63
C THR A 85 -25.14 -11.25 -7.06
N VAL A 86 -25.68 -10.07 -7.24
CA VAL A 86 -25.07 -8.84 -6.80
C VAL A 86 -24.70 -8.90 -5.30
N ASP A 87 -25.58 -9.46 -4.50
CA ASP A 87 -25.31 -9.55 -3.07
C ASP A 87 -24.17 -10.52 -2.76
N VAL A 88 -24.16 -11.69 -3.41
CA VAL A 88 -23.14 -12.68 -3.10
C VAL A 88 -21.81 -12.34 -3.72
N ALA A 89 -21.88 -11.75 -4.89
CA ALA A 89 -20.70 -11.35 -5.62
C ALA A 89 -19.93 -10.30 -4.86
N GLN A 90 -20.62 -9.28 -4.34
CA GLN A 90 -19.95 -8.22 -3.58
C GLN A 90 -19.33 -8.77 -2.33
N LYS A 91 -20.02 -9.74 -1.73
CA LYS A 91 -19.51 -10.39 -0.54
C LYS A 91 -18.25 -11.17 -0.82
N ASN A 92 -18.27 -12.01 -1.86
CA ASN A 92 -17.08 -12.77 -2.19
C ASN A 92 -15.98 -11.86 -2.66
N LEU A 93 -16.35 -10.88 -3.47
CA LEU A 93 -15.43 -9.93 -4.03
C LEU A 93 -14.72 -9.18 -2.92
N ASN A 94 -15.47 -8.76 -1.92
CA ASN A 94 -14.91 -8.00 -0.79
C ASN A 94 -13.83 -8.77 -0.06
N VAL A 95 -14.02 -10.07 0.08
CA VAL A 95 -13.08 -10.93 0.79
C VAL A 95 -11.69 -10.88 0.14
N TYR A 96 -11.64 -10.78 -1.17
CA TYR A 96 -10.34 -10.80 -1.84
C TYR A 96 -9.97 -9.38 -2.30
N GLY A 97 -10.98 -8.65 -2.68
CA GLY A 97 -10.84 -7.38 -3.32
C GLY A 97 -10.90 -6.17 -2.40
N PHE A 98 -11.84 -5.28 -2.70
CA PHE A 98 -11.87 -3.97 -2.07
C PHE A 98 -13.19 -3.77 -1.38
N THR A 99 -13.32 -2.64 -0.75
CA THR A 99 -14.53 -2.29 -0.07
C THR A 99 -15.16 -1.04 -0.74
N LYS A 100 -14.59 -0.65 -1.86
CA LYS A 100 -15.09 0.47 -2.62
C LYS A 100 -15.74 -0.06 -3.87
N PHE A 101 -17.03 0.14 -3.99
CA PHE A 101 -17.78 -0.42 -5.10
C PHE A 101 -18.56 0.67 -5.82
N SER A 102 -18.78 0.46 -7.08
CA SER A 102 -19.66 1.24 -7.89
C SER A 102 -20.37 0.27 -8.82
N GLN A 103 -21.56 0.61 -9.27
CA GLN A 103 -22.32 -0.31 -10.10
C GLN A 103 -22.71 0.37 -11.40
N ALA A 104 -22.56 -0.33 -12.49
CA ALA A 104 -22.91 0.17 -13.80
C ALA A 104 -23.77 -0.85 -14.51
N SER A 105 -24.70 -0.38 -15.29
CA SER A 105 -25.65 -1.25 -15.96
C SER A 105 -25.11 -1.73 -17.31
N VAL A 106 -25.10 -3.03 -17.48
CA VAL A 106 -24.68 -3.69 -18.71
C VAL A 106 -25.78 -4.65 -19.14
N ASP A 107 -25.77 -5.08 -20.38
CA ASP A 107 -26.88 -5.87 -20.91
C ASP A 107 -26.85 -7.33 -20.49
N SER A 108 -28.03 -7.81 -20.14
CA SER A 108 -28.28 -9.15 -19.70
C SER A 108 -29.81 -9.39 -19.84
N PRO A 109 -30.22 -10.32 -20.74
CA PRO A 109 -31.64 -10.53 -21.08
C PRO A 109 -32.56 -10.98 -19.92
N ARG A 110 -32.68 -12.28 -19.70
CA ARG A 110 -33.50 -12.78 -18.62
C ARG A 110 -32.76 -12.85 -17.28
N PRO A 111 -31.47 -13.34 -17.23
CA PRO A 111 -30.71 -13.29 -15.97
C PRO A 111 -30.62 -11.84 -15.48
N ALA A 112 -30.87 -11.64 -14.20
CA ALA A 112 -30.98 -10.30 -13.66
C ALA A 112 -30.57 -10.29 -12.22
N GLY A 113 -29.86 -9.25 -11.85
CA GLY A 113 -29.40 -9.12 -10.49
C GLY A 113 -28.06 -9.75 -10.31
N GLU A 114 -27.64 -10.47 -11.31
CA GLU A 114 -26.38 -11.09 -11.33
C GLU A 114 -25.31 -10.16 -11.85
N VAL A 115 -24.15 -10.33 -11.36
CA VAL A 115 -23.05 -9.56 -11.83
C VAL A 115 -22.65 -10.11 -13.17
N THR A 116 -22.68 -9.26 -14.14
CA THR A 116 -22.46 -9.64 -15.50
C THR A 116 -20.98 -9.34 -15.90
N GLY A 117 -20.23 -8.78 -14.97
CA GLY A 117 -18.83 -8.51 -15.20
C GLY A 117 -18.33 -7.39 -14.34
N THR A 118 -17.15 -6.92 -14.63
CA THR A 118 -16.53 -5.82 -13.93
C THR A 118 -15.86 -4.91 -14.97
N ASN A 119 -15.58 -3.66 -14.59
CA ASN A 119 -14.89 -2.72 -15.50
C ASN A 119 -13.51 -3.26 -15.94
N PRO A 120 -12.57 -3.60 -15.01
CA PRO A 120 -11.33 -4.22 -15.40
C PRO A 120 -11.55 -5.74 -15.53
N PRO A 121 -10.79 -6.41 -16.38
CA PRO A 121 -10.92 -7.85 -16.53
C PRO A 121 -10.37 -8.60 -15.32
N ALA A 122 -10.94 -9.74 -15.02
CA ALA A 122 -10.51 -10.56 -13.91
C ALA A 122 -9.06 -10.99 -14.12
N GLY A 123 -8.26 -10.78 -13.11
CA GLY A 123 -6.87 -11.09 -13.21
C GLY A 123 -6.01 -9.85 -13.30
N THR A 124 -6.64 -8.72 -13.58
CA THR A 124 -5.92 -7.47 -13.64
C THR A 124 -5.73 -6.91 -12.23
N THR A 125 -4.53 -6.45 -11.96
CA THR A 125 -4.21 -5.86 -10.70
C THR A 125 -4.44 -4.35 -10.76
N VAL A 126 -5.27 -3.87 -9.88
CA VAL A 126 -5.58 -2.46 -9.79
C VAL A 126 -5.33 -1.99 -8.36
N PRO A 127 -5.13 -0.67 -8.14
CA PRO A 127 -4.88 -0.12 -6.82
C PRO A 127 -6.07 -0.28 -5.89
N VAL A 128 -5.79 -0.47 -4.62
CA VAL A 128 -6.83 -0.60 -3.60
C VAL A 128 -7.55 0.75 -3.42
N ASP A 129 -6.86 1.78 -3.86
CA ASP A 129 -7.33 3.15 -3.85
C ASP A 129 -8.39 3.35 -4.92
N SER A 130 -8.43 2.44 -5.85
CA SER A 130 -9.31 2.51 -6.97
C SER A 130 -10.65 1.89 -6.59
N VAL A 131 -11.71 2.48 -7.06
CA VAL A 131 -13.04 2.01 -6.79
C VAL A 131 -13.42 1.06 -7.91
N ILE A 132 -13.83 -0.13 -7.59
CA ILE A 132 -14.15 -1.11 -8.61
C ILE A 132 -15.60 -0.97 -9.08
N GLU A 133 -15.78 -1.07 -10.37
CA GLU A 133 -17.04 -0.95 -10.97
C GLU A 133 -17.56 -2.34 -11.31
N LEU A 134 -18.68 -2.66 -10.72
CA LEU A 134 -19.35 -3.91 -10.84
C LEU A 134 -20.45 -3.77 -11.87
N GLN A 135 -20.44 -4.61 -12.87
CA GLN A 135 -21.40 -4.48 -13.94
C GLN A 135 -22.63 -5.31 -13.64
N VAL A 136 -23.68 -4.62 -13.34
CA VAL A 136 -24.96 -5.19 -12.96
C VAL A 136 -25.92 -5.32 -14.16
N SER A 137 -26.63 -6.42 -14.21
CA SER A 137 -27.59 -6.70 -15.27
C SER A 137 -28.65 -5.59 -15.43
N LYS A 138 -28.77 -5.13 -16.64
CA LYS A 138 -29.77 -4.19 -17.03
C LYS A 138 -30.91 -4.96 -17.69
#